data_4FNU
#
_entry.id   4FNU
#
_cell.length_a   154.070
_cell.length_b   154.070
_cell.length_c   238.020
_cell.angle_alpha   90.00
_cell.angle_beta   90.00
_cell.angle_gamma   120.00
#
_symmetry.space_group_name_H-M   'P 32 2 1'
#
loop_
_entity.id
_entity.type
_entity.pdbx_description
1 polymer 'Alpha-galactosidase AgaA'
2 branched beta-D-fructofuranose-(2-1)-alpha-D-glucopyranose-(1-6)-alpha-D-galactopyranose-(1-6)-alpha-D-galactopyranose
#
_entity_poly.entity_id   1
_entity_poly.type   'polypeptide(L)'
_entity_poly.pdbx_seq_one_letter_code
;MSVAYNPQTKQFHLRAGKASYVMQLFRSGYLAHVYWGKAVRDVRGARAFPRLDRAFSPNPDPSDRTFSLDTLLQEYPAYG
NTDFRAPAYQVQLENGSTVTDLRYKTHRIYKGKPRLNGLPATYVEHEQEAETLEIVLGDALIGLEVTLQYTAYEKWNVIT
RSARFENKGGERLKLLRALSMSVDFPTADYDWIHLPGAWGRERWIERRPLVTGVQAAESRRGASSHQQNPFIALVAKNAD
EHQGEVYGFSFVYSGNFLAQIEVDQFGTARVSMGINPFDFTWLLQPGESFQTPEVVMVYSDQGLNGMSQTYHELYRTRLA
RGAFRDRERPILINNWEATYFDFNEEKIVNIARTEAELGIELVVLDDGWFGERDDDRRSLGDWIVNRRKLPNGLDGLAKQ
VNELGLQFGLWVEPEMVSPNSELYRKHPDWCLHVPNRPRSEGRNQLVLDYSREDVCDYIIETISNVLASAPITYVKWAMN
RHMTEIGSSALPPERQRETAHRYMLGLYRVMDEITSRFPHILFESCSGGGGRFDPGMLYYMPQTWTSDNTDAVSRLKIQY
GTSLVYPISAMGAHVSAVPNHQVGRVASLKTRGHVAMSGNFGYELDITKLTETEKQMMKQQVAFYKDVRRLVQFGTFYRL
LSPFEGNEAAWMFVSADRSEALVAYFRVLAEANAPLSYLRLKGLDSNQDYEIEGLGVYGGDELMYAGVALPYRSSDFISM
MWRLKAVQQ
;
_entity_poly.pdbx_strand_id   A,B,C,D
#
loop_
_chem_comp.id
_chem_comp.type
_chem_comp.name
_chem_comp.formula
FRU D-saccharide, beta linking beta-D-fructofuranose 'C6 H12 O6'
GLA D-saccharide, alpha linking alpha-D-galactopyranose 'C6 H12 O6'
GLC D-saccharide, alpha linking alpha-D-glucopyranose 'C6 H12 O6'
#
# COMPACT_ATOMS: atom_id res chain seq x y z
N LYS A 10 21.95 -28.56 28.10
CA LYS A 10 21.88 -27.27 28.75
C LYS A 10 20.80 -26.42 28.09
N GLN A 11 19.57 -26.93 28.07
CA GLN A 11 18.46 -26.27 27.38
C GLN A 11 17.25 -26.07 28.29
N PHE A 12 16.77 -24.84 28.36
CA PHE A 12 15.61 -24.50 29.15
C PHE A 12 14.36 -24.42 28.27
N HIS A 13 13.41 -25.33 28.50
CA HIS A 13 12.19 -25.38 27.71
C HIS A 13 10.95 -25.21 28.57
N LEU A 14 10.27 -24.07 28.39
CA LEU A 14 9.07 -23.76 29.16
C LEU A 14 7.80 -24.03 28.36
N ARG A 15 6.85 -24.72 28.96
CA ARG A 15 5.56 -24.98 28.33
C ARG A 15 4.45 -24.13 28.94
N ALA A 16 3.95 -23.17 28.18
CA ALA A 16 2.84 -22.33 28.63
C ALA A 16 1.61 -22.56 27.78
N GLY A 17 0.71 -23.41 28.27
CA GLY A 17 -0.50 -23.75 27.54
C GLY A 17 -0.21 -24.44 26.23
N LYS A 18 -0.53 -23.77 25.13
CA LYS A 18 -0.28 -24.31 23.79
C LYS A 18 0.92 -23.63 23.13
N ALA A 19 1.77 -23.01 23.94
CA ALA A 19 2.95 -22.31 23.43
C ALA A 19 4.23 -22.76 24.14
N SER A 20 5.37 -22.50 23.52
CA SER A 20 6.67 -22.86 24.10
C SER A 20 7.67 -21.69 24.06
N TYR A 21 8.43 -21.55 25.15
CA TYR A 21 9.48 -20.55 25.23
C TYR A 21 10.81 -21.25 25.51
N VAL A 22 11.71 -21.23 24.54
CA VAL A 22 12.93 -22.02 24.61
C VAL A 22 14.21 -21.19 24.79
N MET A 23 15.09 -21.67 25.64
CA MET A 23 16.36 -21.01 25.91
C MET A 23 17.49 -22.04 25.88
N GLN A 24 18.73 -21.57 25.81
CA GLN A 24 19.88 -22.47 25.80
C GLN A 24 21.15 -21.81 26.33
N LEU A 25 21.95 -22.58 27.06
CA LEU A 25 23.23 -22.10 27.54
C LEU A 25 24.28 -22.26 26.45
N PHE A 26 25.06 -21.21 26.22
CA PHE A 26 26.06 -21.22 25.15
C PHE A 26 27.44 -20.81 25.65
N ARG A 27 28.45 -21.60 25.31
CA ARG A 27 29.83 -21.32 25.66
C ARG A 27 30.05 -21.20 27.17
N SER A 28 30.65 -20.10 27.60
CA SER A 28 31.02 -19.92 29.01
C SER A 28 29.94 -19.24 29.84
N GLY A 29 28.75 -19.85 29.88
CA GLY A 29 27.69 -19.36 30.75
C GLY A 29 26.88 -18.22 30.18
N TYR A 30 26.79 -18.15 28.86
CA TYR A 30 25.97 -17.14 28.19
C TYR A 30 24.55 -17.65 27.96
N LEU A 31 23.56 -16.84 28.31
CA LEU A 31 22.16 -17.23 28.13
C LEU A 31 21.66 -16.75 26.77
N ALA A 32 21.22 -17.70 25.95
CA ALA A 32 20.81 -17.40 24.60
C ALA A 32 19.33 -17.71 24.36
N HIS A 33 18.69 -16.88 23.53
CA HIS A 33 17.32 -17.13 23.12
C HIS A 33 17.31 -18.09 21.94
N VAL A 34 16.31 -18.95 21.87
CA VAL A 34 16.23 -19.94 20.81
C VAL A 34 14.92 -19.90 20.03
N TYR A 35 13.81 -19.90 20.76
CA TYR A 35 12.50 -19.99 20.12
C TYR A 35 11.34 -19.55 21.01
N TRP A 36 10.36 -18.89 20.41
CA TRP A 36 9.10 -18.59 21.09
C TRP A 36 7.95 -18.67 20.10
N GLY A 37 7.00 -19.55 20.36
CA GLY A 37 5.86 -19.72 19.48
C GLY A 37 4.99 -20.90 19.90
N LYS A 38 4.40 -21.57 18.92
CA LYS A 38 3.54 -22.71 19.20
C LYS A 38 4.31 -23.84 19.90
N ALA A 39 3.60 -24.59 20.75
CA ALA A 39 4.21 -25.65 21.54
C ALA A 39 4.86 -26.74 20.69
N VAL A 40 6.08 -27.11 21.06
CA VAL A 40 6.79 -28.19 20.40
C VAL A 40 7.21 -29.22 21.44
N ARG A 41 7.31 -30.48 21.03
CA ARG A 41 7.69 -31.53 21.96
C ARG A 41 9.15 -31.44 22.37
N ASP A 42 10.02 -31.16 21.41
CA ASP A 42 11.44 -31.00 21.69
C ASP A 42 12.15 -30.23 20.57
N VAL A 43 12.95 -29.24 20.98
CA VAL A 43 13.76 -28.47 20.05
C VAL A 43 15.14 -29.07 19.85
N ARG A 44 15.28 -29.93 18.85
CA ARG A 44 16.55 -30.56 18.54
C ARG A 44 17.46 -29.64 17.71
N GLY A 45 17.07 -28.38 17.59
CA GLY A 45 17.84 -27.40 16.85
C GLY A 45 17.59 -27.42 15.35
N ALA A 46 16.31 -27.33 14.98
CA ALA A 46 15.93 -27.27 13.57
C ALA A 46 16.10 -25.83 13.09
N ARG A 47 15.73 -24.88 13.96
CA ARG A 47 15.96 -23.46 13.71
C ARG A 47 17.48 -23.20 13.69
N ALA A 48 18.22 -24.16 14.23
CA ALA A 48 19.68 -24.15 14.20
C ALA A 48 20.32 -22.89 14.76
N PHE A 49 21.57 -22.66 14.37
CA PHE A 49 22.38 -21.56 14.90
C PHE A 49 23.69 -21.51 14.14
N PRO A 50 23.65 -21.07 12.87
CA PRO A 50 24.85 -21.00 12.02
C PRO A 50 25.80 -19.90 12.48
N ARG A 51 27.03 -20.28 12.82
CA ARG A 51 28.03 -19.30 13.26
C ARG A 51 28.72 -18.65 12.08
N LEU A 52 28.93 -17.34 12.18
CA LEU A 52 29.54 -16.60 11.09
C LEU A 52 30.47 -15.52 11.62
N ASP A 53 31.56 -15.25 10.89
CA ASP A 53 32.49 -14.20 11.24
C ASP A 53 32.02 -12.86 10.66
N ARG A 54 31.17 -12.16 11.42
CA ARG A 54 30.59 -10.91 10.95
C ARG A 54 31.56 -9.74 11.10
N ALA A 55 31.67 -8.94 10.05
CA ALA A 55 32.55 -7.78 10.04
C ALA A 55 32.17 -6.77 11.11
N PHE A 56 33.17 -6.18 11.76
CA PHE A 56 32.98 -5.16 12.78
C PHE A 56 32.20 -5.64 14.02
N SER A 57 32.02 -6.95 14.12
CA SER A 57 31.45 -7.55 15.31
C SER A 57 32.57 -8.14 16.16
N PRO A 58 33.02 -7.39 17.17
CA PRO A 58 34.21 -7.75 17.95
C PRO A 58 33.98 -8.98 18.81
N ASN A 59 35.08 -9.60 19.26
CA ASN A 59 34.98 -10.86 19.99
C ASN A 59 35.57 -10.79 21.39
N PRO A 60 34.82 -11.32 22.37
CA PRO A 60 35.34 -11.46 23.74
C PRO A 60 36.38 -12.57 23.79
N ASP A 61 36.32 -13.48 22.83
CA ASP A 61 37.31 -14.54 22.70
C ASP A 61 38.10 -14.37 21.40
N PRO A 62 39.36 -13.95 21.51
CA PRO A 62 40.23 -13.68 20.35
C PRO A 62 40.50 -14.91 19.48
N SER A 63 40.32 -16.09 20.04
CA SER A 63 40.58 -17.33 19.32
C SER A 63 39.44 -17.69 18.37
N ASP A 64 38.27 -17.10 18.62
CA ASP A 64 37.10 -17.37 17.80
C ASP A 64 36.50 -16.06 17.29
N ARG A 65 36.73 -15.76 16.02
CA ARG A 65 36.26 -14.52 15.42
C ARG A 65 34.78 -14.66 15.02
N THR A 66 34.27 -15.88 15.07
CA THR A 66 32.89 -16.15 14.69
C THR A 66 31.94 -15.92 15.87
N PHE A 67 32.52 -15.66 17.04
CA PHE A 67 31.70 -15.43 18.24
C PHE A 67 31.70 -13.97 18.65
N SER A 68 30.52 -13.38 18.66
CA SER A 68 30.34 -11.99 19.05
C SER A 68 28.97 -11.80 19.68
N LEU A 69 28.91 -10.97 20.73
CA LEU A 69 27.64 -10.74 21.40
C LEU A 69 26.73 -9.88 20.52
N ASP A 70 27.32 -9.25 19.52
CA ASP A 70 26.57 -8.44 18.56
C ASP A 70 25.77 -9.30 17.61
N THR A 71 26.12 -10.60 17.54
CA THR A 71 25.47 -11.51 16.60
C THR A 71 24.79 -12.67 17.29
N LEU A 72 24.64 -12.59 18.61
CA LEU A 72 24.01 -13.68 19.37
C LEU A 72 22.69 -13.23 19.98
N LEU A 73 21.66 -14.06 19.81
CA LEU A 73 20.33 -13.77 20.35
C LEU A 73 20.34 -13.97 21.87
N GLN A 74 20.14 -12.89 22.61
CA GLN A 74 20.25 -12.94 24.06
C GLN A 74 18.91 -12.80 24.78
N GLU A 75 18.91 -13.08 26.08
CA GLU A 75 17.72 -12.95 26.91
C GLU A 75 17.80 -11.71 27.79
N TYR A 76 19.03 -11.32 28.14
CA TYR A 76 19.26 -10.11 28.91
C TYR A 76 20.63 -9.53 28.55
N PRO A 77 20.72 -8.90 27.37
CA PRO A 77 21.97 -8.40 26.81
C PRO A 77 22.47 -7.12 27.47
N ALA A 78 23.77 -6.87 27.38
CA ALA A 78 24.36 -5.64 27.91
C ALA A 78 25.20 -4.95 26.84
N TYR A 79 25.45 -3.65 27.03
CA TYR A 79 26.28 -2.90 26.11
C TYR A 79 27.67 -2.68 26.69
N GLY A 80 28.67 -2.60 25.83
CA GLY A 80 30.04 -2.34 26.25
C GLY A 80 30.99 -3.45 25.87
N ASN A 81 30.49 -4.69 25.92
CA ASN A 81 31.30 -5.86 25.60
C ASN A 81 30.86 -6.53 24.30
N THR A 82 31.27 -5.93 23.18
CA THR A 82 31.06 -6.49 21.83
C THR A 82 29.62 -6.39 21.31
N ASP A 83 28.67 -6.11 22.20
CA ASP A 83 27.28 -5.90 21.80
C ASP A 83 26.99 -4.41 21.58
N PHE A 84 26.46 -4.08 20.41
CA PHE A 84 26.20 -2.68 20.07
C PHE A 84 24.72 -2.34 20.00
N ARG A 85 23.85 -3.34 20.11
CA ARG A 85 22.41 -3.09 20.13
C ARG A 85 22.01 -2.53 21.49
N ALA A 86 20.80 -2.01 21.58
CA ALA A 86 20.28 -1.47 22.83
C ALA A 86 20.21 -2.56 23.90
N PRO A 87 20.91 -2.36 25.01
CA PRO A 87 20.99 -3.37 26.08
C PRO A 87 19.73 -3.40 26.93
N ALA A 88 19.51 -4.51 27.63
CA ALA A 88 18.37 -4.65 28.51
C ALA A 88 18.65 -3.93 29.83
N TYR A 89 19.93 -3.81 30.17
CA TYR A 89 20.34 -3.13 31.39
C TYR A 89 21.67 -2.42 31.16
N GLN A 90 21.98 -1.47 32.04
CA GLN A 90 23.23 -0.74 31.94
C GLN A 90 23.61 -0.21 33.32
N VAL A 91 24.78 -0.62 33.81
CA VAL A 91 25.23 -0.24 35.14
C VAL A 91 26.50 0.59 35.09
N GLN A 92 26.55 1.67 35.86
CA GLN A 92 27.74 2.51 35.95
C GLN A 92 28.54 2.17 37.20
N LEU A 93 29.82 1.86 37.02
CA LEU A 93 30.70 1.53 38.13
C LEU A 93 31.24 2.81 38.75
N GLU A 94 31.92 2.68 39.89
CA GLU A 94 32.52 3.84 40.56
C GLU A 94 33.64 4.45 39.75
N ASN A 95 34.34 3.63 38.99
CA ASN A 95 35.43 4.10 38.14
C ASN A 95 34.93 4.82 36.89
N GLY A 96 33.62 4.80 36.70
CA GLY A 96 32.99 5.50 35.60
C GLY A 96 32.62 4.56 34.47
N SER A 97 33.23 3.39 34.45
CA SER A 97 32.96 2.40 33.41
C SER A 97 31.53 1.88 33.49
N THR A 98 30.98 1.49 32.35
CA THR A 98 29.64 0.92 32.30
C THR A 98 29.68 -0.51 31.80
N VAL A 99 30.88 -1.10 31.79
CA VAL A 99 31.07 -2.45 31.29
C VAL A 99 30.69 -3.53 32.30
N THR A 100 29.69 -4.32 31.95
CA THR A 100 29.28 -5.45 32.76
C THR A 100 29.34 -6.73 31.94
N ASP A 101 29.56 -7.86 32.61
CA ASP A 101 29.68 -9.14 31.94
C ASP A 101 28.92 -10.18 32.73
N LEU A 102 27.64 -10.31 32.44
CA LEU A 102 26.76 -11.19 33.20
C LEU A 102 26.96 -12.63 32.76
N ARG A 103 27.19 -13.53 33.73
CA ARG A 103 27.43 -14.93 33.41
C ARG A 103 26.51 -15.86 34.21
N TYR A 104 26.37 -17.09 33.74
CA TYR A 104 25.54 -18.10 34.41
C TYR A 104 26.14 -18.61 35.70
N LYS A 105 25.34 -18.61 36.77
CA LYS A 105 25.75 -19.19 38.04
C LYS A 105 25.04 -20.51 38.29
N THR A 106 23.71 -20.43 38.40
CA THR A 106 22.88 -21.60 38.63
C THR A 106 21.42 -21.28 38.31
N HIS A 107 20.53 -22.24 38.53
CA HIS A 107 19.11 -22.04 38.30
C HIS A 107 18.26 -22.96 39.18
N ARG A 108 17.00 -22.59 39.37
CA ARG A 108 16.09 -23.38 40.18
C ARG A 108 14.69 -23.40 39.58
N ILE A 109 13.98 -24.51 39.77
CA ILE A 109 12.64 -24.66 39.23
C ILE A 109 11.65 -25.04 40.33
N TYR A 110 10.54 -24.31 40.41
CA TYR A 110 9.50 -24.61 41.40
C TYR A 110 8.12 -24.24 40.88
N LYS A 111 7.10 -24.91 41.41
CA LYS A 111 5.71 -24.67 41.00
C LYS A 111 5.17 -23.39 41.60
N GLY A 112 4.22 -22.77 40.91
CA GLY A 112 3.55 -21.58 41.41
C GLY A 112 4.08 -20.26 40.88
N LYS A 113 3.63 -19.17 41.48
CA LYS A 113 4.06 -17.82 41.08
C LYS A 113 4.27 -16.95 42.31
N PRO A 114 5.48 -16.38 42.46
CA PRO A 114 5.85 -15.56 43.61
C PRO A 114 5.51 -14.08 43.44
N ARG A 115 5.40 -13.38 44.57
CA ARG A 115 5.15 -11.93 44.56
C ARG A 115 6.43 -11.12 44.42
N LEU A 116 6.30 -9.96 43.79
CA LEU A 116 7.42 -9.02 43.63
C LEU A 116 7.32 -7.92 44.69
N ASN A 117 8.46 -7.53 45.24
CA ASN A 117 8.52 -6.56 46.32
C ASN A 117 7.83 -5.23 46.03
N GLY A 118 6.70 -5.00 46.70
CA GLY A 118 5.98 -3.75 46.59
C GLY A 118 5.46 -3.46 45.19
N LEU A 119 5.34 -4.50 44.38
CA LEU A 119 4.92 -4.33 42.99
C LEU A 119 3.79 -5.27 42.61
N PRO A 120 2.87 -4.81 41.76
CA PRO A 120 1.78 -5.64 41.27
C PRO A 120 2.26 -6.61 40.19
N ALA A 121 1.63 -7.77 40.13
CA ALA A 121 2.00 -8.79 39.15
C ALA A 121 0.90 -9.83 39.03
N THR A 122 0.90 -10.59 37.93
CA THR A 122 -0.04 -11.69 37.77
C THR A 122 0.24 -12.73 38.86
N TYR A 123 -0.81 -13.25 39.46
CA TYR A 123 -0.64 -14.15 40.59
C TYR A 123 -1.22 -15.54 40.33
N VAL A 124 -1.13 -16.39 41.35
CA VAL A 124 -1.68 -17.73 41.27
C VAL A 124 -2.40 -18.05 42.58
N GLU A 125 -3.49 -18.80 42.49
CA GLU A 125 -4.26 -19.18 43.66
C GLU A 125 -3.94 -20.59 44.15
N HIS A 126 -3.45 -21.43 43.24
CA HIS A 126 -3.08 -22.80 43.60
C HIS A 126 -1.71 -23.16 43.02
N GLU A 127 -0.96 -23.96 43.77
CA GLU A 127 0.40 -24.33 43.39
C GLU A 127 0.49 -25.06 42.05
N GLN A 128 -0.53 -25.85 41.74
CA GLN A 128 -0.54 -26.67 40.53
C GLN A 128 -0.78 -25.84 39.27
N GLU A 129 -1.26 -24.63 39.46
CA GLU A 129 -1.71 -23.78 38.36
C GLU A 129 -0.60 -23.35 37.40
N ALA A 130 0.63 -23.19 37.90
CA ALA A 130 1.72 -22.69 37.07
C ALA A 130 3.09 -23.15 37.54
N GLU A 131 4.09 -22.99 36.67
CA GLU A 131 5.46 -23.36 37.03
C GLU A 131 6.38 -22.17 36.76
N THR A 132 7.33 -21.94 37.66
CA THR A 132 8.23 -20.79 37.55
C THR A 132 9.70 -21.23 37.45
N LEU A 133 10.42 -20.62 36.51
CA LEU A 133 11.85 -20.87 36.36
C LEU A 133 12.65 -19.61 36.66
N GLU A 134 13.53 -19.69 37.64
CA GLU A 134 14.38 -18.55 37.99
C GLU A 134 15.83 -18.81 37.62
N ILE A 135 16.32 -18.08 36.62
CA ILE A 135 17.72 -18.20 36.21
C ILE A 135 18.52 -17.06 36.81
N VAL A 136 19.37 -17.40 37.78
CA VAL A 136 20.19 -16.39 38.44
C VAL A 136 21.52 -16.23 37.71
N LEU A 137 21.75 -15.04 37.18
CA LEU A 137 22.99 -14.71 36.49
C LEU A 137 23.85 -13.85 37.41
N GLY A 138 25.15 -13.82 37.18
CA GLY A 138 26.05 -13.09 38.05
C GLY A 138 27.33 -12.56 37.43
N ASP A 139 27.68 -11.33 37.77
CA ASP A 139 28.95 -10.75 37.37
C ASP A 139 29.94 -10.84 38.54
N ALA A 140 30.85 -11.80 38.45
CA ALA A 140 31.78 -12.11 39.53
C ALA A 140 32.68 -10.95 39.94
N LEU A 141 33.12 -10.15 38.97
CA LEU A 141 34.06 -9.08 39.22
C LEU A 141 33.52 -8.01 40.18
N ILE A 142 32.28 -7.59 39.96
CA ILE A 142 31.67 -6.55 40.76
C ILE A 142 30.66 -7.12 41.75
N GLY A 143 30.49 -8.44 41.70
CA GLY A 143 29.61 -9.14 42.61
C GLY A 143 28.14 -8.78 42.43
N LEU A 144 27.76 -8.48 41.19
CA LEU A 144 26.37 -8.16 40.88
C LEU A 144 25.58 -9.40 40.51
N GLU A 145 24.43 -9.57 41.14
CA GLU A 145 23.57 -10.72 40.87
C GLU A 145 22.28 -10.29 40.20
N VAL A 146 21.99 -10.89 39.04
CA VAL A 146 20.75 -10.59 38.32
C VAL A 146 19.94 -11.88 38.13
N THR A 147 18.78 -11.93 38.77
CA THR A 147 17.92 -13.11 38.68
C THR A 147 16.79 -12.90 37.67
N LEU A 148 16.81 -13.70 36.61
CA LEU A 148 15.80 -13.62 35.57
C LEU A 148 14.62 -14.54 35.89
N GLN A 149 13.42 -13.98 35.96
CA GLN A 149 12.24 -14.75 36.32
C GLN A 149 11.40 -15.14 35.10
N TYR A 150 11.11 -16.43 34.99
CA TYR A 150 10.26 -16.95 33.92
C TYR A 150 9.12 -17.76 34.51
N THR A 151 7.90 -17.49 34.04
CA THR A 151 6.73 -18.22 34.50
C THR A 151 5.86 -18.70 33.35
N ALA A 152 5.44 -19.96 33.41
CA ALA A 152 4.58 -20.54 32.39
C ALA A 152 3.26 -21.04 32.97
N TYR A 153 2.18 -20.36 32.63
CA TYR A 153 0.84 -20.78 33.03
C TYR A 153 0.43 -22.04 32.28
N GLU A 154 -0.43 -22.84 32.89
CA GLU A 154 -0.83 -24.13 32.31
C GLU A 154 -2.01 -24.01 31.35
N LYS A 155 -2.95 -23.12 31.65
CA LYS A 155 -4.16 -23.00 30.83
C LYS A 155 -4.04 -21.90 29.77
N TRP A 156 -3.11 -20.97 29.98
CA TRP A 156 -2.94 -19.86 29.04
C TRP A 156 -1.55 -19.84 28.42
N ASN A 157 -1.44 -19.17 27.27
CA ASN A 157 -0.16 -18.98 26.61
C ASN A 157 0.57 -17.77 27.17
N VAL A 158 0.89 -17.82 28.45
CA VAL A 158 1.48 -16.67 29.12
C VAL A 158 2.89 -16.94 29.64
N ILE A 159 3.82 -16.11 29.20
CA ILE A 159 5.19 -16.13 29.70
C ILE A 159 5.52 -14.76 30.29
N THR A 160 5.72 -14.70 31.59
CA THR A 160 6.06 -13.46 32.25
C THR A 160 7.57 -13.37 32.51
N ARG A 161 8.14 -12.20 32.23
CA ARG A 161 9.57 -11.97 32.40
C ARG A 161 9.87 -10.73 33.21
N SER A 162 10.81 -10.88 34.14
CA SER A 162 11.30 -9.78 34.95
C SER A 162 12.69 -10.13 35.45
N ALA A 163 13.39 -9.13 35.99
CA ALA A 163 14.74 -9.34 36.47
C ALA A 163 14.93 -8.80 37.89
N ARG A 164 15.75 -9.47 38.67
CA ARG A 164 16.04 -9.03 40.03
C ARG A 164 17.51 -8.70 40.21
N PHE A 165 17.81 -7.44 40.43
CA PHE A 165 19.18 -7.00 40.65
C PHE A 165 19.51 -7.09 42.14
N GLU A 166 20.77 -7.41 42.44
CA GLU A 166 21.22 -7.45 43.83
C GLU A 166 22.73 -7.22 43.91
N ASN A 167 23.12 -6.23 44.70
CA ASN A 167 24.53 -5.92 44.88
C ASN A 167 25.11 -6.80 45.99
N LYS A 168 25.80 -7.87 45.59
CA LYS A 168 26.38 -8.82 46.54
C LYS A 168 27.88 -8.56 46.67
N GLY A 169 28.30 -7.39 46.22
CA GLY A 169 29.70 -7.00 46.29
C GLY A 169 29.93 -5.97 47.39
N GLY A 170 31.12 -5.39 47.40
CA GLY A 170 31.48 -4.42 48.42
C GLY A 170 31.56 -2.99 47.89
N GLU A 171 31.07 -2.79 46.67
CA GLU A 171 31.13 -1.48 46.04
C GLU A 171 29.71 -1.00 45.69
N ARG A 172 29.54 0.32 45.55
CA ARG A 172 28.24 0.87 45.19
C ARG A 172 28.01 0.88 43.68
N LEU A 173 26.82 0.48 43.27
CA LEU A 173 26.50 0.31 41.84
C LEU A 173 25.34 1.20 41.40
N LYS A 174 25.51 1.85 40.25
CA LYS A 174 24.48 2.75 39.73
C LYS A 174 23.80 2.17 38.49
N LEU A 175 22.51 1.89 38.60
CA LEU A 175 21.73 1.40 37.47
C LEU A 175 21.30 2.55 36.57
N LEU A 176 21.78 2.58 35.34
CA LEU A 176 21.36 3.60 34.38
C LEU A 176 20.14 3.11 33.60
N ARG A 177 19.98 1.80 33.56
CA ARG A 177 18.86 1.17 32.85
C ARG A 177 18.56 -0.19 33.45
N ALA A 178 17.29 -0.45 33.72
CA ALA A 178 16.86 -1.71 34.30
C ALA A 178 15.52 -2.14 33.73
N LEU A 179 15.52 -2.51 32.45
CA LEU A 179 14.31 -2.93 31.76
C LEU A 179 13.84 -4.27 32.30
N SER A 180 12.55 -4.55 32.13
CA SER A 180 11.93 -5.75 32.68
C SER A 180 12.30 -7.01 31.90
N MET A 181 12.41 -6.87 30.58
CA MET A 181 12.71 -8.03 29.73
C MET A 181 13.36 -7.64 28.41
N SER A 182 13.87 -8.65 27.70
CA SER A 182 14.47 -8.45 26.38
C SER A 182 14.49 -9.76 25.62
N VAL A 183 14.11 -9.70 24.35
CA VAL A 183 14.08 -10.89 23.50
C VAL A 183 14.49 -10.58 22.07
N ASP A 184 15.38 -11.40 21.52
CA ASP A 184 15.85 -11.21 20.16
C ASP A 184 15.20 -12.21 19.21
N PHE A 185 14.35 -11.70 18.32
CA PHE A 185 13.71 -12.53 17.31
C PHE A 185 14.66 -12.77 16.15
N PRO A 186 14.62 -13.97 15.56
CA PRO A 186 15.54 -14.33 14.47
C PRO A 186 15.32 -13.47 13.23
N THR A 187 14.07 -13.13 12.95
CA THR A 187 13.74 -12.26 11.83
C THR A 187 12.99 -11.02 12.29
N ALA A 188 12.80 -10.08 11.37
CA ALA A 188 12.13 -8.82 11.68
C ALA A 188 11.03 -8.55 10.64
N ASP A 189 10.55 -9.61 10.01
CA ASP A 189 9.50 -9.51 9.02
C ASP A 189 8.14 -9.42 9.69
N TYR A 190 7.93 -8.36 10.47
CA TYR A 190 6.69 -8.18 11.21
C TYR A 190 6.17 -6.75 11.09
N ASP A 191 4.89 -6.58 11.37
CA ASP A 191 4.35 -5.27 11.65
C ASP A 191 4.30 -5.16 13.17
N TRP A 192 4.26 -3.94 13.69
CA TRP A 192 4.20 -3.76 15.13
C TRP A 192 3.01 -2.90 15.54
N ILE A 193 2.32 -3.32 16.59
CA ILE A 193 1.10 -2.65 17.01
C ILE A 193 1.27 -2.05 18.40
N HIS A 194 0.96 -0.77 18.52
CA HIS A 194 0.94 -0.09 19.80
C HIS A 194 -0.34 0.72 19.93
N LEU A 195 -0.55 1.35 21.08
CA LEU A 195 -1.78 2.10 21.31
C LEU A 195 -1.52 3.55 21.67
N PRO A 196 -1.24 4.40 20.67
CA PRO A 196 -1.07 5.83 20.91
C PRO A 196 -2.41 6.52 21.07
N GLY A 197 -2.39 7.78 21.51
CA GLY A 197 -3.60 8.55 21.67
C GLY A 197 -3.41 9.79 22.50
N ALA A 198 -4.50 10.25 23.13
CA ALA A 198 -4.47 11.41 24.01
C ALA A 198 -5.71 11.41 24.89
N TRP A 199 -5.89 12.48 25.66
CA TRP A 199 -7.08 12.64 26.47
C TRP A 199 -8.31 12.83 25.60
N GLY A 200 -9.33 12.02 25.84
CA GLY A 200 -10.56 12.09 25.06
C GLY A 200 -10.48 11.24 23.80
N ARG A 201 -9.33 10.59 23.62
CA ARG A 201 -9.11 9.71 22.49
C ARG A 201 -7.99 8.71 22.81
N GLU A 202 -8.18 7.96 23.89
CA GLU A 202 -7.16 7.06 24.39
C GLU A 202 -7.06 5.76 23.61
N ARG A 203 -5.84 5.24 23.48
CA ARG A 203 -5.60 3.89 22.98
C ARG A 203 -6.21 3.60 21.61
N TRP A 204 -5.80 4.37 20.60
CA TRP A 204 -6.16 4.06 19.23
C TRP A 204 -5.18 3.04 18.67
N ILE A 205 -5.69 2.04 17.97
CA ILE A 205 -4.82 1.01 17.39
C ILE A 205 -4.06 1.51 16.16
N GLU A 206 -2.74 1.51 16.27
CA GLU A 206 -1.89 1.95 15.17
C GLU A 206 -0.91 0.86 14.76
N ARG A 207 -1.10 0.30 13.56
CA ARG A 207 -0.19 -0.72 13.06
C ARG A 207 0.72 -0.14 11.98
N ARG A 208 2.03 -0.29 12.19
CA ARG A 208 3.02 0.24 11.25
C ARG A 208 4.07 -0.83 10.96
N PRO A 209 4.65 -0.79 9.75
CA PRO A 209 5.74 -1.72 9.43
C PRO A 209 7.02 -1.34 10.17
N LEU A 210 7.85 -2.34 10.48
CA LEU A 210 9.09 -2.09 11.19
C LEU A 210 10.10 -1.37 10.33
N VAL A 211 10.82 -0.42 10.93
CA VAL A 211 11.90 0.27 10.25
C VAL A 211 13.23 -0.30 10.73
N THR A 212 14.26 -0.23 9.89
CA THR A 212 15.57 -0.71 10.29
C THR A 212 16.24 0.32 11.20
N GLY A 213 16.08 0.12 12.50
CA GLY A 213 16.54 1.08 13.49
C GLY A 213 15.74 0.92 14.77
N VAL A 214 15.33 2.03 15.36
CA VAL A 214 14.58 1.99 16.60
C VAL A 214 13.24 2.71 16.53
N GLN A 215 12.15 1.96 16.72
CA GLN A 215 10.84 2.56 16.94
C GLN A 215 10.36 2.15 18.33
N ALA A 216 9.83 3.11 19.08
CA ALA A 216 9.45 2.85 20.46
C ALA A 216 8.31 3.74 20.96
N ALA A 217 7.50 3.19 21.84
CA ALA A 217 6.46 3.95 22.52
C ALA A 217 6.80 4.05 24.00
N GLU A 218 6.71 5.25 24.55
CA GLU A 218 7.13 5.48 25.93
C GLU A 218 6.35 6.60 26.60
N SER A 219 6.53 6.73 27.92
CA SER A 219 5.91 7.78 28.70
C SER A 219 6.88 8.35 29.73
N ARG A 220 7.01 9.67 29.75
CA ARG A 220 7.91 10.34 30.69
C ARG A 220 7.09 11.18 31.66
N ARG A 221 5.84 10.77 31.86
CA ARG A 221 4.89 11.58 32.64
C ARG A 221 4.64 10.99 34.02
N GLY A 222 5.40 9.96 34.38
CA GLY A 222 5.23 9.32 35.67
C GLY A 222 3.98 8.47 35.73
N ALA A 223 3.33 8.34 34.58
CA ALA A 223 2.12 7.54 34.47
C ALA A 223 2.12 6.79 33.14
N SER A 224 1.23 5.81 33.01
CA SER A 224 1.08 5.09 31.76
C SER A 224 0.65 6.05 30.65
N SER A 225 -0.04 7.11 31.04
CA SER A 225 -0.41 8.21 30.15
C SER A 225 -1.42 7.83 29.07
N HIS A 226 -2.06 8.85 28.50
CA HIS A 226 -3.02 8.66 27.43
C HIS A 226 -2.28 8.62 26.10
N GLN A 227 -1.10 9.23 26.09
CA GLN A 227 -0.33 9.41 24.86
C GLN A 227 0.22 8.10 24.31
N GLN A 228 0.77 7.27 25.19
CA GLN A 228 1.29 5.97 24.79
C GLN A 228 0.98 4.91 25.83
N ASN A 229 0.11 3.97 25.49
CA ASN A 229 -0.25 2.90 26.42
C ASN A 229 0.85 1.84 26.50
N PRO A 230 1.19 1.40 27.72
CA PRO A 230 2.25 0.41 27.94
C PRO A 230 1.92 -0.96 27.35
N PHE A 231 1.87 -1.03 26.02
CA PHE A 231 1.65 -2.29 25.32
C PHE A 231 2.11 -2.23 23.87
N ILE A 232 2.93 -3.21 23.49
CA ILE A 232 3.35 -3.36 22.09
C ILE A 232 3.20 -4.82 21.68
N ALA A 233 3.06 -5.06 20.38
CA ALA A 233 2.87 -6.41 19.88
C ALA A 233 3.39 -6.58 18.46
N LEU A 234 4.17 -7.64 18.25
CA LEU A 234 4.65 -7.98 16.92
C LEU A 234 3.65 -8.89 16.23
N VAL A 235 3.24 -8.50 15.02
CA VAL A 235 2.26 -9.28 14.28
C VAL A 235 2.76 -9.64 12.88
N ALA A 236 2.35 -10.81 12.40
CA ALA A 236 2.71 -11.26 11.06
C ALA A 236 2.12 -10.32 10.01
N LYS A 237 2.78 -10.25 8.85
CA LYS A 237 2.37 -9.34 7.78
C LYS A 237 0.93 -9.57 7.32
N ASN A 238 0.50 -10.82 7.32
CA ASN A 238 -0.86 -11.15 6.89
C ASN A 238 -1.78 -11.51 8.04
N ALA A 239 -1.30 -11.28 9.27
CA ALA A 239 -2.10 -11.54 10.45
C ALA A 239 -3.18 -10.48 10.60
N ASP A 240 -4.41 -10.92 10.87
CA ASP A 240 -5.53 -10.01 11.05
C ASP A 240 -6.14 -10.17 12.43
N GLU A 241 -7.45 -9.93 12.52
CA GLU A 241 -8.14 -9.97 13.80
C GLU A 241 -8.48 -11.40 14.20
N HIS A 242 -8.49 -12.31 13.21
CA HIS A 242 -8.96 -13.66 13.43
C HIS A 242 -7.91 -14.75 13.21
N GLN A 243 -6.82 -14.40 12.53
CA GLN A 243 -5.77 -15.38 12.26
C GLN A 243 -4.38 -14.76 12.22
N GLY A 244 -3.35 -15.60 12.28
CA GLY A 244 -1.98 -15.16 12.20
C GLY A 244 -1.27 -15.20 13.55
N GLU A 245 0.05 -15.31 13.51
CA GLU A 245 0.85 -15.36 14.73
C GLU A 245 1.02 -13.96 15.31
N VAL A 246 0.72 -13.81 16.60
CA VAL A 246 0.81 -12.53 17.28
C VAL A 246 1.60 -12.65 18.57
N TYR A 247 2.55 -11.74 18.77
CA TYR A 247 3.38 -11.75 19.97
C TYR A 247 3.16 -10.47 20.78
N GLY A 248 2.36 -10.58 21.84
CA GLY A 248 2.01 -9.42 22.64
C GLY A 248 2.92 -9.19 23.82
N PHE A 249 3.09 -7.93 24.21
CA PHE A 249 3.93 -7.57 25.35
C PHE A 249 3.24 -6.53 26.23
N SER A 250 2.79 -6.96 27.42
CA SER A 250 2.09 -6.07 28.34
C SER A 250 2.87 -5.83 29.63
N PHE A 251 2.96 -4.56 30.02
CA PHE A 251 3.73 -4.14 31.18
C PHE A 251 2.84 -3.90 32.40
N VAL A 252 3.11 -4.59 33.51
CA VAL A 252 2.36 -4.37 34.74
C VAL A 252 3.01 -3.25 35.57
N TYR A 253 2.81 -2.01 35.13
CA TYR A 253 3.43 -0.87 35.78
C TYR A 253 2.66 0.41 35.44
N SER A 254 2.62 1.34 36.39
CA SER A 254 1.79 2.53 36.24
C SER A 254 2.56 3.83 36.12
N GLY A 255 3.89 3.73 36.08
CA GLY A 255 4.73 4.91 35.95
C GLY A 255 5.40 5.01 34.58
N ASN A 256 6.61 5.56 34.57
CA ASN A 256 7.39 5.69 33.34
C ASN A 256 7.74 4.33 32.75
N PHE A 257 7.59 4.20 31.44
CA PHE A 257 7.88 2.94 30.77
C PHE A 257 8.54 3.15 29.42
N LEU A 258 9.19 2.10 28.92
CA LEU A 258 9.76 2.10 27.57
C LEU A 258 9.41 0.80 26.86
N ALA A 259 8.69 0.93 25.75
CA ALA A 259 8.34 -0.23 24.93
C ALA A 259 9.09 -0.11 23.60
N GLN A 260 10.24 -0.77 23.52
CA GLN A 260 11.15 -0.57 22.40
C GLN A 260 11.40 -1.82 21.57
N ILE A 261 11.37 -1.66 20.26
CA ILE A 261 11.75 -2.71 19.32
C ILE A 261 12.89 -2.19 18.47
N GLU A 262 13.95 -2.98 18.33
CA GLU A 262 15.10 -2.55 17.53
C GLU A 262 15.48 -3.57 16.46
N VAL A 263 15.59 -3.08 15.22
CA VAL A 263 16.04 -3.91 14.11
C VAL A 263 17.46 -3.54 13.71
N ASP A 264 18.35 -4.53 13.73
CA ASP A 264 19.76 -4.30 13.44
C ASP A 264 20.10 -4.57 11.98
N GLN A 265 21.40 -4.64 11.69
CA GLN A 265 21.90 -4.84 10.34
C GLN A 265 21.56 -6.21 9.77
N PHE A 266 21.28 -7.16 10.65
CA PHE A 266 21.09 -8.55 10.22
C PHE A 266 19.64 -9.02 10.34
N GLY A 267 18.71 -8.07 10.34
CA GLY A 267 17.30 -8.37 10.31
C GLY A 267 16.75 -9.06 11.55
N THR A 268 17.43 -8.90 12.67
CA THR A 268 16.95 -9.42 13.94
C THR A 268 16.24 -8.33 14.74
N ALA A 269 15.27 -8.73 15.55
CA ALA A 269 14.42 -7.78 16.26
C ALA A 269 14.64 -7.80 17.77
N ARG A 270 15.20 -6.72 18.30
CA ARG A 270 15.42 -6.58 19.74
C ARG A 270 14.21 -5.93 20.40
N VAL A 271 13.39 -6.75 21.06
CA VAL A 271 12.21 -6.25 21.77
C VAL A 271 12.52 -6.10 23.26
N SER A 272 12.47 -4.87 23.75
CA SER A 272 12.75 -4.60 25.16
C SER A 272 11.63 -3.80 25.79
N MET A 273 11.38 -4.03 27.08
CA MET A 273 10.32 -3.34 27.78
C MET A 273 10.60 -3.24 29.28
N GLY A 274 10.29 -2.09 29.86
CA GLY A 274 10.51 -1.84 31.27
C GLY A 274 10.39 -0.38 31.61
N ILE A 275 10.84 0.00 32.80
CA ILE A 275 10.82 1.40 33.23
C ILE A 275 11.69 2.24 32.32
N ASN A 276 11.14 3.36 31.85
CA ASN A 276 11.86 4.25 30.94
C ASN A 276 13.19 4.69 31.53
N PRO A 277 14.30 4.28 30.90
CA PRO A 277 15.65 4.61 31.38
C PRO A 277 15.95 6.09 31.31
N PHE A 278 15.20 6.81 30.48
CA PHE A 278 15.36 8.25 30.39
C PHE A 278 15.00 8.91 31.71
N ASP A 279 15.90 9.77 32.20
CA ASP A 279 15.72 10.50 33.46
C ASP A 279 15.46 9.55 34.63
N PHE A 280 16.07 8.37 34.57
CA PHE A 280 15.88 7.35 35.60
C PHE A 280 17.18 6.65 35.97
N THR A 281 17.50 6.65 37.26
CA THR A 281 18.65 5.90 37.75
C THR A 281 18.32 5.20 39.07
N TRP A 282 19.14 4.22 39.44
CA TRP A 282 18.95 3.47 40.67
C TRP A 282 20.29 3.10 41.30
N LEU A 283 20.53 3.63 42.49
CA LEU A 283 21.75 3.34 43.23
C LEU A 283 21.57 2.08 44.07
N LEU A 284 22.51 1.14 43.98
CA LEU A 284 22.47 -0.04 44.82
C LEU A 284 23.65 -0.11 45.78
N GLN A 285 23.40 0.26 47.03
CA GLN A 285 24.39 0.10 48.09
C GLN A 285 24.58 -1.39 48.34
N PRO A 286 25.79 -1.79 48.74
CA PRO A 286 26.12 -3.21 49.00
C PRO A 286 25.11 -3.91 49.92
N GLY A 287 24.43 -4.91 49.39
CA GLY A 287 23.49 -5.70 50.17
C GLY A 287 22.02 -5.55 49.81
N GLU A 288 21.64 -4.41 49.25
CA GLU A 288 20.24 -4.19 48.89
C GLU A 288 19.96 -4.74 47.48
N SER A 289 18.67 -4.88 47.17
CA SER A 289 18.27 -5.46 45.89
C SER A 289 17.19 -4.63 45.18
N PHE A 290 17.04 -4.88 43.88
CA PHE A 290 16.03 -4.19 43.08
C PHE A 290 15.23 -5.16 42.20
N GLN A 291 13.92 -5.11 42.37
CA GLN A 291 13.01 -5.96 41.61
C GLN A 291 12.26 -5.09 40.60
N THR A 292 12.31 -5.48 39.33
CA THR A 292 11.59 -4.76 38.28
C THR A 292 10.24 -5.41 38.07
N PRO A 293 9.23 -4.63 37.68
CA PRO A 293 7.93 -5.24 37.37
C PRO A 293 8.06 -6.22 36.22
N GLU A 294 7.09 -7.13 36.09
CA GLU A 294 7.15 -8.17 35.06
C GLU A 294 6.44 -7.76 33.78
N VAL A 295 6.78 -8.41 32.67
CA VAL A 295 6.07 -8.18 31.43
C VAL A 295 5.41 -9.47 30.97
N VAL A 296 4.08 -9.46 30.91
CA VAL A 296 3.33 -10.63 30.50
C VAL A 296 3.24 -10.72 28.98
N MET A 297 3.73 -11.83 28.43
CA MET A 297 3.73 -12.03 26.98
C MET A 297 2.75 -13.11 26.57
N VAL A 298 1.97 -12.85 25.53
CA VAL A 298 0.99 -13.82 25.05
C VAL A 298 1.20 -14.16 23.59
N TYR A 299 1.21 -15.45 23.29
CA TYR A 299 1.29 -15.93 21.91
C TYR A 299 -0.03 -16.50 21.45
N SER A 300 -0.35 -16.28 20.18
CA SER A 300 -1.59 -16.78 19.59
C SER A 300 -1.47 -16.90 18.08
N ASP A 301 -2.04 -17.95 17.51
CA ASP A 301 -2.04 -18.13 16.07
C ASP A 301 -3.43 -17.82 15.55
N GLN A 302 -4.27 -17.30 16.44
CA GLN A 302 -5.66 -17.01 16.10
C GLN A 302 -5.89 -15.51 15.96
N GLY A 303 -4.85 -14.80 15.51
CA GLY A 303 -4.94 -13.37 15.28
C GLY A 303 -4.98 -12.53 16.54
N LEU A 304 -5.48 -11.29 16.40
CA LEU A 304 -5.55 -10.35 17.51
C LEU A 304 -6.61 -10.73 18.55
N ASN A 305 -7.72 -11.29 18.09
CA ASN A 305 -8.79 -11.70 18.99
C ASN A 305 -8.33 -12.77 19.98
N GLY A 306 -7.62 -13.78 19.47
CA GLY A 306 -7.11 -14.85 20.29
C GLY A 306 -6.14 -14.38 21.36
N MET A 307 -5.35 -13.36 21.05
CA MET A 307 -4.41 -12.79 22.01
C MET A 307 -5.13 -12.06 23.13
N SER A 308 -6.14 -11.26 22.76
CA SER A 308 -6.90 -10.48 23.73
C SER A 308 -7.67 -11.37 24.68
N GLN A 309 -8.28 -12.42 24.13
CA GLN A 309 -9.07 -13.35 24.93
C GLN A 309 -8.20 -14.08 25.95
N THR A 310 -6.95 -14.32 25.60
CA THR A 310 -5.98 -14.91 26.53
C THR A 310 -5.63 -13.88 27.60
N TYR A 311 -5.51 -12.62 27.19
CA TYR A 311 -5.27 -11.52 28.11
C TYR A 311 -6.46 -11.29 29.03
N HIS A 312 -7.66 -11.40 28.46
CA HIS A 312 -8.89 -11.17 29.19
C HIS A 312 -9.06 -12.11 30.39
N GLU A 313 -8.98 -13.41 30.13
CA GLU A 313 -9.16 -14.40 31.19
C GLU A 313 -8.04 -14.35 32.22
N LEU A 314 -6.83 -14.04 31.77
CA LEU A 314 -5.69 -13.91 32.67
C LEU A 314 -5.83 -12.71 33.60
N TYR A 315 -6.19 -11.56 33.04
CA TYR A 315 -6.30 -10.33 33.82
C TYR A 315 -7.50 -10.28 34.76
N ARG A 316 -8.62 -10.84 34.34
CA ARG A 316 -9.83 -10.80 35.16
C ARG A 316 -9.75 -11.79 36.32
N THR A 317 -9.13 -12.94 36.07
CA THR A 317 -9.10 -14.02 37.06
C THR A 317 -7.78 -14.16 37.80
N ARG A 318 -6.69 -13.69 37.19
CA ARG A 318 -5.37 -13.87 37.82
C ARG A 318 -4.55 -12.59 37.90
N LEU A 319 -5.22 -11.45 37.92
CA LEU A 319 -4.55 -10.18 38.19
C LEU A 319 -5.44 -9.31 39.08
N ALA A 320 -6.70 -9.18 38.72
CA ALA A 320 -7.68 -8.48 39.55
C ALA A 320 -7.93 -9.26 40.83
N ARG A 321 -8.09 -8.54 41.94
CA ARG A 321 -8.26 -9.17 43.23
C ARG A 321 -9.54 -8.72 43.94
N GLY A 322 -9.65 -9.06 45.22
CA GLY A 322 -10.80 -8.74 46.04
C GLY A 322 -11.90 -9.78 45.92
N ALA A 323 -13.07 -9.48 46.46
CA ALA A 323 -14.18 -10.44 46.46
C ALA A 323 -15.11 -10.19 45.29
N PHE A 324 -14.90 -9.07 44.62
CA PHE A 324 -15.76 -8.67 43.50
C PHE A 324 -15.10 -9.01 42.17
N ARG A 325 -13.97 -9.72 42.26
CA ARG A 325 -13.22 -10.12 41.06
C ARG A 325 -14.05 -11.02 40.14
N ASP A 326 -14.93 -11.82 40.74
CA ASP A 326 -15.75 -12.75 40.00
C ASP A 326 -17.23 -12.44 40.15
N ARG A 327 -17.54 -11.27 40.70
CA ARG A 327 -18.93 -10.87 40.91
C ARG A 327 -19.38 -9.88 39.84
N GLU A 328 -20.65 -9.96 39.46
CA GLU A 328 -21.22 -9.08 38.45
C GLU A 328 -21.11 -7.63 38.91
N ARG A 329 -20.68 -6.75 38.01
CA ARG A 329 -20.46 -5.35 38.37
C ARG A 329 -21.76 -4.57 38.36
N PRO A 330 -21.96 -3.72 39.38
CA PRO A 330 -23.21 -2.98 39.60
C PRO A 330 -23.47 -1.89 38.56
N ILE A 331 -24.73 -1.76 38.17
CA ILE A 331 -25.16 -0.70 37.26
C ILE A 331 -25.09 0.63 38.01
N LEU A 332 -24.25 1.53 37.52
CA LEU A 332 -23.93 2.76 38.25
C LEU A 332 -24.45 4.05 37.59
N ILE A 333 -24.64 5.08 38.40
CA ILE A 333 -24.98 6.41 37.91
C ILE A 333 -24.04 7.46 38.48
N ASN A 334 -23.39 8.22 37.59
CA ASN A 334 -22.48 9.27 38.03
C ASN A 334 -23.06 10.64 37.71
N ASN A 335 -22.83 11.60 38.61
CA ASN A 335 -23.41 12.93 38.47
C ASN A 335 -22.43 14.01 38.00
N TRP A 336 -21.27 13.58 37.51
CA TRP A 336 -20.24 14.53 37.07
C TRP A 336 -20.72 15.47 35.97
N GLU A 337 -21.00 14.93 34.79
CA GLU A 337 -21.47 15.74 33.67
C GLU A 337 -22.83 16.37 33.93
N ALA A 338 -23.54 15.85 34.93
CA ALA A 338 -24.88 16.32 35.24
C ALA A 338 -24.90 17.65 35.97
N THR A 339 -24.22 17.72 37.12
CA THR A 339 -24.30 18.89 37.98
C THR A 339 -22.96 19.54 38.30
N TYR A 340 -21.87 18.84 38.01
CA TYR A 340 -20.53 19.31 38.35
C TYR A 340 -20.39 19.56 39.86
N PHE A 341 -20.30 20.83 40.23
CA PHE A 341 -20.11 21.22 41.62
C PHE A 341 -21.38 21.75 42.28
N ASP A 342 -22.34 22.17 41.44
CA ASP A 342 -23.58 22.76 41.95
C ASP A 342 -24.61 21.71 42.35
N PHE A 343 -24.57 21.30 43.62
CA PHE A 343 -25.53 20.33 44.13
C PHE A 343 -25.70 20.47 45.64
N ASN A 344 -26.79 19.90 46.15
CA ASN A 344 -27.07 19.91 47.58
C ASN A 344 -27.83 18.66 48.03
N GLU A 345 -28.23 18.64 49.30
CA GLU A 345 -28.94 17.50 49.87
C GLU A 345 -30.24 17.22 49.13
N GLU A 346 -31.02 18.26 48.88
CA GLU A 346 -32.33 18.11 48.23
C GLU A 346 -32.23 17.53 46.81
N LYS A 347 -31.18 17.90 46.10
CA LYS A 347 -31.00 17.46 44.72
C LYS A 347 -30.73 15.95 44.62
N ILE A 348 -30.19 15.37 45.68
CA ILE A 348 -29.85 13.95 45.66
C ILE A 348 -31.01 13.02 46.02
N VAL A 349 -31.83 13.42 47.00
CA VAL A 349 -32.91 12.56 47.47
C VAL A 349 -34.16 12.53 46.57
N ASN A 350 -34.48 13.67 45.96
CA ASN A 350 -35.65 13.75 45.10
C ASN A 350 -35.50 12.96 43.82
N ILE A 351 -34.25 12.74 43.42
CA ILE A 351 -33.96 11.95 42.23
C ILE A 351 -33.60 10.51 42.62
N ALA A 352 -33.30 10.31 43.90
CA ALA A 352 -32.97 8.98 44.42
C ALA A 352 -34.16 8.05 44.33
N ARG A 353 -35.37 8.62 44.44
CA ARG A 353 -36.60 7.85 44.33
C ARG A 353 -36.78 7.31 42.92
N THR A 354 -36.48 8.15 41.94
CA THR A 354 -36.59 7.78 40.54
C THR A 354 -35.61 6.68 40.16
N GLU A 355 -34.38 6.78 40.64
CA GLU A 355 -33.33 5.81 40.35
C GLU A 355 -33.64 4.41 40.89
N ALA A 356 -34.39 4.35 41.98
CA ALA A 356 -34.77 3.08 42.58
C ALA A 356 -35.75 2.32 41.68
N GLU A 357 -36.68 3.04 41.08
CA GLU A 357 -37.69 2.42 40.22
C GLU A 357 -37.13 1.95 38.88
N LEU A 358 -36.01 2.56 38.45
CA LEU A 358 -35.40 2.18 37.17
C LEU A 358 -34.58 0.90 37.26
N GLY A 359 -34.10 0.57 38.47
CA GLY A 359 -33.36 -0.65 38.67
C GLY A 359 -31.87 -0.42 38.90
N ILE A 360 -31.47 0.85 39.00
CA ILE A 360 -30.08 1.21 39.26
C ILE A 360 -29.62 0.64 40.60
N GLU A 361 -28.39 0.13 40.65
CA GLU A 361 -27.90 -0.53 41.85
C GLU A 361 -26.89 0.31 42.67
N LEU A 362 -26.39 1.39 42.10
CA LEU A 362 -25.35 2.18 42.76
C LEU A 362 -25.34 3.65 42.35
N VAL A 363 -25.28 4.54 43.34
CA VAL A 363 -25.15 5.98 43.08
C VAL A 363 -23.84 6.54 43.62
N VAL A 364 -23.11 7.27 42.77
CA VAL A 364 -21.83 7.86 43.15
C VAL A 364 -21.83 9.38 43.10
N LEU A 365 -21.34 9.99 44.17
CA LEU A 365 -21.13 11.44 44.21
C LEU A 365 -19.72 11.80 43.76
N ASP A 366 -19.61 12.73 42.82
CA ASP A 366 -18.33 13.06 42.21
C ASP A 366 -17.60 14.18 42.95
N ASP A 367 -16.68 14.83 42.25
CA ASP A 367 -15.86 15.90 42.81
C ASP A 367 -16.70 17.10 43.24
N GLY A 368 -16.45 17.59 44.46
CA GLY A 368 -17.17 18.74 44.98
C GLY A 368 -17.70 18.55 46.38
N TRP A 369 -17.42 17.39 46.98
CA TRP A 369 -17.98 17.05 48.28
C TRP A 369 -17.09 17.45 49.46
N PHE A 370 -15.81 17.69 49.16
CA PHE A 370 -14.82 17.91 50.22
C PHE A 370 -14.30 19.34 50.29
N GLY A 371 -13.91 19.76 51.49
CA GLY A 371 -13.36 21.08 51.73
C GLY A 371 -14.21 22.22 51.19
N GLU A 372 -13.65 22.98 50.26
CA GLU A 372 -14.36 24.07 49.62
C GLU A 372 -14.33 23.86 48.12
N ARG A 373 -14.51 22.61 47.70
CA ARG A 373 -14.43 22.21 46.30
C ARG A 373 -15.61 22.72 45.48
N ASP A 374 -15.57 24.01 45.13
CA ASP A 374 -16.57 24.59 44.25
C ASP A 374 -15.98 24.78 42.85
N ASP A 375 -14.66 24.73 42.77
CA ASP A 375 -13.96 24.78 41.50
C ASP A 375 -12.86 23.71 41.51
N ASP A 376 -12.04 23.69 40.46
CA ASP A 376 -10.96 22.72 40.36
C ASP A 376 -9.61 23.37 40.69
N ARG A 377 -9.62 24.36 41.58
CA ARG A 377 -8.41 25.10 41.91
C ARG A 377 -8.10 25.13 43.39
N ARG A 378 -8.74 24.28 44.18
CA ARG A 378 -8.59 24.35 45.63
C ARG A 378 -9.03 23.08 46.36
N SER A 379 -8.70 23.03 47.65
CA SER A 379 -9.23 22.02 48.58
C SER A 379 -8.74 20.59 48.35
N LEU A 380 -7.85 20.41 47.37
CA LEU A 380 -7.28 19.09 47.13
C LEU A 380 -6.29 18.74 48.24
N GLY A 381 -6.63 17.70 49.01
CA GLY A 381 -5.81 17.30 50.14
C GLY A 381 -6.63 17.34 51.42
N ASP A 382 -7.56 18.29 51.49
CA ASP A 382 -8.45 18.40 52.64
C ASP A 382 -9.69 17.53 52.48
N TRP A 383 -9.59 16.30 52.96
CA TRP A 383 -10.68 15.33 52.81
C TRP A 383 -11.67 15.40 53.97
N ILE A 384 -12.28 16.56 54.15
CA ILE A 384 -13.31 16.74 55.16
C ILE A 384 -14.60 17.20 54.52
N VAL A 385 -15.71 16.59 54.92
CA VAL A 385 -17.01 16.86 54.31
C VAL A 385 -17.44 18.31 54.49
N ASN A 386 -17.89 18.93 53.41
CA ASN A 386 -18.40 20.29 53.46
C ASN A 386 -19.84 20.31 53.94
N ARG A 387 -20.04 20.79 55.17
CA ARG A 387 -21.37 20.78 55.79
C ARG A 387 -22.34 21.76 55.14
N ARG A 388 -21.80 22.72 54.37
CA ARG A 388 -22.63 23.72 53.71
C ARG A 388 -23.44 23.09 52.58
N LYS A 389 -22.82 22.18 51.83
CA LYS A 389 -23.50 21.52 50.73
C LYS A 389 -24.08 20.18 51.17
N LEU A 390 -23.43 19.55 52.15
CA LEU A 390 -23.91 18.28 52.70
C LEU A 390 -24.12 18.36 54.20
N PRO A 391 -25.30 18.86 54.62
CA PRO A 391 -25.68 19.04 56.03
C PRO A 391 -25.46 17.79 56.88
N ASN A 392 -25.94 16.65 56.39
CA ASN A 392 -25.92 15.41 57.17
C ASN A 392 -24.62 14.61 57.03
N GLY A 393 -23.69 15.11 56.22
CA GLY A 393 -22.40 14.47 56.08
C GLY A 393 -22.45 13.15 55.33
N LEU A 394 -21.36 12.39 55.43
CA LEU A 394 -21.24 11.11 54.74
C LEU A 394 -22.17 10.02 55.28
N ASP A 395 -22.29 9.95 56.60
CA ASP A 395 -23.08 8.92 57.26
C ASP A 395 -24.59 9.06 57.00
N GLY A 396 -25.08 10.30 57.04
CA GLY A 396 -26.49 10.56 56.87
C GLY A 396 -27.03 10.27 55.48
N LEU A 397 -26.29 10.68 54.46
CA LEU A 397 -26.73 10.49 53.08
C LEU A 397 -26.74 9.01 52.69
N ALA A 398 -25.63 8.33 52.95
CA ALA A 398 -25.47 6.93 52.58
C ALA A 398 -26.48 6.00 53.27
N LYS A 399 -26.84 6.32 54.51
CA LYS A 399 -27.73 5.46 55.28
C LYS A 399 -29.19 5.57 54.82
N GLN A 400 -29.58 6.75 54.34
CA GLN A 400 -30.90 6.95 53.76
C GLN A 400 -30.97 6.22 52.42
N VAL A 401 -29.85 6.22 51.71
CA VAL A 401 -29.75 5.57 50.42
C VAL A 401 -29.71 4.04 50.57
N ASN A 402 -29.13 3.58 51.68
CA ASN A 402 -29.02 2.15 51.96
C ASN A 402 -30.36 1.42 52.09
N GLU A 403 -31.35 2.08 52.69
CA GLU A 403 -32.68 1.49 52.88
C GLU A 403 -33.50 1.52 51.59
N LEU A 404 -32.94 2.14 50.56
CA LEU A 404 -33.60 2.21 49.26
C LEU A 404 -33.14 1.06 48.37
N GLY A 405 -32.24 0.24 48.91
CA GLY A 405 -31.72 -0.89 48.17
C GLY A 405 -30.57 -0.48 47.28
N LEU A 406 -29.93 0.65 47.62
CA LEU A 406 -28.88 1.21 46.78
C LEU A 406 -27.53 1.25 47.49
N GLN A 407 -26.48 0.97 46.73
CA GLN A 407 -25.12 1.10 47.24
C GLN A 407 -24.64 2.55 47.20
N PHE A 408 -23.59 2.87 47.94
CA PHE A 408 -23.07 4.22 48.00
C PHE A 408 -21.60 4.30 47.57
N GLY A 409 -21.26 5.33 46.80
CA GLY A 409 -19.91 5.49 46.29
C GLY A 409 -19.31 6.88 46.47
N LEU A 410 -17.98 6.95 46.42
CA LEU A 410 -17.26 8.20 46.62
C LEU A 410 -16.21 8.47 45.55
N TRP A 411 -15.98 9.74 45.25
CA TRP A 411 -14.92 10.15 44.33
C TRP A 411 -13.74 10.71 45.12
N VAL A 412 -12.53 10.26 44.80
CA VAL A 412 -11.35 10.74 45.51
C VAL A 412 -10.18 11.04 44.58
N GLU A 413 -9.34 11.99 45.00
CA GLU A 413 -8.09 12.30 44.29
C GLU A 413 -6.96 12.49 45.30
N PRO A 414 -6.57 11.42 46.01
CA PRO A 414 -5.63 11.51 47.12
C PRO A 414 -4.21 11.86 46.69
N GLU A 415 -3.91 11.70 45.41
CA GLU A 415 -2.56 11.94 44.90
C GLU A 415 -2.32 13.41 44.58
N MET A 416 -3.27 14.26 44.93
CA MET A 416 -3.19 15.67 44.55
C MET A 416 -3.23 16.64 45.72
N VAL A 417 -2.58 17.79 45.55
CA VAL A 417 -2.60 18.87 46.54
C VAL A 417 -2.67 20.23 45.83
N SER A 418 -3.64 21.04 46.23
CA SER A 418 -3.81 22.37 45.65
C SER A 418 -3.09 23.42 46.49
N PRO A 419 -2.58 24.49 45.83
CA PRO A 419 -1.95 25.61 46.52
C PRO A 419 -2.85 26.17 47.61
N ASN A 420 -4.14 26.37 47.30
CA ASN A 420 -5.11 26.85 48.27
C ASN A 420 -5.73 25.70 49.06
N SER A 421 -4.94 25.10 49.94
CA SER A 421 -5.39 23.95 50.74
C SER A 421 -4.72 23.89 52.10
N GLU A 422 -5.40 23.28 53.07
CA GLU A 422 -4.91 23.22 54.45
C GLU A 422 -3.68 22.32 54.55
N LEU A 423 -3.60 21.34 53.67
CA LEU A 423 -2.50 20.40 53.72
C LEU A 423 -1.17 21.02 53.27
N TYR A 424 -1.24 21.99 52.36
CA TYR A 424 -0.03 22.63 51.87
C TYR A 424 0.56 23.64 52.85
N ARG A 425 -0.31 24.36 53.55
CA ARG A 425 0.14 25.31 54.56
C ARG A 425 0.61 24.59 55.82
N LYS A 426 0.23 23.32 55.93
CA LYS A 426 0.63 22.49 57.06
C LYS A 426 1.86 21.66 56.70
N HIS A 427 1.94 21.24 55.44
CA HIS A 427 3.07 20.47 54.94
C HIS A 427 3.45 20.92 53.52
N PRO A 428 4.28 21.96 53.42
CA PRO A 428 4.67 22.54 52.12
C PRO A 428 5.72 21.74 51.35
N ASP A 429 6.54 20.96 52.05
CA ASP A 429 7.58 20.18 51.39
C ASP A 429 7.13 18.74 51.10
N TRP A 430 5.82 18.54 51.10
CA TRP A 430 5.25 17.23 50.81
C TRP A 430 4.94 17.06 49.33
N CYS A 431 5.10 18.12 48.56
CA CYS A 431 4.79 18.11 47.13
C CYS A 431 6.02 17.83 46.28
N LEU A 432 5.80 17.60 44.99
CA LEU A 432 6.90 17.44 44.04
C LEU A 432 7.57 18.78 43.75
N HIS A 433 8.86 18.87 44.05
CA HIS A 433 9.61 20.09 43.80
C HIS A 433 11.11 19.85 43.80
N VAL A 434 11.84 20.81 43.25
CA VAL A 434 13.30 20.81 43.26
C VAL A 434 13.78 22.18 43.72
N PRO A 435 14.87 22.21 44.50
CA PRO A 435 15.40 23.44 45.13
C PRO A 435 15.51 24.63 44.19
N ASN A 436 14.93 25.76 44.61
CA ASN A 436 15.04 27.03 43.91
C ASN A 436 14.43 27.05 42.50
N ARG A 437 13.56 26.09 42.21
CA ARG A 437 12.89 26.05 40.91
C ARG A 437 11.39 26.32 41.03
N PRO A 438 10.84 27.09 40.09
CA PRO A 438 9.41 27.41 40.04
C PRO A 438 8.55 26.15 39.95
N ARG A 439 7.51 26.07 40.79
CA ARG A 439 6.63 24.92 40.81
C ARG A 439 5.45 25.11 39.87
N SER A 440 5.59 24.63 38.63
CA SER A 440 4.55 24.76 37.62
C SER A 440 3.29 23.98 38.00
N GLU A 441 2.15 24.44 37.51
CA GLU A 441 0.88 23.83 37.88
C GLU A 441 0.13 23.23 36.69
N GLY A 442 -0.51 22.08 36.94
CA GLY A 442 -1.38 21.44 35.98
C GLY A 442 -2.74 21.29 36.62
N ARG A 443 -3.76 21.88 35.99
CA ARG A 443 -5.10 22.00 36.57
C ARG A 443 -5.04 22.78 37.89
N ASN A 444 -4.13 23.75 37.94
CA ASN A 444 -3.95 24.63 39.10
C ASN A 444 -3.74 23.87 40.40
N GLN A 445 -2.98 22.78 40.32
CA GLN A 445 -2.71 21.94 41.48
C GLN A 445 -1.32 21.30 41.41
N LEU A 446 -0.87 20.72 42.53
CA LEU A 446 0.44 20.10 42.59
C LEU A 446 0.33 18.66 43.09
N VAL A 447 1.33 17.84 42.75
CA VAL A 447 1.35 16.44 43.15
C VAL A 447 2.21 16.22 44.39
N LEU A 448 1.68 15.52 45.38
CA LEU A 448 2.44 15.23 46.60
C LEU A 448 3.49 14.15 46.37
N ASP A 449 4.51 14.14 47.23
CA ASP A 449 5.63 13.23 47.11
C ASP A 449 5.35 11.89 47.80
N TYR A 450 4.91 10.91 47.04
CA TYR A 450 4.58 9.59 47.58
C TYR A 450 5.82 8.72 47.83
N SER A 451 7.00 9.26 47.56
CA SER A 451 8.24 8.54 47.80
C SER A 451 8.63 8.59 49.28
N ARG A 452 7.97 9.48 50.02
CA ARG A 452 8.22 9.68 51.43
C ARG A 452 7.31 8.77 52.27
N GLU A 453 7.86 8.22 53.35
CA GLU A 453 7.11 7.30 54.19
C GLU A 453 6.02 7.98 55.01
N ASP A 454 6.26 9.22 55.43
CA ASP A 454 5.29 9.95 56.24
C ASP A 454 4.01 10.26 55.46
N VAL A 455 4.16 10.70 54.21
CA VAL A 455 3.00 11.00 53.36
C VAL A 455 2.21 9.74 53.02
N CYS A 456 2.90 8.62 52.84
CA CYS A 456 2.23 7.35 52.60
C CYS A 456 1.43 6.95 53.84
N ASP A 457 2.08 7.00 54.99
CA ASP A 457 1.43 6.68 56.26
C ASP A 457 0.30 7.65 56.59
N TYR A 458 0.46 8.90 56.16
CA TYR A 458 -0.58 9.92 56.36
C TYR A 458 -1.79 9.65 55.49
N ILE A 459 -1.57 9.41 54.20
CA ILE A 459 -2.66 9.22 53.26
C ILE A 459 -3.46 7.94 53.56
N ILE A 460 -2.77 6.85 53.90
CA ILE A 460 -3.46 5.59 54.20
C ILE A 460 -4.38 5.73 55.41
N GLU A 461 -3.93 6.47 56.41
CA GLU A 461 -4.70 6.63 57.64
C GLU A 461 -5.87 7.59 57.46
N THR A 462 -5.67 8.64 56.67
CA THR A 462 -6.69 9.68 56.49
C THR A 462 -7.96 9.19 55.77
N ILE A 463 -7.82 8.62 54.58
CA ILE A 463 -9.00 8.21 53.81
C ILE A 463 -9.68 6.98 54.40
N SER A 464 -8.90 6.12 55.06
CA SER A 464 -9.44 4.89 55.63
C SER A 464 -10.47 5.14 56.73
N ASN A 465 -10.21 6.13 57.58
CA ASN A 465 -11.16 6.48 58.64
C ASN A 465 -12.41 7.13 58.07
N VAL A 466 -12.24 7.96 57.05
CA VAL A 466 -13.36 8.57 56.34
C VAL A 466 -14.17 7.49 55.65
N LEU A 467 -13.48 6.52 55.06
CA LEU A 467 -14.10 5.42 54.34
C LEU A 467 -14.75 4.41 55.28
N ALA A 468 -14.34 4.40 56.54
CA ALA A 468 -14.89 3.46 57.51
C ALA A 468 -15.93 4.13 58.39
N SER A 469 -16.13 5.42 58.18
CA SER A 469 -17.10 6.20 58.94
C SER A 469 -18.49 6.12 58.30
N ALA A 470 -18.63 5.29 57.28
CA ALA A 470 -19.90 5.13 56.57
C ALA A 470 -19.92 3.79 55.84
N PRO A 471 -21.12 3.22 55.65
CA PRO A 471 -21.19 1.96 54.90
C PRO A 471 -20.98 2.16 53.40
N ILE A 472 -19.72 2.27 53.00
CA ILE A 472 -19.37 2.48 51.60
C ILE A 472 -18.90 1.17 50.97
N THR A 473 -19.29 0.95 49.72
CA THR A 473 -18.94 -0.27 49.00
C THR A 473 -18.28 0.03 47.65
N TYR A 474 -18.01 1.31 47.40
CA TYR A 474 -17.43 1.73 46.13
C TYR A 474 -16.55 2.97 46.31
N VAL A 475 -15.40 2.97 45.64
CA VAL A 475 -14.47 4.09 45.69
C VAL A 475 -13.93 4.43 44.30
N LYS A 476 -13.94 5.71 43.95
CA LYS A 476 -13.43 6.16 42.67
C LYS A 476 -12.17 6.99 42.83
N TRP A 477 -11.02 6.37 42.60
CA TRP A 477 -9.74 7.01 42.76
C TRP A 477 -9.34 7.75 41.49
N ALA A 478 -9.22 9.08 41.58
CA ALA A 478 -8.86 9.88 40.43
C ALA A 478 -7.46 10.50 40.58
N MET A 479 -6.87 10.92 39.47
CA MET A 479 -5.58 11.59 39.49
C MET A 479 -5.48 12.38 38.19
N ASN A 480 -5.60 13.70 38.29
CA ASN A 480 -5.76 14.55 37.09
C ASN A 480 -4.60 15.45 36.73
N ARG A 481 -3.36 14.99 36.94
CA ARG A 481 -2.21 15.83 36.63
C ARG A 481 -0.93 15.02 36.41
N HIS A 482 -0.10 15.47 35.46
CA HIS A 482 1.17 14.79 35.21
C HIS A 482 2.33 15.51 35.91
N MET A 483 3.27 14.71 36.39
CA MET A 483 4.33 15.19 37.27
C MET A 483 5.23 16.23 36.62
N THR A 484 5.52 17.30 37.36
CA THR A 484 6.44 18.33 36.90
C THR A 484 7.39 18.69 38.04
N GLU A 485 8.61 19.11 37.70
CA GLU A 485 9.67 19.34 38.68
C GLU A 485 9.84 18.13 39.60
N ILE A 486 10.02 16.96 39.00
CA ILE A 486 10.06 15.71 39.75
C ILE A 486 11.28 15.63 40.65
N GLY A 487 11.04 15.53 41.95
CA GLY A 487 12.10 15.46 42.93
C GLY A 487 11.56 15.31 44.35
N SER A 488 12.44 14.94 45.27
CA SER A 488 12.02 14.75 46.67
C SER A 488 12.97 15.43 47.65
N SER A 489 12.41 15.96 48.73
CA SER A 489 13.20 16.64 49.75
C SER A 489 13.77 15.64 50.76
N ALA A 490 13.12 14.49 50.86
CA ALA A 490 13.55 13.46 51.81
C ALA A 490 14.54 12.49 51.15
N LEU A 491 14.99 12.84 49.94
CA LEU A 491 15.92 12.00 49.21
C LEU A 491 17.24 12.72 48.94
N PRO A 492 18.37 12.01 49.11
CA PRO A 492 19.70 12.57 48.88
C PRO A 492 19.91 12.95 47.41
N PRO A 493 20.83 13.88 47.13
CA PRO A 493 21.14 14.34 45.78
C PRO A 493 21.49 13.23 44.78
N GLU A 494 22.04 12.12 45.27
CA GLU A 494 22.45 11.02 44.40
C GLU A 494 21.32 10.09 43.96
N ARG A 495 20.43 9.74 44.90
CA ARG A 495 19.33 8.84 44.58
C ARG A 495 18.20 9.54 43.86
N GLN A 496 17.98 10.81 44.23
CA GLN A 496 16.89 11.66 43.74
C GLN A 496 16.13 11.23 42.49
N ARG A 497 16.84 10.84 41.44
CA ARG A 497 16.20 10.42 40.19
C ARG A 497 15.43 9.10 40.34
N GLU A 498 15.49 8.52 41.52
CA GLU A 498 14.78 7.29 41.85
C GLU A 498 13.36 7.63 42.29
N THR A 499 13.03 8.92 42.23
CA THR A 499 11.75 9.42 42.73
C THR A 499 10.54 8.93 41.94
N ALA A 500 10.67 8.91 40.62
CA ALA A 500 9.58 8.48 39.73
C ALA A 500 9.08 7.08 40.05
N HIS A 501 9.99 6.17 40.34
CA HIS A 501 9.62 4.79 40.64
C HIS A 501 9.12 4.64 42.08
N ARG A 502 9.79 5.29 43.02
CA ARG A 502 9.39 5.19 44.42
C ARG A 502 8.06 5.90 44.67
N TYR A 503 7.76 6.90 43.85
CA TYR A 503 6.45 7.54 43.86
C TYR A 503 5.40 6.49 43.54
N MET A 504 5.71 5.66 42.55
CA MET A 504 4.81 4.60 42.13
C MET A 504 4.79 3.49 43.18
N LEU A 505 5.96 3.23 43.77
CA LEU A 505 6.08 2.26 44.85
C LEU A 505 5.31 2.68 46.08
N GLY A 506 5.30 3.99 46.35
CA GLY A 506 4.59 4.53 47.49
C GLY A 506 3.09 4.37 47.33
N LEU A 507 2.59 4.73 46.16
CA LEU A 507 1.16 4.61 45.86
C LEU A 507 0.72 3.14 45.89
N TYR A 508 1.61 2.27 45.43
CA TYR A 508 1.34 0.83 45.44
C TYR A 508 1.18 0.32 46.87
N ARG A 509 1.94 0.89 47.80
CA ARG A 509 1.83 0.50 49.20
C ARG A 509 0.53 1.04 49.78
N VAL A 510 0.18 2.26 49.39
CA VAL A 510 -1.04 2.91 49.85
C VAL A 510 -2.28 2.13 49.45
N MET A 511 -2.36 1.79 48.17
CA MET A 511 -3.50 1.07 47.63
C MET A 511 -3.59 -0.37 48.15
N ASP A 512 -2.42 -1.00 48.33
CA ASP A 512 -2.36 -2.39 48.79
C ASP A 512 -2.91 -2.58 50.21
N GLU A 513 -2.63 -1.63 51.09
CA GLU A 513 -3.09 -1.70 52.47
C GLU A 513 -4.56 -1.33 52.58
N ILE A 514 -4.99 -0.35 51.79
CA ILE A 514 -6.37 0.12 51.82
C ILE A 514 -7.32 -0.99 51.30
N THR A 515 -6.91 -1.66 50.24
CA THR A 515 -7.71 -2.77 49.70
C THR A 515 -7.70 -3.97 50.64
N SER A 516 -6.65 -4.06 51.47
CA SER A 516 -6.53 -5.16 52.42
C SER A 516 -7.37 -4.91 53.67
N ARG A 517 -7.42 -3.65 54.11
CA ARG A 517 -8.21 -3.28 55.26
C ARG A 517 -9.70 -3.38 54.97
N PHE A 518 -10.06 -3.19 53.70
CA PHE A 518 -11.46 -3.15 53.30
C PHE A 518 -11.74 -4.01 52.08
N PRO A 519 -12.07 -5.30 52.29
CA PRO A 519 -12.35 -6.26 51.22
C PRO A 519 -13.79 -6.20 50.72
N HIS A 520 -14.61 -5.34 51.30
CA HIS A 520 -16.03 -5.26 50.94
C HIS A 520 -16.33 -4.15 49.94
N ILE A 521 -15.28 -3.52 49.40
CA ILE A 521 -15.45 -2.35 48.55
C ILE A 521 -14.97 -2.52 47.10
N LEU A 522 -15.81 -2.12 46.16
CA LEU A 522 -15.44 -2.09 44.75
C LEU A 522 -14.52 -0.91 44.49
N PHE A 523 -13.31 -1.18 44.03
CA PHE A 523 -12.36 -0.11 43.74
C PHE A 523 -12.25 0.11 42.23
N GLU A 524 -12.46 1.34 41.79
CA GLU A 524 -12.33 1.67 40.37
C GLU A 524 -11.33 2.79 40.11
N SER A 525 -10.28 2.49 39.37
CA SER A 525 -9.23 3.46 39.05
C SER A 525 -9.73 4.53 38.08
N CYS A 526 -9.03 5.66 38.07
CA CYS A 526 -9.36 6.78 37.19
C CYS A 526 -8.21 7.77 37.15
N SER A 527 -8.06 8.46 36.02
CA SER A 527 -7.01 9.45 35.86
C SER A 527 -7.27 10.32 34.64
N GLY A 528 -8.27 11.19 34.75
CA GLY A 528 -8.72 11.98 33.62
C GLY A 528 -9.15 11.03 32.51
N GLY A 529 -9.81 9.96 32.91
CA GLY A 529 -10.11 8.86 32.02
C GLY A 529 -9.19 7.70 32.32
N GLY A 530 -8.64 7.09 31.28
CA GLY A 530 -7.71 5.98 31.44
C GLY A 530 -6.26 6.40 31.30
N GLY A 531 -5.88 7.44 32.03
CA GLY A 531 -4.50 7.90 32.03
C GLY A 531 -3.61 6.90 32.75
N ARG A 532 -4.26 6.01 33.51
CA ARG A 532 -3.57 4.94 34.20
C ARG A 532 -4.35 3.65 34.04
N PHE A 533 -4.89 3.45 32.84
CA PHE A 533 -5.57 2.22 32.49
C PHE A 533 -4.52 1.18 32.11
N ASP A 534 -3.88 0.60 33.11
CA ASP A 534 -2.82 -0.38 32.91
C ASP A 534 -2.98 -1.57 33.86
N PRO A 535 -2.36 -2.71 33.53
CA PRO A 535 -2.45 -3.90 34.37
C PRO A 535 -1.97 -3.66 35.81
N GLY A 536 -1.14 -2.64 36.01
CA GLY A 536 -0.65 -2.30 37.32
C GLY A 536 -1.78 -1.89 38.26
N MET A 537 -2.66 -1.02 37.76
CA MET A 537 -3.80 -0.57 38.55
C MET A 537 -4.88 -1.64 38.67
N LEU A 538 -4.93 -2.54 37.69
CA LEU A 538 -5.93 -3.59 37.68
C LEU A 538 -5.69 -4.60 38.80
N TYR A 539 -4.43 -4.74 39.21
CA TYR A 539 -4.06 -5.64 40.29
C TYR A 539 -4.68 -5.20 41.61
N TYR A 540 -4.80 -3.89 41.79
CA TYR A 540 -5.32 -3.34 43.03
C TYR A 540 -6.79 -2.96 42.87
N MET A 541 -7.18 -2.57 41.66
CA MET A 541 -8.56 -2.18 41.39
C MET A 541 -9.11 -2.90 40.16
N PRO A 542 -10.09 -3.80 40.37
CA PRO A 542 -10.60 -4.72 39.34
C PRO A 542 -11.25 -4.05 38.12
N GLN A 543 -11.44 -2.74 38.15
CA GLN A 543 -11.98 -2.04 36.99
C GLN A 543 -11.50 -0.58 36.92
N THR A 544 -11.61 0.02 35.73
CA THR A 544 -11.12 1.37 35.52
C THR A 544 -12.04 2.20 34.63
N TRP A 545 -12.22 3.47 34.99
CA TRP A 545 -12.96 4.41 34.15
C TRP A 545 -12.17 4.74 32.88
N THR A 546 -12.70 4.35 31.73
CA THR A 546 -11.97 4.44 30.47
C THR A 546 -11.59 5.84 30.01
N SER A 547 -12.59 6.67 29.75
CA SER A 547 -12.32 7.98 29.17
C SER A 547 -13.42 9.01 29.44
N ASP A 548 -13.02 10.28 29.53
CA ASP A 548 -13.97 11.37 29.69
C ASP A 548 -14.79 11.58 28.43
N ASN A 549 -14.26 11.13 27.30
CA ASN A 549 -15.01 11.19 26.06
C ASN A 549 -16.14 10.17 26.11
N THR A 550 -17.35 10.66 26.35
CA THR A 550 -18.50 9.79 26.50
C THR A 550 -19.39 9.83 25.26
N ASP A 551 -18.85 10.36 24.16
CA ASP A 551 -19.58 10.38 22.90
C ASP A 551 -19.60 8.97 22.31
N ALA A 552 -20.78 8.52 21.91
CA ALA A 552 -20.98 7.14 21.43
C ALA A 552 -20.08 6.75 20.27
N VAL A 553 -19.93 7.64 19.30
CA VAL A 553 -19.12 7.35 18.12
C VAL A 553 -17.63 7.35 18.45
N SER A 554 -17.19 8.36 19.17
CA SER A 554 -15.79 8.45 19.59
C SER A 554 -15.44 7.32 20.54
N ARG A 555 -16.44 6.84 21.28
CA ARG A 555 -16.22 5.78 22.26
C ARG A 555 -15.99 4.45 21.54
N LEU A 556 -16.49 4.34 20.32
CA LEU A 556 -16.30 3.15 19.50
C LEU A 556 -14.83 2.89 19.25
N LYS A 557 -14.10 3.94 18.89
CA LYS A 557 -12.67 3.85 18.64
C LYS A 557 -11.92 3.55 19.94
N ILE A 558 -12.35 4.21 21.01
CA ILE A 558 -11.71 4.04 22.32
C ILE A 558 -11.89 2.63 22.86
N GLN A 559 -13.13 2.15 22.82
CA GLN A 559 -13.46 0.83 23.37
C GLN A 559 -12.89 -0.31 22.54
N TYR A 560 -12.86 -0.14 21.23
CA TYR A 560 -12.29 -1.16 20.34
C TYR A 560 -10.80 -1.35 20.62
N GLY A 561 -10.09 -0.23 20.82
CA GLY A 561 -8.67 -0.28 21.08
C GLY A 561 -8.28 -0.79 22.45
N THR A 562 -9.03 -0.38 23.48
CA THR A 562 -8.71 -0.78 24.85
C THR A 562 -8.99 -2.26 25.08
N SER A 563 -9.97 -2.81 24.37
CA SER A 563 -10.36 -4.21 24.51
C SER A 563 -9.28 -5.16 23.99
N LEU A 564 -8.31 -4.60 23.29
CA LEU A 564 -7.21 -5.38 22.72
C LEU A 564 -6.38 -6.04 23.82
N VAL A 565 -6.25 -5.37 24.96
CA VAL A 565 -5.41 -5.84 26.05
C VAL A 565 -6.20 -6.10 27.32
N TYR A 566 -7.13 -5.20 27.63
CA TYR A 566 -7.83 -5.23 28.90
C TYR A 566 -9.20 -5.89 28.83
N PRO A 567 -9.57 -6.66 29.87
CA PRO A 567 -10.84 -7.39 29.92
C PRO A 567 -12.04 -6.45 29.88
N ILE A 568 -13.18 -6.98 29.45
CA ILE A 568 -14.41 -6.20 29.33
C ILE A 568 -14.82 -5.67 30.70
N SER A 569 -14.55 -6.47 31.73
CA SER A 569 -14.93 -6.15 33.10
C SER A 569 -14.35 -4.83 33.60
N ALA A 570 -13.21 -4.43 33.04
CA ALA A 570 -12.54 -3.21 33.47
C ALA A 570 -12.83 -2.03 32.57
N MET A 571 -13.62 -2.24 31.52
CA MET A 571 -13.89 -1.19 30.55
C MET A 571 -15.08 -0.34 30.94
N GLY A 572 -14.83 0.76 31.65
CA GLY A 572 -15.88 1.66 32.09
C GLY A 572 -16.58 2.36 30.94
N ALA A 573 -17.91 2.29 30.93
CA ALA A 573 -18.69 2.90 29.87
C ALA A 573 -19.99 3.51 30.38
N HIS A 574 -20.11 4.83 30.26
CA HIS A 574 -21.30 5.54 30.70
C HIS A 574 -21.98 6.24 29.53
N VAL A 575 -23.32 6.31 29.58
CA VAL A 575 -24.06 7.08 28.58
C VAL A 575 -24.23 8.52 29.08
N SER A 576 -23.93 9.47 28.20
CA SER A 576 -24.01 10.88 28.54
C SER A 576 -25.13 11.59 27.77
N ALA A 577 -25.22 12.90 27.94
CA ALA A 577 -26.25 13.68 27.27
C ALA A 577 -25.77 14.21 25.92
N VAL A 578 -26.71 14.68 25.10
CA VAL A 578 -26.38 15.24 23.80
C VAL A 578 -26.93 16.66 23.66
N PRO A 579 -26.17 17.55 22.98
CA PRO A 579 -24.84 17.34 22.39
C PRO A 579 -23.76 17.09 23.43
N ASN A 580 -22.87 16.16 23.13
CA ASN A 580 -21.81 15.75 24.05
C ASN A 580 -20.94 16.92 24.51
N HIS A 581 -20.56 16.93 25.78
CA HIS A 581 -19.79 18.03 26.35
C HIS A 581 -18.34 18.04 25.86
N GLN A 582 -17.92 16.93 25.27
CA GLN A 582 -16.56 16.80 24.78
C GLN A 582 -16.46 16.99 23.27
N VAL A 583 -17.39 16.38 22.53
CA VAL A 583 -17.35 16.43 21.07
C VAL A 583 -18.44 17.32 20.48
N GLY A 584 -19.64 17.26 21.05
CA GLY A 584 -20.75 18.05 20.56
C GLY A 584 -21.63 17.27 19.59
N ARG A 585 -21.29 16.00 19.39
CA ARG A 585 -22.04 15.14 18.48
C ARG A 585 -23.37 14.71 19.08
N VAL A 586 -24.41 14.69 18.25
CA VAL A 586 -25.74 14.30 18.71
C VAL A 586 -26.08 12.87 18.28
N ALA A 587 -26.16 11.97 19.26
CA ALA A 587 -26.51 10.58 19.00
C ALA A 587 -27.74 10.15 19.79
N SER A 588 -28.49 9.20 19.24
CA SER A 588 -29.70 8.69 19.89
C SER A 588 -29.36 7.89 21.14
N LEU A 589 -30.32 7.78 22.06
CA LEU A 589 -30.13 7.07 23.32
C LEU A 589 -29.92 5.57 23.10
N LYS A 590 -30.47 5.05 22.01
CA LYS A 590 -30.29 3.65 21.66
C LYS A 590 -28.82 3.34 21.40
N THR A 591 -28.20 4.12 20.52
CA THR A 591 -26.80 3.92 20.16
C THR A 591 -25.85 4.26 21.29
N ARG A 592 -26.10 5.39 21.94
CA ARG A 592 -25.30 5.80 23.09
C ARG A 592 -25.44 4.77 24.21
N GLY A 593 -26.59 4.11 24.26
CA GLY A 593 -26.82 3.04 25.20
C GLY A 593 -26.05 1.80 24.81
N HIS A 594 -26.27 1.34 23.58
CA HIS A 594 -25.65 0.12 23.07
C HIS A 594 -24.13 0.12 23.16
N VAL A 595 -23.52 1.27 22.91
CA VAL A 595 -22.07 1.39 22.99
C VAL A 595 -21.60 1.25 24.43
N ALA A 596 -22.34 1.85 25.36
CA ALA A 596 -22.03 1.76 26.78
C ALA A 596 -22.33 0.37 27.34
N MET A 597 -23.24 -0.34 26.68
CA MET A 597 -23.63 -1.68 27.08
C MET A 597 -22.54 -2.72 26.83
N SER A 598 -21.51 -2.33 26.08
CA SER A 598 -20.44 -3.25 25.74
C SER A 598 -19.40 -3.35 26.86
N GLY A 599 -19.67 -2.68 27.98
CA GLY A 599 -18.83 -2.76 29.15
C GLY A 599 -19.71 -2.76 30.39
N ASN A 600 -19.12 -2.45 31.55
CA ASN A 600 -19.93 -2.31 32.76
C ASN A 600 -20.84 -1.09 32.63
N PHE A 601 -22.11 -1.35 32.36
CA PHE A 601 -23.06 -0.32 31.98
C PHE A 601 -23.30 0.70 33.10
N GLY A 602 -23.49 1.95 32.70
CA GLY A 602 -23.72 3.02 33.66
C GLY A 602 -24.21 4.30 32.99
N TYR A 603 -24.54 5.30 33.81
CA TYR A 603 -25.06 6.56 33.28
C TYR A 603 -24.29 7.77 33.83
N GLU A 604 -24.31 8.87 33.07
CA GLU A 604 -23.64 10.10 33.49
C GLU A 604 -24.22 11.30 32.74
N LEU A 605 -25.41 11.72 33.15
CA LEU A 605 -26.11 12.83 32.50
C LEU A 605 -27.22 13.37 33.38
N ASP A 606 -27.69 14.58 33.08
CA ASP A 606 -28.77 15.19 33.85
C ASP A 606 -30.08 14.49 33.53
N ILE A 607 -30.57 13.72 34.49
CA ILE A 607 -31.80 12.95 34.31
C ILE A 607 -33.05 13.83 34.34
N THR A 608 -32.93 15.00 34.97
CA THR A 608 -34.04 15.94 35.06
C THR A 608 -34.39 16.54 33.71
N LYS A 609 -33.47 16.43 32.76
CA LYS A 609 -33.67 17.01 31.42
C LYS A 609 -34.18 15.97 30.44
N LEU A 610 -34.32 14.72 30.91
CA LEU A 610 -34.83 13.64 30.07
C LEU A 610 -36.34 13.53 30.13
N THR A 611 -36.96 13.23 29.00
CA THR A 611 -38.40 13.04 28.96
C THR A 611 -38.77 11.67 29.51
N GLU A 612 -40.04 11.48 29.83
CA GLU A 612 -40.53 10.21 30.39
C GLU A 612 -40.33 9.05 29.42
N THR A 613 -40.42 9.33 28.12
CA THR A 613 -40.23 8.32 27.09
C THR A 613 -38.81 7.74 27.16
N GLU A 614 -37.84 8.63 27.31
CA GLU A 614 -36.44 8.23 27.41
C GLU A 614 -36.18 7.50 28.72
N LYS A 615 -36.94 7.87 29.75
CA LYS A 615 -36.81 7.28 31.07
C LYS A 615 -37.26 5.82 31.10
N GLN A 616 -38.32 5.49 30.36
CA GLN A 616 -38.84 4.12 30.36
C GLN A 616 -37.92 3.16 29.61
N MET A 617 -37.33 3.60 28.51
CA MET A 617 -36.37 2.77 27.78
C MET A 617 -35.11 2.63 28.61
N MET A 618 -34.81 3.65 29.42
CA MET A 618 -33.69 3.63 30.33
C MET A 618 -33.88 2.50 31.33
N LYS A 619 -35.11 2.34 31.81
CA LYS A 619 -35.46 1.25 32.70
C LYS A 619 -35.30 -0.08 31.98
N GLN A 620 -35.65 -0.07 30.69
CA GLN A 620 -35.52 -1.26 29.85
C GLN A 620 -34.05 -1.57 29.60
N GLN A 621 -33.24 -0.52 29.44
CA GLN A 621 -31.81 -0.68 29.22
C GLN A 621 -31.13 -1.32 30.42
N VAL A 622 -31.48 -0.85 31.62
CA VAL A 622 -30.94 -1.39 32.85
C VAL A 622 -31.32 -2.86 33.00
N ALA A 623 -32.60 -3.16 32.79
CA ALA A 623 -33.10 -4.53 32.87
C ALA A 623 -32.46 -5.42 31.82
N PHE A 624 -32.16 -4.83 30.66
CA PHE A 624 -31.53 -5.56 29.56
C PHE A 624 -30.11 -5.99 29.91
N TYR A 625 -29.38 -5.11 30.60
CA TYR A 625 -27.98 -5.36 30.89
C TYR A 625 -27.77 -6.50 31.90
N LYS A 626 -28.59 -6.52 32.95
CA LYS A 626 -28.44 -7.52 34.01
C LYS A 626 -28.73 -8.95 33.54
N ASP A 627 -29.48 -9.08 32.45
CA ASP A 627 -29.78 -10.38 31.88
C ASP A 627 -28.55 -11.00 31.22
N VAL A 628 -27.72 -10.14 30.65
CA VAL A 628 -26.53 -10.59 29.92
C VAL A 628 -25.27 -10.14 30.64
N ARG A 629 -25.43 -9.59 31.84
CA ARG A 629 -24.29 -9.06 32.59
C ARG A 629 -23.25 -10.13 32.92
N ARG A 630 -23.71 -11.34 33.21
CA ARG A 630 -22.80 -12.46 33.40
C ARG A 630 -22.09 -12.78 32.09
N LEU A 631 -22.83 -12.67 31.00
CA LEU A 631 -22.32 -12.97 29.67
C LEU A 631 -21.33 -11.91 29.19
N VAL A 632 -21.73 -10.65 29.33
CA VAL A 632 -20.90 -9.55 28.85
C VAL A 632 -19.59 -9.43 29.62
N GLN A 633 -19.66 -9.56 30.94
CA GLN A 633 -18.53 -9.29 31.81
C GLN A 633 -17.60 -10.49 32.02
N PHE A 634 -18.09 -11.69 31.72
CA PHE A 634 -17.31 -12.90 31.96
C PHE A 634 -17.22 -13.81 30.73
N GLY A 635 -17.86 -13.40 29.65
CA GLY A 635 -17.85 -14.19 28.42
C GLY A 635 -16.67 -13.91 27.52
N THR A 636 -16.58 -14.67 26.44
CA THR A 636 -15.51 -14.50 25.46
C THR A 636 -15.82 -13.37 24.49
N PHE A 637 -14.86 -12.46 24.31
CA PHE A 637 -15.09 -11.26 23.50
C PHE A 637 -14.49 -11.39 22.10
N TYR A 638 -15.29 -11.09 21.09
CA TYR A 638 -14.85 -11.14 19.70
C TYR A 638 -15.01 -9.79 19.01
N ARG A 639 -13.92 -9.27 18.47
CA ARG A 639 -14.00 -8.05 17.65
C ARG A 639 -14.31 -8.44 16.21
N LEU A 640 -15.25 -7.72 15.60
CA LEU A 640 -15.70 -8.06 14.25
C LEU A 640 -15.21 -7.03 13.23
N LEU A 641 -15.70 -5.81 13.36
CA LEU A 641 -15.32 -4.72 12.45
C LEU A 641 -14.65 -3.58 13.21
N SER A 642 -13.56 -3.08 12.66
CA SER A 642 -12.81 -2.00 13.29
C SER A 642 -13.25 -0.64 12.78
N PRO A 643 -13.51 0.31 13.69
CA PRO A 643 -13.86 1.68 13.33
C PRO A 643 -12.64 2.45 12.84
N PHE A 644 -11.47 1.84 12.97
CA PHE A 644 -10.23 2.44 12.52
C PHE A 644 -10.02 2.16 11.05
N GLU A 645 -10.75 1.17 10.54
CA GLU A 645 -10.55 0.71 9.17
C GLU A 645 -11.69 1.07 8.23
N GLY A 646 -12.76 1.64 8.78
CA GLY A 646 -13.91 2.00 7.96
C GLY A 646 -15.01 2.75 8.70
N ASN A 647 -16.20 2.72 8.11
CA ASN A 647 -17.34 3.46 8.65
C ASN A 647 -18.18 2.64 9.61
N GLU A 648 -17.76 1.40 9.84
CA GLU A 648 -18.52 0.49 10.70
C GLU A 648 -17.70 0.00 11.89
N ALA A 649 -18.41 -0.48 12.91
CA ALA A 649 -17.78 -1.07 14.08
C ALA A 649 -18.71 -2.13 14.66
N ALA A 650 -18.16 -3.32 14.94
CA ALA A 650 -18.98 -4.41 15.46
C ALA A 650 -18.17 -5.37 16.34
N TRP A 651 -18.84 -5.91 17.35
CA TRP A 651 -18.23 -6.90 18.22
C TRP A 651 -19.31 -7.74 18.89
N MET A 652 -18.91 -8.86 19.49
CA MET A 652 -19.88 -9.75 20.13
C MET A 652 -19.33 -10.41 21.39
N PHE A 653 -20.25 -10.92 22.21
CA PHE A 653 -19.89 -11.65 23.42
C PHE A 653 -20.40 -13.08 23.32
N VAL A 654 -19.52 -14.04 23.61
CA VAL A 654 -19.89 -15.45 23.53
C VAL A 654 -19.69 -16.15 24.89
N SER A 655 -20.67 -16.96 25.28
CA SER A 655 -20.59 -17.69 26.55
C SER A 655 -19.49 -18.74 26.53
N ALA A 656 -19.09 -19.17 27.72
CA ALA A 656 -18.03 -20.17 27.86
C ALA A 656 -18.45 -21.53 27.33
N ASP A 657 -19.72 -21.87 27.51
CA ASP A 657 -20.25 -23.15 27.07
C ASP A 657 -20.78 -23.11 25.64
N ARG A 658 -20.58 -21.98 24.97
CA ARG A 658 -20.99 -21.81 23.57
C ARG A 658 -22.49 -21.98 23.36
N SER A 659 -23.28 -21.72 24.39
CA SER A 659 -24.73 -21.85 24.30
C SER A 659 -25.42 -20.48 24.18
N GLU A 660 -24.74 -19.44 24.63
CA GLU A 660 -25.31 -18.10 24.60
C GLU A 660 -24.37 -17.09 23.94
N ALA A 661 -24.94 -16.11 23.25
CA ALA A 661 -24.15 -15.10 22.55
C ALA A 661 -24.90 -13.77 22.38
N LEU A 662 -24.15 -12.67 22.38
CA LEU A 662 -24.72 -11.35 22.21
C LEU A 662 -23.91 -10.54 21.20
N VAL A 663 -24.57 -9.97 20.21
CA VAL A 663 -23.88 -9.30 19.10
C VAL A 663 -24.23 -7.81 19.01
N ALA A 664 -23.22 -6.97 18.83
CA ALA A 664 -23.42 -5.53 18.68
C ALA A 664 -22.84 -5.01 17.37
N TYR A 665 -23.61 -4.16 16.69
CA TYR A 665 -23.17 -3.54 15.43
C TYR A 665 -23.35 -2.03 15.47
N PHE A 666 -22.43 -1.30 14.83
CA PHE A 666 -22.49 0.16 14.79
C PHE A 666 -22.10 0.71 13.42
N ARG A 667 -22.87 1.69 12.95
CA ARG A 667 -22.56 2.38 11.69
C ARG A 667 -22.57 3.90 11.89
N VAL A 668 -21.49 4.56 11.48
CA VAL A 668 -21.33 5.99 11.78
C VAL A 668 -22.00 6.93 10.78
N LEU A 669 -21.51 6.94 9.54
CA LEU A 669 -22.01 7.87 8.54
C LEU A 669 -23.02 7.24 7.58
N ALA A 670 -24.17 7.91 7.41
CA ALA A 670 -25.21 7.42 6.50
C ALA A 670 -25.01 7.93 5.08
N GLU A 671 -25.18 7.03 4.12
CA GLU A 671 -25.11 7.40 2.71
C GLU A 671 -26.41 7.03 1.99
N ALA A 672 -26.88 7.93 1.13
CA ALA A 672 -28.11 7.69 0.39
C ALA A 672 -27.94 6.58 -0.64
N ASN A 673 -28.96 5.75 -0.77
CA ASN A 673 -28.94 4.61 -1.69
C ASN A 673 -27.78 3.67 -1.40
N ALA A 674 -27.54 3.40 -0.12
CA ALA A 674 -26.41 2.60 0.31
C ALA A 674 -26.57 1.13 -0.06
N PRO A 675 -25.45 0.44 -0.34
CA PRO A 675 -25.47 -0.99 -0.65
C PRO A 675 -25.84 -1.84 0.56
N LEU A 676 -26.36 -3.03 0.32
CA LEU A 676 -26.74 -3.94 1.40
C LEU A 676 -25.52 -4.53 2.10
N SER A 677 -25.50 -4.44 3.43
CA SER A 677 -24.39 -4.96 4.21
C SER A 677 -24.79 -6.24 4.93
N TYR A 678 -23.84 -7.14 5.12
CA TYR A 678 -24.06 -8.34 5.91
C TYR A 678 -22.92 -8.58 6.90
N LEU A 679 -23.23 -9.25 8.00
CA LEU A 679 -22.27 -9.43 9.09
C LEU A 679 -21.95 -10.89 9.38
N ARG A 680 -20.67 -11.23 9.30
CA ARG A 680 -20.21 -12.60 9.54
C ARG A 680 -19.83 -12.77 11.01
N LEU A 681 -20.43 -13.78 11.64
CA LEU A 681 -20.25 -14.02 13.07
C LEU A 681 -19.08 -14.96 13.34
N LYS A 682 -18.62 -15.00 14.59
CA LYS A 682 -17.51 -15.87 14.97
C LYS A 682 -17.68 -16.44 16.37
N GLY A 683 -17.08 -17.59 16.63
CA GLY A 683 -17.01 -18.14 17.97
C GLY A 683 -18.19 -18.99 18.40
N LEU A 684 -19.07 -19.31 17.44
CA LEU A 684 -20.24 -20.13 17.73
C LEU A 684 -20.01 -21.59 17.38
N ASP A 685 -20.83 -22.47 17.94
CA ASP A 685 -20.77 -23.89 17.62
C ASP A 685 -21.49 -24.16 16.30
N SER A 686 -20.72 -24.53 15.29
CA SER A 686 -21.27 -24.75 13.95
C SER A 686 -22.23 -25.94 13.91
N ASN A 687 -22.03 -26.90 14.80
CA ASN A 687 -22.85 -28.10 14.85
C ASN A 687 -24.16 -27.93 15.63
N GLN A 688 -24.42 -26.70 16.06
CA GLN A 688 -25.64 -26.41 16.82
C GLN A 688 -26.42 -25.25 16.20
N ASP A 689 -27.72 -25.20 16.49
CA ASP A 689 -28.57 -24.12 16.00
C ASP A 689 -28.79 -23.07 17.08
N TYR A 690 -28.96 -21.82 16.66
CA TYR A 690 -29.13 -20.70 17.59
C TYR A 690 -30.42 -19.94 17.31
N GLU A 691 -31.06 -19.50 18.39
CA GLU A 691 -32.28 -18.70 18.27
C GLU A 691 -31.98 -17.23 18.50
N ILE A 692 -31.97 -16.45 17.42
CA ILE A 692 -31.82 -15.01 17.54
C ILE A 692 -33.20 -14.39 17.77
N GLU A 693 -33.35 -13.71 18.89
CA GLU A 693 -34.63 -13.11 19.27
C GLU A 693 -35.13 -12.10 18.25
N GLY A 694 -36.32 -12.35 17.72
CA GLY A 694 -36.94 -11.42 16.78
C GLY A 694 -36.68 -11.75 15.33
N LEU A 695 -35.78 -12.70 15.09
CA LEU A 695 -35.41 -13.05 13.72
C LEU A 695 -35.82 -14.47 13.33
N GLY A 696 -35.29 -15.46 14.04
CA GLY A 696 -35.62 -16.85 13.75
C GLY A 696 -34.56 -17.84 14.20
N VAL A 697 -34.77 -19.10 13.85
CA VAL A 697 -33.82 -20.15 14.19
C VAL A 697 -32.85 -20.42 13.05
N TYR A 698 -31.67 -19.83 13.12
CA TYR A 698 -30.67 -20.00 12.08
C TYR A 698 -29.54 -20.92 12.54
N GLY A 699 -28.96 -21.65 11.60
CA GLY A 699 -27.88 -22.57 11.90
C GLY A 699 -26.65 -21.84 12.39
N GLY A 700 -25.96 -22.42 13.38
CA GLY A 700 -24.77 -21.81 13.93
C GLY A 700 -23.68 -21.67 12.89
N ASP A 701 -23.56 -22.68 12.03
CA ASP A 701 -22.60 -22.66 10.95
C ASP A 701 -22.96 -21.56 9.95
N GLU A 702 -24.25 -21.34 9.75
CA GLU A 702 -24.71 -20.33 8.82
C GLU A 702 -24.32 -18.94 9.28
N LEU A 703 -24.37 -18.72 10.59
CA LEU A 703 -24.05 -17.41 11.14
C LEU A 703 -22.59 -17.02 10.96
N MET A 704 -21.70 -18.01 11.01
CA MET A 704 -20.26 -17.74 10.87
C MET A 704 -19.77 -17.77 9.44
N TYR A 705 -20.31 -18.68 8.64
CA TYR A 705 -19.79 -18.94 7.30
C TYR A 705 -20.52 -18.12 6.23
N ALA A 706 -21.80 -17.85 6.47
CA ALA A 706 -22.60 -17.07 5.52
C ALA A 706 -22.80 -15.65 6.04
N GLY A 707 -23.12 -15.53 7.32
CA GLY A 707 -23.29 -14.24 7.95
C GLY A 707 -24.74 -13.78 7.99
N VAL A 708 -25.01 -12.72 8.74
CA VAL A 708 -26.36 -12.19 8.89
C VAL A 708 -26.49 -10.82 8.21
N ALA A 709 -27.55 -10.66 7.42
CA ALA A 709 -27.81 -9.40 6.72
C ALA A 709 -28.32 -8.33 7.67
N LEU A 710 -27.87 -7.10 7.45
CA LEU A 710 -28.34 -5.96 8.21
C LEU A 710 -29.48 -5.28 7.46
N PRO A 711 -30.54 -4.89 8.19
CA PRO A 711 -31.64 -4.15 7.58
C PRO A 711 -31.19 -2.77 7.14
N TYR A 712 -31.65 -2.32 5.98
CA TYR A 712 -31.29 -1.00 5.47
C TYR A 712 -31.93 0.07 6.35
N ARG A 713 -31.10 0.96 6.87
CA ARG A 713 -31.60 2.05 7.71
C ARG A 713 -30.95 3.39 7.33
N SER A 714 -31.62 4.48 7.69
CA SER A 714 -31.12 5.81 7.40
C SER A 714 -30.56 6.48 8.65
N SER A 715 -30.30 7.78 8.55
CA SER A 715 -29.78 8.61 9.64
C SER A 715 -28.37 8.22 10.10
N ASP A 716 -27.68 9.16 10.73
CA ASP A 716 -26.32 8.93 11.20
C ASP A 716 -26.29 8.30 12.58
N PHE A 717 -25.19 7.61 12.88
CA PHE A 717 -24.94 7.04 14.19
C PHE A 717 -26.06 6.09 14.62
N ILE A 718 -26.13 4.94 13.97
CA ILE A 718 -27.12 3.91 14.29
C ILE A 718 -26.49 2.73 15.03
N SER A 719 -27.34 1.92 15.66
CA SER A 719 -26.87 0.76 16.41
C SER A 719 -27.89 -0.37 16.39
N MET A 720 -27.42 -1.58 16.65
CA MET A 720 -28.29 -2.77 16.68
C MET A 720 -27.79 -3.77 17.73
N MET A 721 -28.73 -4.51 18.30
CA MET A 721 -28.41 -5.50 19.32
C MET A 721 -29.04 -6.85 18.97
N TRP A 722 -28.26 -7.91 19.09
CA TRP A 722 -28.75 -9.25 18.78
C TRP A 722 -28.47 -10.22 19.94
N ARG A 723 -29.51 -10.94 20.36
CA ARG A 723 -29.34 -11.97 21.38
C ARG A 723 -29.41 -13.37 20.76
N LEU A 724 -28.37 -14.18 21.00
CA LEU A 724 -28.34 -15.54 20.48
C LEU A 724 -28.28 -16.57 21.59
N LYS A 725 -29.18 -17.55 21.56
CA LYS A 725 -29.19 -18.60 22.57
C LYS A 725 -29.50 -19.96 21.92
N ALA A 726 -28.80 -20.99 22.34
CA ALA A 726 -28.98 -22.33 21.77
C ALA A 726 -30.34 -22.92 22.12
N VAL A 727 -30.69 -24.00 21.43
CA VAL A 727 -31.97 -24.67 21.68
C VAL A 727 -31.77 -26.15 21.98
N LYS B 10 -38.98 -22.91 -3.32
CA LYS B 10 -38.14 -24.06 -3.59
C LYS B 10 -36.67 -23.70 -3.40
N GLN B 11 -35.92 -24.58 -2.75
CA GLN B 11 -34.52 -24.31 -2.43
C GLN B 11 -33.59 -25.39 -2.96
N PHE B 12 -32.61 -24.98 -3.76
CA PHE B 12 -31.61 -25.90 -4.30
C PHE B 12 -30.33 -25.81 -3.49
N HIS B 13 -29.98 -26.89 -2.80
CA HIS B 13 -28.80 -26.93 -1.96
C HIS B 13 -27.82 -28.03 -2.41
N LEU B 14 -26.67 -27.61 -2.93
CA LEU B 14 -25.66 -28.55 -3.41
C LEU B 14 -24.55 -28.71 -2.37
N ARG B 15 -24.21 -29.96 -2.08
CA ARG B 15 -23.11 -30.24 -1.16
C ARG B 15 -21.86 -30.73 -1.91
N ALA B 16 -20.84 -29.90 -1.95
CA ALA B 16 -19.58 -30.26 -2.61
C ALA B 16 -18.44 -30.36 -1.61
N GLY B 17 -18.15 -31.58 -1.16
CA GLY B 17 -17.09 -31.81 -0.20
C GLY B 17 -17.36 -31.12 1.13
N LYS B 18 -16.54 -30.13 1.44
CA LYS B 18 -16.70 -29.35 2.66
C LYS B 18 -17.28 -27.98 2.35
N ALA B 19 -17.90 -27.87 1.19
CA ALA B 19 -18.49 -26.60 0.74
C ALA B 19 -19.95 -26.77 0.33
N SER B 20 -20.68 -25.67 0.30
CA SER B 20 -22.08 -25.69 -0.10
C SER B 20 -22.39 -24.64 -1.17
N TYR B 21 -23.19 -25.03 -2.15
CA TYR B 21 -23.63 -24.10 -3.18
C TYR B 21 -25.15 -24.07 -3.20
N VAL B 22 -25.71 -22.95 -2.77
CA VAL B 22 -27.15 -22.85 -2.54
C VAL B 22 -27.83 -21.95 -3.57
N MET B 23 -28.97 -22.39 -4.06
CA MET B 23 -29.72 -21.63 -5.05
C MET B 23 -31.18 -21.61 -4.65
N GLN B 24 -31.98 -20.71 -5.23
CA GLN B 24 -33.39 -20.61 -4.87
C GLN B 24 -34.25 -20.00 -5.98
N LEU B 25 -35.46 -20.52 -6.11
CA LEU B 25 -36.44 -19.98 -7.07
C LEU B 25 -37.16 -18.80 -6.44
N PHE B 26 -37.30 -17.72 -7.21
CA PHE B 26 -37.92 -16.50 -6.70
C PHE B 26 -39.06 -16.03 -7.60
N ARG B 27 -40.21 -15.74 -7.00
CA ARG B 27 -41.37 -15.23 -7.71
C ARG B 27 -41.86 -16.14 -8.83
N SER B 28 -42.01 -15.58 -10.02
CA SER B 28 -42.57 -16.32 -11.16
C SER B 28 -41.49 -17.01 -11.98
N GLY B 29 -40.73 -17.89 -11.35
CA GLY B 29 -39.75 -18.70 -12.06
C GLY B 29 -38.42 -18.00 -12.29
N TYR B 30 -38.09 -17.06 -11.40
CA TYR B 30 -36.79 -16.40 -11.48
C TYR B 30 -35.77 -17.16 -10.67
N LEU B 31 -34.60 -17.40 -11.26
CA LEU B 31 -33.54 -18.15 -10.60
C LEU B 31 -32.57 -17.22 -9.88
N ALA B 32 -32.48 -17.37 -8.56
CA ALA B 32 -31.66 -16.48 -7.75
C ALA B 32 -30.52 -17.20 -7.03
N HIS B 33 -29.38 -16.53 -6.91
CA HIS B 33 -28.25 -17.06 -6.15
C HIS B 33 -28.42 -16.73 -4.67
N VAL B 34 -27.95 -17.62 -3.80
CA VAL B 34 -28.11 -17.40 -2.37
C VAL B 34 -26.80 -17.44 -1.60
N TYR B 35 -26.00 -18.47 -1.82
CA TYR B 35 -24.77 -18.65 -1.04
C TYR B 35 -23.77 -19.61 -1.70
N TRP B 36 -22.49 -19.28 -1.57
CA TRP B 36 -21.42 -20.20 -1.95
C TRP B 36 -20.25 -20.00 -1.00
N GLY B 37 -19.89 -21.06 -0.28
CA GLY B 37 -18.82 -20.98 0.68
C GLY B 37 -18.69 -22.25 1.51
N LYS B 38 -18.35 -22.08 2.78
CA LYS B 38 -18.20 -23.20 3.71
C LYS B 38 -19.50 -23.99 3.83
N ALA B 39 -19.38 -25.29 4.09
CA ALA B 39 -20.54 -26.17 4.16
C ALA B 39 -21.52 -25.77 5.25
N VAL B 40 -22.79 -25.72 4.90
CA VAL B 40 -23.85 -25.44 5.85
C VAL B 40 -24.89 -26.55 5.84
N ARG B 41 -25.48 -26.82 7.00
CA ARG B 41 -26.52 -27.84 7.08
C ARG B 41 -27.81 -27.38 6.43
N ASP B 42 -28.17 -26.11 6.68
CA ASP B 42 -29.38 -25.55 6.10
C ASP B 42 -29.33 -24.02 6.10
N VAL B 43 -29.72 -23.43 4.98
CA VAL B 43 -29.81 -21.98 4.85
C VAL B 43 -31.17 -21.44 5.26
N ARG B 44 -31.30 -21.06 6.53
CA ARG B 44 -32.55 -20.53 7.05
C ARG B 44 -32.75 -19.07 6.66
N GLY B 45 -31.86 -18.57 5.81
CA GLY B 45 -31.94 -17.20 5.34
C GLY B 45 -31.35 -16.19 6.32
N ALA B 46 -30.13 -16.45 6.78
CA ALA B 46 -29.45 -15.53 7.69
C ALA B 46 -28.83 -14.41 6.86
N ARG B 47 -28.26 -14.78 5.71
CA ARG B 47 -27.76 -13.81 4.75
C ARG B 47 -28.94 -13.02 4.19
N ALA B 48 -30.14 -13.55 4.40
CA ALA B 48 -31.40 -12.88 4.09
C ALA B 48 -31.51 -12.37 2.65
N PHE B 49 -32.37 -11.39 2.45
CA PHE B 49 -32.68 -10.88 1.12
C PHE B 49 -33.63 -9.68 1.24
N PRO B 50 -33.12 -8.55 1.76
CA PRO B 50 -33.96 -7.36 1.90
C PRO B 50 -34.23 -6.69 0.55
N ARG B 51 -35.49 -6.62 0.15
CA ARG B 51 -35.87 -5.98 -1.11
C ARG B 51 -36.04 -4.47 -0.95
N LEU B 52 -35.57 -3.72 -1.93
CA LEU B 52 -35.62 -2.26 -1.89
C LEU B 52 -35.93 -1.66 -3.26
N ASP B 53 -36.63 -0.53 -3.25
CA ASP B 53 -36.93 0.18 -4.48
C ASP B 53 -35.76 1.07 -4.87
N ARG B 54 -34.85 0.54 -5.68
CA ARG B 54 -33.66 1.26 -6.10
C ARG B 54 -33.95 2.20 -7.27
N ALA B 55 -33.46 3.43 -7.18
CA ALA B 55 -33.67 4.44 -8.21
C ALA B 55 -33.05 4.00 -9.54
N PHE B 56 -33.76 4.30 -10.63
CA PHE B 56 -33.31 3.97 -11.98
C PHE B 56 -33.15 2.46 -12.23
N SER B 57 -33.64 1.66 -11.29
CA SER B 57 -33.71 0.22 -11.47
C SER B 57 -35.14 -0.16 -11.82
N PRO B 58 -35.43 -0.32 -13.11
CA PRO B 58 -36.81 -0.50 -13.58
C PRO B 58 -37.39 -1.84 -13.14
N ASN B 59 -38.71 -1.95 -13.18
CA ASN B 59 -39.40 -3.14 -12.68
C ASN B 59 -40.21 -3.84 -13.76
N PRO B 60 -40.08 -5.17 -13.85
CA PRO B 60 -40.90 -5.97 -14.77
C PRO B 60 -42.34 -6.04 -14.28
N ASP B 61 -42.54 -5.84 -12.99
CA ASP B 61 -43.87 -5.79 -12.41
C ASP B 61 -44.13 -4.40 -11.83
N PRO B 62 -45.00 -3.62 -12.49
CA PRO B 62 -45.30 -2.24 -12.10
C PRO B 62 -45.93 -2.13 -10.71
N SER B 63 -46.52 -3.24 -10.23
CA SER B 63 -47.18 -3.22 -8.94
C SER B 63 -46.19 -3.33 -7.78
N ASP B 64 -44.97 -3.76 -8.09
CA ASP B 64 -43.93 -3.91 -7.07
C ASP B 64 -42.65 -3.19 -7.50
N ARG B 65 -42.41 -2.05 -6.87
CA ARG B 65 -41.24 -1.23 -7.20
C ARG B 65 -39.96 -1.77 -6.56
N THR B 66 -40.11 -2.71 -5.64
CA THR B 66 -38.96 -3.25 -4.92
C THR B 66 -38.29 -4.40 -5.66
N PHE B 67 -38.89 -4.84 -6.77
CA PHE B 67 -38.34 -5.94 -7.54
C PHE B 67 -37.75 -5.47 -8.87
N SER B 68 -36.46 -5.70 -9.06
CA SER B 68 -35.77 -5.32 -10.29
C SER B 68 -34.63 -6.29 -10.56
N LEU B 69 -34.43 -6.64 -11.82
CA LEU B 69 -33.38 -7.56 -12.21
C LEU B 69 -31.99 -6.92 -12.13
N ASP B 70 -31.96 -5.60 -12.00
CA ASP B 70 -30.71 -4.87 -11.85
C ASP B 70 -30.19 -5.06 -10.42
N THR B 71 -31.07 -5.51 -9.52
CA THR B 71 -30.75 -5.63 -8.12
C THR B 71 -30.88 -7.07 -7.59
N LEU B 72 -31.01 -8.02 -8.50
CA LEU B 72 -31.19 -9.42 -8.10
C LEU B 72 -30.00 -10.31 -8.47
N LEU B 73 -29.55 -11.08 -7.49
CA LEU B 73 -28.44 -12.00 -7.69
C LEU B 73 -28.92 -13.18 -8.52
N GLN B 74 -28.40 -13.31 -9.74
CA GLN B 74 -28.90 -14.33 -10.65
C GLN B 74 -27.87 -15.42 -10.93
N GLU B 75 -28.32 -16.51 -11.54
CA GLU B 75 -27.44 -17.63 -11.87
C GLU B 75 -27.14 -17.65 -13.37
N TYR B 76 -28.09 -17.15 -14.15
CA TYR B 76 -27.91 -17.03 -15.59
C TYR B 76 -28.72 -15.84 -16.09
N PRO B 77 -28.21 -14.62 -15.84
CA PRO B 77 -28.91 -13.37 -16.12
C PRO B 77 -28.91 -12.99 -17.59
N ALA B 78 -29.88 -12.17 -17.98
CA ALA B 78 -29.96 -11.68 -19.35
C ALA B 78 -30.06 -10.16 -19.38
N TYR B 79 -29.72 -9.56 -20.51
CA TYR B 79 -29.83 -8.12 -20.68
C TYR B 79 -31.05 -7.78 -21.52
N GLY B 80 -31.62 -6.61 -21.28
CA GLY B 80 -32.76 -6.14 -22.05
C GLY B 80 -33.98 -5.91 -21.18
N ASN B 81 -34.13 -6.74 -20.15
CA ASN B 81 -35.26 -6.62 -19.25
C ASN B 81 -34.86 -6.19 -17.84
N THR B 82 -34.61 -4.88 -17.69
CA THR B 82 -34.35 -4.24 -16.39
C THR B 82 -32.98 -4.56 -15.78
N ASP B 83 -32.30 -5.58 -16.29
CA ASP B 83 -30.95 -5.90 -15.83
C ASP B 83 -29.93 -5.22 -16.73
N PHE B 84 -29.04 -4.43 -16.13
CA PHE B 84 -28.06 -3.67 -16.90
C PHE B 84 -26.63 -4.15 -16.74
N ARG B 85 -26.41 -5.12 -15.84
CA ARG B 85 -25.09 -5.71 -15.69
C ARG B 85 -24.81 -6.65 -16.87
N ALA B 86 -23.55 -7.03 -17.04
CA ALA B 86 -23.17 -7.93 -18.12
C ALA B 86 -23.86 -9.28 -18.00
N PRO B 87 -24.66 -9.65 -19.02
CA PRO B 87 -25.44 -10.89 -19.01
C PRO B 87 -24.59 -12.12 -19.32
N ALA B 88 -25.10 -13.28 -18.94
CA ALA B 88 -24.42 -14.54 -19.22
C ALA B 88 -24.66 -14.98 -20.65
N TYR B 89 -25.78 -14.55 -21.22
CA TYR B 89 -26.12 -14.88 -22.59
C TYR B 89 -26.90 -13.76 -23.27
N GLN B 90 -26.92 -13.77 -24.59
CA GLN B 90 -27.67 -12.78 -25.37
C GLN B 90 -27.96 -13.34 -26.76
N VAL B 91 -29.24 -13.46 -27.11
CA VAL B 91 -29.63 -14.04 -28.39
C VAL B 91 -30.38 -13.05 -29.28
N GLN B 92 -30.09 -13.10 -30.57
CA GLN B 92 -30.76 -12.26 -31.56
C GLN B 92 -31.88 -13.01 -32.28
N LEU B 93 -33.09 -12.46 -32.22
CA LEU B 93 -34.23 -13.06 -32.92
C LEU B 93 -34.26 -12.50 -34.35
N GLU B 94 -35.10 -13.07 -35.21
CA GLU B 94 -35.21 -12.60 -36.59
C GLU B 94 -35.76 -11.18 -36.68
N ASN B 95 -36.58 -10.79 -35.71
CA ASN B 95 -37.11 -9.43 -35.69
C ASN B 95 -36.05 -8.44 -35.23
N GLY B 96 -34.93 -8.96 -34.77
CA GLY B 96 -33.80 -8.14 -34.39
C GLY B 96 -33.63 -7.92 -32.90
N SER B 97 -34.70 -8.14 -32.15
CA SER B 97 -34.68 -7.91 -30.70
C SER B 97 -33.71 -8.85 -29.99
N THR B 98 -33.16 -8.37 -28.87
CA THR B 98 -32.25 -9.17 -28.06
C THR B 98 -32.84 -9.42 -26.68
N VAL B 99 -34.13 -9.14 -26.54
CA VAL B 99 -34.81 -9.31 -25.25
C VAL B 99 -35.20 -10.76 -25.02
N THR B 100 -34.65 -11.35 -23.95
CA THR B 100 -34.98 -12.72 -23.60
C THR B 100 -35.54 -12.80 -22.18
N ASP B 101 -36.36 -13.82 -21.93
CA ASP B 101 -37.00 -13.97 -20.63
C ASP B 101 -37.03 -15.43 -20.19
N LEU B 102 -35.95 -15.88 -19.56
CA LEU B 102 -35.85 -17.27 -19.12
C LEU B 102 -36.60 -17.45 -17.79
N ARG B 103 -37.45 -18.46 -17.74
CA ARG B 103 -38.21 -18.75 -16.53
C ARG B 103 -38.02 -20.21 -16.16
N TYR B 104 -38.32 -20.55 -14.91
CA TYR B 104 -38.20 -21.93 -14.45
C TYR B 104 -39.25 -22.82 -15.10
N LYS B 105 -38.79 -23.93 -15.66
CA LYS B 105 -39.68 -24.93 -16.25
C LYS B 105 -39.73 -26.15 -15.34
N THR B 106 -38.59 -26.80 -15.17
CA THR B 106 -38.47 -27.97 -14.31
C THR B 106 -37.00 -28.22 -13.97
N HIS B 107 -36.75 -29.27 -13.19
CA HIS B 107 -35.38 -29.63 -12.82
C HIS B 107 -35.26 -31.11 -12.50
N ARG B 108 -34.04 -31.63 -12.56
CA ARG B 108 -33.78 -33.04 -12.28
C ARG B 108 -32.47 -33.25 -11.53
N ILE B 109 -32.46 -34.25 -10.66
CA ILE B 109 -31.28 -34.59 -9.86
C ILE B 109 -30.93 -36.06 -10.02
N TYR B 110 -29.66 -36.34 -10.35
CA TYR B 110 -29.21 -37.71 -10.50
C TYR B 110 -27.73 -37.89 -10.15
N LYS B 111 -27.36 -39.11 -9.77
CA LYS B 111 -25.98 -39.42 -9.41
C LYS B 111 -25.08 -39.52 -10.65
N GLY B 112 -23.80 -39.22 -10.46
CA GLY B 112 -22.82 -39.33 -11.53
C GLY B 112 -22.52 -38.03 -12.23
N LYS B 113 -21.80 -38.13 -13.34
CA LYS B 113 -21.44 -36.96 -14.14
C LYS B 113 -21.53 -37.30 -15.62
N PRO B 114 -22.33 -36.54 -16.38
CA PRO B 114 -22.49 -36.81 -17.81
C PRO B 114 -21.43 -36.12 -18.64
N ARG B 115 -21.15 -36.65 -19.82
CA ARG B 115 -20.21 -36.01 -20.73
C ARG B 115 -20.94 -34.96 -21.55
N LEU B 116 -20.23 -33.90 -21.93
CA LEU B 116 -20.83 -32.85 -22.73
C LEU B 116 -20.52 -33.14 -24.20
N ASN B 117 -21.51 -32.92 -25.06
CA ASN B 117 -21.40 -33.24 -26.48
C ASN B 117 -20.18 -32.64 -27.17
N GLY B 118 -19.24 -33.51 -27.55
CA GLY B 118 -18.05 -33.09 -28.27
C GLY B 118 -17.15 -32.16 -27.46
N LEU B 119 -17.31 -32.20 -26.14
CA LEU B 119 -16.55 -31.32 -25.26
C LEU B 119 -15.89 -32.09 -24.12
N PRO B 120 -14.69 -31.65 -23.72
CA PRO B 120 -13.98 -32.24 -22.57
C PRO B 120 -14.57 -31.78 -21.25
N ALA B 121 -14.51 -32.64 -20.23
CA ALA B 121 -15.05 -32.31 -18.92
C ALA B 121 -14.52 -33.24 -17.84
N THR B 122 -14.63 -32.79 -16.59
CA THR B 122 -14.29 -33.62 -15.45
C THR B 122 -15.25 -34.81 -15.41
N TYR B 123 -14.73 -36.00 -15.15
CA TYR B 123 -15.55 -37.21 -15.21
C TYR B 123 -15.62 -37.93 -13.87
N VAL B 124 -16.34 -39.05 -13.87
CA VAL B 124 -16.48 -39.89 -12.70
C VAL B 124 -16.38 -41.35 -13.10
N GLU B 125 -15.81 -42.18 -12.23
CA GLU B 125 -15.67 -43.61 -12.51
C GLU B 125 -16.78 -44.40 -11.83
N HIS B 126 -17.33 -43.82 -10.76
CA HIS B 126 -18.43 -44.43 -10.03
C HIS B 126 -19.50 -43.40 -9.69
N GLU B 127 -20.75 -43.85 -9.61
CA GLU B 127 -21.89 -42.95 -9.37
C GLU B 127 -21.73 -42.13 -8.09
N GLN B 128 -21.04 -42.69 -7.10
CA GLN B 128 -20.89 -42.04 -5.80
C GLN B 128 -19.96 -40.83 -5.86
N GLU B 129 -19.18 -40.74 -6.93
CA GLU B 129 -18.14 -39.72 -7.03
C GLU B 129 -18.70 -38.30 -7.11
N ALA B 130 -19.87 -38.15 -7.72
CA ALA B 130 -20.46 -36.82 -7.90
C ALA B 130 -21.97 -36.88 -8.05
N GLU B 131 -22.60 -35.72 -7.88
CA GLU B 131 -24.05 -35.59 -8.06
C GLU B 131 -24.34 -34.44 -9.00
N THR B 132 -25.33 -34.62 -9.88
CA THR B 132 -25.64 -33.60 -10.88
C THR B 132 -27.05 -33.03 -10.76
N LEU B 133 -27.15 -31.71 -10.84
CA LEU B 133 -28.42 -31.02 -10.86
C LEU B 133 -28.61 -30.30 -12.19
N GLU B 134 -29.65 -30.67 -12.92
CA GLU B 134 -29.97 -30.01 -14.18
C GLU B 134 -31.26 -29.20 -14.08
N ILE B 135 -31.12 -27.88 -14.09
CA ILE B 135 -32.28 -27.01 -14.05
C ILE B 135 -32.61 -26.50 -15.44
N VAL B 136 -33.73 -26.95 -15.99
CA VAL B 136 -34.14 -26.56 -17.33
C VAL B 136 -34.97 -25.27 -17.31
N LEU B 137 -34.44 -24.23 -17.93
CA LEU B 137 -35.16 -22.97 -18.04
C LEU B 137 -35.70 -22.85 -19.46
N GLY B 138 -36.72 -22.01 -19.63
CA GLY B 138 -37.37 -21.88 -20.92
C GLY B 138 -38.02 -20.54 -21.14
N ASP B 139 -37.86 -20.01 -22.35
CA ASP B 139 -38.57 -18.81 -22.77
C ASP B 139 -39.75 -19.30 -23.60
N ALA B 140 -40.93 -19.31 -22.98
CA ALA B 140 -42.12 -19.88 -23.61
C ALA B 140 -42.51 -19.19 -24.90
N LEU B 141 -42.37 -17.87 -24.95
CA LEU B 141 -42.76 -17.09 -26.11
C LEU B 141 -41.95 -17.44 -27.35
N ILE B 142 -40.64 -17.59 -27.17
CA ILE B 142 -39.74 -17.80 -28.28
C ILE B 142 -39.29 -19.27 -28.37
N GLY B 143 -39.74 -20.07 -27.43
CA GLY B 143 -39.47 -21.50 -27.43
C GLY B 143 -38.01 -21.86 -27.25
N LEU B 144 -37.28 -21.04 -26.50
CA LEU B 144 -35.87 -21.30 -26.24
C LEU B 144 -35.69 -22.10 -24.96
N GLU B 145 -34.91 -23.18 -25.03
CA GLU B 145 -34.66 -24.02 -23.86
C GLU B 145 -33.21 -23.90 -23.41
N VAL B 146 -33.01 -23.55 -22.15
CA VAL B 146 -31.67 -23.44 -21.58
C VAL B 146 -31.53 -24.34 -20.36
N THR B 147 -30.67 -25.36 -20.49
CA THR B 147 -30.45 -26.30 -19.39
C THR B 147 -29.19 -25.98 -18.61
N LEU B 148 -29.35 -25.63 -17.34
CA LEU B 148 -28.20 -25.29 -16.49
C LEU B 148 -27.68 -26.53 -15.77
N GLN B 149 -26.40 -26.84 -15.98
CA GLN B 149 -25.80 -28.01 -15.36
C GLN B 149 -24.96 -27.67 -14.13
N TYR B 150 -25.25 -28.33 -13.02
CA TYR B 150 -24.50 -28.16 -11.78
C TYR B 150 -24.05 -29.52 -11.28
N THR B 151 -22.78 -29.65 -10.92
CA THR B 151 -22.25 -30.91 -10.41
C THR B 151 -21.46 -30.70 -9.13
N ALA B 152 -21.74 -31.53 -8.13
CA ALA B 152 -21.05 -31.43 -6.84
C ALA B 152 -20.33 -32.73 -6.50
N TYR B 153 -18.99 -32.69 -6.53
CA TYR B 153 -18.19 -33.83 -6.10
C TYR B 153 -18.30 -34.00 -4.59
N GLU B 154 -18.14 -35.24 -4.13
CA GLU B 154 -18.31 -35.54 -2.71
C GLU B 154 -17.03 -35.36 -1.90
N LYS B 155 -15.88 -35.61 -2.51
CA LYS B 155 -14.61 -35.53 -1.80
C LYS B 155 -13.92 -34.17 -1.92
N TRP B 156 -14.28 -33.42 -2.96
CA TRP B 156 -13.68 -32.11 -3.21
C TRP B 156 -14.72 -30.99 -3.19
N ASN B 157 -14.23 -29.76 -3.00
CA ASN B 157 -15.09 -28.58 -3.07
C ASN B 157 -15.25 -28.14 -4.51
N VAL B 158 -15.84 -29.01 -5.33
CA VAL B 158 -15.91 -28.74 -6.76
C VAL B 158 -17.34 -28.60 -7.28
N ILE B 159 -17.62 -27.47 -7.91
CA ILE B 159 -18.87 -27.25 -8.60
C ILE B 159 -18.57 -26.91 -10.06
N THR B 160 -18.98 -27.80 -10.97
CA THR B 160 -18.77 -27.57 -12.39
C THR B 160 -20.04 -27.01 -13.00
N ARG B 161 -19.91 -25.97 -13.82
CA ARG B 161 -21.08 -25.31 -14.38
C ARG B 161 -20.98 -25.14 -15.89
N SER B 162 -22.09 -25.44 -16.57
CA SER B 162 -22.20 -25.25 -18.01
C SER B 162 -23.68 -25.15 -18.38
N ALA B 163 -23.95 -24.68 -19.60
CA ALA B 163 -25.33 -24.52 -20.03
C ALA B 163 -25.57 -25.14 -21.40
N ARG B 164 -26.77 -25.68 -21.60
CA ARG B 164 -27.13 -26.27 -22.88
C ARG B 164 -28.31 -25.54 -23.52
N PHE B 165 -28.05 -24.90 -24.66
CA PHE B 165 -29.09 -24.18 -25.37
C PHE B 165 -29.80 -25.12 -26.35
N GLU B 166 -31.08 -24.88 -26.57
CA GLU B 166 -31.84 -25.69 -27.53
C GLU B 166 -33.01 -24.91 -28.11
N ASN B 167 -33.07 -24.88 -29.43
CA ASN B 167 -34.14 -24.18 -30.15
C ASN B 167 -35.39 -25.06 -30.30
N LYS B 168 -36.38 -24.83 -29.44
CA LYS B 168 -37.61 -25.60 -29.46
C LYS B 168 -38.75 -24.79 -30.08
N GLY B 169 -38.41 -23.71 -30.78
CA GLY B 169 -39.40 -22.86 -31.40
C GLY B 169 -39.48 -23.02 -32.92
N GLY B 170 -40.22 -22.11 -33.56
CA GLY B 170 -40.41 -22.16 -35.00
C GLY B 170 -39.65 -21.07 -35.72
N GLU B 171 -38.76 -20.39 -35.00
CA GLU B 171 -37.97 -19.31 -35.57
C GLU B 171 -36.49 -19.61 -35.43
N ARG B 172 -35.67 -18.94 -36.24
CA ARG B 172 -34.21 -19.10 -36.16
C ARG B 172 -33.62 -18.20 -35.09
N LEU B 173 -32.66 -18.73 -34.34
CA LEU B 173 -32.05 -17.99 -33.23
C LEU B 173 -30.55 -17.82 -33.42
N LYS B 174 -30.07 -16.60 -33.21
CA LYS B 174 -28.65 -16.29 -33.33
C LYS B 174 -28.05 -16.00 -31.96
N LEU B 175 -27.10 -16.84 -31.55
CA LEU B 175 -26.42 -16.65 -30.27
C LEU B 175 -25.34 -15.59 -30.38
N LEU B 176 -25.51 -14.46 -29.69
CA LEU B 176 -24.51 -13.40 -29.69
C LEU B 176 -23.52 -13.58 -28.55
N ARG B 177 -23.95 -14.28 -27.50
CA ARG B 177 -23.13 -14.54 -26.34
C ARG B 177 -23.59 -15.80 -25.63
N ALA B 178 -22.66 -16.69 -25.32
CA ALA B 178 -22.99 -17.95 -24.66
C ALA B 178 -21.93 -18.35 -23.66
N LEU B 179 -21.81 -17.59 -22.57
CA LEU B 179 -20.84 -17.89 -21.53
C LEU B 179 -21.23 -19.16 -20.78
N SER B 180 -20.22 -19.80 -20.18
CA SER B 180 -20.43 -21.08 -19.51
C SER B 180 -21.16 -20.94 -18.17
N MET B 181 -20.87 -19.86 -17.45
CA MET B 181 -21.48 -19.65 -16.14
C MET B 181 -21.52 -18.18 -15.72
N SER B 182 -22.26 -17.91 -14.66
CA SER B 182 -22.35 -16.57 -14.09
C SER B 182 -22.82 -16.64 -12.64
N VAL B 183 -22.16 -15.89 -11.77
CA VAL B 183 -22.53 -15.87 -10.36
C VAL B 183 -22.37 -14.48 -9.76
N ASP B 184 -23.38 -14.05 -9.00
CA ASP B 184 -23.37 -12.72 -8.39
C ASP B 184 -23.07 -12.78 -6.90
N PHE B 185 -21.91 -12.26 -6.52
CA PHE B 185 -21.52 -12.19 -5.10
C PHE B 185 -22.18 -10.98 -4.44
N PRO B 186 -22.60 -11.13 -3.17
CA PRO B 186 -23.30 -10.05 -2.46
C PRO B 186 -22.42 -8.83 -2.20
N THR B 187 -21.14 -9.06 -1.90
CA THR B 187 -20.20 -7.96 -1.69
C THR B 187 -19.01 -8.05 -2.63
N ALA B 188 -18.18 -7.02 -2.64
CA ALA B 188 -17.04 -6.96 -3.55
C ALA B 188 -15.74 -6.62 -2.82
N ASP B 189 -15.69 -6.93 -1.53
CA ASP B 189 -14.49 -6.68 -0.75
C ASP B 189 -13.48 -7.80 -0.98
N TYR B 190 -13.02 -7.93 -2.21
CA TYR B 190 -12.08 -8.98 -2.58
C TYR B 190 -10.94 -8.45 -3.44
N ASP B 191 -9.84 -9.20 -3.48
CA ASP B 191 -8.82 -9.03 -4.50
C ASP B 191 -9.05 -10.10 -5.56
N TRP B 192 -8.54 -9.88 -6.76
CA TRP B 192 -8.72 -10.88 -7.81
C TRP B 192 -7.40 -11.31 -8.43
N ILE B 193 -7.26 -12.61 -8.66
CA ILE B 193 -6.03 -13.18 -9.18
C ILE B 193 -6.24 -13.83 -10.54
N HIS B 194 -5.42 -13.43 -11.51
CA HIS B 194 -5.45 -14.04 -12.84
C HIS B 194 -4.03 -14.39 -13.26
N LEU B 195 -3.89 -15.01 -14.43
CA LEU B 195 -2.58 -15.45 -14.88
C LEU B 195 -2.20 -14.87 -16.25
N PRO B 196 -1.74 -13.61 -16.26
CA PRO B 196 -1.24 -12.98 -17.48
C PRO B 196 0.19 -13.43 -17.80
N GLY B 197 0.69 -13.08 -18.96
CA GLY B 197 2.06 -13.42 -19.33
C GLY B 197 2.32 -13.22 -20.81
N ALA B 198 3.29 -13.97 -21.32
CA ALA B 198 3.65 -13.93 -22.74
C ALA B 198 4.46 -15.18 -23.08
N TRP B 199 4.95 -15.25 -24.31
CA TRP B 199 5.80 -16.37 -24.70
C TRP B 199 7.14 -16.31 -23.97
N GLY B 200 7.50 -17.41 -23.32
CA GLY B 200 8.73 -17.47 -22.56
C GLY B 200 8.56 -16.94 -21.15
N ARG B 201 7.36 -16.50 -20.83
CA ARG B 201 7.04 -16.03 -19.49
C ARG B 201 5.55 -16.13 -19.20
N GLU B 202 5.02 -17.34 -19.32
CA GLU B 202 3.59 -17.58 -19.18
C GLU B 202 3.12 -17.64 -17.72
N ARG B 203 1.89 -17.20 -17.50
CA ARG B 203 1.19 -17.39 -16.24
C ARG B 203 1.90 -16.84 -14.99
N TRP B 204 2.15 -15.54 -14.99
CA TRP B 204 2.63 -14.87 -13.78
C TRP B 204 1.43 -14.53 -12.91
N ILE B 205 1.56 -14.76 -11.61
CA ILE B 205 0.46 -14.47 -10.69
C ILE B 205 0.32 -12.97 -10.42
N GLU B 206 -0.85 -12.43 -10.78
CA GLU B 206 -1.12 -11.02 -10.58
C GLU B 206 -2.35 -10.80 -9.70
N ARG B 207 -2.13 -10.28 -8.50
CA ARG B 207 -3.22 -10.01 -7.57
C ARG B 207 -3.53 -8.51 -7.55
N ARG B 208 -4.78 -8.17 -7.83
CA ARG B 208 -5.18 -6.77 -7.89
C ARG B 208 -6.48 -6.54 -7.13
N PRO B 209 -6.66 -5.33 -6.58
CA PRO B 209 -7.92 -4.99 -5.94
C PRO B 209 -9.01 -4.76 -6.98
N LEU B 210 -10.25 -5.06 -6.63
CA LEU B 210 -11.36 -4.87 -7.55
C LEU B 210 -11.65 -3.40 -7.78
N VAL B 211 -11.92 -3.03 -9.02
CA VAL B 211 -12.32 -1.66 -9.33
C VAL B 211 -13.82 -1.63 -9.55
N THR B 212 -14.45 -0.49 -9.30
CA THR B 212 -15.89 -0.38 -9.51
C THR B 212 -16.16 -0.22 -10.99
N GLY B 213 -16.46 -1.34 -11.65
CA GLY B 213 -16.63 -1.37 -13.09
C GLY B 213 -16.39 -2.77 -13.64
N VAL B 214 -15.66 -2.85 -14.74
CA VAL B 214 -15.40 -4.14 -15.37
C VAL B 214 -13.91 -4.44 -15.56
N GLN B 215 -13.42 -5.47 -14.90
CA GLN B 215 -12.10 -6.01 -15.16
C GLN B 215 -12.22 -7.45 -15.65
N ALA B 216 -11.47 -7.81 -16.68
CA ALA B 216 -11.63 -9.10 -17.33
C ALA B 216 -10.35 -9.63 -17.96
N ALA B 217 -10.22 -10.96 -17.98
CA ALA B 217 -9.14 -11.62 -18.71
C ALA B 217 -9.73 -12.41 -19.86
N GLU B 218 -9.15 -12.26 -21.05
CA GLU B 218 -9.69 -12.89 -22.25
C GLU B 218 -8.61 -13.19 -23.28
N SER B 219 -8.97 -13.95 -24.30
CA SER B 219 -8.05 -14.27 -25.39
C SER B 219 -8.77 -14.23 -26.74
N ARG B 220 -8.18 -13.51 -27.69
CA ARG B 220 -8.76 -13.39 -29.02
C ARG B 220 -7.85 -14.03 -30.06
N ARG B 221 -7.05 -14.99 -29.62
CA ARG B 221 -6.04 -15.61 -30.48
C ARG B 221 -6.43 -17.02 -30.92
N GLY B 222 -7.66 -17.43 -30.61
CA GLY B 222 -8.13 -18.75 -30.98
C GLY B 222 -7.52 -19.85 -30.13
N ALA B 223 -6.77 -19.44 -29.12
CA ALA B 223 -6.14 -20.38 -28.19
C ALA B 223 -6.20 -19.80 -26.79
N SER B 224 -5.91 -20.62 -25.79
CA SER B 224 -5.86 -20.15 -24.40
C SER B 224 -4.77 -19.08 -24.27
N SER B 225 -3.75 -19.18 -25.13
CA SER B 225 -2.69 -18.18 -25.26
C SER B 225 -1.78 -18.07 -24.04
N HIS B 226 -0.61 -17.47 -24.26
CA HIS B 226 0.37 -17.25 -23.21
C HIS B 226 0.02 -15.95 -22.49
N GLN B 227 -0.69 -15.09 -23.21
CA GLN B 227 -0.99 -13.74 -22.73
C GLN B 227 -1.97 -13.73 -21.56
N GLN B 228 -3.02 -14.55 -21.66
CA GLN B 228 -4.00 -14.66 -20.59
C GLN B 228 -4.48 -16.09 -20.42
N ASN B 229 -4.10 -16.71 -19.30
CA ASN B 229 -4.50 -18.08 -19.02
C ASN B 229 -5.97 -18.15 -18.59
N PRO B 230 -6.73 -19.12 -19.11
CA PRO B 230 -8.15 -19.27 -18.80
C PRO B 230 -8.39 -19.58 -17.32
N PHE B 231 -8.10 -18.62 -16.46
CA PHE B 231 -8.33 -18.77 -15.03
C PHE B 231 -8.38 -17.45 -14.27
N ILE B 232 -9.44 -17.26 -13.49
CA ILE B 232 -9.55 -16.14 -12.57
C ILE B 232 -10.02 -16.63 -11.21
N ALA B 233 -9.72 -15.87 -10.16
CA ALA B 233 -10.10 -16.26 -8.81
C ALA B 233 -10.32 -15.07 -7.88
N LEU B 234 -11.43 -15.11 -7.14
CA LEU B 234 -11.71 -14.11 -6.12
C LEU B 234 -11.12 -14.55 -4.79
N VAL B 235 -10.32 -13.68 -4.19
CA VAL B 235 -9.68 -13.98 -2.92
C VAL B 235 -9.99 -12.92 -1.87
N ALA B 236 -10.09 -13.34 -0.61
CA ALA B 236 -10.30 -12.41 0.49
C ALA B 236 -9.12 -11.45 0.60
N LYS B 237 -9.38 -10.25 1.10
CA LYS B 237 -8.34 -9.21 1.20
C LYS B 237 -7.13 -9.65 2.02
N ASN B 238 -7.37 -10.46 3.05
CA ASN B 238 -6.28 -10.94 3.91
C ASN B 238 -5.94 -12.40 3.66
N ALA B 239 -6.51 -12.97 2.59
CA ALA B 239 -6.22 -14.34 2.23
C ALA B 239 -4.81 -14.41 1.67
N ASP B 240 -4.04 -15.39 2.14
CA ASP B 240 -2.65 -15.53 1.71
C ASP B 240 -2.40 -16.87 1.01
N GLU B 241 -1.19 -17.36 1.16
CA GLU B 241 -0.76 -18.57 0.47
C GLU B 241 -1.24 -19.82 1.21
N HIS B 242 -1.51 -19.65 2.51
CA HIS B 242 -1.83 -20.78 3.38
C HIS B 242 -3.20 -20.70 4.04
N GLN B 243 -3.81 -19.52 4.05
CA GLN B 243 -5.12 -19.35 4.69
C GLN B 243 -5.98 -18.30 4.00
N GLY B 244 -7.27 -18.27 4.35
CA GLY B 244 -8.19 -17.30 3.79
C GLY B 244 -9.15 -17.91 2.78
N GLU B 245 -10.31 -17.28 2.62
CA GLU B 245 -11.32 -17.78 1.68
C GLU B 245 -10.96 -17.40 0.25
N VAL B 246 -10.96 -18.40 -0.63
CA VAL B 246 -10.61 -18.21 -2.02
C VAL B 246 -11.66 -18.83 -2.94
N TYR B 247 -12.11 -18.07 -3.93
CA TYR B 247 -13.11 -18.54 -4.88
C TYR B 247 -12.53 -18.60 -6.29
N GLY B 248 -12.14 -19.80 -6.72
CA GLY B 248 -11.49 -19.97 -8.00
C GLY B 248 -12.41 -20.31 -9.17
N PHE B 249 -12.02 -19.88 -10.36
CA PHE B 249 -12.78 -20.15 -11.57
C PHE B 249 -11.86 -20.57 -12.71
N SER B 250 -11.90 -21.86 -13.07
CA SER B 250 -11.05 -22.39 -14.13
C SER B 250 -11.91 -22.87 -15.31
N PHE B 251 -11.51 -22.47 -16.51
CA PHE B 251 -12.26 -22.79 -17.71
C PHE B 251 -11.66 -23.98 -18.44
N VAL B 252 -12.48 -25.01 -18.64
CA VAL B 252 -12.05 -26.20 -19.39
C VAL B 252 -12.29 -25.99 -20.88
N TYR B 253 -11.43 -25.19 -21.50
CA TYR B 253 -11.56 -24.85 -22.91
C TYR B 253 -10.22 -24.34 -23.42
N SER B 254 -9.93 -24.60 -24.70
CA SER B 254 -8.61 -24.30 -25.24
C SER B 254 -8.62 -23.21 -26.31
N GLY B 255 -9.79 -22.63 -26.56
CA GLY B 255 -9.91 -21.57 -27.54
C GLY B 255 -10.16 -20.21 -26.92
N ASN B 256 -10.90 -19.36 -27.62
CA ASN B 256 -11.25 -18.04 -27.12
C ASN B 256 -12.10 -18.13 -25.86
N PHE B 257 -11.77 -17.31 -24.87
CA PHE B 257 -12.49 -17.31 -23.60
C PHE B 257 -12.64 -15.91 -23.03
N LEU B 258 -13.60 -15.75 -22.13
CA LEU B 258 -13.76 -14.49 -21.40
C LEU B 258 -13.95 -14.75 -19.91
N ALA B 259 -13.02 -14.23 -19.11
CA ALA B 259 -13.09 -14.35 -17.66
C ALA B 259 -13.30 -12.96 -17.07
N GLN B 260 -14.57 -12.63 -16.80
CA GLN B 260 -14.94 -11.25 -16.47
C GLN B 260 -15.56 -11.10 -15.08
N ILE B 261 -15.14 -10.05 -14.38
CA ILE B 261 -15.73 -9.68 -13.10
C ILE B 261 -16.30 -8.26 -13.19
N GLU B 262 -17.55 -8.10 -12.77
CA GLU B 262 -18.19 -6.78 -12.83
C GLU B 262 -18.78 -6.34 -11.50
N VAL B 263 -18.40 -5.14 -11.07
CA VAL B 263 -18.97 -4.54 -9.87
C VAL B 263 -19.91 -3.39 -10.23
N ASP B 264 -21.15 -3.48 -9.75
CA ASP B 264 -22.18 -2.50 -10.07
C ASP B 264 -22.25 -1.40 -9.02
N GLN B 265 -23.31 -0.60 -9.08
CA GLN B 265 -23.50 0.53 -8.20
C GLN B 265 -23.72 0.12 -6.73
N PHE B 266 -24.13 -1.12 -6.51
CA PHE B 266 -24.51 -1.56 -5.17
C PHE B 266 -23.50 -2.53 -4.56
N GLY B 267 -22.26 -2.49 -5.05
CA GLY B 267 -21.19 -3.27 -4.47
C GLY B 267 -21.30 -4.77 -4.62
N THR B 268 -22.05 -5.21 -5.62
CA THR B 268 -22.16 -6.65 -5.92
C THR B 268 -21.19 -7.03 -7.04
N ALA B 269 -20.72 -8.26 -7.01
CA ALA B 269 -19.71 -8.72 -7.96
C ALA B 269 -20.26 -9.78 -8.91
N ARG B 270 -20.43 -9.42 -10.17
CA ARG B 270 -20.90 -10.35 -11.19
C ARG B 270 -19.73 -11.07 -11.85
N VAL B 271 -19.52 -12.32 -11.46
CA VAL B 271 -18.45 -13.13 -12.03
C VAL B 271 -18.98 -14.04 -13.13
N SER B 272 -18.52 -13.83 -14.35
CA SER B 272 -18.96 -14.61 -15.50
C SER B 272 -17.77 -15.20 -16.24
N MET B 273 -17.96 -16.37 -16.84
CA MET B 273 -16.87 -17.03 -17.55
C MET B 273 -17.40 -17.94 -18.66
N GLY B 274 -16.73 -17.93 -19.80
CA GLY B 274 -17.12 -18.74 -20.93
C GLY B 274 -16.43 -18.33 -22.23
N ILE B 275 -16.93 -18.83 -23.35
CA ILE B 275 -16.38 -18.50 -24.66
C ILE B 275 -16.52 -17.00 -24.95
N ASN B 276 -15.43 -16.37 -25.37
CA ASN B 276 -15.41 -14.94 -25.66
C ASN B 276 -16.43 -14.55 -26.73
N PRO B 277 -17.41 -13.71 -26.34
CA PRO B 277 -18.48 -13.26 -27.24
C PRO B 277 -17.96 -12.37 -28.37
N PHE B 278 -16.76 -11.81 -28.20
CA PHE B 278 -16.13 -11.00 -29.24
C PHE B 278 -15.85 -11.84 -30.49
N ASP B 279 -16.27 -11.32 -31.64
CA ASP B 279 -16.10 -12.01 -32.92
C ASP B 279 -16.74 -13.40 -32.89
N PHE B 280 -17.85 -13.52 -32.17
CA PHE B 280 -18.51 -14.81 -32.02
C PHE B 280 -20.03 -14.71 -32.13
N THR B 281 -20.59 -15.48 -33.05
CA THR B 281 -22.04 -15.65 -33.16
C THR B 281 -22.32 -17.12 -33.44
N TRP B 282 -23.55 -17.56 -33.16
CA TRP B 282 -23.91 -18.95 -33.40
C TRP B 282 -25.38 -19.06 -33.81
N LEU B 283 -25.61 -19.57 -35.01
CA LEU B 283 -26.97 -19.74 -35.53
C LEU B 283 -27.58 -21.06 -35.06
N LEU B 284 -28.77 -20.98 -34.49
CA LEU B 284 -29.49 -22.18 -34.07
C LEU B 284 -30.78 -22.38 -34.86
N GLN B 285 -30.72 -23.27 -35.85
CA GLN B 285 -31.90 -23.67 -36.60
C GLN B 285 -32.83 -24.45 -35.66
N PRO B 286 -34.16 -24.33 -35.85
CA PRO B 286 -35.13 -25.05 -35.03
C PRO B 286 -34.81 -26.54 -34.95
N GLY B 287 -34.54 -27.02 -33.74
CA GLY B 287 -34.21 -28.42 -33.54
C GLY B 287 -32.77 -28.61 -33.09
N GLU B 288 -31.93 -27.63 -33.39
CA GLU B 288 -30.51 -27.71 -33.05
C GLU B 288 -30.25 -27.31 -31.61
N SER B 289 -29.08 -27.70 -31.10
CA SER B 289 -28.71 -27.40 -29.72
C SER B 289 -27.29 -26.88 -29.65
N PHE B 290 -26.96 -26.22 -28.55
CA PHE B 290 -25.61 -25.71 -28.34
C PHE B 290 -25.10 -26.03 -26.94
N GLN B 291 -23.94 -26.68 -26.88
CA GLN B 291 -23.36 -27.06 -25.60
C GLN B 291 -22.13 -26.22 -25.28
N THR B 292 -22.11 -25.63 -24.10
CA THR B 292 -20.97 -24.83 -23.65
C THR B 292 -20.03 -25.68 -22.80
N PRO B 293 -18.72 -25.39 -22.89
CA PRO B 293 -17.74 -26.08 -22.02
C PRO B 293 -18.03 -25.77 -20.56
N GLU B 294 -17.51 -26.60 -19.65
CA GLU B 294 -17.81 -26.41 -18.24
C GLU B 294 -16.74 -25.57 -17.54
N VAL B 295 -17.13 -24.95 -16.43
CA VAL B 295 -16.20 -24.18 -15.60
C VAL B 295 -16.11 -24.78 -14.20
N VAL B 296 -14.92 -25.22 -13.82
CA VAL B 296 -14.73 -25.82 -12.50
C VAL B 296 -14.49 -24.76 -11.45
N MET B 297 -15.36 -24.72 -10.44
CA MET B 297 -15.25 -23.73 -9.38
C MET B 297 -14.83 -24.38 -8.06
N VAL B 298 -13.86 -23.78 -7.39
CA VAL B 298 -13.35 -24.32 -6.13
C VAL B 298 -13.39 -23.32 -4.97
N TYR B 299 -13.89 -23.78 -3.83
CA TYR B 299 -13.86 -22.99 -2.60
C TYR B 299 -12.83 -23.60 -1.66
N SER B 300 -12.12 -22.77 -0.90
CA SER B 300 -11.09 -23.27 0.01
C SER B 300 -10.79 -22.32 1.16
N ASP B 301 -10.58 -22.88 2.35
CA ASP B 301 -10.24 -22.11 3.53
C ASP B 301 -8.77 -22.26 3.90
N GLN B 302 -8.03 -22.94 3.04
CA GLN B 302 -6.61 -23.18 3.30
C GLN B 302 -5.75 -22.32 2.39
N GLY B 303 -6.26 -21.15 2.03
CA GLY B 303 -5.52 -20.23 1.20
C GLY B 303 -5.40 -20.72 -0.22
N LEU B 304 -4.40 -20.21 -0.94
CA LEU B 304 -4.19 -20.59 -2.32
C LEU B 304 -3.70 -22.03 -2.44
N ASN B 305 -2.91 -22.46 -1.45
CA ASN B 305 -2.41 -23.83 -1.42
C ASN B 305 -3.54 -24.86 -1.33
N GLY B 306 -4.45 -24.64 -0.40
CA GLY B 306 -5.59 -25.54 -0.22
C GLY B 306 -6.46 -25.59 -1.45
N MET B 307 -6.58 -24.46 -2.14
CA MET B 307 -7.34 -24.38 -3.36
C MET B 307 -6.68 -25.13 -4.51
N SER B 308 -5.37 -24.93 -4.66
CA SER B 308 -4.61 -25.55 -5.74
C SER B 308 -4.56 -27.06 -5.59
N GLN B 309 -4.41 -27.53 -4.35
CA GLN B 309 -4.35 -28.95 -4.06
C GLN B 309 -5.64 -29.67 -4.45
N THR B 310 -6.76 -28.97 -4.33
CA THR B 310 -8.04 -29.52 -4.74
C THR B 310 -8.10 -29.62 -6.26
N TYR B 311 -7.56 -28.61 -6.94
CA TYR B 311 -7.47 -28.63 -8.40
C TYR B 311 -6.55 -29.73 -8.90
N HIS B 312 -5.44 -29.92 -8.19
CA HIS B 312 -4.44 -30.91 -8.57
C HIS B 312 -5.03 -32.32 -8.61
N GLU B 313 -5.62 -32.74 -7.50
CA GLU B 313 -6.18 -34.09 -7.42
C GLU B 313 -7.37 -34.30 -8.37
N LEU B 314 -8.17 -33.25 -8.52
CA LEU B 314 -9.32 -33.33 -9.44
C LEU B 314 -8.88 -33.44 -10.89
N TYR B 315 -7.93 -32.60 -11.28
CA TYR B 315 -7.45 -32.57 -12.66
C TYR B 315 -6.58 -33.78 -13.02
N ARG B 316 -5.80 -34.25 -12.05
CA ARG B 316 -4.90 -35.37 -12.31
C ARG B 316 -5.63 -36.71 -12.39
N THR B 317 -6.65 -36.89 -11.56
CA THR B 317 -7.33 -38.18 -11.46
C THR B 317 -8.70 -38.21 -12.15
N ARG B 318 -9.31 -37.04 -12.30
CA ARG B 318 -10.66 -36.98 -12.86
C ARG B 318 -10.80 -35.98 -14.01
N LEU B 319 -9.68 -35.72 -14.69
CA LEU B 319 -9.71 -34.93 -15.93
C LEU B 319 -8.72 -35.52 -16.93
N ALA B 320 -7.52 -35.83 -16.44
CA ALA B 320 -6.52 -36.50 -17.27
C ALA B 320 -6.99 -37.91 -17.61
N ARG B 321 -6.69 -38.35 -18.82
CA ARG B 321 -7.16 -39.65 -19.30
C ARG B 321 -6.00 -40.53 -19.74
N GLY B 322 -6.34 -41.65 -20.37
CA GLY B 322 -5.34 -42.62 -20.82
C GLY B 322 -4.93 -43.57 -19.71
N ALA B 323 -3.86 -44.32 -19.96
CA ALA B 323 -3.38 -45.31 -18.99
C ALA B 323 -2.29 -44.70 -18.13
N PHE B 324 -1.88 -43.49 -18.52
CA PHE B 324 -0.78 -42.81 -17.87
C PHE B 324 -1.28 -41.78 -16.84
N ARG B 325 -2.58 -41.76 -16.61
CA ARG B 325 -3.16 -40.81 -15.67
C ARG B 325 -2.61 -40.99 -14.25
N ASP B 326 -2.33 -42.24 -13.91
CA ASP B 326 -1.83 -42.58 -12.59
C ASP B 326 -0.44 -43.22 -12.63
N ARG B 327 0.21 -43.16 -13.78
CA ARG B 327 1.54 -43.74 -13.94
C ARG B 327 2.62 -42.67 -13.91
N GLU B 328 3.76 -42.99 -13.30
CA GLU B 328 4.89 -42.07 -13.23
C GLU B 328 5.41 -41.74 -14.62
N ARG B 329 5.68 -40.46 -14.86
CA ARG B 329 6.10 -40.00 -16.18
C ARG B 329 7.59 -40.21 -16.39
N PRO B 330 7.96 -40.70 -17.59
CA PRO B 330 9.36 -41.06 -17.90
C PRO B 330 10.28 -39.87 -18.04
N ILE B 331 11.50 -39.99 -17.52
CA ILE B 331 12.52 -38.96 -17.71
C ILE B 331 13.01 -38.98 -19.14
N LEU B 332 12.78 -37.90 -19.87
CA LEU B 332 13.05 -37.85 -21.30
C LEU B 332 14.16 -36.89 -21.67
N ILE B 333 14.73 -37.09 -22.86
CA ILE B 333 15.70 -36.14 -23.40
C ILE B 333 15.28 -35.68 -24.80
N ASN B 334 15.18 -34.38 -24.98
CA ASN B 334 14.77 -33.79 -26.25
C ASN B 334 15.94 -33.14 -26.98
N ASN B 335 15.92 -33.21 -28.30
CA ASN B 335 17.04 -32.72 -29.10
C ASN B 335 16.79 -31.36 -29.74
N TRP B 336 15.71 -30.68 -29.34
CA TRP B 336 15.39 -29.37 -29.91
C TRP B 336 16.48 -28.35 -29.66
N GLU B 337 16.65 -27.94 -28.41
CA GLU B 337 17.67 -26.95 -28.05
C GLU B 337 19.07 -27.49 -28.27
N ALA B 338 19.18 -28.81 -28.42
CA ALA B 338 20.46 -29.47 -28.60
C ALA B 338 21.03 -29.29 -30.01
N THR B 339 20.27 -29.67 -31.02
CA THR B 339 20.79 -29.70 -32.39
C THR B 339 19.97 -28.86 -33.38
N TYR B 340 18.77 -28.46 -32.98
CA TYR B 340 17.86 -27.74 -33.86
C TYR B 340 17.55 -28.51 -35.14
N PHE B 341 18.06 -28.01 -36.26
CA PHE B 341 17.77 -28.64 -37.57
C PHE B 341 18.95 -29.44 -38.13
N ASP B 342 20.16 -29.13 -37.68
CA ASP B 342 21.35 -29.80 -38.20
C ASP B 342 21.60 -31.14 -37.50
N PHE B 343 21.03 -32.21 -38.04
CA PHE B 343 21.22 -33.54 -37.48
C PHE B 343 20.95 -34.64 -38.49
N ASN B 344 21.40 -35.85 -38.18
CA ASN B 344 21.14 -37.02 -39.00
C ASN B 344 21.01 -38.28 -38.15
N GLU B 345 20.83 -39.43 -38.79
CA GLU B 345 20.63 -40.69 -38.09
C GLU B 345 21.82 -41.08 -37.20
N GLU B 346 23.02 -41.00 -37.75
CA GLU B 346 24.23 -41.40 -37.02
C GLU B 346 24.49 -40.54 -35.80
N LYS B 347 24.22 -39.24 -35.91
CA LYS B 347 24.45 -38.30 -34.82
C LYS B 347 23.51 -38.53 -33.63
N ILE B 348 22.35 -39.11 -33.90
CA ILE B 348 21.36 -39.38 -32.86
C ILE B 348 21.63 -40.71 -32.15
N VAL B 349 22.09 -41.71 -32.90
CA VAL B 349 22.27 -43.05 -32.36
C VAL B 349 23.54 -43.23 -31.51
N ASN B 350 24.61 -42.51 -31.85
CA ASN B 350 25.88 -42.68 -31.15
C ASN B 350 25.85 -42.18 -29.71
N ILE B 351 24.93 -41.26 -29.42
CA ILE B 351 24.79 -40.72 -28.07
C ILE B 351 23.70 -41.43 -27.28
N ALA B 352 22.87 -42.20 -27.98
CA ALA B 352 21.80 -42.95 -27.34
C ALA B 352 22.35 -44.00 -26.37
N ARG B 353 23.55 -44.48 -26.65
CA ARG B 353 24.23 -45.44 -25.78
C ARG B 353 24.60 -44.79 -24.46
N THR B 354 25.11 -43.56 -24.53
CA THR B 354 25.49 -42.81 -23.34
C THR B 354 24.28 -42.47 -22.49
N GLU B 355 23.19 -42.08 -23.13
CA GLU B 355 21.96 -41.72 -22.43
C GLU B 355 21.35 -42.92 -21.72
N ALA B 356 21.57 -44.12 -22.27
CA ALA B 356 21.08 -45.34 -21.65
C ALA B 356 21.85 -45.62 -20.36
N GLU B 357 23.14 -45.34 -20.38
CA GLU B 357 24.01 -45.56 -19.24
C GLU B 357 23.72 -44.53 -18.15
N LEU B 358 23.17 -43.39 -18.54
CA LEU B 358 22.87 -42.30 -17.61
C LEU B 358 21.59 -42.57 -16.81
N GLY B 359 20.73 -43.43 -17.35
CA GLY B 359 19.51 -43.79 -16.66
C GLY B 359 18.27 -43.19 -17.29
N ILE B 360 18.46 -42.51 -18.42
CA ILE B 360 17.35 -41.93 -19.16
C ILE B 360 16.40 -43.01 -19.66
N GLU B 361 15.10 -42.77 -19.54
CA GLU B 361 14.10 -43.78 -19.87
C GLU B 361 13.44 -43.53 -21.22
N LEU B 362 13.65 -42.34 -21.79
CA LEU B 362 12.99 -41.96 -23.04
C LEU B 362 13.80 -40.94 -23.84
N VAL B 363 13.94 -41.20 -25.14
CA VAL B 363 14.58 -40.26 -26.04
C VAL B 363 13.56 -39.74 -27.05
N VAL B 364 13.51 -38.42 -27.22
CA VAL B 364 12.53 -37.81 -28.11
C VAL B 364 13.16 -37.15 -29.33
N LEU B 365 12.60 -37.47 -30.50
CA LEU B 365 13.01 -36.82 -31.74
C LEU B 365 12.11 -35.62 -31.98
N ASP B 366 12.72 -34.44 -32.15
CA ASP B 366 11.97 -33.19 -32.26
C ASP B 366 11.70 -32.82 -33.72
N ASP B 367 11.41 -31.55 -33.96
CA ASP B 367 11.12 -31.05 -35.29
C ASP B 367 12.32 -31.18 -36.23
N GLY B 368 12.06 -31.68 -37.43
CA GLY B 368 13.11 -31.83 -38.42
C GLY B 368 13.14 -33.17 -39.12
N TRP B 369 12.21 -34.05 -38.74
CA TRP B 369 12.22 -35.42 -39.25
C TRP B 369 11.39 -35.63 -40.52
N PHE B 370 10.51 -34.70 -40.82
CA PHE B 370 9.57 -34.87 -41.92
C PHE B 370 9.81 -33.92 -43.09
N GLY B 371 9.46 -34.36 -44.29
CA GLY B 371 9.56 -33.56 -45.50
C GLY B 371 10.93 -32.96 -45.77
N GLU B 372 10.98 -31.63 -45.81
CA GLU B 372 12.22 -30.90 -46.02
C GLU B 372 12.42 -29.95 -44.84
N ARG B 373 12.16 -30.47 -43.64
CA ARG B 373 12.26 -29.69 -42.42
C ARG B 373 13.72 -29.37 -42.10
N ASP B 374 14.31 -28.46 -42.87
CA ASP B 374 15.67 -28.02 -42.60
C ASP B 374 15.65 -26.60 -42.03
N ASP B 375 14.52 -25.92 -42.23
CA ASP B 375 14.29 -24.61 -41.65
C ASP B 375 12.86 -24.53 -41.13
N ASP B 376 12.47 -23.36 -40.65
CA ASP B 376 11.11 -23.16 -40.12
C ASP B 376 10.25 -22.38 -41.11
N ARG B 377 10.50 -22.59 -42.40
CA ARG B 377 9.78 -21.86 -43.45
C ARG B 377 9.12 -22.77 -44.47
N ARG B 378 9.04 -24.08 -44.18
CA ARG B 378 8.55 -25.02 -45.18
C ARG B 378 8.15 -26.39 -44.63
N SER B 379 7.50 -27.18 -45.49
CA SER B 379 7.27 -28.61 -45.27
C SER B 379 6.30 -29.00 -44.15
N LEU B 380 5.68 -28.03 -43.51
CA LEU B 380 4.68 -28.35 -42.50
C LEU B 380 3.40 -28.88 -43.15
N GLY B 381 3.09 -30.14 -42.88
CA GLY B 381 1.94 -30.80 -43.47
C GLY B 381 2.28 -32.09 -44.19
N ASP B 382 3.46 -32.16 -44.79
CA ASP B 382 3.92 -33.38 -45.43
C ASP B 382 4.63 -34.27 -44.42
N TRP B 383 3.87 -35.15 -43.79
CA TRP B 383 4.40 -36.00 -42.73
C TRP B 383 5.04 -37.26 -43.28
N ILE B 384 6.08 -37.07 -44.09
CA ILE B 384 6.85 -38.18 -44.65
C ILE B 384 8.31 -38.06 -44.22
N VAL B 385 8.90 -39.19 -43.85
CA VAL B 385 10.27 -39.22 -43.32
C VAL B 385 11.30 -38.71 -44.32
N ASN B 386 12.20 -37.87 -43.84
CA ASN B 386 13.29 -37.35 -44.66
C ASN B 386 14.45 -38.33 -44.76
N ARG B 387 14.62 -38.90 -45.96
CA ARG B 387 15.67 -39.89 -46.20
C ARG B 387 17.06 -39.28 -46.16
N ARG B 388 17.12 -37.95 -46.25
CA ARG B 388 18.39 -37.23 -46.26
C ARG B 388 19.14 -37.30 -44.93
N LYS B 389 18.40 -37.13 -43.84
CA LYS B 389 19.00 -37.22 -42.51
C LYS B 389 18.77 -38.59 -41.87
N LEU B 390 17.67 -39.24 -42.25
CA LEU B 390 17.35 -40.57 -41.73
C LEU B 390 17.19 -41.58 -42.85
N PRO B 391 18.32 -42.16 -43.31
CA PRO B 391 18.33 -43.16 -44.39
C PRO B 391 17.33 -44.28 -44.13
N ASN B 392 17.36 -44.83 -42.91
CA ASN B 392 16.50 -45.95 -42.57
C ASN B 392 15.13 -45.50 -42.04
N GLY B 393 14.95 -44.19 -41.97
CA GLY B 393 13.68 -43.61 -41.59
C GLY B 393 13.27 -43.77 -40.13
N LEU B 394 11.99 -43.54 -39.87
CA LEU B 394 11.44 -43.60 -38.52
C LEU B 394 11.43 -45.01 -37.94
N ASP B 395 11.10 -45.98 -38.79
CA ASP B 395 10.99 -47.37 -38.35
C ASP B 395 12.35 -47.92 -37.92
N GLY B 396 13.38 -47.57 -38.69
CA GLY B 396 14.72 -48.03 -38.40
C GLY B 396 15.26 -47.43 -37.12
N LEU B 397 15.03 -46.14 -36.93
CA LEU B 397 15.52 -45.43 -35.76
C LEU B 397 14.83 -45.87 -34.47
N ALA B 398 13.51 -45.92 -34.48
CA ALA B 398 12.75 -46.26 -33.29
C ALA B 398 13.02 -47.67 -32.77
N LYS B 399 13.21 -48.61 -33.69
CA LYS B 399 13.49 -49.99 -33.32
C LYS B 399 14.94 -50.17 -32.89
N GLN B 400 15.82 -49.33 -33.46
CA GLN B 400 17.22 -49.32 -33.07
C GLN B 400 17.34 -48.81 -31.64
N VAL B 401 16.49 -47.84 -31.30
CA VAL B 401 16.47 -47.24 -29.97
C VAL B 401 15.85 -48.19 -28.93
N ASN B 402 14.84 -48.94 -29.36
CA ASN B 402 14.14 -49.86 -28.46
C ASN B 402 15.01 -50.99 -27.90
N GLU B 403 15.93 -51.49 -28.71
CA GLU B 403 16.83 -52.57 -28.29
C GLU B 403 17.95 -52.03 -27.40
N LEU B 404 18.01 -50.72 -27.23
CA LEU B 404 18.99 -50.09 -26.36
C LEU B 404 18.40 -49.86 -24.97
N GLY B 405 17.15 -50.27 -24.80
CA GLY B 405 16.46 -50.12 -23.53
C GLY B 405 15.82 -48.74 -23.40
N LEU B 406 15.60 -48.08 -24.53
CA LEU B 406 15.05 -46.73 -24.53
C LEU B 406 13.72 -46.69 -25.26
N GLN B 407 12.78 -45.90 -24.74
CA GLN B 407 11.52 -45.66 -25.43
C GLN B 407 11.72 -44.60 -26.51
N PHE B 408 10.78 -44.51 -27.44
CA PHE B 408 10.90 -43.56 -28.53
C PHE B 408 9.72 -42.59 -28.58
N GLY B 409 10.02 -41.32 -28.85
CA GLY B 409 9.00 -40.29 -28.89
C GLY B 409 9.10 -39.50 -30.18
N LEU B 410 8.00 -38.89 -30.59
CA LEU B 410 7.96 -38.16 -31.85
C LEU B 410 7.32 -36.78 -31.71
N TRP B 411 7.78 -35.83 -32.50
CA TRP B 411 7.22 -34.48 -32.50
C TRP B 411 6.32 -34.24 -33.71
N VAL B 412 5.14 -33.68 -33.47
CA VAL B 412 4.19 -33.40 -34.54
C VAL B 412 3.55 -32.02 -34.39
N GLU B 413 3.18 -31.42 -35.52
CA GLU B 413 2.42 -30.18 -35.52
C GLU B 413 1.30 -30.26 -36.56
N PRO B 414 0.30 -31.12 -36.32
CA PRO B 414 -0.72 -31.44 -37.32
C PRO B 414 -1.67 -30.29 -37.63
N GLU B 415 -1.73 -29.29 -36.76
CA GLU B 415 -2.66 -28.18 -36.93
C GLU B 415 -2.11 -27.10 -37.87
N MET B 416 -0.96 -27.34 -38.46
CA MET B 416 -0.30 -26.33 -39.27
C MET B 416 -0.05 -26.77 -40.72
N VAL B 417 -0.02 -25.80 -41.62
CA VAL B 417 0.29 -26.02 -43.03
C VAL B 417 1.18 -24.89 -43.54
N SER B 418 2.30 -25.26 -44.16
CA SER B 418 3.24 -24.28 -44.68
C SER B 418 2.99 -23.96 -46.15
N PRO B 419 3.23 -22.70 -46.56
CA PRO B 419 3.13 -22.26 -47.95
C PRO B 419 3.97 -23.11 -48.89
N ASN B 420 5.23 -23.35 -48.52
CA ASN B 420 6.11 -24.20 -49.31
C ASN B 420 5.97 -25.66 -48.90
N SER B 421 4.84 -26.26 -49.27
CA SER B 421 4.56 -27.63 -48.90
C SER B 421 3.72 -28.31 -49.97
N GLU B 422 3.88 -29.63 -50.11
CA GLU B 422 3.21 -30.38 -51.16
C GLU B 422 1.68 -30.48 -50.97
N LEU B 423 1.23 -30.48 -49.72
CA LEU B 423 -0.20 -30.56 -49.44
C LEU B 423 -0.90 -29.22 -49.72
N TYR B 424 -0.15 -28.13 -49.59
CA TYR B 424 -0.70 -26.80 -49.81
C TYR B 424 -0.86 -26.47 -51.29
N ARG B 425 0.04 -27.00 -52.12
CA ARG B 425 -0.04 -26.81 -53.56
C ARG B 425 -1.18 -27.66 -54.13
N LYS B 426 -1.62 -28.64 -53.35
CA LYS B 426 -2.71 -29.51 -53.76
C LYS B 426 -4.03 -29.02 -53.18
N HIS B 427 -3.95 -28.44 -51.98
CA HIS B 427 -5.14 -27.90 -51.31
C HIS B 427 -4.85 -26.57 -50.65
N PRO B 428 -4.92 -25.47 -51.42
CA PRO B 428 -4.65 -24.14 -50.88
C PRO B 428 -5.83 -23.58 -50.10
N ASP B 429 -7.03 -24.08 -50.38
CA ASP B 429 -8.22 -23.62 -49.66
C ASP B 429 -8.60 -24.52 -48.49
N TRP B 430 -7.64 -25.29 -47.99
CA TRP B 430 -7.86 -26.15 -46.84
C TRP B 430 -7.52 -25.45 -45.53
N CYS B 431 -7.02 -24.22 -45.63
CA CYS B 431 -6.59 -23.46 -44.47
C CYS B 431 -7.67 -22.50 -43.98
N LEU B 432 -7.47 -21.95 -42.78
CA LEU B 432 -8.34 -20.89 -42.28
C LEU B 432 -8.01 -19.60 -43.02
N HIS B 433 -8.99 -19.07 -43.74
CA HIS B 433 -8.80 -17.86 -44.54
C HIS B 433 -10.15 -17.25 -44.89
N VAL B 434 -10.12 -16.02 -45.41
CA VAL B 434 -11.33 -15.36 -45.87
C VAL B 434 -11.13 -14.84 -47.29
N PRO B 435 -12.18 -14.94 -48.11
CA PRO B 435 -12.18 -14.61 -49.55
C PRO B 435 -11.54 -13.26 -49.88
N ASN B 436 -10.61 -13.27 -50.83
CA ASN B 436 -9.97 -12.07 -51.35
C ASN B 436 -9.13 -11.29 -50.34
N ARG B 437 -8.78 -11.94 -49.24
CA ARG B 437 -7.92 -11.32 -48.23
C ARG B 437 -6.56 -12.00 -48.15
N PRO B 438 -5.49 -11.20 -48.01
CA PRO B 438 -4.13 -11.72 -47.88
C PRO B 438 -3.99 -12.68 -46.71
N ARG B 439 -3.37 -13.84 -46.94
CA ARG B 439 -3.20 -14.84 -45.89
C ARG B 439 -1.88 -14.62 -45.15
N SER B 440 -1.94 -13.87 -44.06
CA SER B 440 -0.74 -13.56 -43.27
C SER B 440 -0.12 -14.80 -42.64
N GLU B 441 1.19 -14.73 -42.43
CA GLU B 441 1.94 -15.88 -41.91
C GLU B 441 2.59 -15.58 -40.56
N GLY B 442 2.57 -16.57 -39.68
CA GLY B 442 3.28 -16.50 -38.42
C GLY B 442 4.27 -17.65 -38.37
N ARG B 443 5.55 -17.32 -38.26
CA ARG B 443 6.64 -18.29 -38.40
C ARG B 443 6.55 -18.97 -39.77
N ASN B 444 6.11 -18.20 -40.76
CA ASN B 444 5.99 -18.67 -42.14
C ASN B 444 5.17 -19.94 -42.33
N GLN B 445 4.04 -20.02 -41.63
CA GLN B 445 3.16 -21.18 -41.75
C GLN B 445 1.71 -20.72 -41.61
N LEU B 446 0.77 -21.57 -41.99
CA LEU B 446 -0.65 -21.22 -41.93
C LEU B 446 -1.43 -22.30 -41.17
N VAL B 447 -2.59 -21.92 -40.63
CA VAL B 447 -3.41 -22.86 -39.88
C VAL B 447 -4.53 -23.44 -40.74
N LEU B 448 -4.63 -24.77 -40.77
CA LEU B 448 -5.69 -25.43 -41.54
C LEU B 448 -7.05 -25.37 -40.84
N ASP B 449 -8.10 -25.58 -41.62
CA ASP B 449 -9.48 -25.46 -41.17
C ASP B 449 -10.04 -26.73 -40.54
N TYR B 450 -10.00 -26.83 -39.21
CA TYR B 450 -10.52 -28.00 -38.51
C TYR B 450 -12.04 -28.07 -38.37
N SER B 451 -12.74 -27.08 -38.94
CA SER B 451 -14.19 -27.10 -38.92
C SER B 451 -14.72 -28.05 -40.00
N ARG B 452 -13.82 -28.48 -40.88
CA ARG B 452 -14.18 -29.39 -41.96
C ARG B 452 -14.04 -30.84 -41.51
N GLU B 453 -15.01 -31.67 -41.90
CA GLU B 453 -14.99 -33.08 -41.54
C GLU B 453 -13.96 -33.85 -42.35
N ASP B 454 -13.76 -33.42 -43.60
CA ASP B 454 -12.85 -34.10 -44.51
C ASP B 454 -11.39 -34.00 -44.09
N VAL B 455 -10.95 -32.81 -43.70
CA VAL B 455 -9.57 -32.62 -43.26
C VAL B 455 -9.32 -33.31 -41.91
N CYS B 456 -10.33 -33.30 -41.05
CA CYS B 456 -10.22 -33.97 -39.76
C CYS B 456 -10.08 -35.47 -39.96
N ASP B 457 -10.95 -36.02 -40.80
CA ASP B 457 -10.89 -37.44 -41.12
C ASP B 457 -9.56 -37.77 -41.79
N TYR B 458 -9.03 -36.82 -42.54
CA TYR B 458 -7.73 -36.98 -43.17
C TYR B 458 -6.61 -36.92 -42.12
N ILE B 459 -6.66 -35.91 -41.27
CA ILE B 459 -5.62 -35.70 -40.27
C ILE B 459 -5.54 -36.82 -39.24
N ILE B 460 -6.71 -37.29 -38.77
CA ILE B 460 -6.74 -38.39 -37.82
C ILE B 460 -6.14 -39.64 -38.44
N GLU B 461 -6.44 -39.86 -39.72
CA GLU B 461 -5.99 -41.04 -40.44
C GLU B 461 -4.53 -40.91 -40.84
N THR B 462 -4.11 -39.71 -41.25
CA THR B 462 -2.75 -39.49 -41.74
C THR B 462 -1.68 -39.72 -40.68
N ILE B 463 -1.82 -39.03 -39.55
CA ILE B 463 -0.81 -39.10 -38.49
C ILE B 463 -0.84 -40.44 -37.75
N SER B 464 -2.00 -41.08 -37.74
CA SER B 464 -2.15 -42.36 -37.05
C SER B 464 -1.28 -43.46 -37.64
N ASN B 465 -1.20 -43.50 -38.97
CA ASN B 465 -0.34 -44.47 -39.65
C ASN B 465 1.15 -44.16 -39.46
N VAL B 466 1.49 -42.88 -39.44
CA VAL B 466 2.86 -42.47 -39.15
C VAL B 466 3.26 -42.88 -37.74
N LEU B 467 2.34 -42.68 -36.79
CA LEU B 467 2.60 -43.03 -35.40
C LEU B 467 2.54 -44.54 -35.14
N ALA B 468 1.91 -45.28 -36.06
CA ALA B 468 1.79 -46.72 -35.91
C ALA B 468 2.81 -47.47 -36.77
N SER B 469 3.61 -46.73 -37.52
CA SER B 469 4.62 -47.34 -38.39
C SER B 469 5.91 -47.62 -37.63
N ALA B 470 5.87 -47.41 -36.32
CA ALA B 470 7.05 -47.60 -35.48
C ALA B 470 6.60 -47.79 -34.03
N PRO B 471 7.39 -48.52 -33.23
CA PRO B 471 7.01 -48.68 -31.82
C PRO B 471 7.25 -47.39 -31.03
N ILE B 472 6.30 -46.47 -31.11
CA ILE B 472 6.38 -45.19 -30.43
C ILE B 472 5.54 -45.23 -29.15
N THR B 473 6.05 -44.63 -28.08
CA THR B 473 5.38 -44.63 -26.79
C THR B 473 5.17 -43.20 -26.28
N TYR B 474 5.54 -42.24 -27.10
CA TYR B 474 5.46 -40.83 -26.70
C TYR B 474 5.23 -39.91 -27.89
N VAL B 475 4.33 -38.94 -27.74
CA VAL B 475 4.05 -37.98 -28.81
C VAL B 475 3.93 -36.57 -28.25
N LYS B 476 4.59 -35.62 -28.92
CA LYS B 476 4.55 -34.22 -28.49
C LYS B 476 3.84 -33.36 -29.54
N TRP B 477 2.59 -33.01 -29.26
CA TRP B 477 1.75 -32.25 -30.17
C TRP B 477 2.00 -30.75 -30.01
N ALA B 478 2.50 -30.10 -31.05
CA ALA B 478 2.84 -28.68 -30.98
C ALA B 478 1.94 -27.79 -31.82
N MET B 479 1.96 -26.49 -31.52
CA MET B 479 1.22 -25.49 -32.29
C MET B 479 1.84 -24.10 -32.14
N ASN B 480 2.47 -23.61 -33.20
CA ASN B 480 3.24 -22.37 -33.12
C ASN B 480 2.62 -21.21 -33.87
N ARG B 481 1.30 -21.12 -33.83
CA ARG B 481 0.59 -20.04 -34.52
C ARG B 481 -0.80 -19.76 -33.94
N HIS B 482 -1.14 -18.47 -33.90
CA HIS B 482 -2.47 -18.03 -33.53
C HIS B 482 -3.21 -17.64 -34.80
N MET B 483 -4.49 -18.00 -34.89
CA MET B 483 -5.26 -17.85 -36.12
C MET B 483 -5.47 -16.38 -36.53
N THR B 484 -5.29 -16.13 -37.83
CA THR B 484 -5.53 -14.80 -38.40
C THR B 484 -6.36 -14.94 -39.67
N GLU B 485 -7.09 -13.89 -40.02
CA GLU B 485 -8.07 -13.93 -41.11
C GLU B 485 -9.02 -15.10 -40.89
N ILE B 486 -9.62 -15.13 -39.70
CA ILE B 486 -10.44 -16.24 -39.27
C ILE B 486 -11.73 -16.37 -40.09
N GLY B 487 -11.88 -17.52 -40.75
CA GLY B 487 -13.04 -17.79 -41.59
C GLY B 487 -12.97 -19.18 -42.19
N SER B 488 -14.10 -19.65 -42.72
CA SER B 488 -14.15 -20.98 -43.31
C SER B 488 -14.84 -20.98 -44.68
N SER B 489 -14.33 -21.81 -45.58
CA SER B 489 -14.89 -21.92 -46.93
C SER B 489 -16.05 -22.90 -47.00
N ALA B 490 -16.09 -23.84 -46.07
CA ALA B 490 -17.13 -24.87 -46.06
C ALA B 490 -18.34 -24.47 -45.21
N LEU B 491 -18.36 -23.24 -44.75
CA LEU B 491 -19.46 -22.73 -43.94
C LEU B 491 -20.16 -21.56 -44.60
N PRO B 492 -21.50 -21.53 -44.54
CA PRO B 492 -22.32 -20.46 -45.12
C PRO B 492 -22.05 -19.11 -44.47
N PRO B 493 -22.35 -18.01 -45.18
CA PRO B 493 -22.15 -16.63 -44.71
C PRO B 493 -22.76 -16.33 -43.35
N GLU B 494 -23.81 -17.06 -42.96
CA GLU B 494 -24.44 -16.82 -41.67
C GLU B 494 -23.69 -17.49 -40.52
N ARG B 495 -23.23 -18.73 -40.74
CA ARG B 495 -22.57 -19.50 -39.70
C ARG B 495 -21.09 -19.16 -39.48
N GLN B 496 -20.38 -18.87 -40.57
CA GLN B 496 -18.92 -18.58 -40.57
C GLN B 496 -18.25 -18.17 -39.24
N ARG B 497 -18.88 -17.28 -38.47
CA ARG B 497 -18.29 -16.85 -37.20
C ARG B 497 -18.23 -17.96 -36.15
N GLU B 498 -18.78 -19.13 -36.48
CA GLU B 498 -18.73 -20.27 -35.57
C GLU B 498 -17.46 -21.07 -35.79
N THR B 499 -16.61 -20.62 -36.71
CA THR B 499 -15.44 -21.40 -37.11
C THR B 499 -14.42 -21.54 -35.97
N ALA B 500 -14.22 -20.46 -35.21
CA ALA B 500 -13.30 -20.48 -34.08
C ALA B 500 -13.66 -21.58 -33.09
N HIS B 501 -14.95 -21.74 -32.85
CA HIS B 501 -15.42 -22.76 -31.91
C HIS B 501 -15.44 -24.15 -32.57
N ARG B 502 -15.85 -24.20 -33.83
CA ARG B 502 -15.91 -25.47 -34.56
C ARG B 502 -14.51 -26.02 -34.80
N TYR B 503 -13.54 -25.11 -34.88
CA TYR B 503 -12.13 -25.50 -34.96
C TYR B 503 -11.73 -26.26 -33.71
N MET B 504 -12.16 -25.73 -32.56
CA MET B 504 -11.84 -26.34 -31.27
C MET B 504 -12.63 -27.64 -31.07
N LEU B 505 -13.88 -27.64 -31.55
CA LEU B 505 -14.72 -28.83 -31.48
C LEU B 505 -14.14 -29.94 -32.35
N GLY B 506 -13.55 -29.56 -33.48
CA GLY B 506 -12.92 -30.51 -34.37
C GLY B 506 -11.68 -31.12 -33.77
N LEU B 507 -10.80 -30.29 -33.23
CA LEU B 507 -9.56 -30.76 -32.61
C LEU B 507 -9.84 -31.65 -31.41
N TYR B 508 -10.89 -31.30 -30.67
CA TYR B 508 -11.32 -32.12 -29.53
C TYR B 508 -11.77 -33.49 -30.04
N ARG B 509 -12.43 -33.51 -31.19
CA ARG B 509 -12.86 -34.74 -31.82
C ARG B 509 -11.65 -35.46 -32.45
N VAL B 510 -10.76 -34.68 -33.06
CA VAL B 510 -9.56 -35.22 -33.69
C VAL B 510 -8.67 -35.94 -32.68
N MET B 511 -8.38 -35.29 -31.57
CA MET B 511 -7.54 -35.89 -30.53
C MET B 511 -8.21 -37.07 -29.85
N ASP B 512 -9.52 -36.99 -29.70
CA ASP B 512 -10.27 -38.05 -29.01
C ASP B 512 -10.16 -39.39 -29.71
N GLU B 513 -10.16 -39.38 -31.04
CA GLU B 513 -10.07 -40.61 -31.80
C GLU B 513 -8.63 -41.13 -31.86
N ILE B 514 -7.67 -40.23 -31.99
CA ILE B 514 -6.26 -40.61 -32.07
C ILE B 514 -5.74 -41.16 -30.74
N THR B 515 -6.14 -40.51 -29.64
CA THR B 515 -5.75 -40.98 -28.31
C THR B 515 -6.42 -42.30 -27.97
N SER B 516 -7.55 -42.57 -28.62
CA SER B 516 -8.26 -43.83 -28.41
C SER B 516 -7.62 -44.95 -29.21
N ARG B 517 -7.12 -44.62 -30.39
CA ARG B 517 -6.46 -45.59 -31.26
C ARG B 517 -5.13 -46.05 -30.64
N PHE B 518 -4.54 -45.18 -29.83
CA PHE B 518 -3.25 -45.48 -29.20
C PHE B 518 -3.27 -45.26 -27.70
N PRO B 519 -3.66 -46.29 -26.94
CA PRO B 519 -3.65 -46.19 -25.48
C PRO B 519 -2.25 -46.50 -24.93
N HIS B 520 -1.35 -46.84 -25.83
CA HIS B 520 0.02 -47.19 -25.47
C HIS B 520 0.98 -46.01 -25.65
N ILE B 521 0.44 -44.85 -25.99
CA ILE B 521 1.28 -43.69 -26.29
C ILE B 521 1.06 -42.53 -25.32
N LEU B 522 2.16 -41.99 -24.80
CA LEU B 522 2.11 -40.80 -23.97
C LEU B 522 1.92 -39.57 -24.84
N PHE B 523 0.81 -38.86 -24.63
CA PHE B 523 0.54 -37.65 -25.39
C PHE B 523 0.80 -36.40 -24.55
N GLU B 524 1.65 -35.52 -25.07
CA GLU B 524 1.91 -34.24 -24.41
C GLU B 524 1.62 -33.05 -25.32
N SER B 525 0.64 -32.25 -24.93
CA SER B 525 0.27 -31.08 -25.72
C SER B 525 1.36 -30.02 -25.62
N CYS B 526 1.45 -29.16 -26.63
CA CYS B 526 2.47 -28.13 -26.68
C CYS B 526 2.07 -27.01 -27.62
N SER B 527 2.56 -25.80 -27.35
CA SER B 527 2.28 -24.65 -28.19
C SER B 527 3.25 -23.52 -27.90
N GLY B 528 4.51 -23.71 -28.32
CA GLY B 528 5.56 -22.76 -28.01
C GLY B 528 5.69 -22.60 -26.51
N GLY B 529 5.58 -23.71 -25.80
CA GLY B 529 5.47 -23.68 -24.35
C GLY B 529 4.04 -23.97 -23.94
N GLY B 530 3.51 -23.16 -23.03
CA GLY B 530 2.15 -23.34 -22.55
C GLY B 530 1.15 -22.42 -23.22
N GLY B 531 1.15 -22.40 -24.54
CA GLY B 531 0.21 -21.58 -25.28
C GLY B 531 -1.20 -22.11 -25.20
N ARG B 532 -1.32 -23.38 -24.83
CA ARG B 532 -2.62 -23.99 -24.60
C ARG B 532 -2.58 -24.89 -23.38
N PHE B 533 -1.91 -24.42 -22.34
CA PHE B 533 -1.85 -25.10 -21.06
C PHE B 533 -3.16 -24.82 -20.32
N ASP B 534 -4.21 -25.53 -20.72
CA ASP B 534 -5.53 -25.34 -20.14
C ASP B 534 -6.16 -26.71 -19.85
N PRO B 535 -7.17 -26.76 -18.96
CA PRO B 535 -7.83 -28.02 -18.61
C PRO B 535 -8.42 -28.76 -19.82
N GLY B 536 -8.70 -28.02 -20.89
CA GLY B 536 -9.23 -28.64 -22.11
C GLY B 536 -8.28 -29.63 -22.74
N MET B 537 -7.02 -29.24 -22.89
CA MET B 537 -6.00 -30.11 -23.48
C MET B 537 -5.54 -31.21 -22.55
N LEU B 538 -5.64 -30.96 -21.24
CA LEU B 538 -5.21 -31.93 -20.25
C LEU B 538 -6.14 -33.14 -20.25
N TYR B 539 -7.39 -32.92 -20.68
CA TYR B 539 -8.38 -33.98 -20.77
C TYR B 539 -7.97 -35.03 -21.81
N TYR B 540 -7.36 -34.58 -22.89
CA TYR B 540 -6.97 -35.47 -23.98
C TYR B 540 -5.49 -35.86 -23.89
N MET B 541 -4.68 -34.98 -23.34
CA MET B 541 -3.25 -35.24 -23.17
C MET B 541 -2.82 -34.97 -21.74
N PRO B 542 -2.43 -36.03 -21.02
CA PRO B 542 -2.17 -36.02 -19.58
C PRO B 542 -1.03 -35.11 -19.12
N GLN B 543 -0.30 -34.50 -20.05
CA GLN B 543 0.75 -33.55 -19.67
C GLN B 543 0.99 -32.48 -20.74
N THR B 544 1.65 -31.40 -20.34
CA THR B 544 1.89 -30.27 -21.23
C THR B 544 3.29 -29.71 -21.07
N TRP B 545 3.88 -29.31 -22.19
CA TRP B 545 5.17 -28.63 -22.18
C TRP B 545 4.94 -27.23 -21.61
N THR B 546 5.52 -26.98 -20.44
CA THR B 546 5.23 -25.77 -19.68
C THR B 546 5.69 -24.48 -20.37
N SER B 547 6.97 -24.38 -20.66
CA SER B 547 7.52 -23.14 -21.22
C SER B 547 8.79 -23.38 -22.03
N ASP B 548 8.97 -22.57 -23.07
CA ASP B 548 10.18 -22.63 -23.88
C ASP B 548 11.36 -22.08 -23.09
N ASN B 549 11.07 -21.22 -22.12
CA ASN B 549 12.09 -20.69 -21.23
C ASN B 549 12.55 -21.77 -20.27
N THR B 550 13.74 -22.32 -20.51
CA THR B 550 14.25 -23.41 -19.69
C THR B 550 15.31 -22.89 -18.71
N ASP B 551 15.35 -21.59 -18.52
CA ASP B 551 16.25 -20.99 -17.54
C ASP B 551 15.69 -21.23 -16.14
N ALA B 552 16.53 -21.74 -15.25
CA ALA B 552 16.11 -22.12 -13.91
C ALA B 552 15.46 -20.98 -13.13
N VAL B 553 16.03 -19.79 -13.25
CA VAL B 553 15.54 -18.63 -12.50
C VAL B 553 14.19 -18.14 -13.03
N SER B 554 14.09 -18.01 -14.35
CA SER B 554 12.84 -17.60 -14.98
C SER B 554 11.78 -18.69 -14.79
N ARG B 555 12.23 -19.93 -14.66
CA ARG B 555 11.32 -21.06 -14.52
C ARG B 555 10.66 -21.06 -13.15
N LEU B 556 11.33 -20.41 -12.18
CA LEU B 556 10.79 -20.26 -10.84
C LEU B 556 9.46 -19.53 -10.89
N LYS B 557 9.44 -18.43 -11.64
CA LYS B 557 8.24 -17.64 -11.82
C LYS B 557 7.19 -18.41 -12.62
N ILE B 558 7.65 -19.12 -13.64
CA ILE B 558 6.75 -19.88 -14.52
C ILE B 558 6.04 -21.02 -13.80
N GLN B 559 6.82 -21.84 -13.11
CA GLN B 559 6.28 -23.03 -12.45
C GLN B 559 5.43 -22.67 -11.23
N TYR B 560 5.83 -21.64 -10.49
CA TYR B 560 5.09 -21.22 -9.31
C TYR B 560 3.69 -20.74 -9.70
N GLY B 561 3.61 -19.99 -10.79
CA GLY B 561 2.34 -19.51 -11.30
C GLY B 561 1.51 -20.60 -11.92
N THR B 562 2.18 -21.51 -12.62
CA THR B 562 1.50 -22.61 -13.30
C THR B 562 0.92 -23.60 -12.30
N SER B 563 1.63 -23.79 -11.19
CA SER B 563 1.24 -24.73 -10.16
C SER B 563 -0.03 -24.30 -9.40
N LEU B 564 -0.44 -23.06 -9.63
CA LEU B 564 -1.63 -22.53 -8.99
C LEU B 564 -2.88 -23.29 -9.39
N VAL B 565 -2.92 -23.75 -10.64
CA VAL B 565 -4.11 -24.42 -11.17
C VAL B 565 -3.82 -25.86 -11.60
N TYR B 566 -2.69 -26.06 -12.26
CA TYR B 566 -2.40 -27.35 -12.89
C TYR B 566 -1.44 -28.21 -12.06
N PRO B 567 -1.70 -29.52 -12.02
CA PRO B 567 -0.91 -30.47 -11.22
C PRO B 567 0.55 -30.56 -11.68
N ILE B 568 1.43 -30.97 -10.77
CA ILE B 568 2.85 -31.10 -11.06
C ILE B 568 3.09 -32.16 -12.14
N SER B 569 2.24 -33.18 -12.14
CA SER B 569 2.37 -34.31 -13.07
C SER B 569 2.31 -33.88 -14.53
N ALA B 570 1.62 -32.78 -14.81
CA ALA B 570 1.46 -32.27 -16.17
C ALA B 570 2.46 -31.17 -16.47
N MET B 571 3.28 -30.83 -15.48
CA MET B 571 4.21 -29.71 -15.61
C MET B 571 5.56 -30.14 -16.19
N GLY B 572 5.70 -30.01 -17.50
CA GLY B 572 6.92 -30.38 -18.19
C GLY B 572 8.09 -29.48 -17.83
N ALA B 573 9.22 -30.09 -17.47
CA ALA B 573 10.40 -29.33 -17.07
C ALA B 573 11.68 -29.99 -17.57
N HIS B 574 12.42 -29.28 -18.42
CA HIS B 574 13.66 -29.82 -18.98
C HIS B 574 14.87 -29.01 -18.55
N VAL B 575 16.01 -29.69 -18.40
CA VAL B 575 17.27 -29.02 -18.12
C VAL B 575 17.95 -28.64 -19.43
N SER B 576 18.35 -27.39 -19.55
CA SER B 576 18.97 -26.89 -20.77
C SER B 576 20.44 -26.55 -20.57
N ALA B 577 21.07 -26.02 -21.62
CA ALA B 577 22.47 -25.63 -21.55
C ALA B 577 22.61 -24.17 -21.14
N VAL B 578 23.83 -23.79 -20.74
CA VAL B 578 24.11 -22.41 -20.37
C VAL B 578 25.29 -21.86 -21.18
N PRO B 579 25.25 -20.58 -21.56
CA PRO B 579 24.18 -19.60 -21.32
C PRO B 579 22.89 -19.94 -22.06
N ASN B 580 21.76 -19.73 -21.39
CA ASN B 580 20.45 -20.08 -21.93
C ASN B 580 20.16 -19.39 -23.27
N HIS B 581 19.51 -20.13 -24.16
CA HIS B 581 19.24 -19.65 -25.51
C HIS B 581 18.16 -18.57 -25.54
N GLN B 582 17.44 -18.41 -24.44
CA GLN B 582 16.37 -17.42 -24.37
C GLN B 582 16.79 -16.15 -23.64
N VAL B 583 17.44 -16.31 -22.50
CA VAL B 583 17.83 -15.17 -21.67
C VAL B 583 19.33 -14.88 -21.70
N GLY B 584 20.14 -15.92 -21.76
CA GLY B 584 21.58 -15.75 -21.77
C GLY B 584 22.17 -15.89 -20.37
N ARG B 585 21.31 -16.24 -19.42
CA ARG B 585 21.74 -16.40 -18.03
C ARG B 585 22.55 -17.67 -17.82
N VAL B 586 23.62 -17.57 -17.04
CA VAL B 586 24.46 -18.71 -16.75
C VAL B 586 24.19 -19.25 -15.34
N ALA B 587 23.60 -20.42 -15.27
CA ALA B 587 23.28 -21.05 -13.99
C ALA B 587 23.94 -22.41 -13.87
N SER B 588 24.26 -22.81 -12.64
CA SER B 588 24.89 -24.09 -12.39
C SER B 588 23.92 -25.23 -12.70
N LEU B 589 24.46 -26.39 -13.03
CA LEU B 589 23.64 -27.55 -13.38
C LEU B 589 22.84 -28.09 -12.19
N LYS B 590 23.37 -27.90 -10.99
CA LYS B 590 22.65 -28.34 -9.79
C LYS B 590 21.34 -27.60 -9.62
N THR B 591 21.40 -26.27 -9.65
CA THR B 591 20.21 -25.44 -9.47
C THR B 591 19.27 -25.60 -10.66
N ARG B 592 19.84 -25.66 -11.86
CA ARG B 592 19.08 -25.88 -13.07
C ARG B 592 18.36 -27.22 -13.01
N GLY B 593 18.97 -28.19 -12.34
CA GLY B 593 18.35 -29.50 -12.16
C GLY B 593 17.20 -29.44 -11.16
N HIS B 594 17.48 -28.92 -9.97
CA HIS B 594 16.48 -28.85 -8.89
C HIS B 594 15.19 -28.16 -9.32
N VAL B 595 15.31 -27.14 -10.16
CA VAL B 595 14.14 -26.41 -10.65
C VAL B 595 13.32 -27.31 -11.57
N ALA B 596 14.00 -28.03 -12.46
CA ALA B 596 13.35 -28.95 -13.38
C ALA B 596 12.85 -30.19 -12.66
N MET B 597 13.50 -30.53 -11.55
CA MET B 597 13.13 -31.69 -10.75
C MET B 597 11.80 -31.46 -10.03
N SER B 598 11.37 -30.20 -9.99
CA SER B 598 10.14 -29.83 -9.32
C SER B 598 8.92 -30.01 -10.22
N GLY B 599 9.14 -30.57 -11.41
CA GLY B 599 8.07 -30.86 -12.34
C GLY B 599 8.33 -32.17 -13.05
N ASN B 600 7.68 -32.38 -14.19
CA ASN B 600 7.97 -33.55 -15.01
C ASN B 600 9.38 -33.45 -15.56
N PHE B 601 10.31 -34.16 -14.90
CA PHE B 601 11.74 -33.99 -15.16
C PHE B 601 12.14 -34.47 -16.56
N GLY B 602 13.08 -33.76 -17.16
CA GLY B 602 13.56 -34.09 -18.49
C GLY B 602 14.80 -33.33 -18.87
N TYR B 603 15.35 -33.64 -20.04
CA TYR B 603 16.54 -32.93 -20.54
C TYR B 603 16.35 -32.42 -21.96
N GLU B 604 17.10 -31.38 -22.30
CA GLU B 604 17.03 -30.80 -23.63
C GLU B 604 18.30 -30.01 -23.94
N LEU B 605 19.39 -30.72 -24.18
CA LEU B 605 20.68 -30.10 -24.47
C LEU B 605 21.66 -31.11 -25.05
N ASP B 606 22.67 -30.60 -25.76
CA ASP B 606 23.68 -31.45 -26.39
C ASP B 606 24.69 -31.96 -25.38
N ILE B 607 24.67 -33.28 -25.13
CA ILE B 607 25.56 -33.89 -24.15
C ILE B 607 27.02 -33.92 -24.61
N THR B 608 27.23 -33.82 -25.92
CA THR B 608 28.59 -33.88 -26.47
C THR B 608 29.45 -32.70 -26.04
N LYS B 609 28.80 -31.61 -25.63
CA LYS B 609 29.53 -30.43 -25.17
C LYS B 609 29.65 -30.37 -23.65
N LEU B 610 29.09 -31.37 -22.97
CA LEU B 610 29.17 -31.44 -21.51
C LEU B 610 30.43 -32.16 -21.06
N THR B 611 31.06 -31.64 -20.01
CA THR B 611 32.26 -32.24 -19.45
C THR B 611 31.91 -33.43 -18.57
N GLU B 612 32.91 -34.24 -18.23
CA GLU B 612 32.71 -35.42 -17.39
C GLU B 612 32.16 -35.09 -16.01
N THR B 613 32.54 -33.93 -15.48
CA THR B 613 32.02 -33.50 -14.19
C THR B 613 30.52 -33.27 -14.30
N GLU B 614 30.11 -32.56 -15.34
CA GLU B 614 28.70 -32.29 -15.59
C GLU B 614 27.99 -33.57 -16.05
N LYS B 615 28.72 -34.41 -16.77
CA LYS B 615 28.20 -35.66 -17.29
C LYS B 615 27.91 -36.65 -16.16
N GLN B 616 28.81 -36.67 -15.17
CA GLN B 616 28.67 -37.55 -14.02
C GLN B 616 27.55 -37.05 -13.13
N MET B 617 27.43 -35.73 -13.03
CA MET B 617 26.37 -35.10 -12.25
C MET B 617 25.01 -35.35 -12.91
N MET B 618 25.00 -35.48 -14.23
CA MET B 618 23.80 -35.81 -14.97
C MET B 618 23.30 -37.19 -14.51
N LYS B 619 24.25 -38.11 -14.33
CA LYS B 619 23.94 -39.44 -13.80
C LYS B 619 23.41 -39.35 -12.38
N GLN B 620 23.95 -38.40 -11.61
CA GLN B 620 23.54 -38.21 -10.23
C GLN B 620 22.11 -37.69 -10.13
N GLN B 621 21.77 -36.77 -11.02
CA GLN B 621 20.43 -36.17 -11.04
C GLN B 621 19.33 -37.15 -11.43
N VAL B 622 19.57 -37.93 -12.48
CA VAL B 622 18.59 -38.90 -12.96
C VAL B 622 18.24 -39.95 -11.92
N ALA B 623 19.27 -40.55 -11.31
CA ALA B 623 19.07 -41.57 -10.29
C ALA B 623 18.35 -41.02 -9.06
N PHE B 624 18.59 -39.76 -8.76
CA PHE B 624 17.96 -39.10 -7.62
C PHE B 624 16.47 -38.86 -7.84
N TYR B 625 16.09 -38.52 -9.06
CA TYR B 625 14.71 -38.17 -9.38
C TYR B 625 13.75 -39.35 -9.29
N LYS B 626 14.18 -40.52 -9.77
CA LYS B 626 13.32 -41.70 -9.79
C LYS B 626 12.95 -42.17 -8.39
N ASP B 627 13.76 -41.80 -7.40
CA ASP B 627 13.47 -42.11 -6.01
C ASP B 627 12.33 -41.26 -5.48
N VAL B 628 12.21 -40.04 -6.00
CA VAL B 628 11.23 -39.08 -5.51
C VAL B 628 10.16 -38.75 -6.54
N ARG B 629 10.16 -39.50 -7.66
CA ARG B 629 9.22 -39.24 -8.75
C ARG B 629 7.76 -39.41 -8.33
N ARG B 630 7.50 -40.38 -7.47
CA ARG B 630 6.17 -40.61 -6.91
C ARG B 630 5.73 -39.43 -6.05
N LEU B 631 6.67 -38.86 -5.31
CA LEU B 631 6.39 -37.74 -4.42
C LEU B 631 6.11 -36.46 -5.20
N VAL B 632 6.98 -36.16 -6.16
CA VAL B 632 6.85 -34.92 -6.93
C VAL B 632 5.61 -34.88 -7.80
N GLN B 633 5.33 -35.99 -8.49
CA GLN B 633 4.25 -36.02 -9.47
C GLN B 633 2.89 -36.40 -8.91
N PHE B 634 2.86 -37.04 -7.75
CA PHE B 634 1.59 -37.53 -7.19
C PHE B 634 1.37 -37.14 -5.73
N GLY B 635 2.32 -36.43 -5.14
CA GLY B 635 2.23 -36.04 -3.75
C GLY B 635 1.47 -34.73 -3.57
N THR B 636 1.26 -34.35 -2.31
CA THR B 636 0.57 -33.10 -2.01
C THR B 636 1.55 -31.94 -2.13
N PHE B 637 1.16 -30.92 -2.87
CA PHE B 637 2.06 -29.81 -3.18
C PHE B 637 1.80 -28.57 -2.34
N TYR B 638 2.86 -28.06 -1.71
CA TYR B 638 2.77 -26.85 -0.91
C TYR B 638 3.76 -25.79 -1.38
N ARG B 639 3.24 -24.62 -1.74
CA ARG B 639 4.08 -23.47 -2.07
C ARG B 639 4.42 -22.68 -0.80
N LEU B 640 5.70 -22.37 -0.66
CA LEU B 640 6.21 -21.72 0.55
C LEU B 640 6.59 -20.28 0.32
N LEU B 641 7.58 -20.06 -0.55
CA LEU B 641 8.06 -18.72 -0.84
C LEU B 641 7.84 -18.35 -2.30
N SER B 642 7.30 -17.15 -2.53
CA SER B 642 6.98 -16.69 -3.87
C SER B 642 8.10 -15.85 -4.46
N PRO B 643 8.50 -16.16 -5.71
CA PRO B 643 9.50 -15.38 -6.45
C PRO B 643 8.90 -14.07 -6.95
N PHE B 644 7.59 -13.94 -6.80
CA PHE B 644 6.87 -12.74 -7.20
C PHE B 644 6.88 -11.71 -6.07
N GLU B 645 7.19 -12.17 -4.87
CA GLU B 645 7.13 -11.31 -3.70
C GLU B 645 8.50 -10.98 -3.12
N GLY B 646 9.56 -11.57 -3.67
CA GLY B 646 10.89 -11.33 -3.16
C GLY B 646 12.03 -11.99 -3.91
N ASN B 647 13.16 -12.13 -3.22
CA ASN B 647 14.38 -12.66 -3.81
C ASN B 647 14.48 -14.16 -3.67
N GLU B 648 13.48 -14.77 -3.05
CA GLU B 648 13.49 -16.21 -2.79
C GLU B 648 12.30 -16.93 -3.41
N ALA B 649 12.42 -18.24 -3.55
CA ALA B 649 11.35 -19.09 -4.04
C ALA B 649 11.48 -20.48 -3.42
N ALA B 650 10.38 -20.99 -2.86
CA ALA B 650 10.42 -22.28 -2.19
C ALA B 650 9.08 -23.00 -2.22
N TRP B 651 9.14 -24.34 -2.31
CA TRP B 651 7.96 -25.18 -2.29
C TRP B 651 8.33 -26.58 -1.82
N MET B 652 7.33 -27.39 -1.49
CA MET B 652 7.59 -28.75 -1.05
C MET B 652 6.52 -29.74 -1.50
N PHE B 653 6.88 -31.01 -1.49
CA PHE B 653 5.96 -32.09 -1.85
C PHE B 653 5.76 -33.00 -0.64
N VAL B 654 4.52 -33.30 -0.33
CA VAL B 654 4.21 -34.14 0.83
C VAL B 654 3.45 -35.40 0.42
N SER B 655 3.84 -36.53 0.99
CA SER B 655 3.20 -37.81 0.72
C SER B 655 1.77 -37.82 1.24
N ALA B 656 0.97 -38.77 0.75
CA ALA B 656 -0.42 -38.89 1.15
C ALA B 656 -0.57 -39.28 2.61
N ASP B 657 0.34 -40.13 3.09
CA ASP B 657 0.31 -40.59 4.48
C ASP B 657 1.15 -39.69 5.39
N ARG B 658 1.69 -38.61 4.81
CA ARG B 658 2.48 -37.63 5.55
C ARG B 658 3.72 -38.24 6.21
N SER B 659 4.25 -39.30 5.61
CA SER B 659 5.44 -39.96 6.14
C SER B 659 6.68 -39.54 5.36
N GLU B 660 6.47 -39.05 4.14
CA GLU B 660 7.56 -38.63 3.29
C GLU B 660 7.33 -37.20 2.79
N ALA B 661 8.42 -36.45 2.64
CA ALA B 661 8.35 -35.07 2.18
C ALA B 661 9.65 -34.64 1.50
N LEU B 662 9.53 -33.75 0.53
CA LEU B 662 10.69 -33.26 -0.18
C LEU B 662 10.59 -31.73 -0.28
N VAL B 663 11.66 -31.05 0.12
CA VAL B 663 11.64 -29.58 0.19
C VAL B 663 12.67 -28.96 -0.75
N ALA B 664 12.24 -27.95 -1.51
CA ALA B 664 13.14 -27.22 -2.41
C ALA B 664 13.17 -25.74 -2.08
N TYR B 665 14.36 -25.17 -2.05
CA TYR B 665 14.54 -23.75 -1.79
C TYR B 665 15.40 -23.08 -2.84
N PHE B 666 15.06 -21.84 -3.19
CA PHE B 666 15.80 -21.09 -4.20
C PHE B 666 15.91 -19.62 -3.83
N ARG B 667 17.10 -19.05 -3.98
CA ARG B 667 17.27 -17.60 -3.86
C ARG B 667 18.09 -17.12 -5.06
N VAL B 668 17.58 -16.10 -5.74
CA VAL B 668 18.17 -15.68 -7.01
C VAL B 668 19.37 -14.74 -6.87
N LEU B 669 19.17 -13.56 -6.29
CA LEU B 669 20.26 -12.59 -6.21
C LEU B 669 21.01 -12.62 -4.89
N ALA B 670 22.34 -12.70 -4.98
CA ALA B 670 23.20 -12.75 -3.81
C ALA B 670 23.57 -11.36 -3.31
N GLU B 671 23.52 -11.18 -1.99
CA GLU B 671 23.93 -9.94 -1.37
C GLU B 671 25.05 -10.22 -0.36
N ALA B 672 26.06 -9.36 -0.36
CA ALA B 672 27.20 -9.53 0.55
C ALA B 672 26.78 -9.29 2.00
N ASN B 673 27.32 -10.10 2.90
CA ASN B 673 27.03 -10.02 4.33
C ASN B 673 25.53 -10.15 4.61
N ALA B 674 24.90 -11.12 3.95
CA ALA B 674 23.47 -11.35 4.05
C ALA B 674 23.06 -11.86 5.42
N PRO B 675 21.85 -11.49 5.88
CA PRO B 675 21.33 -11.97 7.16
C PRO B 675 20.99 -13.46 7.13
N LEU B 676 20.98 -14.09 8.30
CA LEU B 676 20.65 -15.50 8.41
C LEU B 676 19.16 -15.75 8.17
N SER B 677 18.85 -16.65 7.25
CA SER B 677 17.48 -16.97 6.89
C SER B 677 17.03 -18.33 7.44
N TYR B 678 15.74 -18.45 7.75
CA TYR B 678 15.17 -19.74 8.12
C TYR B 678 13.90 -20.00 7.32
N LEU B 679 13.58 -21.27 7.10
CA LEU B 679 12.43 -21.62 6.28
C LEU B 679 11.43 -22.47 7.04
N ARG B 680 10.21 -21.96 7.21
CA ARG B 680 9.16 -22.73 7.85
C ARG B 680 8.33 -23.43 6.78
N LEU B 681 8.29 -24.75 6.84
CA LEU B 681 7.57 -25.56 5.86
C LEU B 681 6.17 -25.89 6.36
N LYS B 682 5.33 -26.45 5.47
CA LYS B 682 3.94 -26.74 5.83
C LYS B 682 3.47 -28.12 5.33
N GLY B 683 2.44 -28.64 5.98
CA GLY B 683 1.78 -29.86 5.55
C GLY B 683 2.26 -31.19 6.11
N LEU B 684 3.13 -31.15 7.11
CA LEU B 684 3.59 -32.38 7.76
C LEU B 684 2.82 -32.67 9.05
N ASP B 685 2.92 -33.90 9.52
CA ASP B 685 2.28 -34.30 10.77
C ASP B 685 3.13 -33.81 11.94
N SER B 686 2.60 -32.86 12.69
CA SER B 686 3.33 -32.25 13.80
C SER B 686 3.56 -33.25 14.93
N ASN B 687 2.69 -34.25 15.02
CA ASN B 687 2.78 -35.25 16.07
C ASN B 687 3.75 -36.38 15.72
N GLN B 688 4.48 -36.21 14.62
CA GLN B 688 5.43 -37.21 14.17
C GLN B 688 6.82 -36.60 13.99
N ASP B 689 7.85 -37.44 14.06
CA ASP B 689 9.22 -36.98 13.85
C ASP B 689 9.69 -37.33 12.43
N TYR B 690 10.54 -36.46 11.87
CA TYR B 690 11.04 -36.65 10.51
C TYR B 690 12.57 -36.61 10.46
N GLU B 691 13.15 -37.45 9.62
CA GLU B 691 14.60 -37.48 9.45
C GLU B 691 15.04 -36.76 8.17
N ILE B 692 15.64 -35.59 8.33
CA ILE B 692 16.18 -34.83 7.21
C ILE B 692 17.58 -35.32 6.84
N GLU B 693 17.74 -35.74 5.59
CA GLU B 693 19.02 -36.25 5.11
C GLU B 693 20.13 -35.21 5.24
N GLY B 694 21.17 -35.55 6.00
CA GLY B 694 22.32 -34.67 6.15
C GLY B 694 22.29 -33.76 7.36
N LEU B 695 21.13 -33.66 8.01
CA LEU B 695 20.99 -32.79 9.18
C LEU B 695 20.67 -33.56 10.46
N GLY B 696 19.53 -34.26 10.47
CA GLY B 696 19.13 -35.03 11.63
C GLY B 696 17.64 -35.26 11.71
N VAL B 697 17.20 -35.87 12.81
CA VAL B 697 15.78 -36.14 13.02
C VAL B 697 15.13 -35.06 13.88
N TYR B 698 14.43 -34.14 13.23
CA TYR B 698 13.75 -33.05 13.93
C TYR B 698 12.25 -33.27 14.00
N GLY B 699 11.64 -32.78 15.07
CA GLY B 699 10.21 -32.96 15.30
C GLY B 699 9.38 -32.24 14.24
N GLY B 700 8.29 -32.87 13.83
CA GLY B 700 7.40 -32.31 12.82
C GLY B 700 6.80 -30.99 13.25
N ASP B 701 6.43 -30.91 14.53
CA ASP B 701 5.88 -29.68 15.08
C ASP B 701 6.94 -28.58 15.09
N GLU B 702 8.19 -28.96 15.37
CA GLU B 702 9.29 -28.01 15.39
C GLU B 702 9.49 -27.43 14.00
N LEU B 703 9.34 -28.28 12.99
CA LEU B 703 9.52 -27.89 11.61
C LEU B 703 8.44 -26.91 11.15
N MET B 704 7.26 -27.00 11.75
CA MET B 704 6.13 -26.15 11.39
C MET B 704 6.16 -24.82 12.10
N TYR B 705 6.52 -24.86 13.38
CA TYR B 705 6.38 -23.71 14.25
C TYR B 705 7.68 -22.91 14.39
N ALA B 706 8.81 -23.60 14.29
CA ALA B 706 10.11 -22.94 14.40
C ALA B 706 10.78 -22.79 13.05
N GLY B 707 10.78 -23.85 12.25
CA GLY B 707 11.34 -23.80 10.92
C GLY B 707 12.78 -24.27 10.87
N VAL B 708 13.31 -24.43 9.64
CA VAL B 708 14.68 -24.88 9.44
C VAL B 708 15.53 -23.76 8.85
N ALA B 709 16.71 -23.55 9.44
CA ALA B 709 17.62 -22.52 8.99
C ALA B 709 18.30 -22.91 7.68
N LEU B 710 18.47 -21.94 6.78
CA LEU B 710 19.17 -22.18 5.53
C LEU B 710 20.64 -21.80 5.68
N PRO B 711 21.55 -22.63 5.16
CA PRO B 711 22.98 -22.33 5.19
C PRO B 711 23.34 -21.13 4.33
N TYR B 712 24.24 -20.30 4.84
CA TYR B 712 24.70 -19.10 4.15
C TYR B 712 25.49 -19.50 2.91
N ARG B 713 25.10 -18.94 1.76
CA ARG B 713 25.81 -19.21 0.52
C ARG B 713 26.09 -17.94 -0.28
N SER B 714 27.10 -18.01 -1.13
CA SER B 714 27.45 -16.90 -2.02
C SER B 714 26.98 -17.25 -3.42
N SER B 715 27.42 -16.45 -4.40
CA SER B 715 27.08 -16.65 -5.81
C SER B 715 25.59 -16.50 -6.10
N ASP B 716 25.27 -16.22 -7.35
CA ASP B 716 23.87 -16.03 -7.74
C ASP B 716 23.20 -17.35 -8.08
N PHE B 717 21.88 -17.36 -7.93
CA PHE B 717 21.03 -18.49 -8.33
C PHE B 717 21.45 -19.81 -7.68
N ILE B 718 21.22 -19.93 -6.38
CA ILE B 718 21.56 -21.16 -5.65
C ILE B 718 20.29 -21.96 -5.35
N SER B 719 20.47 -23.23 -4.99
CA SER B 719 19.33 -24.10 -4.71
C SER B 719 19.63 -25.13 -3.63
N MET B 720 18.58 -25.67 -3.03
CA MET B 720 18.73 -26.69 -2.00
C MET B 720 17.57 -27.69 -2.02
N MET B 721 17.88 -28.93 -1.69
CA MET B 721 16.87 -29.99 -1.66
C MET B 721 17.00 -30.85 -0.40
N TRP B 722 15.87 -31.11 0.25
CA TRP B 722 15.87 -31.95 1.45
C TRP B 722 14.85 -33.08 1.35
N ARG B 723 15.29 -34.28 1.72
CA ARG B 723 14.41 -35.44 1.79
C ARG B 723 14.03 -35.72 3.24
N LEU B 724 12.74 -35.83 3.49
CA LEU B 724 12.22 -36.06 4.84
C LEU B 724 11.50 -37.40 4.95
N LYS B 725 11.87 -38.18 5.97
CA LYS B 725 11.26 -39.49 6.17
C LYS B 725 10.97 -39.74 7.64
N ALA B 726 9.81 -40.31 7.92
CA ALA B 726 9.40 -40.62 9.28
C ALA B 726 10.26 -41.73 9.89
N VAL B 727 10.13 -41.92 11.20
CA VAL B 727 10.90 -42.95 11.90
C VAL B 727 9.99 -43.92 12.64
N LYS C 10 6.84 12.00 -44.14
CA LYS C 10 5.62 11.32 -43.72
C LYS C 10 5.44 11.44 -42.21
N GLN C 11 5.44 12.66 -41.71
CA GLN C 11 5.37 12.89 -40.27
C GLN C 11 4.27 13.88 -39.90
N PHE C 12 3.35 13.46 -39.05
CA PHE C 12 2.29 14.34 -38.57
C PHE C 12 2.63 14.88 -37.19
N HIS C 13 2.86 16.19 -37.10
CA HIS C 13 3.18 16.81 -35.82
C HIS C 13 2.17 17.89 -35.50
N LEU C 14 1.35 17.62 -34.48
CA LEU C 14 0.31 18.53 -34.08
C LEU C 14 0.71 19.28 -32.80
N ARG C 15 0.59 20.60 -32.82
CA ARG C 15 0.83 21.42 -31.64
C ARG C 15 -0.45 22.00 -31.05
N ALA C 16 -0.82 21.51 -29.87
CA ALA C 16 -1.99 22.03 -29.17
C ALA C 16 -1.55 22.73 -27.88
N GLY C 17 -1.44 24.05 -27.95
CA GLY C 17 -0.97 24.84 -26.81
C GLY C 17 0.45 24.51 -26.42
N LYS C 18 0.61 23.91 -25.24
CA LYS C 18 1.92 23.53 -24.75
C LYS C 18 2.12 22.02 -24.84
N ALA C 19 1.35 21.37 -25.72
CA ALA C 19 1.42 19.93 -25.88
C ALA C 19 1.61 19.53 -27.35
N SER C 20 2.08 18.30 -27.56
CA SER C 20 2.28 17.79 -28.91
C SER C 20 1.65 16.41 -29.09
N TYR C 21 1.01 16.21 -30.24
CA TYR C 21 0.44 14.91 -30.59
C TYR C 21 1.02 14.45 -31.92
N VAL C 22 1.85 13.41 -31.88
CA VAL C 22 2.62 13.02 -33.06
C VAL C 22 2.20 11.68 -33.67
N MET C 23 2.16 11.63 -35.00
CA MET C 23 1.80 10.42 -35.74
C MET C 23 2.79 10.22 -36.88
N GLN C 24 2.81 9.03 -37.46
CA GLN C 24 3.69 8.72 -38.58
C GLN C 24 3.13 7.61 -39.47
N LEU C 25 3.35 7.76 -40.77
CA LEU C 25 2.98 6.73 -41.73
C LEU C 25 4.11 5.70 -41.76
N PHE C 26 3.75 4.43 -41.73
CA PHE C 26 4.75 3.37 -41.67
C PHE C 26 4.55 2.38 -42.82
N ARG C 27 5.63 2.15 -43.57
CA ARG C 27 5.62 1.21 -44.69
C ARG C 27 4.54 1.54 -45.73
N SER C 28 3.69 0.56 -46.01
CA SER C 28 2.69 0.72 -47.07
C SER C 28 1.38 1.32 -46.56
N GLY C 29 1.45 2.52 -46.01
CA GLY C 29 0.26 3.26 -45.63
C GLY C 29 -0.35 2.92 -44.29
N TYR C 30 0.48 2.46 -43.34
CA TYR C 30 -0.01 2.18 -42.00
C TYR C 30 0.10 3.40 -41.10
N LEU C 31 -0.98 3.71 -40.38
CA LEU C 31 -1.00 4.87 -39.48
C LEU C 31 -0.62 4.45 -38.07
N ALA C 32 0.48 5.03 -37.58
CA ALA C 32 1.00 4.67 -36.26
C ALA C 32 1.03 5.85 -35.29
N HIS C 33 0.80 5.58 -34.02
CA HIS C 33 0.94 6.58 -32.97
C HIS C 33 2.40 6.65 -32.54
N VAL C 34 2.87 7.84 -32.19
CA VAL C 34 4.27 8.01 -31.81
C VAL C 34 4.43 8.67 -30.43
N TYR C 35 3.72 9.76 -30.19
CA TYR C 35 3.92 10.53 -28.96
C TYR C 35 2.75 11.44 -28.61
N TRP C 36 2.48 11.54 -27.30
CA TRP C 36 1.53 12.51 -26.77
C TRP C 36 2.01 13.00 -25.40
N GLY C 37 2.27 14.30 -25.29
CA GLY C 37 2.74 14.87 -24.04
C GLY C 37 3.14 16.33 -24.18
N LYS C 38 4.16 16.72 -23.40
CA LYS C 38 4.67 18.09 -23.43
C LYS C 38 5.19 18.48 -24.82
N ALA C 39 5.08 19.76 -25.15
CA ALA C 39 5.44 20.25 -26.48
C ALA C 39 6.91 20.04 -26.88
N VAL C 40 7.10 19.53 -28.08
CA VAL C 40 8.42 19.36 -28.69
C VAL C 40 8.41 20.04 -30.05
N ARG C 41 9.55 20.60 -30.48
CA ARG C 41 9.61 21.24 -31.80
C ARG C 41 9.53 20.22 -32.93
N ASP C 42 10.23 19.11 -32.78
CA ASP C 42 10.21 18.06 -33.80
C ASP C 42 10.63 16.70 -33.25
N VAL C 43 9.85 15.68 -33.59
CA VAL C 43 10.19 14.31 -33.22
C VAL C 43 11.03 13.64 -34.30
N ARG C 44 12.35 13.75 -34.15
CA ARG C 44 13.28 13.12 -35.08
C ARG C 44 13.52 11.64 -34.75
N GLY C 45 12.67 11.11 -33.87
CA GLY C 45 12.76 9.71 -33.48
C GLY C 45 13.73 9.43 -32.36
N ALA C 46 13.59 10.16 -31.26
CA ALA C 46 14.41 9.94 -30.07
C ALA C 46 13.81 8.78 -29.28
N ARG C 47 12.48 8.76 -29.20
CA ARG C 47 11.75 7.64 -28.61
C ARG C 47 11.94 6.39 -29.46
N ALA C 48 12.42 6.59 -30.69
CA ALA C 48 12.81 5.53 -31.61
C ALA C 48 11.71 4.49 -31.88
N PHE C 49 12.12 3.32 -32.35
CA PHE C 49 11.21 2.28 -32.78
C PHE C 49 11.98 1.02 -33.16
N PRO C 50 12.56 0.32 -32.17
CA PRO C 50 13.32 -0.89 -32.44
C PRO C 50 12.40 -2.05 -32.82
N ARG C 51 12.56 -2.60 -34.02
CA ARG C 51 11.74 -3.72 -34.46
C ARG C 51 12.27 -5.05 -33.95
N LEU C 52 11.35 -5.93 -33.54
CA LEU C 52 11.71 -7.22 -32.98
C LEU C 52 10.73 -8.30 -33.42
N ASP C 53 11.24 -9.51 -33.59
CA ASP C 53 10.41 -10.64 -33.98
C ASP C 53 9.77 -11.27 -32.74
N ARG C 54 8.55 -10.82 -32.42
CA ARG C 54 7.84 -11.30 -31.24
C ARG C 54 7.14 -12.62 -31.52
N ALA C 55 7.30 -13.58 -30.61
CA ALA C 55 6.71 -14.89 -30.76
C ALA C 55 5.18 -14.86 -30.78
N PHE C 56 4.58 -15.70 -31.62
CA PHE C 56 3.13 -15.84 -31.74
C PHE C 56 2.43 -14.56 -32.21
N SER C 57 3.22 -13.59 -32.66
CA SER C 57 2.68 -12.39 -33.29
C SER C 57 2.87 -12.53 -34.80
N PRO C 58 1.81 -12.98 -35.49
CA PRO C 58 1.91 -13.32 -36.92
C PRO C 58 2.15 -12.10 -37.80
N ASN C 59 2.64 -12.33 -39.01
CA ASN C 59 3.03 -11.24 -39.89
C ASN C 59 2.25 -11.21 -41.20
N PRO C 60 1.78 -10.01 -41.58
CA PRO C 60 1.13 -9.81 -42.89
C PRO C 60 2.15 -9.89 -44.02
N ASP C 61 3.41 -9.66 -43.69
CA ASP C 61 4.50 -9.78 -44.65
C ASP C 61 5.42 -10.93 -44.25
N PRO C 62 5.38 -12.03 -45.01
CA PRO C 62 6.17 -13.24 -44.72
C PRO C 62 7.68 -13.00 -44.79
N SER C 63 8.08 -11.95 -45.48
CA SER C 63 9.50 -11.64 -45.63
C SER C 63 10.05 -10.93 -44.40
N ASP C 64 9.14 -10.41 -43.58
CA ASP C 64 9.53 -9.68 -42.37
C ASP C 64 8.80 -10.24 -41.15
N ARG C 65 9.53 -11.00 -40.34
CA ARG C 65 8.95 -11.62 -39.15
C ARG C 65 8.87 -10.60 -38.01
N THR C 66 9.56 -9.47 -38.19
CA THR C 66 9.60 -8.43 -37.17
C THR C 66 8.43 -7.47 -37.31
N PHE C 67 7.63 -7.66 -38.35
CA PHE C 67 6.49 -6.78 -38.60
C PHE C 67 5.16 -7.45 -38.27
N SER C 68 4.46 -6.91 -37.29
CA SER C 68 3.16 -7.44 -36.87
C SER C 68 2.29 -6.34 -36.30
N LEU C 69 1.00 -6.38 -36.59
CA LEU C 69 0.07 -5.38 -36.09
C LEU C 69 -0.20 -5.56 -34.60
N ASP C 70 0.19 -6.71 -34.07
CA ASP C 70 0.02 -7.00 -32.65
C ASP C 70 1.05 -6.25 -31.81
N THR C 71 2.10 -5.75 -32.45
CA THR C 71 3.19 -5.10 -31.71
C THR C 71 3.47 -3.65 -32.12
N LEU C 72 2.59 -3.06 -32.93
CA LEU C 72 2.79 -1.67 -33.34
C LEU C 72 1.66 -0.75 -32.85
N LEU C 73 2.05 0.40 -32.33
CA LEU C 73 1.12 1.37 -31.76
C LEU C 73 0.29 2.07 -32.84
N GLN C 74 -1.03 1.88 -32.80
CA GLN C 74 -1.92 2.41 -33.83
C GLN C 74 -2.83 3.53 -33.34
N GLU C 75 -3.49 4.19 -34.28
CA GLU C 75 -4.44 5.26 -33.98
C GLU C 75 -5.88 4.78 -34.16
N TYR C 76 -6.06 3.82 -35.05
CA TYR C 76 -7.37 3.22 -35.27
C TYR C 76 -7.22 1.77 -35.72
N PRO C 77 -6.88 0.87 -34.79
CA PRO C 77 -6.55 -0.53 -35.07
C PRO C 77 -7.77 -1.39 -35.36
N ALA C 78 -7.55 -2.49 -36.07
CA ALA C 78 -8.63 -3.44 -36.37
C ALA C 78 -8.23 -4.86 -35.98
N TYR C 79 -9.22 -5.72 -35.80
CA TYR C 79 -8.98 -7.12 -35.46
C TYR C 79 -9.18 -8.02 -36.69
N GLY C 80 -8.45 -9.14 -36.72
CA GLY C 80 -8.59 -10.11 -37.79
C GLY C 80 -7.30 -10.31 -38.56
N ASN C 81 -6.54 -9.23 -38.71
CA ASN C 81 -5.28 -9.28 -39.44
C ASN C 81 -4.06 -9.08 -38.54
N THR C 82 -3.68 -10.13 -37.82
CA THR C 82 -2.47 -10.19 -36.99
C THR C 82 -2.54 -9.38 -35.69
N ASP C 83 -3.52 -8.48 -35.58
CA ASP C 83 -3.72 -7.73 -34.34
C ASP C 83 -4.75 -8.46 -33.49
N PHE C 84 -4.39 -8.76 -32.24
CA PHE C 84 -5.27 -9.52 -31.36
C PHE C 84 -5.82 -8.69 -30.21
N ARG C 85 -5.36 -7.45 -30.08
CA ARG C 85 -5.88 -6.55 -29.06
C ARG C 85 -7.25 -6.03 -29.45
N ALA C 86 -7.96 -5.42 -28.51
CA ALA C 86 -9.28 -4.86 -28.78
C ALA C 86 -9.19 -3.75 -29.81
N PRO C 87 -9.91 -3.92 -30.94
CA PRO C 87 -9.86 -2.97 -32.05
C PRO C 87 -10.70 -1.73 -31.77
N ALA C 88 -10.41 -0.65 -32.50
CA ALA C 88 -11.20 0.58 -32.38
C ALA C 88 -12.49 0.44 -33.15
N TYR C 89 -12.49 -0.42 -34.16
CA TYR C 89 -13.69 -0.66 -34.96
C TYR C 89 -13.74 -2.10 -35.43
N GLN C 90 -14.92 -2.53 -35.86
CA GLN C 90 -15.09 -3.88 -36.38
C GLN C 90 -16.29 -3.90 -37.34
N VAL C 91 -16.05 -4.34 -38.56
CA VAL C 91 -17.09 -4.31 -39.59
C VAL C 91 -17.46 -5.72 -40.03
N GLN C 92 -18.77 -5.96 -40.16
CA GLN C 92 -19.27 -7.24 -40.63
C GLN C 92 -19.59 -7.15 -42.13
N LEU C 93 -18.98 -8.02 -42.90
CA LEU C 93 -19.19 -8.05 -44.34
C LEU C 93 -20.44 -8.88 -44.65
N GLU C 94 -20.88 -8.85 -45.92
CA GLU C 94 -22.05 -9.61 -46.32
C GLU C 94 -21.78 -11.11 -46.22
N ASN C 95 -20.53 -11.51 -46.42
CA ASN C 95 -20.14 -12.91 -46.30
C ASN C 95 -19.96 -13.32 -44.85
N GLY C 96 -20.02 -12.34 -43.96
CA GLY C 96 -19.97 -12.60 -42.53
C GLY C 96 -18.61 -12.36 -41.87
N SER C 97 -17.56 -12.30 -42.69
CA SER C 97 -16.21 -12.10 -42.19
C SER C 97 -16.06 -10.75 -41.50
N THR C 98 -15.13 -10.66 -40.56
CA THR C 98 -14.88 -9.41 -39.85
C THR C 98 -13.49 -8.88 -40.19
N VAL C 99 -12.89 -9.46 -41.23
CA VAL C 99 -11.55 -9.07 -41.65
C VAL C 99 -11.57 -7.82 -42.50
N THR C 100 -10.92 -6.78 -42.00
CA THR C 100 -10.80 -5.52 -42.74
C THR C 100 -9.32 -5.18 -42.92
N ASP C 101 -9.01 -4.45 -43.99
CA ASP C 101 -7.63 -4.12 -44.30
C ASP C 101 -7.54 -2.65 -44.72
N LEU C 102 -7.42 -1.79 -43.72
CA LEU C 102 -7.40 -0.35 -43.94
C LEU C 102 -6.01 0.15 -44.34
N ARG C 103 -5.96 0.94 -45.41
CA ARG C 103 -4.71 1.53 -45.88
C ARG C 103 -4.87 3.04 -46.02
N TYR C 104 -3.74 3.74 -46.07
CA TYR C 104 -3.75 5.20 -46.24
C TYR C 104 -4.16 5.59 -47.66
N LYS C 105 -5.10 6.51 -47.76
CA LYS C 105 -5.52 7.05 -49.05
C LYS C 105 -4.98 8.47 -49.25
N THR C 106 -5.42 9.39 -48.41
CA THR C 106 -4.98 10.77 -48.49
C THR C 106 -5.30 11.51 -47.20
N HIS C 107 -4.95 12.80 -47.16
CA HIS C 107 -5.24 13.64 -46.01
C HIS C 107 -5.35 15.09 -46.42
N ARG C 108 -6.00 15.89 -45.59
CA ARG C 108 -6.19 17.31 -45.86
C ARG C 108 -6.08 18.12 -44.57
N ILE C 109 -5.53 19.32 -44.68
CA ILE C 109 -5.37 20.19 -43.52
C ILE C 109 -5.98 21.56 -43.77
N TYR C 110 -6.81 22.01 -42.84
CA TYR C 110 -7.44 23.33 -42.91
C TYR C 110 -7.69 23.92 -41.53
N LYS C 111 -7.74 25.25 -41.47
CA LYS C 111 -7.95 25.96 -40.21
C LYS C 111 -9.41 25.86 -39.75
N GLY C 112 -9.62 25.94 -38.44
CA GLY C 112 -10.95 25.93 -37.88
C GLY C 112 -11.35 24.57 -37.35
N LYS C 113 -12.63 24.43 -37.00
CA LYS C 113 -13.15 23.16 -36.50
C LYS C 113 -14.57 22.92 -37.04
N PRO C 114 -14.78 21.77 -37.69
CA PRO C 114 -16.07 21.46 -38.30
C PRO C 114 -17.05 20.79 -37.34
N ARG C 115 -18.34 20.91 -37.64
CA ARG C 115 -19.39 20.30 -36.84
C ARG C 115 -19.67 18.86 -37.27
N LEU C 116 -20.13 18.04 -36.33
CA LEU C 116 -20.43 16.64 -36.62
C LEU C 116 -21.90 16.46 -36.95
N ASN C 117 -22.18 15.60 -37.94
CA ASN C 117 -23.52 15.37 -38.43
C ASN C 117 -24.54 14.96 -37.36
N GLY C 118 -25.46 15.87 -37.05
CA GLY C 118 -26.52 15.60 -36.08
C GLY C 118 -26.01 15.30 -34.69
N LEU C 119 -24.78 15.71 -34.41
CA LEU C 119 -24.14 15.43 -33.13
C LEU C 119 -23.54 16.68 -32.51
N PRO C 120 -23.57 16.77 -31.17
CA PRO C 120 -22.96 17.86 -30.43
C PRO C 120 -21.45 17.74 -30.36
N ALA C 121 -20.76 18.87 -30.31
CA ALA C 121 -19.30 18.88 -30.27
C ALA C 121 -18.79 20.24 -29.80
N THR C 122 -17.54 20.27 -29.34
CA THR C 122 -16.90 21.52 -28.96
C THR C 122 -16.77 22.41 -30.19
N TYR C 123 -17.05 23.70 -30.01
CA TYR C 123 -17.09 24.61 -31.14
C TYR C 123 -16.03 25.72 -31.04
N VAL C 124 -16.04 26.61 -32.02
CA VAL C 124 -15.16 27.77 -32.05
C VAL C 124 -15.95 29.00 -32.50
N GLU C 125 -15.60 30.16 -31.95
CA GLU C 125 -16.26 31.40 -32.33
C GLU C 125 -15.40 32.17 -33.34
N HIS C 126 -14.11 31.87 -33.35
CA HIS C 126 -13.19 32.49 -34.29
C HIS C 126 -12.30 31.45 -34.95
N GLU C 127 -11.97 31.67 -36.21
CA GLU C 127 -11.17 30.75 -37.01
C GLU C 127 -9.79 30.46 -36.43
N GLN C 128 -9.21 31.45 -35.78
CA GLN C 128 -7.84 31.37 -35.29
C GLN C 128 -7.66 30.41 -34.11
N GLU C 129 -8.76 30.04 -33.46
CA GLU C 129 -8.68 29.26 -32.22
C GLU C 129 -8.15 27.84 -32.39
N ALA C 130 -8.39 27.22 -33.54
CA ALA C 130 -7.97 25.82 -33.72
C ALA C 130 -7.70 25.42 -35.17
N GLU C 131 -7.01 24.30 -35.34
CA GLU C 131 -6.72 23.72 -36.66
C GLU C 131 -7.13 22.26 -36.70
N THR C 132 -7.65 21.82 -37.83
CA THR C 132 -8.12 20.43 -37.98
C THR C 132 -7.39 19.64 -39.07
N LEU C 133 -7.02 18.41 -38.74
CA LEU C 133 -6.40 17.50 -39.69
C LEU C 133 -7.30 16.29 -39.94
N GLU C 134 -7.67 16.09 -41.20
CA GLU C 134 -8.50 14.94 -41.58
C GLU C 134 -7.72 13.92 -42.40
N ILE C 135 -7.48 12.75 -41.81
CA ILE C 135 -6.78 11.69 -42.50
C ILE C 135 -7.76 10.68 -43.07
N VAL C 136 -7.86 10.63 -44.40
CA VAL C 136 -8.79 9.73 -45.05
C VAL C 136 -8.10 8.37 -45.26
N LEU C 137 -8.67 7.35 -44.63
CA LEU C 137 -8.16 6.00 -44.75
C LEU C 137 -9.07 5.18 -45.65
N GLY C 138 -8.58 4.10 -46.23
CA GLY C 138 -9.38 3.34 -47.18
C GLY C 138 -9.09 1.86 -47.33
N ASP C 139 -10.17 1.08 -47.41
CA ASP C 139 -10.09 -0.34 -47.74
C ASP C 139 -10.45 -0.52 -49.21
N ALA C 140 -9.45 -0.72 -50.05
CA ALA C 140 -9.64 -0.77 -51.50
C ALA C 140 -10.58 -1.88 -51.97
N LEU C 141 -10.50 -3.04 -51.33
CA LEU C 141 -11.27 -4.21 -51.75
C LEU C 141 -12.78 -4.02 -51.63
N ILE C 142 -13.22 -3.45 -50.51
CA ILE C 142 -14.64 -3.27 -50.26
C ILE C 142 -15.03 -1.81 -50.45
N GLY C 143 -14.03 -0.98 -50.77
CA GLY C 143 -14.27 0.43 -51.04
C GLY C 143 -14.74 1.21 -49.83
N LEU C 144 -14.26 0.81 -48.65
CA LEU C 144 -14.64 1.51 -47.42
C LEU C 144 -13.63 2.61 -47.09
N GLU C 145 -14.15 3.81 -46.87
CA GLU C 145 -13.31 4.96 -46.52
C GLU C 145 -13.60 5.46 -45.10
N VAL C 146 -12.55 5.60 -44.30
CA VAL C 146 -12.69 6.09 -42.94
C VAL C 146 -11.90 7.38 -42.72
N THR C 147 -12.62 8.46 -42.40
CA THR C 147 -12.00 9.76 -42.22
C THR C 147 -11.74 10.05 -40.74
N LEU C 148 -10.46 10.15 -40.38
CA LEU C 148 -10.06 10.39 -39.00
C LEU C 148 -9.92 11.88 -38.72
N GLN C 149 -10.66 12.37 -37.73
CA GLN C 149 -10.66 13.79 -37.40
C GLN C 149 -9.79 14.13 -36.18
N TYR C 150 -8.88 15.09 -36.38
CA TYR C 150 -8.00 15.56 -35.32
C TYR C 150 -8.09 17.08 -35.20
N THR C 151 -8.21 17.59 -33.98
CA THR C 151 -8.34 19.03 -33.76
C THR C 151 -7.36 19.55 -32.71
N ALA C 152 -6.71 20.66 -33.01
CA ALA C 152 -5.74 21.26 -32.10
C ALA C 152 -6.10 22.70 -31.71
N TYR C 153 -6.50 22.89 -30.47
CA TYR C 153 -6.74 24.24 -29.96
C TYR C 153 -5.39 24.93 -29.78
N GLU C 154 -5.37 26.25 -29.90
CA GLU C 154 -4.12 27.00 -29.83
C GLU C 154 -3.75 27.41 -28.41
N LYS C 155 -4.76 27.71 -27.60
CA LYS C 155 -4.53 28.20 -26.25
C LYS C 155 -4.54 27.09 -25.19
N TRP C 156 -5.16 25.96 -25.52
CA TRP C 156 -5.29 24.87 -24.56
C TRP C 156 -4.62 23.57 -25.03
N ASN C 157 -4.30 22.72 -24.07
CA ASN C 157 -3.76 21.39 -24.37
C ASN C 157 -4.89 20.40 -24.61
N VAL C 158 -5.69 20.67 -25.63
CA VAL C 158 -6.89 19.88 -25.90
C VAL C 158 -6.81 19.13 -27.22
N ILE C 159 -7.01 17.82 -27.16
CA ILE C 159 -7.06 17.01 -28.38
C ILE C 159 -8.39 16.30 -28.53
N THR C 160 -9.18 16.68 -29.52
CA THR C 160 -10.45 16.01 -29.79
C THR C 160 -10.31 15.07 -30.98
N ARG C 161 -10.83 13.86 -30.85
CA ARG C 161 -10.72 12.86 -31.91
C ARG C 161 -12.06 12.21 -32.25
N SER C 162 -12.30 12.04 -33.55
CA SER C 162 -13.50 11.37 -34.03
C SER C 162 -13.25 10.77 -35.40
N ALA C 163 -14.13 9.89 -35.84
CA ALA C 163 -13.98 9.22 -37.12
C ALA C 163 -15.26 9.28 -37.95
N ARG C 164 -15.11 9.37 -39.27
CA ARG C 164 -16.26 9.37 -40.16
C ARG C 164 -16.19 8.18 -41.11
N PHE C 165 -17.13 7.26 -40.96
CA PHE C 165 -17.19 6.07 -41.81
C PHE C 165 -18.04 6.35 -43.05
N GLU C 166 -17.69 5.72 -44.16
CA GLU C 166 -18.46 5.88 -45.39
C GLU C 166 -18.33 4.68 -46.32
N ASN C 167 -19.47 4.13 -46.73
CA ASN C 167 -19.48 3.02 -47.67
C ASN C 167 -19.38 3.57 -49.09
N LYS C 168 -18.18 3.55 -49.64
CA LYS C 168 -17.96 4.09 -50.98
C LYS C 168 -17.84 2.95 -51.97
N GLY C 169 -18.28 1.76 -51.55
CA GLY C 169 -18.27 0.58 -52.39
C GLY C 169 -19.67 0.23 -52.87
N GLY C 170 -19.81 -0.96 -53.45
CA GLY C 170 -21.09 -1.40 -53.98
C GLY C 170 -21.76 -2.47 -53.16
N GLU C 171 -21.24 -2.75 -51.97
CA GLU C 171 -21.80 -3.78 -51.10
C GLU C 171 -22.21 -3.21 -49.75
N ARG C 172 -23.10 -3.92 -49.07
CA ARG C 172 -23.58 -3.51 -47.74
C ARG C 172 -22.64 -3.95 -46.62
N LEU C 173 -22.36 -3.04 -45.70
CA LEU C 173 -21.45 -3.28 -44.58
C LEU C 173 -22.15 -3.07 -43.24
N LYS C 174 -21.91 -4.00 -42.31
CA LYS C 174 -22.53 -3.95 -40.99
C LYS C 174 -21.50 -3.59 -39.91
N LEU C 175 -21.70 -2.47 -39.24
CA LEU C 175 -20.80 -2.05 -38.16
C LEU C 175 -21.10 -2.78 -36.86
N LEU C 176 -20.13 -3.58 -36.40
CA LEU C 176 -20.27 -4.26 -35.11
C LEU C 176 -19.67 -3.41 -34.00
N ARG C 177 -18.74 -2.53 -34.38
CA ARG C 177 -18.08 -1.66 -33.43
C ARG C 177 -17.56 -0.40 -34.11
N ALA C 178 -17.85 0.76 -33.52
CA ALA C 178 -17.42 2.03 -34.07
C ALA C 178 -17.04 3.02 -32.98
N LEU C 179 -15.93 2.75 -32.29
CA LEU C 179 -15.47 3.62 -31.22
C LEU C 179 -14.97 4.94 -31.77
N SER C 180 -14.97 5.97 -30.93
CA SER C 180 -14.60 7.32 -31.36
C SER C 180 -13.10 7.48 -31.56
N MET C 181 -12.30 6.86 -30.71
CA MET C 181 -10.86 6.99 -30.78
C MET C 181 -10.11 5.82 -30.16
N SER C 182 -8.80 5.79 -30.39
CA SER C 182 -7.92 4.77 -29.81
C SER C 182 -6.49 5.27 -29.83
N VAL C 183 -5.78 5.06 -28.73
CA VAL C 183 -4.39 5.48 -28.63
C VAL C 183 -3.57 4.45 -27.85
N ASP C 184 -2.41 4.09 -28.40
CA ASP C 184 -1.56 3.09 -27.78
C ASP C 184 -0.36 3.72 -27.07
N PHE C 185 -0.34 3.64 -25.75
CA PHE C 185 0.76 4.16 -24.96
C PHE C 185 1.92 3.16 -24.92
N PRO C 186 3.16 3.67 -24.95
CA PRO C 186 4.35 2.81 -24.98
C PRO C 186 4.54 2.00 -23.69
N THR C 187 4.23 2.60 -22.56
CA THR C 187 4.33 1.90 -21.28
C THR C 187 3.00 1.88 -20.54
N ALA C 188 2.96 1.13 -19.43
CA ALA C 188 1.72 0.98 -18.67
C ALA C 188 1.96 1.25 -17.18
N ASP C 189 2.99 2.02 -16.88
CA ASP C 189 3.28 2.36 -15.48
C ASP C 189 2.39 3.53 -15.04
N TYR C 190 1.08 3.30 -15.03
CA TYR C 190 0.13 4.33 -14.66
C TYR C 190 -0.93 3.79 -13.71
N ASP C 191 -1.59 4.71 -13.00
CA ASP C 191 -2.84 4.40 -12.33
C ASP C 191 -3.93 4.91 -13.24
N TRP C 192 -5.15 4.38 -13.10
CA TRP C 192 -6.24 4.86 -13.94
C TRP C 192 -7.42 5.29 -13.07
N ILE C 193 -7.98 6.45 -13.41
CA ILE C 193 -9.06 7.03 -12.63
C ILE C 193 -10.33 7.16 -13.46
N HIS C 194 -11.43 6.66 -12.89
CA HIS C 194 -12.74 6.78 -13.53
C HIS C 194 -13.73 7.35 -12.52
N LEU C 195 -14.98 7.55 -12.97
CA LEU C 195 -15.98 8.16 -12.11
C LEU C 195 -17.21 7.26 -11.93
N PRO C 196 -17.10 6.25 -11.06
CA PRO C 196 -18.24 5.39 -10.74
C PRO C 196 -19.15 6.07 -9.72
N GLY C 197 -20.32 5.47 -9.48
CA GLY C 197 -21.24 6.00 -8.50
C GLY C 197 -22.62 5.37 -8.61
N ALA C 198 -23.62 6.11 -8.14
CA ALA C 198 -25.01 5.67 -8.19
C ALA C 198 -25.92 6.87 -7.99
N TRP C 199 -27.22 6.63 -7.88
CA TRP C 199 -28.15 7.69 -7.59
C TRP C 199 -27.89 8.19 -6.17
N GLY C 200 -27.72 9.50 -6.03
CA GLY C 200 -27.42 10.09 -4.74
C GLY C 200 -25.94 10.12 -4.42
N ARG C 201 -25.11 9.62 -5.33
CA ARG C 201 -23.66 9.67 -5.17
C ARG C 201 -22.95 9.59 -6.52
N GLU C 202 -23.24 10.54 -7.41
CA GLU C 202 -22.70 10.49 -8.76
C GLU C 202 -21.25 10.93 -8.82
N ARG C 203 -20.50 10.30 -9.73
CA ARG C 203 -19.15 10.73 -10.09
C ARG C 203 -18.18 10.84 -8.92
N TRP C 204 -17.95 9.73 -8.23
CA TRP C 204 -16.88 9.67 -7.24
C TRP C 204 -15.58 9.35 -7.96
N ILE C 205 -14.51 10.06 -7.65
CA ILE C 205 -13.23 9.78 -8.29
C ILE C 205 -12.58 8.53 -7.68
N GLU C 206 -12.35 7.53 -8.51
CA GLU C 206 -11.74 6.29 -8.06
C GLU C 206 -10.46 5.98 -8.83
N ARG C 207 -9.33 6.04 -8.14
CA ARG C 207 -8.04 5.73 -8.76
C ARG C 207 -7.54 4.36 -8.34
N ARG C 208 -7.26 3.54 -9.35
CA ARG C 208 -6.80 2.17 -9.13
C ARG C 208 -5.59 1.90 -10.01
N PRO C 209 -4.71 0.99 -9.57
CA PRO C 209 -3.58 0.61 -10.43
C PRO C 209 -4.05 -0.24 -11.59
N LEU C 210 -3.35 -0.17 -12.72
CA LEU C 210 -3.73 -0.93 -13.90
C LEU C 210 -3.47 -2.42 -13.71
N VAL C 211 -4.40 -3.24 -14.19
CA VAL C 211 -4.21 -4.69 -14.17
C VAL C 211 -3.81 -5.12 -15.58
N THR C 212 -3.06 -6.19 -15.70
CA THR C 212 -2.64 -6.68 -17.01
C THR C 212 -3.78 -7.42 -17.71
N GLY C 213 -4.50 -6.69 -18.56
CA GLY C 213 -5.67 -7.20 -19.22
C GLY C 213 -6.56 -6.04 -19.63
N VAL C 214 -7.86 -6.16 -19.41
CA VAL C 214 -8.79 -5.10 -19.78
C VAL C 214 -9.64 -4.62 -18.60
N GLN C 215 -9.49 -3.34 -18.27
CA GLN C 215 -10.37 -2.68 -17.31
C GLN C 215 -11.14 -1.58 -18.04
N ALA C 216 -12.43 -1.47 -17.75
CA ALA C 216 -13.28 -0.54 -18.49
C ALA C 216 -14.46 -0.01 -17.68
N ALA C 217 -14.84 1.24 -17.96
CA ALA C 217 -16.05 1.83 -17.41
C ALA C 217 -17.02 2.07 -18.55
N GLU C 218 -18.28 1.66 -18.36
CA GLU C 218 -19.26 1.73 -19.44
C GLU C 218 -20.69 1.89 -18.93
N SER C 219 -21.60 2.17 -19.85
CA SER C 219 -23.02 2.28 -19.52
C SER C 219 -23.88 1.62 -20.58
N ARG C 220 -24.78 0.75 -20.14
CA ARG C 220 -25.67 0.03 -21.05
C ARG C 220 -27.11 0.44 -20.77
N ARG C 221 -27.29 1.64 -20.25
CA ARG C 221 -28.59 2.11 -19.80
C ARG C 221 -29.20 3.11 -20.76
N GLY C 222 -28.55 3.33 -21.90
CA GLY C 222 -29.02 4.28 -22.89
C GLY C 222 -28.82 5.71 -22.44
N ALA C 223 -28.12 5.87 -21.33
CA ALA C 223 -27.83 7.19 -20.79
C ALA C 223 -26.42 7.19 -20.22
N SER C 224 -25.89 8.38 -19.94
CA SER C 224 -24.57 8.51 -19.33
C SER C 224 -24.54 7.83 -17.97
N SER C 225 -25.70 7.81 -17.31
CA SER C 225 -25.91 7.08 -16.06
C SER C 225 -25.12 7.64 -14.88
N HIS C 226 -25.58 7.31 -13.68
CA HIS C 226 -24.91 7.72 -12.45
C HIS C 226 -23.83 6.70 -12.13
N GLN C 227 -24.02 5.50 -12.66
CA GLN C 227 -23.17 4.36 -12.33
C GLN C 227 -21.76 4.51 -12.90
N GLN C 228 -21.65 4.95 -14.15
CA GLN C 228 -20.36 5.15 -14.78
C GLN C 228 -20.36 6.41 -15.65
N ASN C 229 -19.64 7.43 -15.23
CA ASN C 229 -19.53 8.67 -15.99
C ASN C 229 -18.60 8.53 -17.19
N PRO C 230 -19.01 9.06 -18.35
CA PRO C 230 -18.22 8.99 -19.59
C PRO C 230 -16.91 9.76 -19.52
N PHE C 231 -15.98 9.28 -18.69
CA PHE C 231 -14.66 9.88 -18.59
C PHE C 231 -13.64 8.91 -18.03
N ILE C 232 -12.49 8.80 -18.70
CA ILE C 232 -11.39 7.99 -18.20
C ILE C 232 -10.10 8.81 -18.25
N ALA C 233 -9.14 8.46 -17.39
CA ALA C 233 -7.88 9.20 -17.36
C ALA C 233 -6.71 8.35 -16.84
N LEU C 234 -5.62 8.37 -17.59
CA LEU C 234 -4.39 7.72 -17.16
C LEU C 234 -3.52 8.72 -16.41
N VAL C 235 -3.10 8.34 -15.20
CA VAL C 235 -2.29 9.22 -14.37
C VAL C 235 -0.99 8.54 -13.95
N ALA C 236 0.06 9.33 -13.81
CA ALA C 236 1.34 8.80 -13.34
C ALA C 236 1.21 8.25 -11.93
N LYS C 237 2.03 7.27 -11.60
CA LYS C 237 1.97 6.60 -10.29
C LYS C 237 2.15 7.58 -9.14
N ASN C 238 2.97 8.62 -9.37
CA ASN C 238 3.24 9.62 -8.36
C ASN C 238 2.58 10.96 -8.64
N ALA C 239 1.64 10.98 -9.59
CA ALA C 239 0.91 12.19 -9.92
C ALA C 239 -0.07 12.56 -8.82
N ASP C 240 -0.12 13.84 -8.47
CA ASP C 240 -0.98 14.28 -7.38
C ASP C 240 -2.05 15.25 -7.88
N GLU C 241 -2.53 16.11 -7.00
CA GLU C 241 -3.62 17.04 -7.32
C GLU C 241 -3.07 18.31 -7.96
N HIS C 242 -1.79 18.57 -7.71
CA HIS C 242 -1.17 19.83 -8.14
C HIS C 242 -0.03 19.60 -9.12
N GLN C 243 0.45 18.36 -9.20
CA GLN C 243 1.55 18.03 -10.09
C GLN C 243 1.44 16.62 -10.66
N GLY C 244 2.23 16.34 -11.69
CA GLY C 244 2.25 15.03 -12.31
C GLY C 244 1.57 15.00 -13.66
N GLU C 245 1.96 14.06 -14.51
CA GLU C 245 1.38 13.92 -15.84
C GLU C 245 0.02 13.23 -15.80
N VAL C 246 -0.98 13.85 -16.43
CA VAL C 246 -2.32 13.30 -16.46
C VAL C 246 -2.86 13.29 -17.88
N TYR C 247 -3.42 12.15 -18.30
CA TYR C 247 -3.97 12.00 -19.63
C TYR C 247 -5.47 11.73 -19.57
N GLY C 248 -6.28 12.76 -19.77
CA GLY C 248 -7.73 12.64 -19.63
C GLY C 248 -8.43 12.30 -20.92
N PHE C 249 -9.56 11.59 -20.80
CA PHE C 249 -10.36 11.20 -21.96
C PHE C 249 -11.84 11.46 -21.70
N SER C 250 -12.40 12.48 -22.35
CA SER C 250 -13.81 12.83 -22.14
C SER C 250 -14.65 12.62 -23.39
N PHE C 251 -15.79 11.95 -23.23
CA PHE C 251 -16.68 11.62 -24.33
C PHE C 251 -17.86 12.58 -24.43
N VAL C 252 -18.03 13.21 -25.58
CA VAL C 252 -19.18 14.09 -25.78
C VAL C 252 -20.40 13.28 -26.29
N TYR C 253 -21.01 12.53 -25.38
CA TYR C 253 -22.12 11.66 -25.75
C TYR C 253 -22.96 11.33 -24.51
N SER C 254 -24.26 11.17 -24.72
CA SER C 254 -25.19 11.01 -23.60
C SER C 254 -25.86 9.64 -23.55
N GLY C 255 -25.49 8.75 -24.47
CA GLY C 255 -26.07 7.43 -24.51
C GLY C 255 -25.11 6.34 -24.07
N ASN C 256 -25.24 5.15 -24.65
CA ASN C 256 -24.35 4.05 -24.34
C ASN C 256 -22.90 4.36 -24.75
N PHE C 257 -21.96 4.07 -23.85
CA PHE C 257 -20.56 4.33 -24.13
C PHE C 257 -19.67 3.24 -23.56
N LEU C 258 -18.46 3.15 -24.08
CA LEU C 258 -17.46 2.23 -23.55
C LEU C 258 -16.13 2.95 -23.41
N ALA C 259 -15.63 3.05 -22.18
CA ALA C 259 -14.34 3.68 -21.92
C ALA C 259 -13.37 2.59 -21.46
N GLN C 260 -12.61 2.07 -22.40
CA GLN C 260 -11.81 0.87 -22.16
C GLN C 260 -10.32 1.10 -22.34
N ILE C 261 -9.53 0.59 -21.39
CA ILE C 261 -8.08 0.59 -21.49
C ILE C 261 -7.58 -0.85 -21.38
N GLU C 262 -6.76 -1.26 -22.34
CA GLU C 262 -6.23 -2.62 -22.36
C GLU C 262 -4.71 -2.64 -22.47
N VAL C 263 -4.06 -3.35 -21.55
CA VAL C 263 -2.62 -3.53 -21.61
C VAL C 263 -2.26 -4.96 -21.99
N ASP C 264 -1.42 -5.09 -23.02
CA ASP C 264 -1.07 -6.40 -23.57
C ASP C 264 0.15 -7.02 -22.91
N GLN C 265 0.68 -8.06 -23.55
CA GLN C 265 1.80 -8.82 -23.03
C GLN C 265 3.09 -8.01 -22.96
N PHE C 266 3.15 -6.91 -23.72
CA PHE C 266 4.38 -6.14 -23.83
C PHE C 266 4.30 -4.79 -23.14
N GLY C 267 3.40 -4.68 -22.18
CA GLY C 267 3.31 -3.49 -21.33
C GLY C 267 2.89 -2.21 -22.03
N THR C 268 2.17 -2.35 -23.15
CA THR C 268 1.65 -1.18 -23.84
C THR C 268 0.20 -0.93 -23.44
N ALA C 269 -0.21 0.34 -23.43
CA ALA C 269 -1.55 0.69 -22.95
C ALA C 269 -2.44 1.26 -24.06
N ARG C 270 -3.42 0.47 -24.49
CA ARG C 270 -4.37 0.89 -25.51
C ARG C 270 -5.63 1.50 -24.90
N VAL C 271 -5.76 2.83 -25.01
CA VAL C 271 -6.92 3.53 -24.50
C VAL C 271 -7.94 3.76 -25.61
N SER C 272 -9.12 3.17 -25.47
CA SER C 272 -10.17 3.31 -26.48
C SER C 272 -11.44 3.83 -25.85
N MET C 273 -12.21 4.61 -26.61
CA MET C 273 -13.43 5.21 -26.11
C MET C 273 -14.41 5.50 -27.24
N GLY C 274 -15.70 5.25 -27.00
CA GLY C 274 -16.71 5.48 -28.00
C GLY C 274 -18.04 4.83 -27.64
N ILE C 275 -18.94 4.76 -28.62
CA ILE C 275 -20.24 4.14 -28.41
C ILE C 275 -20.09 2.66 -28.06
N ASN C 276 -20.75 2.24 -26.99
CA ASN C 276 -20.67 0.86 -26.52
C ASN C 276 -21.11 -0.12 -27.59
N PRO C 277 -20.18 -0.98 -28.04
CA PRO C 277 -20.47 -1.97 -29.09
C PRO C 277 -21.47 -3.02 -28.63
N PHE C 278 -21.63 -3.16 -27.31
CA PHE C 278 -22.60 -4.08 -26.75
C PHE C 278 -24.02 -3.65 -27.12
N ASP C 279 -24.81 -4.60 -27.61
CA ASP C 279 -26.19 -4.35 -28.02
C ASP C 279 -26.27 -3.25 -29.08
N PHE C 280 -25.23 -3.17 -29.91
CA PHE C 280 -25.16 -2.12 -30.93
C PHE C 280 -24.65 -2.64 -32.27
N THR C 281 -25.41 -2.40 -33.32
CA THR C 281 -24.97 -2.68 -34.68
C THR C 281 -25.41 -1.54 -35.59
N TRP C 282 -24.78 -1.41 -36.75
CA TRP C 282 -25.14 -0.34 -37.69
C TRP C 282 -24.98 -0.76 -39.15
N LEU C 283 -26.08 -0.72 -39.90
CA LEU C 283 -26.07 -1.06 -41.31
C LEU C 283 -25.68 0.12 -42.19
N LEU C 284 -24.72 -0.11 -43.09
CA LEU C 284 -24.36 0.91 -44.08
C LEU C 284 -24.61 0.44 -45.51
N GLN C 285 -25.74 0.87 -46.07
CA GLN C 285 -26.02 0.64 -47.48
C GLN C 285 -25.03 1.47 -48.30
N PRO C 286 -24.65 0.97 -49.49
CA PRO C 286 -23.69 1.64 -50.37
C PRO C 286 -23.98 3.12 -50.61
N GLY C 287 -23.08 3.99 -50.18
CA GLY C 287 -23.21 5.42 -50.40
C GLY C 287 -23.47 6.27 -49.17
N GLU C 288 -24.09 5.68 -48.15
CA GLU C 288 -24.40 6.43 -46.93
C GLU C 288 -23.21 6.43 -45.96
N SER C 289 -23.26 7.32 -44.97
CA SER C 289 -22.15 7.45 -44.04
C SER C 289 -22.61 7.48 -42.58
N PHE C 290 -21.68 7.19 -41.68
CA PHE C 290 -21.94 7.24 -40.24
C PHE C 290 -20.81 7.96 -39.52
N GLN C 291 -21.16 9.00 -38.77
CA GLN C 291 -20.16 9.80 -38.06
C GLN C 291 -20.29 9.58 -36.56
N THR C 292 -19.18 9.30 -35.89
CA THR C 292 -19.17 9.11 -34.45
C THR C 292 -18.81 10.40 -33.71
N PRO C 293 -19.35 10.58 -32.49
CA PRO C 293 -19.02 11.75 -31.66
C PRO C 293 -17.52 11.80 -31.33
N GLU C 294 -17.05 12.96 -30.92
CA GLU C 294 -15.62 13.15 -30.66
C GLU C 294 -15.26 12.88 -29.21
N VAL C 295 -13.99 12.58 -28.96
CA VAL C 295 -13.50 12.44 -27.60
C VAL C 295 -12.39 13.46 -27.33
N VAL C 296 -12.65 14.36 -26.38
CA VAL C 296 -11.69 15.40 -26.05
C VAL C 296 -10.65 14.90 -25.05
N MET C 297 -9.39 14.95 -25.45
CA MET C 297 -8.29 14.51 -24.58
C MET C 297 -7.48 15.71 -24.12
N VAL C 298 -7.15 15.72 -22.84
CA VAL C 298 -6.38 16.83 -22.28
C VAL C 298 -5.09 16.32 -21.62
N TYR C 299 -3.99 16.99 -21.92
CA TYR C 299 -2.72 16.70 -21.27
C TYR C 299 -2.37 17.80 -20.29
N SER C 300 -1.78 17.44 -19.17
CA SER C 300 -1.40 18.41 -18.15
C SER C 300 -0.28 17.89 -17.25
N ASP C 301 0.66 18.76 -16.93
CA ASP C 301 1.76 18.41 -16.03
C ASP C 301 1.55 19.08 -14.68
N GLN C 302 0.38 19.68 -14.51
CA GLN C 302 0.05 20.39 -13.27
C GLN C 302 -0.95 19.62 -12.42
N GLY C 303 -0.88 18.29 -12.50
CA GLY C 303 -1.74 17.44 -11.71
C GLY C 303 -3.18 17.41 -12.17
N LEU C 304 -4.07 17.00 -11.28
CA LEU C 304 -5.49 16.90 -11.61
C LEU C 304 -6.16 18.26 -11.76
N ASN C 305 -5.73 19.23 -10.95
CA ASN C 305 -6.26 20.59 -11.03
C ASN C 305 -6.00 21.22 -12.39
N GLY C 306 -4.76 21.10 -12.87
CA GLY C 306 -4.38 21.62 -14.16
C GLY C 306 -5.19 21.00 -15.28
N MET C 307 -5.54 19.73 -15.11
CA MET C 307 -6.37 19.01 -16.08
C MET C 307 -7.79 19.54 -16.09
N SER C 308 -8.35 19.76 -14.90
CA SER C 308 -9.71 20.26 -14.78
C SER C 308 -9.86 21.69 -15.31
N GLN C 309 -8.87 22.53 -15.01
CA GLN C 309 -8.92 23.93 -15.39
C GLN C 309 -8.93 24.18 -16.89
N THR C 310 -8.21 23.37 -17.64
CA THR C 310 -8.27 23.46 -19.10
C THR C 310 -9.62 22.93 -19.57
N TYR C 311 -10.11 21.90 -18.90
CA TYR C 311 -11.44 21.35 -19.18
C TYR C 311 -12.55 22.33 -18.86
N HIS C 312 -12.42 23.03 -17.73
CA HIS C 312 -13.45 23.95 -17.27
C HIS C 312 -13.74 25.09 -18.24
N GLU C 313 -12.71 25.87 -18.58
CA GLU C 313 -12.88 27.02 -19.45
C GLU C 313 -13.22 26.61 -20.88
N LEU C 314 -12.72 25.45 -21.31
CA LEU C 314 -13.03 24.93 -22.63
C LEU C 314 -14.52 24.61 -22.76
N TYR C 315 -15.07 23.97 -21.73
CA TYR C 315 -16.47 23.57 -21.76
C TYR C 315 -17.43 24.75 -21.62
N ARG C 316 -17.04 25.75 -20.83
CA ARG C 316 -17.90 26.91 -20.61
C ARG C 316 -17.91 27.86 -21.81
N THR C 317 -16.77 27.98 -22.48
CA THR C 317 -16.63 28.94 -23.58
C THR C 317 -16.67 28.31 -24.96
N ARG C 318 -16.33 27.02 -25.05
CA ARG C 318 -16.28 26.38 -26.36
C ARG C 318 -17.05 25.05 -26.41
N LEU C 319 -18.04 24.90 -25.53
CA LEU C 319 -18.95 23.76 -25.61
C LEU C 319 -20.37 24.19 -25.26
N ALA C 320 -20.51 24.92 -24.14
CA ALA C 320 -21.79 25.49 -23.77
C ALA C 320 -22.19 26.58 -24.77
N ARG C 321 -23.47 26.67 -25.09
CA ARG C 321 -23.92 27.60 -26.11
C ARG C 321 -24.98 28.58 -25.60
N GLY C 322 -25.57 29.31 -26.55
CA GLY C 322 -26.57 30.31 -26.25
C GLY C 322 -25.95 31.65 -25.89
N ALA C 323 -26.78 32.58 -25.41
CA ALA C 323 -26.30 33.91 -25.06
C ALA C 323 -26.00 33.98 -23.57
N PHE C 324 -26.38 32.91 -22.87
CA PHE C 324 -26.21 32.82 -21.43
C PHE C 324 -24.95 32.03 -21.08
N ARG C 325 -24.17 31.72 -22.10
CA ARG C 325 -22.95 30.95 -21.95
C ARG C 325 -21.92 31.62 -21.01
N ASP C 326 -21.91 32.94 -21.04
CA ASP C 326 -20.98 33.72 -20.24
C ASP C 326 -21.70 34.60 -19.23
N ARG C 327 -22.99 34.32 -19.02
CA ARG C 327 -23.80 35.14 -18.11
C ARG C 327 -23.96 34.49 -16.74
N GLU C 328 -24.00 35.32 -15.72
CA GLU C 328 -24.16 34.87 -14.33
C GLU C 328 -25.48 34.13 -14.13
N ARG C 329 -25.42 33.00 -13.45
CA ARG C 329 -26.60 32.16 -13.26
C ARG C 329 -27.46 32.64 -12.08
N PRO C 330 -28.78 32.66 -12.28
CA PRO C 330 -29.72 33.19 -11.29
C PRO C 330 -29.89 32.29 -10.07
N ILE C 331 -29.97 32.88 -8.89
CA ILE C 331 -30.24 32.14 -7.68
C ILE C 331 -31.71 31.71 -7.69
N LEU C 332 -31.93 30.40 -7.70
CA LEU C 332 -33.28 29.85 -7.88
C LEU C 332 -33.82 29.14 -6.65
N ILE C 333 -35.14 29.04 -6.56
CA ILE C 333 -35.79 28.28 -5.51
C ILE C 333 -36.80 27.28 -6.10
N ASN C 334 -36.66 26.02 -5.73
CA ASN C 334 -37.54 24.97 -6.23
C ASN C 334 -38.49 24.45 -5.16
N ASN C 335 -39.69 24.06 -5.57
CA ASN C 335 -40.73 23.63 -4.63
C ASN C 335 -40.88 22.11 -4.56
N TRP C 336 -39.96 21.38 -5.17
CA TRP C 336 -40.00 19.93 -5.18
C TRP C 336 -39.91 19.37 -3.77
N GLU C 337 -38.75 19.52 -3.13
CA GLU C 337 -38.54 19.03 -1.79
C GLU C 337 -39.41 19.77 -0.78
N ALA C 338 -39.92 20.94 -1.18
CA ALA C 338 -40.74 21.77 -0.32
C ALA C 338 -42.18 21.26 -0.19
N THR C 339 -42.86 21.13 -1.33
CA THR C 339 -44.28 20.79 -1.32
C THR C 339 -44.59 19.53 -2.14
N TYR C 340 -43.64 19.10 -2.95
CA TYR C 340 -43.81 17.96 -3.85
C TYR C 340 -44.98 18.11 -4.82
N PHE C 341 -46.05 17.34 -4.60
CA PHE C 341 -47.19 17.36 -5.51
C PHE C 341 -48.36 18.17 -4.94
N ASP C 342 -48.38 18.37 -3.63
CA ASP C 342 -49.48 19.09 -2.99
C ASP C 342 -49.27 20.60 -3.07
N PHE C 343 -49.75 21.21 -4.15
CA PHE C 343 -49.65 22.65 -4.32
C PHE C 343 -50.71 23.20 -5.27
N ASN C 344 -50.92 24.51 -5.19
CA ASN C 344 -51.84 25.21 -6.08
C ASN C 344 -51.36 26.65 -6.32
N GLU C 345 -52.14 27.42 -7.06
CA GLU C 345 -51.77 28.80 -7.37
C GLU C 345 -51.66 29.65 -6.10
N GLU C 346 -52.64 29.53 -5.22
CA GLU C 346 -52.71 30.32 -4.00
C GLU C 346 -51.55 30.03 -3.04
N LYS C 347 -51.14 28.76 -2.95
CA LYS C 347 -50.10 28.36 -2.01
C LYS C 347 -48.72 28.91 -2.36
N ILE C 348 -48.46 29.14 -3.65
CA ILE C 348 -47.16 29.65 -4.08
C ILE C 348 -47.10 31.17 -4.05
N VAL C 349 -48.23 31.83 -4.30
CA VAL C 349 -48.23 33.29 -4.38
C VAL C 349 -48.14 33.92 -2.99
N ASN C 350 -48.71 33.26 -1.98
CA ASN C 350 -48.65 33.77 -0.62
C ASN C 350 -47.24 33.69 -0.07
N ILE C 351 -46.44 32.76 -0.62
CA ILE C 351 -45.05 32.61 -0.22
C ILE C 351 -44.14 33.29 -1.23
N ALA C 352 -44.70 33.63 -2.40
CA ALA C 352 -43.93 34.32 -3.44
C ALA C 352 -43.48 35.69 -2.97
N ARG C 353 -44.26 36.30 -2.09
CA ARG C 353 -43.93 37.59 -1.52
C ARG C 353 -42.71 37.52 -0.60
N THR C 354 -42.66 36.49 0.25
CA THR C 354 -41.54 36.31 1.16
C THR C 354 -40.24 35.99 0.42
N GLU C 355 -40.32 35.08 -0.55
CA GLU C 355 -39.16 34.67 -1.33
C GLU C 355 -38.65 35.81 -2.22
N ALA C 356 -39.54 36.70 -2.59
CA ALA C 356 -39.18 37.87 -3.39
C ALA C 356 -38.30 38.82 -2.59
N GLU C 357 -38.60 38.92 -1.29
CA GLU C 357 -37.87 39.80 -0.39
C GLU C 357 -36.46 39.31 -0.12
N LEU C 358 -36.24 38.00 -0.28
CA LEU C 358 -34.95 37.40 0.03
C LEU C 358 -33.88 37.66 -1.04
N GLY C 359 -34.31 37.96 -2.26
CA GLY C 359 -33.38 38.26 -3.33
C GLY C 359 -33.27 37.20 -4.40
N ILE C 360 -34.13 36.19 -4.35
CA ILE C 360 -34.17 35.15 -5.37
C ILE C 360 -34.49 35.77 -6.74
N GLU C 361 -33.79 35.32 -7.77
CA GLU C 361 -33.90 35.90 -9.10
C GLU C 361 -34.79 35.06 -10.01
N LEU C 362 -35.11 33.85 -9.58
CA LEU C 362 -35.88 32.92 -10.40
C LEU C 362 -36.67 31.93 -9.57
N VAL C 363 -37.96 31.77 -9.87
CA VAL C 363 -38.79 30.78 -9.22
C VAL C 363 -39.25 29.73 -10.22
N VAL C 364 -39.08 28.47 -9.87
CA VAL C 364 -39.41 27.37 -10.77
C VAL C 364 -40.54 26.49 -10.27
N LEU C 365 -41.49 26.21 -11.16
CA LEU C 365 -42.57 25.28 -10.85
C LEU C 365 -42.15 23.89 -11.30
N ASP C 366 -42.20 22.93 -10.38
CA ASP C 366 -41.69 21.59 -10.66
C ASP C 366 -42.79 20.67 -11.15
N ASP C 367 -42.55 19.36 -11.02
CA ASP C 367 -43.50 18.34 -11.48
C ASP C 367 -44.80 18.41 -10.70
N GLY C 368 -45.92 18.37 -11.41
CA GLY C 368 -47.23 18.39 -10.79
C GLY C 368 -48.18 19.38 -11.42
N TRP C 369 -47.70 20.10 -12.43
CA TRP C 369 -48.49 21.17 -13.04
C TRP C 369 -49.30 20.73 -14.25
N PHE C 370 -48.93 19.60 -14.85
CA PHE C 370 -49.54 19.18 -16.11
C PHE C 370 -50.41 17.94 -15.95
N GLY C 371 -51.42 17.82 -16.81
CA GLY C 371 -52.32 16.68 -16.82
C GLY C 371 -52.97 16.40 -15.48
N GLU C 372 -52.69 15.21 -14.94
CA GLU C 372 -53.21 14.82 -13.63
C GLU C 372 -52.06 14.38 -12.72
N ARG C 373 -50.97 15.14 -12.76
CA ARG C 373 -49.78 14.79 -11.98
C ARG C 373 -50.02 14.99 -10.48
N ASP C 374 -50.75 14.07 -9.87
CA ASP C 374 -50.95 14.08 -8.44
C ASP C 374 -50.09 12.98 -7.82
N ASP C 375 -49.62 12.08 -8.69
CA ASP C 375 -48.71 11.01 -8.30
C ASP C 375 -47.57 10.95 -9.31
N ASP C 376 -46.65 10.02 -9.13
CA ASP C 376 -45.54 9.86 -10.05
C ASP C 376 -45.72 8.62 -10.92
N ARG C 377 -46.97 8.27 -11.19
CA ARG C 377 -47.29 7.07 -11.94
C ARG C 377 -48.21 7.33 -13.13
N ARG C 378 -48.35 8.59 -13.53
CA ARG C 378 -49.36 8.95 -14.53
C ARG C 378 -49.08 10.27 -15.20
N SER C 379 -49.84 10.55 -16.27
CA SER C 379 -49.89 11.88 -16.89
C SER C 379 -48.63 12.34 -17.62
N LEU C 380 -47.61 11.49 -17.70
CA LEU C 380 -46.43 11.84 -18.46
C LEU C 380 -46.70 11.77 -19.96
N GLY C 381 -46.60 12.91 -20.63
CA GLY C 381 -46.86 13.00 -22.06
C GLY C 381 -47.90 14.02 -22.45
N ASP C 382 -48.92 14.19 -21.63
CA ASP C 382 -49.94 15.22 -21.90
C ASP C 382 -49.57 16.55 -21.26
N TRP C 383 -48.89 17.40 -22.03
CA TRP C 383 -48.37 18.67 -21.51
C TRP C 383 -49.41 19.77 -21.58
N ILE C 384 -50.52 19.57 -20.87
CA ILE C 384 -51.57 20.57 -20.76
C ILE C 384 -51.77 20.92 -19.28
N VAL C 385 -51.92 22.21 -19.00
CA VAL C 385 -52.03 22.71 -17.64
C VAL C 385 -53.25 22.15 -16.90
N ASN C 386 -53.04 21.71 -15.67
CA ASN C 386 -54.15 21.23 -14.83
C ASN C 386 -54.87 22.45 -14.28
N ARG C 387 -56.07 22.70 -14.78
CA ARG C 387 -56.81 23.91 -14.45
C ARG C 387 -57.30 23.91 -13.01
N ARG C 388 -57.38 22.73 -12.40
CA ARG C 388 -57.84 22.62 -11.01
C ARG C 388 -56.79 23.13 -10.04
N LYS C 389 -55.52 22.86 -10.34
CA LYS C 389 -54.41 23.26 -9.48
C LYS C 389 -53.88 24.63 -9.90
N LEU C 390 -54.00 24.94 -11.19
CA LEU C 390 -53.60 26.25 -11.69
C LEU C 390 -54.76 26.94 -12.41
N PRO C 391 -55.63 27.60 -11.64
CA PRO C 391 -56.84 28.28 -12.13
C PRO C 391 -56.58 29.21 -13.31
N ASN C 392 -55.59 30.08 -13.18
CA ASN C 392 -55.32 31.09 -14.19
C ASN C 392 -54.39 30.58 -15.30
N GLY C 393 -53.97 29.33 -15.18
CA GLY C 393 -53.14 28.70 -16.19
C GLY C 393 -51.73 29.24 -16.24
N LEU C 394 -51.03 28.95 -17.34
CA LEU C 394 -49.65 29.36 -17.52
C LEU C 394 -49.55 30.88 -17.68
N ASP C 395 -50.49 31.46 -18.42
CA ASP C 395 -50.47 32.90 -18.67
C ASP C 395 -50.71 33.70 -17.39
N GLY C 396 -51.66 33.25 -16.58
CA GLY C 396 -51.99 33.94 -15.34
C GLY C 396 -50.92 33.85 -14.26
N LEU C 397 -50.37 32.65 -14.09
CA LEU C 397 -49.37 32.41 -13.05
C LEU C 397 -48.04 33.11 -13.34
N ALA C 398 -47.52 32.89 -14.54
CA ALA C 398 -46.23 33.45 -14.93
C ALA C 398 -46.24 34.98 -14.90
N LYS C 399 -47.38 35.56 -15.24
CA LYS C 399 -47.52 37.01 -15.24
C LYS C 399 -47.67 37.54 -13.82
N GLN C 400 -48.22 36.71 -12.93
CA GLN C 400 -48.39 37.05 -11.53
C GLN C 400 -47.05 37.18 -10.80
N VAL C 401 -46.12 36.28 -11.10
CA VAL C 401 -44.80 36.31 -10.47
C VAL C 401 -43.93 37.42 -11.07
N ASN C 402 -44.16 37.70 -12.36
CA ASN C 402 -43.40 38.73 -13.07
C ASN C 402 -43.55 40.13 -12.47
N GLU C 403 -44.75 40.44 -11.96
CA GLU C 403 -44.99 41.74 -11.35
C GLU C 403 -44.38 41.83 -9.95
N LEU C 404 -43.84 40.71 -9.48
CA LEU C 404 -43.19 40.67 -8.18
C LEU C 404 -41.67 40.84 -8.37
N GLY C 405 -41.24 40.93 -9.62
CA GLY C 405 -39.84 41.12 -9.96
C GLY C 405 -39.02 39.85 -10.06
N LEU C 406 -39.68 38.71 -10.22
CA LEU C 406 -39.00 37.42 -10.30
C LEU C 406 -39.27 36.72 -11.63
N GLN C 407 -38.26 36.02 -12.15
CA GLN C 407 -38.43 35.23 -13.36
C GLN C 407 -39.12 33.92 -13.02
N PHE C 408 -39.68 33.27 -14.03
CA PHE C 408 -40.43 32.03 -13.81
C PHE C 408 -39.86 30.86 -14.63
N GLY C 409 -39.79 29.69 -14.00
CA GLY C 409 -39.22 28.52 -14.64
C GLY C 409 -40.12 27.29 -14.57
N LEU C 410 -39.90 26.34 -15.46
CA LEU C 410 -40.73 25.14 -15.54
C LEU C 410 -39.93 23.84 -15.59
N TRP C 411 -40.53 22.78 -15.05
CA TRP C 411 -39.98 21.45 -15.11
C TRP C 411 -40.68 20.65 -16.19
N VAL C 412 -39.91 19.99 -17.06
CA VAL C 412 -40.48 19.18 -18.12
C VAL C 412 -39.73 17.85 -18.25
N GLU C 413 -40.44 16.83 -18.71
CA GLU C 413 -39.84 15.53 -19.00
C GLU C 413 -40.39 15.02 -20.33
N PRO C 414 -40.05 15.69 -21.44
CA PRO C 414 -40.67 15.44 -22.75
C PRO C 414 -40.31 14.08 -23.33
N GLU C 415 -39.24 13.47 -22.81
CA GLU C 415 -38.78 12.20 -23.32
C GLU C 415 -39.57 11.04 -22.72
N MET C 416 -40.60 11.36 -21.95
CA MET C 416 -41.30 10.36 -21.17
C MET C 416 -42.77 10.22 -21.52
N VAL C 417 -43.30 9.01 -21.36
CA VAL C 417 -44.72 8.76 -21.54
C VAL C 417 -45.18 7.74 -20.49
N SER C 418 -46.25 8.08 -19.79
CA SER C 418 -46.80 7.20 -18.76
C SER C 418 -47.93 6.34 -19.31
N PRO C 419 -48.07 5.11 -18.79
CA PRO C 419 -49.18 4.23 -19.14
C PRO C 419 -50.52 4.92 -18.93
N ASN C 420 -50.67 5.60 -17.80
CA ASN C 420 -51.89 6.35 -17.51
C ASN C 420 -51.84 7.75 -18.08
N SER C 421 -51.88 7.85 -19.40
CA SER C 421 -51.83 9.14 -20.08
C SER C 421 -52.61 9.08 -21.39
N GLU C 422 -53.14 10.22 -21.81
CA GLU C 422 -53.96 10.29 -23.01
C GLU C 422 -53.13 10.06 -24.27
N LEU C 423 -51.84 10.39 -24.20
CA LEU C 423 -50.95 10.24 -25.34
C LEU C 423 -50.64 8.77 -25.60
N TYR C 424 -50.65 7.97 -24.54
CA TYR C 424 -50.37 6.55 -24.66
C TYR C 424 -51.59 5.80 -25.23
N ARG C 425 -52.77 6.29 -24.89
CA ARG C 425 -54.02 5.72 -25.40
C ARG C 425 -54.23 6.10 -26.86
N LYS C 426 -53.52 7.13 -27.31
CA LYS C 426 -53.62 7.59 -28.68
C LYS C 426 -52.52 6.97 -29.54
N HIS C 427 -51.35 6.77 -28.93
CA HIS C 427 -50.22 6.16 -29.61
C HIS C 427 -49.46 5.21 -28.69
N PRO C 428 -49.91 3.95 -28.62
CA PRO C 428 -49.28 2.96 -27.74
C PRO C 428 -47.97 2.40 -28.31
N ASP C 429 -47.82 2.49 -29.63
CA ASP C 429 -46.61 2.01 -30.31
C ASP C 429 -45.60 3.12 -30.55
N TRP C 430 -45.72 4.21 -29.80
CA TRP C 430 -44.77 5.32 -29.89
C TRP C 430 -43.64 5.17 -28.89
N CYS C 431 -43.72 4.15 -28.05
CA CYS C 431 -42.72 3.91 -27.01
C CYS C 431 -41.67 2.92 -27.49
N LEU C 432 -40.59 2.80 -26.73
CA LEU C 432 -39.59 1.78 -27.00
C LEU C 432 -40.12 0.42 -26.60
N HIS C 433 -40.20 -0.50 -27.55
CA HIS C 433 -40.73 -1.82 -27.29
C HIS C 433 -40.29 -2.82 -28.34
N VAL C 434 -40.48 -4.10 -28.03
CA VAL C 434 -40.18 -5.17 -28.97
C VAL C 434 -41.39 -6.11 -29.03
N PRO C 435 -41.69 -6.63 -30.23
CA PRO C 435 -42.89 -7.44 -30.50
C PRO C 435 -43.18 -8.54 -29.48
N ASN C 436 -44.40 -8.54 -28.95
CA ASN C 436 -44.90 -9.57 -28.05
C ASN C 436 -44.14 -9.72 -26.73
N ARG C 437 -43.38 -8.70 -26.36
CA ARG C 437 -42.65 -8.71 -25.10
C ARG C 437 -43.23 -7.72 -24.11
N PRO C 438 -43.32 -8.12 -22.83
CA PRO C 438 -43.83 -7.23 -21.78
C PRO C 438 -43.03 -5.94 -21.69
N ARG C 439 -43.74 -4.81 -21.65
CA ARG C 439 -43.09 -3.51 -21.57
C ARG C 439 -42.89 -3.11 -20.11
N SER C 440 -41.72 -3.43 -19.57
CA SER C 440 -41.42 -3.16 -18.18
C SER C 440 -41.40 -1.66 -17.89
N GLU C 441 -41.74 -1.29 -16.66
CA GLU C 441 -41.84 0.11 -16.27
C GLU C 441 -40.86 0.48 -15.19
N GLY C 442 -40.31 1.68 -15.28
CA GLY C 442 -39.46 2.23 -14.24
C GLY C 442 -40.09 3.52 -13.76
N ARG C 443 -40.44 3.55 -12.47
CA ARG C 443 -41.22 4.64 -11.88
C ARG C 443 -42.56 4.78 -12.60
N ASN C 444 -43.12 3.65 -13.03
CA ASN C 444 -44.41 3.60 -13.73
C ASN C 444 -44.52 4.48 -14.96
N GLN C 445 -43.47 4.51 -15.78
CA GLN C 445 -43.46 5.29 -17.01
C GLN C 445 -42.68 4.60 -18.12
N LEU C 446 -42.83 5.10 -19.35
CA LEU C 446 -42.18 4.49 -20.51
C LEU C 446 -41.36 5.52 -21.30
N VAL C 447 -40.40 5.03 -22.08
CA VAL C 447 -39.55 5.91 -22.88
C VAL C 447 -40.10 6.02 -24.29
N LEU C 448 -40.22 7.24 -24.80
CA LEU C 448 -40.73 7.45 -26.15
C LEU C 448 -39.68 7.08 -27.19
N ASP C 449 -40.15 6.77 -28.40
CA ASP C 449 -39.27 6.33 -29.47
C ASP C 449 -38.74 7.53 -30.26
N TYR C 450 -37.56 8.01 -29.88
CA TYR C 450 -36.95 9.16 -30.54
C TYR C 450 -36.26 8.77 -31.84
N SER C 451 -36.32 7.48 -32.18
CA SER C 451 -35.75 7.00 -33.44
C SER C 451 -36.74 7.26 -34.58
N ARG C 452 -37.97 7.58 -34.22
CA ARG C 452 -39.01 7.87 -35.19
C ARG C 452 -39.04 9.36 -35.50
N GLU C 453 -39.20 9.69 -36.78
CA GLU C 453 -39.21 11.09 -37.20
C GLU C 453 -40.50 11.79 -36.79
N ASP C 454 -41.60 11.05 -36.79
CA ASP C 454 -42.91 11.60 -36.43
C ASP C 454 -42.99 11.99 -34.96
N VAL C 455 -42.46 11.14 -34.09
CA VAL C 455 -42.45 11.41 -32.66
C VAL C 455 -41.57 12.62 -32.34
N CYS C 456 -40.46 12.74 -33.05
CA CYS C 456 -39.56 13.88 -32.90
C CYS C 456 -40.24 15.17 -33.34
N ASP C 457 -40.85 15.15 -34.53
CA ASP C 457 -41.55 16.31 -35.06
C ASP C 457 -42.71 16.74 -34.16
N TYR C 458 -43.34 15.75 -33.52
CA TYR C 458 -44.44 16.03 -32.60
C TYR C 458 -43.95 16.69 -31.31
N ILE C 459 -42.92 16.13 -30.70
CA ILE C 459 -42.41 16.62 -29.43
C ILE C 459 -41.82 18.03 -29.52
N ILE C 460 -41.10 18.32 -30.60
CA ILE C 460 -40.49 19.63 -30.78
C ILE C 460 -41.53 20.76 -30.83
N GLU C 461 -42.61 20.53 -31.56
CA GLU C 461 -43.63 21.56 -31.73
C GLU C 461 -44.52 21.70 -30.50
N THR C 462 -44.84 20.58 -29.87
CA THR C 462 -45.74 20.58 -28.72
C THR C 462 -45.19 21.31 -27.50
N ILE C 463 -44.00 20.93 -27.06
CA ILE C 463 -43.42 21.52 -25.86
C ILE C 463 -42.98 22.96 -26.09
N SER C 464 -42.61 23.28 -27.33
CA SER C 464 -42.21 24.63 -27.67
C SER C 464 -43.39 25.59 -27.54
N ASN C 465 -44.57 25.13 -27.97
CA ASN C 465 -45.79 25.92 -27.86
C ASN C 465 -46.24 26.08 -26.42
N VAL C 466 -46.07 25.03 -25.62
CA VAL C 466 -46.33 25.11 -24.19
C VAL C 466 -45.36 26.11 -23.59
N LEU C 467 -44.12 26.07 -24.07
CA LEU C 467 -43.08 26.97 -23.60
C LEU C 467 -43.31 28.39 -24.10
N ALA C 468 -44.10 28.51 -25.17
CA ALA C 468 -44.41 29.81 -25.74
C ALA C 468 -45.79 30.30 -25.32
N SER C 469 -46.50 29.47 -24.56
CA SER C 469 -47.83 29.83 -24.08
C SER C 469 -47.74 30.62 -22.78
N ALA C 470 -46.52 30.96 -22.39
CA ALA C 470 -46.26 31.71 -21.17
C ALA C 470 -44.89 32.35 -21.26
N PRO C 471 -44.69 33.49 -20.57
CA PRO C 471 -43.37 34.10 -20.57
C PRO C 471 -42.39 33.31 -19.73
N ILE C 472 -41.83 32.25 -20.30
CA ILE C 472 -40.87 31.40 -19.60
C ILE C 472 -39.44 31.73 -20.03
N THR C 473 -38.53 31.72 -19.07
CA THR C 473 -37.13 32.03 -19.35
C THR C 473 -36.20 30.95 -18.82
N TYR C 474 -36.78 29.89 -18.26
CA TYR C 474 -36.00 28.81 -17.68
C TYR C 474 -36.75 27.47 -17.74
N VAL C 475 -36.03 26.41 -18.12
CA VAL C 475 -36.61 25.08 -18.20
C VAL C 475 -35.68 24.00 -17.67
N LYS C 476 -36.22 23.09 -16.87
CA LYS C 476 -35.43 21.99 -16.32
C LYS C 476 -35.91 20.67 -16.93
N TRP C 477 -35.12 20.17 -17.88
CA TRP C 477 -35.44 18.97 -18.66
C TRP C 477 -35.04 17.72 -17.88
N ALA C 478 -36.01 16.85 -17.60
CA ALA C 478 -35.77 15.66 -16.79
C ALA C 478 -35.81 14.33 -17.56
N MET C 479 -35.23 13.31 -16.94
CA MET C 479 -35.23 11.94 -17.47
C MET C 479 -35.08 10.97 -16.31
N ASN C 480 -36.16 10.33 -15.90
CA ASN C 480 -36.14 9.57 -14.65
C ASN C 480 -36.29 8.06 -14.82
N ARG C 481 -35.80 7.53 -15.94
CA ARG C 481 -35.88 6.11 -16.19
C ARG C 481 -34.89 5.70 -17.29
N HIS C 482 -34.33 4.51 -17.16
CA HIS C 482 -33.42 3.98 -18.17
C HIS C 482 -34.15 2.99 -19.08
N MET C 483 -33.80 3.00 -20.36
CA MET C 483 -34.55 2.28 -21.39
C MET C 483 -34.59 0.77 -21.15
N THR C 484 -35.76 0.18 -21.38
CA THR C 484 -35.93 -1.26 -21.27
C THR C 484 -36.67 -1.77 -22.51
N GLU C 485 -36.42 -3.02 -22.89
CA GLU C 485 -36.94 -3.59 -24.13
C GLU C 485 -36.62 -2.70 -25.33
N ILE C 486 -35.33 -2.39 -25.51
CA ILE C 486 -34.92 -1.42 -26.52
C ILE C 486 -35.22 -1.94 -27.93
N GLY C 487 -36.05 -1.21 -28.66
CA GLY C 487 -36.40 -1.58 -30.02
C GLY C 487 -37.33 -0.54 -30.63
N SER C 488 -37.46 -0.58 -31.95
CA SER C 488 -38.32 0.37 -32.65
C SER C 488 -39.20 -0.32 -33.68
N SER C 489 -40.43 0.18 -33.83
CA SER C 489 -41.38 -0.38 -34.79
C SER C 489 -41.18 0.19 -36.19
N ALA C 490 -40.58 1.37 -36.27
CA ALA C 490 -40.37 2.04 -37.56
C ALA C 490 -39.02 1.69 -38.17
N LEU C 491 -38.32 0.74 -37.56
CA LEU C 491 -37.01 0.31 -38.06
C LEU C 491 -37.02 -1.17 -38.43
N PRO C 492 -36.36 -1.51 -39.55
CA PRO C 492 -36.29 -2.89 -40.06
C PRO C 492 -35.55 -3.82 -39.08
N PRO C 493 -35.81 -5.13 -39.18
CA PRO C 493 -35.19 -6.16 -38.33
C PRO C 493 -33.66 -6.10 -38.31
N GLU C 494 -33.07 -5.54 -39.35
CA GLU C 494 -31.62 -5.42 -39.46
C GLU C 494 -31.03 -4.24 -38.69
N ARG C 495 -31.69 -3.09 -38.76
CA ARG C 495 -31.20 -1.86 -38.12
C ARG C 495 -31.51 -1.75 -36.63
N GLN C 496 -32.66 -2.28 -36.22
CA GLN C 496 -33.19 -2.22 -34.84
C GLN C 496 -32.24 -1.82 -33.70
N ARG C 497 -31.03 -2.39 -33.65
CA ARG C 497 -30.08 -2.08 -32.59
C ARG C 497 -29.54 -0.65 -32.65
N GLU C 498 -29.93 0.10 -33.68
CA GLU C 498 -29.50 1.48 -33.79
C GLU C 498 -30.46 2.35 -32.98
N THR C 499 -31.43 1.72 -32.33
CA THR C 499 -32.50 2.44 -31.65
C THR C 499 -31.92 3.22 -30.47
N ALA C 500 -31.01 2.59 -29.75
CA ALA C 500 -30.32 3.23 -28.64
C ALA C 500 -29.61 4.50 -29.12
N HIS C 501 -28.97 4.39 -30.28
CA HIS C 501 -28.22 5.51 -30.85
C HIS C 501 -29.13 6.54 -31.54
N ARG C 502 -30.13 6.05 -32.27
CA ARG C 502 -31.05 6.94 -32.99
C ARG C 502 -31.92 7.72 -32.01
N TYR C 503 -32.15 7.15 -30.83
CA TYR C 503 -32.84 7.84 -29.75
C TYR C 503 -32.06 9.09 -29.35
N MET C 504 -30.75 8.94 -29.21
CA MET C 504 -29.89 10.05 -28.83
C MET C 504 -29.76 11.02 -30.00
N LEU C 505 -29.73 10.49 -31.21
CA LEU C 505 -29.70 11.32 -32.41
C LEU C 505 -30.99 12.12 -32.51
N GLY C 506 -32.09 11.50 -32.12
CA GLY C 506 -33.39 12.15 -32.09
C GLY C 506 -33.43 13.22 -31.01
N LEU C 507 -32.98 12.85 -29.82
CA LEU C 507 -32.94 13.78 -28.69
C LEU C 507 -32.01 14.95 -28.95
N TYR C 508 -30.90 14.68 -29.62
CA TYR C 508 -29.97 15.73 -29.99
C TYR C 508 -30.60 16.72 -30.97
N ARG C 509 -31.46 16.19 -31.84
CA ARG C 509 -32.16 17.03 -32.82
C ARG C 509 -33.26 17.89 -32.19
N VAL C 510 -34.04 17.30 -31.28
CA VAL C 510 -35.13 18.04 -30.65
C VAL C 510 -34.61 19.24 -29.87
N MET C 511 -33.56 19.02 -29.07
CA MET C 511 -32.96 20.10 -28.30
C MET C 511 -32.32 21.12 -29.22
N ASP C 512 -31.77 20.65 -30.33
CA ASP C 512 -31.11 21.50 -31.31
C ASP C 512 -32.09 22.52 -31.91
N GLU C 513 -33.31 22.08 -32.16
CA GLU C 513 -34.33 22.95 -32.72
C GLU C 513 -34.95 23.88 -31.69
N ILE C 514 -35.20 23.35 -30.49
CA ILE C 514 -35.82 24.14 -29.42
C ILE C 514 -34.89 25.23 -28.88
N THR C 515 -33.62 24.89 -28.69
CA THR C 515 -32.64 25.86 -28.21
C THR C 515 -32.36 26.94 -29.26
N SER C 516 -32.58 26.59 -30.53
CA SER C 516 -32.37 27.54 -31.62
C SER C 516 -33.57 28.47 -31.80
N ARG C 517 -34.78 27.92 -31.62
CA ARG C 517 -36.00 28.72 -31.73
C ARG C 517 -36.11 29.70 -30.58
N PHE C 518 -35.53 29.34 -29.44
CA PHE C 518 -35.64 30.15 -28.24
C PHE C 518 -34.27 30.36 -27.59
N PRO C 519 -33.55 31.41 -28.02
CA PRO C 519 -32.23 31.73 -27.46
C PRO C 519 -32.34 32.57 -26.19
N HIS C 520 -33.57 32.90 -25.80
CA HIS C 520 -33.81 33.75 -24.64
C HIS C 520 -34.10 32.96 -23.37
N ILE C 521 -34.01 31.63 -23.46
CA ILE C 521 -34.38 30.78 -22.33
C ILE C 521 -33.23 29.92 -21.81
N LEU C 522 -33.05 29.92 -20.49
CA LEU C 522 -32.04 29.08 -19.84
C LEU C 522 -32.49 27.63 -19.76
N PHE C 523 -31.72 26.74 -20.37
CA PHE C 523 -32.02 25.31 -20.32
C PHE C 523 -31.09 24.56 -19.37
N GLU C 524 -31.67 23.83 -18.42
CA GLU C 524 -30.87 22.99 -17.52
C GLU C 524 -31.30 21.53 -17.59
N SER C 525 -30.40 20.67 -18.04
CA SER C 525 -30.69 19.25 -18.12
C SER C 525 -30.75 18.62 -16.74
N CYS C 526 -31.47 17.51 -16.62
CA CYS C 526 -31.63 16.83 -15.34
C CYS C 526 -32.07 15.39 -15.58
N SER C 527 -31.72 14.50 -14.65
CA SER C 527 -32.09 13.10 -14.77
C SER C 527 -31.90 12.35 -13.45
N GLY C 528 -32.75 12.64 -12.47
CA GLY C 528 -32.60 12.09 -11.15
C GLY C 528 -31.24 12.44 -10.58
N GLY C 529 -30.83 13.67 -10.83
CA GLY C 529 -29.48 14.10 -10.53
C GLY C 529 -28.64 14.19 -11.79
N GLY C 530 -27.41 13.68 -11.72
CA GLY C 530 -26.51 13.73 -12.85
C GLY C 530 -26.42 12.42 -13.62
N GLY C 531 -27.58 11.88 -13.98
CA GLY C 531 -27.63 10.65 -14.77
C GLY C 531 -27.20 10.91 -16.20
N ARG C 532 -27.20 12.18 -16.59
CA ARG C 532 -26.72 12.56 -17.92
C ARG C 532 -25.87 13.82 -17.84
N PHE C 533 -25.03 13.90 -16.82
CA PHE C 533 -24.07 14.98 -16.69
C PHE C 533 -22.89 14.68 -17.60
N ASP C 534 -23.07 14.94 -18.89
CA ASP C 534 -22.03 14.67 -19.88
C ASP C 534 -21.91 15.87 -20.81
N PRO C 535 -20.78 15.99 -21.52
CA PRO C 535 -20.56 17.11 -22.44
C PRO C 535 -21.61 17.19 -23.55
N GLY C 536 -22.29 16.08 -23.83
CA GLY C 536 -23.34 16.05 -24.83
C GLY C 536 -24.51 16.95 -24.46
N MET C 537 -24.96 16.85 -23.21
CA MET C 537 -26.06 17.66 -22.71
C MET C 537 -25.64 19.11 -22.48
N LEU C 538 -24.36 19.32 -22.18
CA LEU C 538 -23.85 20.66 -21.91
C LEU C 538 -23.84 21.50 -23.18
N TYR C 539 -23.73 20.84 -24.33
CA TYR C 539 -23.73 21.51 -25.63
C TYR C 539 -25.08 22.19 -25.90
N TYR C 540 -26.15 21.54 -25.46
CA TYR C 540 -27.49 22.05 -25.70
C TYR C 540 -28.04 22.78 -24.48
N MET C 541 -27.59 22.36 -23.30
CA MET C 541 -28.04 22.96 -22.05
C MET C 541 -26.85 23.33 -21.17
N PRO C 542 -26.61 24.64 -21.00
CA PRO C 542 -25.41 25.19 -20.36
C PRO C 542 -25.19 24.78 -18.89
N GLN C 543 -26.16 24.12 -18.27
CA GLN C 543 -25.98 23.63 -16.91
C GLN C 543 -26.81 22.38 -16.64
N THR C 544 -26.45 21.65 -15.59
CA THR C 544 -27.12 20.40 -15.24
C THR C 544 -27.31 20.30 -13.73
N TRP C 545 -28.46 19.77 -13.32
CA TRP C 545 -28.71 19.48 -11.91
C TRP C 545 -27.85 18.30 -11.48
N THR C 546 -26.91 18.55 -10.57
CA THR C 546 -25.89 17.57 -10.21
C THR C 546 -26.44 16.29 -9.57
N SER C 547 -27.14 16.43 -8.45
CA SER C 547 -27.59 15.25 -7.71
C SER C 547 -28.83 15.53 -6.86
N ASP C 548 -29.68 14.52 -6.74
CA ASP C 548 -30.86 14.62 -5.89
C ASP C 548 -30.47 14.60 -4.41
N ASN C 549 -29.30 14.06 -4.13
CA ASN C 549 -28.77 14.09 -2.78
C ASN C 549 -28.36 15.51 -2.43
N THR C 550 -29.18 16.17 -1.62
CA THR C 550 -28.95 17.57 -1.28
C THR C 550 -28.35 17.72 0.10
N ASP C 551 -27.81 16.61 0.63
CA ASP C 551 -27.12 16.65 1.91
C ASP C 551 -25.77 17.30 1.74
N ALA C 552 -25.44 18.23 2.64
CA ALA C 552 -24.22 19.01 2.55
C ALA C 552 -22.96 18.15 2.49
N VAL C 553 -22.92 17.11 3.33
CA VAL C 553 -21.75 16.24 3.41
C VAL C 553 -21.61 15.32 2.20
N SER C 554 -22.71 14.70 1.79
CA SER C 554 -22.70 13.82 0.62
C SER C 554 -22.40 14.60 -0.65
N ARG C 555 -22.79 15.87 -0.68
CA ARG C 555 -22.56 16.71 -1.85
C ARG C 555 -21.09 17.10 -1.96
N LEU C 556 -20.40 17.10 -0.83
CA LEU C 556 -18.96 17.35 -0.81
C LEU C 556 -18.25 16.32 -1.64
N LYS C 557 -18.64 15.07 -1.46
CA LYS C 557 -18.08 13.96 -2.22
C LYS C 557 -18.46 14.04 -3.70
N ILE C 558 -19.71 14.39 -3.96
CA ILE C 558 -20.22 14.50 -5.33
C ILE C 558 -19.56 15.64 -6.10
N GLN C 559 -19.52 16.82 -5.51
CA GLN C 559 -18.99 18.00 -6.19
C GLN C 559 -17.49 17.93 -6.42
N TYR C 560 -16.76 17.35 -5.47
CA TYR C 560 -15.31 17.22 -5.61
C TYR C 560 -14.99 16.33 -6.81
N GLY C 561 -15.76 15.26 -6.94
CA GLY C 561 -15.60 14.34 -8.06
C GLY C 561 -16.10 14.93 -9.36
N THR C 562 -17.21 15.66 -9.28
CA THR C 562 -17.83 16.26 -10.46
C THR C 562 -16.98 17.39 -11.04
N SER C 563 -16.30 18.12 -10.17
CA SER C 563 -15.48 19.25 -10.59
C SER C 563 -14.23 18.81 -11.36
N LEU C 564 -13.96 17.51 -11.34
CA LEU C 564 -12.79 16.96 -12.02
C LEU C 564 -12.84 17.16 -13.53
N VAL C 565 -14.06 17.08 -14.09
CA VAL C 565 -14.21 17.15 -15.55
C VAL C 565 -15.07 18.33 -15.98
N TYR C 566 -16.16 18.56 -15.26
CA TYR C 566 -17.15 19.55 -15.66
C TYR C 566 -16.99 20.87 -14.90
N PRO C 567 -17.19 22.00 -15.60
CA PRO C 567 -17.00 23.33 -15.02
C PRO C 567 -17.93 23.62 -13.85
N ILE C 568 -17.51 24.55 -13.00
CA ILE C 568 -18.26 24.95 -11.82
C ILE C 568 -19.61 25.60 -12.18
N SER C 569 -19.63 26.33 -13.29
CA SER C 569 -20.83 27.05 -13.70
C SER C 569 -22.03 26.13 -13.92
N ALA C 570 -21.76 24.88 -14.26
CA ALA C 570 -22.83 23.92 -14.54
C ALA C 570 -23.14 23.05 -13.32
N MET C 571 -22.41 23.29 -12.23
CA MET C 571 -22.56 22.47 -11.03
C MET C 571 -23.66 22.99 -10.11
N GLY C 572 -24.87 22.46 -10.28
CA GLY C 572 -26.02 22.87 -9.50
C GLY C 572 -25.93 22.49 -8.03
N ALA C 573 -26.18 23.47 -7.17
CA ALA C 573 -26.14 23.25 -5.72
C ALA C 573 -27.26 24.02 -5.02
N HIS C 574 -28.17 23.29 -4.39
CA HIS C 574 -29.30 23.92 -3.72
C HIS C 574 -29.30 23.62 -2.22
N VAL C 575 -29.82 24.55 -1.43
CA VAL C 575 -29.96 24.34 0.00
C VAL C 575 -31.29 23.67 0.32
N SER C 576 -31.22 22.58 1.09
CA SER C 576 -32.42 21.83 1.44
C SER C 576 -32.72 21.92 2.93
N ALA C 577 -33.75 21.21 3.36
CA ALA C 577 -34.16 21.22 4.77
C ALA C 577 -33.50 20.09 5.56
N VAL C 578 -33.57 20.19 6.88
CA VAL C 578 -33.03 19.16 7.76
C VAL C 578 -34.13 18.67 8.72
N PRO C 579 -34.14 17.36 9.01
CA PRO C 579 -33.24 16.30 8.54
C PRO C 579 -33.38 16.03 7.04
N ASN C 580 -32.25 15.79 6.38
CA ASN C 580 -32.21 15.59 4.93
C ASN C 580 -33.12 14.46 4.45
N HIS C 581 -33.78 14.67 3.31
CA HIS C 581 -34.76 13.73 2.79
C HIS C 581 -34.13 12.46 2.22
N GLN C 582 -32.82 12.50 1.98
CA GLN C 582 -32.13 11.35 1.40
C GLN C 582 -31.36 10.52 2.43
N VAL C 583 -30.62 11.17 3.31
CA VAL C 583 -29.77 10.47 4.26
C VAL C 583 -30.28 10.53 5.71
N GLY C 584 -30.86 11.65 6.10
CA GLY C 584 -31.34 11.82 7.45
C GLY C 584 -30.33 12.54 8.32
N ARG C 585 -29.25 12.98 7.69
CA ARG C 585 -28.18 13.70 8.38
C ARG C 585 -28.60 15.12 8.74
N VAL C 586 -28.25 15.54 9.95
CA VAL C 586 -28.59 16.88 10.42
C VAL C 586 -27.38 17.81 10.35
N ALA C 587 -27.45 18.78 9.44
CA ALA C 587 -26.37 19.75 9.28
C ALA C 587 -26.87 21.17 9.50
N SER C 588 -25.98 22.04 9.99
CA SER C 588 -26.33 23.43 10.23
C SER C 588 -26.58 24.17 8.92
N LEU C 589 -27.37 25.25 8.99
CA LEU C 589 -27.68 26.03 7.80
C LEU C 589 -26.44 26.71 7.25
N LYS C 590 -25.48 26.99 8.13
CA LYS C 590 -24.19 27.53 7.73
C LYS C 590 -23.47 26.53 6.85
N THR C 591 -23.37 25.29 7.33
CA THR C 591 -22.70 24.22 6.61
C THR C 591 -23.47 23.86 5.35
N ARG C 592 -24.79 23.75 5.48
CA ARG C 592 -25.66 23.48 4.34
C ARG C 592 -25.54 24.58 3.30
N GLY C 593 -25.31 25.80 3.78
CA GLY C 593 -25.12 26.93 2.90
C GLY C 593 -23.77 26.87 2.20
N HIS C 594 -22.71 26.73 2.98
CA HIS C 594 -21.34 26.73 2.47
C HIS C 594 -21.13 25.72 1.34
N VAL C 595 -21.74 24.54 1.48
CA VAL C 595 -21.63 23.50 0.46
C VAL C 595 -22.37 23.90 -0.81
N ALA C 596 -23.58 24.43 -0.65
CA ALA C 596 -24.37 24.88 -1.78
C ALA C 596 -23.82 26.16 -2.38
N MET C 597 -23.12 26.95 -1.56
CA MET C 597 -22.51 28.19 -2.01
C MET C 597 -21.33 27.91 -2.92
N SER C 598 -20.85 26.66 -2.89
CA SER C 598 -19.70 26.26 -3.67
C SER C 598 -20.06 25.85 -5.09
N GLY C 599 -21.33 26.02 -5.46
CA GLY C 599 -21.77 25.71 -6.81
C GLY C 599 -22.79 26.71 -7.32
N ASN C 600 -23.55 26.32 -8.34
CA ASN C 600 -24.64 27.15 -8.82
C ASN C 600 -25.70 27.25 -7.74
N PHE C 601 -25.68 28.36 -7.02
CA PHE C 601 -26.45 28.50 -5.79
C PHE C 601 -27.96 28.51 -6.01
N GLY C 602 -28.69 27.90 -5.08
CA GLY C 602 -30.13 27.83 -5.17
C GLY C 602 -30.76 27.35 -3.88
N TYR C 603 -32.09 27.35 -3.82
CA TYR C 603 -32.82 26.88 -2.64
C TYR C 603 -33.87 25.85 -3.01
N GLU C 604 -34.22 24.99 -2.05
CA GLU C 604 -35.23 23.97 -2.28
C GLU C 604 -35.75 23.43 -0.94
N LEU C 605 -36.61 24.22 -0.28
CA LEU C 605 -37.12 23.82 1.03
C LEU C 605 -38.39 24.60 1.40
N ASP C 606 -39.13 24.06 2.37
CA ASP C 606 -40.38 24.68 2.82
C ASP C 606 -40.09 25.90 3.69
N ILE C 607 -40.39 27.08 3.16
CA ILE C 607 -40.13 28.33 3.87
C ILE C 607 -41.10 28.52 5.04
N THR C 608 -42.25 27.87 4.97
CA THR C 608 -43.25 27.97 6.03
C THR C 608 -42.79 27.34 7.35
N LYS C 609 -41.82 26.44 7.26
CA LYS C 609 -41.36 25.71 8.45
C LYS C 609 -40.11 26.29 9.10
N LEU C 610 -39.49 27.30 8.49
CA LEU C 610 -38.31 27.93 9.07
C LEU C 610 -38.65 29.12 9.96
N THR C 611 -37.88 29.29 11.02
CA THR C 611 -38.04 30.42 11.94
C THR C 611 -37.46 31.70 11.32
N GLU C 612 -37.78 32.84 11.93
CA GLU C 612 -37.33 34.14 11.45
C GLU C 612 -35.81 34.27 11.37
N THR C 613 -35.11 33.60 12.28
CA THR C 613 -33.66 33.63 12.31
C THR C 613 -33.05 33.03 11.04
N GLU C 614 -33.57 31.88 10.63
CA GLU C 614 -33.08 31.18 9.45
C GLU C 614 -33.41 31.93 8.17
N LYS C 615 -34.53 32.64 8.16
CA LYS C 615 -34.94 33.39 6.97
C LYS C 615 -34.00 34.56 6.73
N GLN C 616 -33.60 35.25 7.79
CA GLN C 616 -32.71 36.39 7.67
C GLN C 616 -31.27 35.95 7.34
N MET C 617 -30.86 34.82 7.90
CA MET C 617 -29.54 34.28 7.60
C MET C 617 -29.51 33.79 6.16
N MET C 618 -30.65 33.32 5.68
CA MET C 618 -30.80 32.92 4.29
C MET C 618 -30.62 34.13 3.38
N LYS C 619 -31.18 35.26 3.80
CA LYS C 619 -31.07 36.50 3.05
C LYS C 619 -29.62 36.95 2.98
N GLN C 620 -28.89 36.73 4.07
CA GLN C 620 -27.47 37.03 4.13
C GLN C 620 -26.69 36.09 3.22
N GLN C 621 -27.11 34.84 3.19
CA GLN C 621 -26.50 33.83 2.32
C GLN C 621 -26.68 34.24 0.87
N VAL C 622 -27.89 34.67 0.53
CA VAL C 622 -28.19 35.17 -0.82
C VAL C 622 -27.33 36.38 -1.12
N ALA C 623 -27.31 37.33 -0.19
CA ALA C 623 -26.54 38.56 -0.35
C ALA C 623 -25.04 38.30 -0.45
N PHE C 624 -24.56 37.28 0.26
CA PHE C 624 -23.14 36.94 0.24
C PHE C 624 -22.75 36.36 -1.12
N TYR C 625 -23.65 35.57 -1.71
CA TYR C 625 -23.37 34.89 -2.96
C TYR C 625 -23.25 35.82 -4.16
N LYS C 626 -24.13 36.81 -4.24
CA LYS C 626 -24.15 37.73 -5.37
C LYS C 626 -22.87 38.56 -5.44
N ASP C 627 -22.19 38.68 -4.30
CA ASP C 627 -20.92 39.37 -4.24
C ASP C 627 -19.81 38.55 -4.88
N VAL C 628 -19.91 37.22 -4.78
CA VAL C 628 -18.85 36.33 -5.26
C VAL C 628 -19.24 35.42 -6.40
N ARG C 629 -20.46 35.55 -6.89
CA ARG C 629 -20.97 34.67 -7.94
C ARG C 629 -20.17 34.81 -9.25
N ARG C 630 -19.68 36.01 -9.52
CA ARG C 630 -18.79 36.26 -10.65
C ARG C 630 -17.50 35.46 -10.49
N LEU C 631 -17.02 35.37 -9.26
CA LEU C 631 -15.77 34.67 -8.98
C LEU C 631 -15.87 33.15 -9.07
N VAL C 632 -16.87 32.57 -8.39
CA VAL C 632 -17.00 31.13 -8.34
C VAL C 632 -17.36 30.50 -9.68
N GLN C 633 -18.24 31.14 -10.45
CA GLN C 633 -18.79 30.52 -11.65
C GLN C 633 -17.95 30.68 -12.91
N PHE C 634 -17.05 31.66 -12.91
CA PHE C 634 -16.26 31.94 -14.10
C PHE C 634 -14.75 32.01 -13.82
N GLY C 635 -14.38 31.82 -12.57
CA GLY C 635 -12.99 31.88 -12.17
C GLY C 635 -12.29 30.55 -12.35
N THR C 636 -10.98 30.54 -12.10
CA THR C 636 -10.18 29.32 -12.19
C THR C 636 -10.35 28.50 -10.91
N PHE C 637 -10.63 27.21 -11.08
CA PHE C 637 -10.96 26.36 -9.94
C PHE C 637 -9.80 25.48 -9.48
N TYR C 638 -9.53 25.51 -8.18
CA TYR C 638 -8.48 24.70 -7.57
C TYR C 638 -9.03 23.82 -6.45
N ARG C 639 -8.81 22.51 -6.56
CA ARG C 639 -9.18 21.59 -5.49
C ARG C 639 -8.05 21.50 -4.48
N LEU C 640 -8.39 21.56 -3.19
CA LEU C 640 -7.37 21.57 -2.15
C LEU C 640 -7.34 20.27 -1.37
N LEU C 641 -8.42 19.97 -0.66
CA LEU C 641 -8.52 18.74 0.13
C LEU C 641 -9.67 17.84 -0.35
N SER C 642 -9.37 16.55 -0.48
CA SER C 642 -10.35 15.58 -0.96
C SER C 642 -11.10 14.91 0.18
N PRO C 643 -12.44 14.83 0.08
CA PRO C 643 -13.26 14.13 1.07
C PRO C 643 -13.14 12.61 0.93
N PHE C 644 -12.48 12.18 -0.15
CA PHE C 644 -12.25 10.76 -0.39
C PHE C 644 -10.98 10.28 0.27
N GLU C 645 -10.12 11.21 0.67
CA GLU C 645 -8.82 10.86 1.22
C GLU C 645 -8.76 11.12 2.72
N GLY C 646 -9.82 11.70 3.27
CA GLY C 646 -9.86 11.98 4.69
C GLY C 646 -11.17 12.55 5.18
N ASN C 647 -11.12 13.20 6.35
CA ASN C 647 -12.30 13.75 7.00
C ASN C 647 -12.54 15.20 6.58
N GLU C 648 -11.71 15.69 5.68
CA GLU C 648 -11.78 17.08 5.27
C GLU C 648 -12.05 17.25 3.77
N ALA C 649 -12.51 18.43 3.41
CA ALA C 649 -12.74 18.79 2.01
C ALA C 649 -12.55 20.27 1.81
N ALA C 650 -11.76 20.65 0.81
CA ALA C 650 -11.46 22.06 0.57
C ALA C 650 -11.16 22.36 -0.90
N TRP C 651 -11.56 23.56 -1.33
CA TRP C 651 -11.30 24.03 -2.69
C TRP C 651 -11.33 25.55 -2.74
N MET C 652 -10.86 26.12 -3.83
CA MET C 652 -10.81 27.57 -3.97
C MET C 652 -11.14 28.07 -5.37
N PHE C 653 -11.54 29.34 -5.44
CA PHE C 653 -11.80 30.00 -6.70
C PHE C 653 -10.89 31.22 -6.81
N VAL C 654 -10.20 31.34 -7.94
CA VAL C 654 -9.28 32.47 -8.15
C VAL C 654 -9.64 33.25 -9.41
N SER C 655 -9.57 34.57 -9.33
CA SER C 655 -9.86 35.43 -10.48
C SER C 655 -8.82 35.22 -11.59
N ALA C 656 -9.15 35.67 -12.79
CA ALA C 656 -8.27 35.49 -13.95
C ALA C 656 -6.97 36.26 -13.79
N ASP C 657 -7.05 37.44 -13.18
CA ASP C 657 -5.87 38.28 -12.97
C ASP C 657 -5.21 37.98 -11.64
N ARG C 658 -5.73 36.96 -10.94
CA ARG C 658 -5.20 36.52 -9.65
C ARG C 658 -5.21 37.62 -8.59
N SER C 659 -6.17 38.54 -8.70
CA SER C 659 -6.29 39.64 -7.75
C SER C 659 -7.37 39.36 -6.71
N GLU C 660 -8.29 38.46 -7.05
CA GLU C 660 -9.39 38.11 -6.15
C GLU C 660 -9.44 36.60 -5.96
N ALA C 661 -9.80 36.17 -4.75
CA ALA C 661 -9.83 34.74 -4.43
C ALA C 661 -10.84 34.41 -3.33
N LEU C 662 -11.39 33.19 -3.39
CA LEU C 662 -12.36 32.73 -2.40
C LEU C 662 -12.01 31.32 -1.94
N VAL C 663 -11.97 31.13 -0.62
CA VAL C 663 -11.53 29.85 -0.06
C VAL C 663 -12.66 29.17 0.70
N ALA C 664 -12.85 27.88 0.45
CA ALA C 664 -13.86 27.10 1.14
C ALA C 664 -13.24 25.90 1.84
N TYR C 665 -13.61 25.69 3.10
CA TYR C 665 -13.09 24.56 3.87
C TYR C 665 -14.23 23.78 4.53
N PHE C 666 -14.09 22.47 4.62
CA PHE C 666 -15.10 21.63 5.25
C PHE C 666 -14.47 20.52 6.08
N ARG C 667 -15.00 20.32 7.28
CA ARG C 667 -14.58 19.19 8.12
C ARG C 667 -15.82 18.46 8.61
N VAL C 668 -15.86 17.15 8.38
CA VAL C 668 -17.07 16.36 8.61
C VAL C 668 -17.27 15.88 10.05
N LEU C 669 -16.39 15.02 10.50
CA LEU C 669 -16.55 14.40 11.82
C LEU C 669 -15.71 15.11 12.89
N ALA C 670 -16.35 15.43 14.01
CA ALA C 670 -15.67 16.11 15.10
C ALA C 670 -14.93 15.12 15.99
N GLU C 671 -13.70 15.48 16.36
CA GLU C 671 -12.89 14.67 17.25
C GLU C 671 -12.51 15.46 18.50
N ALA C 672 -12.62 14.82 19.66
CA ALA C 672 -12.27 15.46 20.92
C ALA C 672 -10.76 15.62 21.02
N ASN C 673 -10.33 16.77 21.54
CA ASN C 673 -8.91 17.10 21.67
C ASN C 673 -8.17 17.00 20.33
N ALA C 674 -8.80 17.54 19.30
CA ALA C 674 -8.28 17.44 17.94
C ALA C 674 -7.02 18.26 17.74
N PRO C 675 -6.10 17.77 16.89
CA PRO C 675 -4.86 18.50 16.57
C PRO C 675 -5.14 19.75 15.74
N LEU C 676 -4.22 20.71 15.79
CA LEU C 676 -4.34 21.95 15.05
C LEU C 676 -4.14 21.71 13.55
N SER C 677 -5.06 22.20 12.74
CA SER C 677 -5.00 22.00 11.29
C SER C 677 -4.50 23.26 10.58
N TYR C 678 -3.82 23.06 9.45
CA TYR C 678 -3.38 24.16 8.62
C TYR C 678 -3.74 23.92 7.16
N LEU C 679 -4.02 25.00 6.43
CA LEU C 679 -4.46 24.87 5.05
C LEU C 679 -3.56 25.70 4.12
N ARG C 680 -2.87 25.02 3.21
CA ARG C 680 -2.01 25.69 2.24
C ARG C 680 -2.73 25.91 0.92
N LEU C 681 -2.77 27.16 0.44
CA LEU C 681 -3.50 27.48 -0.77
C LEU C 681 -2.63 27.33 -2.02
N LYS C 682 -3.26 27.29 -3.18
CA LYS C 682 -2.55 27.15 -4.45
C LYS C 682 -3.18 27.99 -5.55
N GLY C 683 -2.38 28.34 -6.55
CA GLY C 683 -2.88 28.99 -7.75
C GLY C 683 -2.97 30.51 -7.69
N LEU C 684 -2.40 31.09 -6.63
CA LEU C 684 -2.40 32.55 -6.48
C LEU C 684 -1.07 33.13 -6.96
N ASP C 685 -1.07 34.42 -7.25
CA ASP C 685 0.17 35.09 -7.64
C ASP C 685 0.95 35.43 -6.39
N SER C 686 2.12 34.80 -6.25
CA SER C 686 2.94 34.91 -5.04
C SER C 686 3.53 36.31 -4.82
N ASN C 687 3.65 37.09 -5.88
CA ASN C 687 4.29 38.40 -5.79
C ASN C 687 3.38 39.52 -5.24
N GLN C 688 2.19 39.16 -4.81
CA GLN C 688 1.26 40.14 -4.24
C GLN C 688 0.75 39.69 -2.88
N ASP C 689 0.34 40.64 -2.06
CA ASP C 689 -0.23 40.34 -0.75
C ASP C 689 -1.76 40.42 -0.80
N TYR C 690 -2.42 39.62 0.03
CA TYR C 690 -3.87 39.56 0.03
C TYR C 690 -4.44 39.84 1.42
N GLU C 691 -5.56 40.56 1.47
CA GLU C 691 -6.21 40.85 2.74
C GLU C 691 -7.44 39.97 2.97
N ILE C 692 -7.32 39.06 3.92
CA ILE C 692 -8.41 38.16 4.29
C ILE C 692 -9.40 38.86 5.23
N GLU C 693 -10.66 38.91 4.80
CA GLU C 693 -11.72 39.58 5.55
C GLU C 693 -11.92 39.01 6.95
N GLY C 694 -11.78 39.86 7.96
CA GLY C 694 -12.01 39.48 9.35
C GLY C 694 -10.76 39.08 10.10
N LEU C 695 -9.66 38.89 9.37
CA LEU C 695 -8.39 38.49 9.98
C LEU C 695 -7.30 39.53 9.76
N GLY C 696 -6.97 39.79 8.50
CA GLY C 696 -5.94 40.75 8.17
C GLY C 696 -5.33 40.53 6.80
N VAL C 697 -4.30 41.30 6.49
CA VAL C 697 -3.62 41.19 5.20
C VAL C 697 -2.37 40.32 5.28
N TYR C 698 -2.50 39.08 4.79
CA TYR C 698 -1.39 38.13 4.82
C TYR C 698 -0.73 38.01 3.45
N GLY C 699 0.57 37.72 3.45
CA GLY C 699 1.33 37.62 2.21
C GLY C 699 0.89 36.48 1.32
N GLY C 700 0.87 36.73 0.02
CA GLY C 700 0.48 35.74 -0.96
C GLY C 700 1.39 34.52 -0.99
N ASP C 701 2.69 34.76 -0.86
CA ASP C 701 3.65 33.66 -0.83
C ASP C 701 3.49 32.81 0.43
N GLU C 702 3.22 33.46 1.56
CA GLU C 702 3.09 32.77 2.84
C GLU C 702 1.88 31.84 2.92
N LEU C 703 0.74 32.29 2.39
CA LEU C 703 -0.48 31.49 2.46
C LEU C 703 -0.37 30.21 1.63
N MET C 704 0.45 30.26 0.59
CA MET C 704 0.63 29.12 -0.31
C MET C 704 1.69 28.15 0.21
N TYR C 705 2.78 28.69 0.77
CA TYR C 705 3.91 27.86 1.17
C TYR C 705 3.88 27.47 2.65
N ALA C 706 3.29 28.31 3.48
CA ALA C 706 3.19 28.04 4.92
C ALA C 706 1.78 27.60 5.29
N GLY C 707 0.78 28.29 4.76
CA GLY C 707 -0.61 27.95 5.00
C GLY C 707 -1.24 28.75 6.12
N VAL C 708 -2.56 28.61 6.26
CA VAL C 708 -3.31 29.32 7.28
C VAL C 708 -3.86 28.37 8.35
N ALA C 709 -3.67 28.74 9.61
CA ALA C 709 -4.13 27.91 10.73
C ALA C 709 -5.65 27.95 10.84
N LEU C 710 -6.23 26.80 11.16
CA LEU C 710 -7.67 26.69 11.34
C LEU C 710 -8.07 26.82 12.80
N PRO C 711 -9.11 27.60 13.09
CA PRO C 711 -9.63 27.69 14.46
C PRO C 711 -10.29 26.41 14.92
N TYR C 712 -9.99 25.96 16.13
CA TYR C 712 -10.59 24.75 16.68
C TYR C 712 -12.04 24.95 17.10
N ARG C 713 -12.94 24.13 16.56
CA ARG C 713 -14.35 24.15 16.96
C ARG C 713 -14.89 22.73 17.13
N SER C 714 -16.01 22.60 17.83
CA SER C 714 -16.62 21.30 18.08
C SER C 714 -17.80 21.04 17.14
N SER C 715 -18.57 20.00 17.46
CA SER C 715 -19.74 19.58 16.67
C SER C 715 -19.38 19.06 15.28
N ASP C 716 -20.27 18.24 14.72
CA ASP C 716 -20.04 17.63 13.41
C ASP C 716 -20.47 18.52 12.26
N PHE C 717 -19.87 18.27 11.09
CA PHE C 717 -20.22 18.95 9.85
C PHE C 717 -20.07 20.46 10.00
N ILE C 718 -18.82 20.92 10.11
CA ILE C 718 -18.53 22.33 10.25
C ILE C 718 -18.02 22.90 8.93
N SER C 719 -18.05 24.21 8.79
CA SER C 719 -17.60 24.87 7.57
C SER C 719 -17.05 26.26 7.84
N MET C 720 -16.20 26.74 6.92
CA MET C 720 -15.62 28.08 7.00
C MET C 720 -15.43 28.63 5.60
N MET C 721 -15.60 29.94 5.45
CA MET C 721 -15.41 30.58 4.15
C MET C 721 -14.59 31.86 4.30
N TRP C 722 -13.62 32.05 3.40
CA TRP C 722 -12.75 33.22 3.45
C TRP C 722 -12.69 33.97 2.13
N ARG C 723 -12.77 35.29 2.20
CA ARG C 723 -12.60 36.14 1.02
C ARG C 723 -11.20 36.76 0.97
N LEU C 724 -10.54 36.59 -0.17
CA LEU C 724 -9.20 37.13 -0.38
C LEU C 724 -9.19 38.15 -1.51
N LYS C 725 -8.62 39.32 -1.24
CA LYS C 725 -8.53 40.39 -2.22
C LYS C 725 -7.16 41.06 -2.19
N ALA C 726 -6.64 41.40 -3.36
CA ALA C 726 -5.31 42.01 -3.49
C ALA C 726 -5.24 43.40 -2.87
N VAL C 727 -4.02 43.92 -2.74
CA VAL C 727 -3.79 45.24 -2.16
C VAL C 727 -3.01 46.13 -3.11
N LYS D 10 12.30 40.81 18.25
CA LYS D 10 11.17 39.91 18.49
C LYS D 10 11.01 38.94 17.33
N GLN D 11 11.63 39.26 16.20
CA GLN D 11 11.47 38.47 14.99
C GLN D 11 12.80 38.03 14.37
N PHE D 12 13.00 36.73 14.27
CA PHE D 12 14.16 36.16 13.60
C PHE D 12 13.76 35.58 12.24
N HIS D 13 14.22 36.21 11.17
CA HIS D 13 13.91 35.72 9.83
C HIS D 13 15.20 35.47 9.05
N LEU D 14 15.49 34.21 8.77
CA LEU D 14 16.71 33.83 8.09
C LEU D 14 16.47 33.58 6.61
N ARG D 15 17.32 34.16 5.76
CA ARG D 15 17.23 33.93 4.32
C ARG D 15 18.36 33.03 3.83
N ALA D 16 18.02 31.80 3.47
CA ALA D 16 19.00 30.87 2.94
C ALA D 16 18.73 30.55 1.48
N GLY D 17 19.43 31.24 0.59
CA GLY D 17 19.25 31.05 -0.84
C GLY D 17 17.84 31.40 -1.26
N LYS D 18 17.09 30.40 -1.69
CA LYS D 18 15.70 30.60 -2.08
C LYS D 18 14.74 30.02 -1.04
N ALA D 19 15.24 29.87 0.19
CA ALA D 19 14.44 29.33 1.27
C ALA D 19 14.48 30.24 2.50
N SER D 20 13.52 30.06 3.39
CA SER D 20 13.47 30.87 4.62
C SER D 20 13.30 30.03 5.87
N TYR D 21 14.02 30.41 6.93
CA TYR D 21 13.91 29.79 8.23
C TYR D 21 13.49 30.85 9.23
N VAL D 22 12.27 30.74 9.72
CA VAL D 22 11.68 31.80 10.54
C VAL D 22 11.54 31.39 11.99
N MET D 23 11.87 32.30 12.90
CA MET D 23 11.77 32.04 14.32
C MET D 23 11.15 33.25 15.02
N GLN D 24 10.71 33.09 16.26
CA GLN D 24 10.10 34.19 16.99
C GLN D 24 10.20 34.06 18.50
N LEU D 25 10.38 35.19 19.17
CA LEU D 25 10.41 35.24 20.63
C LEU D 25 8.99 35.27 21.19
N PHE D 26 8.74 34.46 22.22
CA PHE D 26 7.41 34.34 22.78
C PHE D 26 7.39 34.57 24.30
N ARG D 27 6.50 35.44 24.75
CA ARG D 27 6.29 35.74 26.16
C ARG D 27 7.56 36.22 26.89
N SER D 28 7.87 35.57 28.01
CA SER D 28 8.97 35.99 28.88
C SER D 28 10.29 35.31 28.53
N GLY D 29 10.77 35.50 27.31
CA GLY D 29 12.06 34.99 26.89
C GLY D 29 12.07 33.55 26.45
N TYR D 30 10.94 33.07 25.94
CA TYR D 30 10.85 31.74 25.36
C TYR D 30 11.13 31.78 23.86
N LEU D 31 12.00 30.90 23.39
CA LEU D 31 12.34 30.83 21.98
C LEU D 31 11.47 29.81 21.26
N ALA D 32 10.67 30.27 20.30
CA ALA D 32 9.74 29.38 19.61
C ALA D 32 9.99 29.30 18.11
N HIS D 33 9.78 28.11 17.55
CA HIS D 33 9.86 27.91 16.11
C HIS D 33 8.51 28.20 15.47
N VAL D 34 8.53 28.73 14.25
CA VAL D 34 7.29 29.06 13.55
C VAL D 34 7.21 28.44 12.16
N TYR D 35 8.28 28.55 11.38
CA TYR D 35 8.24 28.10 9.98
C TYR D 35 9.61 27.79 9.38
N TRP D 36 9.64 26.75 8.55
CA TRP D 36 10.80 26.41 7.73
C TRP D 36 10.35 25.85 6.38
N GLY D 37 10.75 26.50 5.30
CA GLY D 37 10.38 26.06 3.96
C GLY D 37 10.82 27.03 2.88
N LYS D 38 10.02 27.13 1.83
CA LYS D 38 10.32 28.03 0.71
C LYS D 38 10.37 29.48 1.19
N ALA D 39 11.18 30.30 0.52
CA ALA D 39 11.40 31.69 0.92
C ALA D 39 10.13 32.52 0.97
N VAL D 40 9.97 33.27 2.05
CA VAL D 40 8.85 34.19 2.21
C VAL D 40 9.37 35.59 2.50
N ARG D 41 8.62 36.59 2.06
CA ARG D 41 9.01 37.98 2.29
C ARG D 41 8.90 38.37 3.76
N ASP D 42 7.81 37.93 4.40
CA ASP D 42 7.56 38.24 5.80
C ASP D 42 6.56 37.28 6.41
N VAL D 43 6.78 36.90 7.66
CA VAL D 43 5.84 36.04 8.37
C VAL D 43 4.69 36.90 8.89
N ARG D 44 3.64 36.99 8.09
CA ARG D 44 2.48 37.81 8.42
C ARG D 44 1.58 37.11 9.43
N GLY D 45 2.05 35.95 9.91
CA GLY D 45 1.32 35.17 10.90
C GLY D 45 0.18 34.43 10.26
N ALA D 46 0.45 33.76 9.14
CA ALA D 46 -0.57 32.97 8.47
C ALA D 46 -0.68 31.59 9.08
N ARG D 47 0.47 30.98 9.36
CA ARG D 47 0.51 29.69 10.04
C ARG D 47 0.03 29.87 11.48
N ALA D 48 0.06 31.12 11.93
CA ALA D 48 -0.53 31.52 13.22
C ALA D 48 -0.09 30.71 14.43
N PHE D 49 -0.90 30.77 15.48
CA PHE D 49 -0.61 30.14 16.75
C PHE D 49 -1.78 30.31 17.71
N PRO D 50 -2.89 29.60 17.44
CA PRO D 50 -4.02 29.69 18.37
C PRO D 50 -3.66 28.98 19.66
N ARG D 51 -3.67 29.70 20.77
CA ARG D 51 -3.31 29.11 22.05
C ARG D 51 -4.50 28.36 22.64
N LEU D 52 -4.23 27.19 23.20
CA LEU D 52 -5.30 26.33 23.71
C LEU D 52 -4.85 25.62 24.98
N ASP D 53 -5.81 25.40 25.89
CA ASP D 53 -5.54 24.68 27.11
C ASP D 53 -5.68 23.18 26.86
N ARG D 54 -4.56 22.55 26.52
CA ARG D 54 -4.56 21.12 26.23
C ARG D 54 -4.51 20.33 27.53
N ALA D 55 -5.34 19.29 27.62
CA ALA D 55 -5.44 18.49 28.83
C ALA D 55 -4.11 17.83 29.20
N PHE D 56 -3.82 17.80 30.50
CA PHE D 56 -2.60 17.19 31.03
C PHE D 56 -1.31 17.84 30.56
N SER D 57 -1.44 19.01 29.91
CA SER D 57 -0.28 19.82 29.55
C SER D 57 -0.14 20.97 30.53
N PRO D 58 0.72 20.80 31.54
CA PRO D 58 0.83 21.74 32.66
C PRO D 58 1.40 23.10 32.25
N ASN D 59 1.19 24.10 33.10
CA ASN D 59 1.60 25.46 32.79
C ASN D 59 2.59 25.99 33.82
N PRO D 60 3.68 26.62 33.35
CA PRO D 60 4.62 27.26 34.29
C PRO D 60 4.00 28.52 34.90
N ASP D 61 3.04 29.11 34.19
CA ASP D 61 2.32 30.27 34.69
C ASP D 61 0.83 29.96 34.87
N PRO D 62 0.39 29.86 36.13
CA PRO D 62 -0.99 29.52 36.48
C PRO D 62 -2.01 30.55 35.98
N SER D 63 -1.55 31.76 35.67
CA SER D 63 -2.44 32.82 35.23
C SER D 63 -2.86 32.66 33.77
N ASP D 64 -2.11 31.83 33.03
CA ASP D 64 -2.43 31.57 31.63
C ASP D 64 -2.51 30.06 31.43
N ARG D 65 -3.74 29.55 31.31
CA ARG D 65 -3.96 28.12 31.19
C ARG D 65 -3.71 27.63 29.77
N THR D 66 -3.58 28.58 28.85
CA THR D 66 -3.39 28.27 27.43
C THR D 66 -1.92 28.11 27.06
N PHE D 67 -1.03 28.36 28.01
CA PHE D 67 0.40 28.28 27.75
C PHE D 67 1.07 27.06 28.39
N SER D 68 1.64 26.21 27.54
CA SER D 68 2.33 25.02 28.00
C SER D 68 3.48 24.67 27.07
N LEU D 69 4.60 24.22 27.64
CA LEU D 69 5.78 23.87 26.85
C LEU D 69 5.59 22.55 26.12
N ASP D 70 4.59 21.78 26.52
CA ASP D 70 4.26 20.52 25.86
C ASP D 70 3.56 20.77 24.54
N THR D 71 3.08 22.00 24.37
CA THR D 71 2.30 22.38 23.20
C THR D 71 2.96 23.52 22.43
N LEU D 72 4.22 23.79 22.74
CA LEU D 72 4.93 24.88 22.08
C LEU D 72 6.06 24.39 21.20
N LEU D 73 6.08 24.88 19.96
CA LEU D 73 7.13 24.51 19.00
C LEU D 73 8.40 25.25 19.37
N GLN D 74 9.42 24.51 19.79
CA GLN D 74 10.65 25.13 20.29
C GLN D 74 11.85 24.88 19.39
N GLU D 75 12.94 25.59 19.65
CA GLU D 75 14.18 25.43 18.89
C GLU D 75 15.22 24.66 19.70
N TYR D 76 15.13 24.78 21.02
CA TYR D 76 16.02 24.03 21.91
C TYR D 76 15.31 23.72 23.22
N PRO D 77 14.38 22.76 23.19
CA PRO D 77 13.50 22.41 24.32
C PRO D 77 14.21 21.60 25.40
N ALA D 78 13.67 21.65 26.62
CA ALA D 78 14.19 20.87 27.73
C ALA D 78 13.06 20.09 28.40
N TYR D 79 13.43 19.03 29.12
CA TYR D 79 12.46 18.23 29.86
C TYR D 79 12.50 18.57 31.34
N GLY D 80 11.37 18.43 32.01
CA GLY D 80 11.29 18.68 33.44
C GLY D 80 10.29 19.78 33.78
N ASN D 81 10.18 20.75 32.89
CA ASN D 81 9.26 21.87 33.09
C ASN D 81 8.08 21.87 32.11
N THR D 82 7.11 21.01 32.38
CA THR D 82 5.83 20.93 31.65
C THR D 82 5.93 20.34 30.24
N ASP D 83 7.14 20.24 29.70
CA ASP D 83 7.32 19.60 28.40
C ASP D 83 7.70 18.15 28.64
N PHE D 84 6.96 17.23 28.02
CA PHE D 84 7.16 15.81 28.22
C PHE D 84 7.74 15.12 27.00
N ARG D 85 7.90 15.88 25.93
CA ARG D 85 8.51 15.39 24.70
C ARG D 85 10.03 15.27 24.89
N ALA D 86 10.68 14.55 23.97
CA ALA D 86 12.13 14.36 24.05
C ALA D 86 12.88 15.68 23.97
N PRO D 87 13.67 15.99 25.00
CA PRO D 87 14.40 17.27 25.06
C PRO D 87 15.63 17.26 24.17
N ALA D 88 16.10 18.45 23.80
CA ALA D 88 17.32 18.57 23.00
C ALA D 88 18.54 18.44 23.91
N TYR D 89 18.36 18.79 25.17
CA TYR D 89 19.45 18.70 26.14
C TYR D 89 18.91 18.36 27.53
N GLN D 90 19.81 17.90 28.40
CA GLN D 90 19.47 17.56 29.78
C GLN D 90 20.69 17.72 30.66
N VAL D 91 20.59 18.59 31.67
CA VAL D 91 21.72 18.87 32.54
C VAL D 91 21.43 18.46 33.98
N GLN D 92 22.41 17.81 34.61
CA GLN D 92 22.28 17.43 36.00
C GLN D 92 23.02 18.43 36.88
N LEU D 93 22.30 18.99 37.85
CA LEU D 93 22.88 19.94 38.78
C LEU D 93 23.59 19.18 39.89
N GLU D 94 24.29 19.90 40.76
CA GLU D 94 24.99 19.27 41.87
C GLU D 94 24.01 18.60 42.84
N ASN D 95 22.81 19.15 42.92
CA ASN D 95 21.76 18.57 43.76
C ASN D 95 21.08 17.36 43.13
N GLY D 96 21.40 17.09 41.87
CA GLY D 96 20.89 15.91 41.19
C GLY D 96 19.73 16.16 40.25
N SER D 97 19.05 17.29 40.41
CA SER D 97 17.90 17.64 39.58
C SER D 97 18.31 17.86 38.13
N THR D 98 17.37 17.62 37.21
CA THR D 98 17.62 17.83 35.79
C THR D 98 16.72 18.94 35.24
N VAL D 99 16.14 19.72 36.15
CA VAL D 99 15.24 20.80 35.76
C VAL D 99 16.04 22.02 35.32
N THR D 100 15.88 22.40 34.06
CA THR D 100 16.55 23.58 33.52
C THR D 100 15.51 24.57 33.01
N ASP D 101 15.86 25.85 33.04
CA ASP D 101 14.93 26.90 32.65
C ASP D 101 15.64 27.96 31.81
N LEU D 102 15.74 27.71 30.50
CA LEU D 102 16.44 28.62 29.60
C LEU D 102 15.58 29.81 29.17
N ARG D 103 16.15 31.00 29.29
CA ARG D 103 15.46 32.22 28.88
C ARG D 103 16.34 33.02 27.93
N TYR D 104 15.71 33.91 27.17
CA TYR D 104 16.45 34.76 26.23
C TYR D 104 17.25 35.83 26.99
N LYS D 105 18.53 35.95 26.65
CA LYS D 105 19.39 36.97 27.23
C LYS D 105 19.68 38.07 26.21
N THR D 106 20.33 37.70 25.12
CA THR D 106 20.65 38.64 24.05
C THR D 106 20.97 37.91 22.75
N HIS D 107 21.29 38.67 21.72
CA HIS D 107 21.64 38.08 20.42
C HIS D 107 22.56 38.98 19.61
N ARG D 108 23.25 38.39 18.64
CA ARG D 108 24.18 39.13 17.79
C ARG D 108 24.10 38.64 16.36
N ILE D 109 24.29 39.55 15.40
CA ILE D 109 24.22 39.19 13.99
C ILE D 109 25.50 39.64 13.26
N TYR D 110 26.10 38.72 12.50
CA TYR D 110 27.27 39.06 11.70
C TYR D 110 27.34 38.20 10.45
N LYS D 111 27.95 38.75 9.39
CA LYS D 111 28.10 38.02 8.13
C LYS D 111 29.24 37.01 8.20
N GLY D 112 29.15 35.97 7.36
CA GLY D 112 30.19 34.97 7.29
C GLY D 112 29.87 33.69 8.04
N LYS D 113 30.89 32.85 8.21
CA LYS D 113 30.75 31.57 8.89
C LYS D 113 31.95 31.33 9.81
N PRO D 114 31.69 31.12 11.10
CA PRO D 114 32.75 30.92 12.09
C PRO D 114 33.19 29.47 12.20
N ARG D 115 34.43 29.25 12.66
CA ARG D 115 34.93 27.90 12.88
C ARG D 115 34.54 27.39 14.26
N LEU D 116 34.30 26.09 14.37
CA LEU D 116 33.94 25.48 15.65
C LEU D 116 35.12 24.80 16.34
N ASN D 117 35.16 24.92 17.66
CA ASN D 117 36.24 24.40 18.50
C ASN D 117 36.52 22.91 18.29
N GLY D 118 37.64 22.60 17.66
CA GLY D 118 38.09 21.23 17.50
C GLY D 118 37.15 20.34 16.70
N LEU D 119 36.27 20.96 15.91
CA LEU D 119 35.26 20.21 15.17
C LEU D 119 35.23 20.61 13.70
N PRO D 120 34.95 19.64 12.82
CA PRO D 120 34.80 19.91 11.38
C PRO D 120 33.47 20.58 11.10
N ALA D 121 33.42 21.44 10.08
CA ALA D 121 32.20 22.15 9.75
C ALA D 121 32.24 22.75 8.36
N THR D 122 31.07 23.06 7.82
CA THR D 122 30.98 23.77 6.55
C THR D 122 31.58 25.17 6.73
N TYR D 123 32.40 25.59 5.76
CA TYR D 123 33.12 26.84 5.89
C TYR D 123 32.74 27.83 4.79
N VAL D 124 33.38 29.00 4.84
CA VAL D 124 33.12 30.05 3.86
C VAL D 124 34.42 30.73 3.41
N GLU D 125 34.46 31.16 2.15
CA GLU D 125 35.64 31.85 1.63
C GLU D 125 35.49 33.37 1.64
N HIS D 126 34.24 33.84 1.59
CA HIS D 126 33.99 35.28 1.64
C HIS D 126 32.84 35.62 2.60
N GLU D 127 32.95 36.77 3.26
CA GLU D 127 31.98 37.20 4.26
C GLU D 127 30.56 37.33 3.72
N GLN D 128 30.44 37.70 2.44
CA GLN D 128 29.13 37.98 1.84
C GLN D 128 28.30 36.71 1.62
N GLU D 129 28.95 35.56 1.59
CA GLU D 129 28.28 34.31 1.22
C GLU D 129 27.22 33.84 2.23
N ALA D 130 27.38 34.21 3.50
CA ALA D 130 26.45 33.75 4.53
C ALA D 130 26.31 34.71 5.72
N GLU D 131 25.26 34.53 6.50
CA GLU D 131 25.05 35.31 7.72
C GLU D 131 24.83 34.39 8.92
N THR D 132 25.33 34.81 10.07
CA THR D 132 25.26 34.00 11.28
C THR D 132 24.42 34.65 12.38
N LEU D 133 23.58 33.86 13.01
CA LEU D 133 22.77 34.32 14.13
C LEU D 133 23.15 33.59 15.42
N GLU D 134 23.59 34.36 16.40
CA GLU D 134 23.93 33.79 17.70
C GLU D 134 22.93 34.25 18.76
N ILE D 135 22.09 33.33 19.21
CA ILE D 135 21.11 33.63 20.24
C ILE D 135 21.60 33.12 21.59
N VAL D 136 21.89 34.05 22.49
CA VAL D 136 22.38 33.68 23.82
C VAL D 136 21.23 33.43 24.79
N LEU D 137 21.11 32.19 25.25
CA LEU D 137 20.10 31.82 26.23
C LEU D 137 20.77 31.65 27.58
N GLY D 138 19.99 31.73 28.65
CA GLY D 138 20.56 31.65 29.98
C GLY D 138 19.63 31.12 31.05
N ASP D 139 20.18 30.25 31.90
CA ASP D 139 19.47 29.76 33.07
C ASP D 139 19.98 30.54 34.28
N ALA D 140 19.15 31.46 34.77
CA ALA D 140 19.55 32.39 35.82
C ALA D 140 20.00 31.71 37.11
N LEU D 141 19.33 30.62 37.48
CA LEU D 141 19.64 29.96 38.75
C LEU D 141 21.05 29.39 38.83
N ILE D 142 21.48 28.68 37.78
CA ILE D 142 22.79 28.04 37.78
C ILE D 142 23.79 28.77 36.88
N GLY D 143 23.34 29.83 36.22
CA GLY D 143 24.22 30.61 35.37
C GLY D 143 24.71 29.87 34.14
N LEU D 144 23.85 29.02 33.59
CA LEU D 144 24.20 28.25 32.40
C LEU D 144 23.85 29.03 31.12
N GLU D 145 24.81 29.13 30.23
CA GLU D 145 24.63 29.85 28.97
C GLU D 145 24.67 28.92 27.76
N VAL D 146 23.64 29.00 26.93
CA VAL D 146 23.58 28.21 25.71
C VAL D 146 23.46 29.14 24.49
N THR D 147 24.48 29.13 23.65
CA THR D 147 24.50 29.98 22.46
C THR D 147 24.08 29.17 21.24
N LEU D 148 22.93 29.54 20.66
CA LEU D 148 22.40 28.85 19.50
C LEU D 148 22.92 29.47 18.22
N GLN D 149 23.58 28.66 17.39
CA GLN D 149 24.17 29.14 16.15
C GLN D 149 23.31 28.83 14.93
N TYR D 150 23.02 29.87 14.15
CA TYR D 150 22.26 29.72 12.92
C TYR D 150 23.01 30.35 11.76
N THR D 151 23.12 29.62 10.66
CA THR D 151 23.79 30.15 9.47
C THR D 151 22.98 29.92 8.20
N ALA D 152 22.86 30.96 7.38
CA ALA D 152 22.12 30.86 6.14
C ALA D 152 23.01 31.22 4.95
N TYR D 153 23.33 30.23 4.12
CA TYR D 153 24.09 30.47 2.91
C TYR D 153 23.27 31.25 1.89
N GLU D 154 23.94 32.04 1.05
CA GLU D 154 23.27 32.88 0.08
C GLU D 154 23.04 32.14 -1.25
N LYS D 155 23.95 31.22 -1.57
CA LYS D 155 23.89 30.51 -2.85
C LYS D 155 23.12 29.20 -2.76
N TRP D 156 23.05 28.63 -1.55
CA TRP D 156 22.36 27.36 -1.35
C TRP D 156 21.26 27.47 -0.30
N ASN D 157 20.31 26.53 -0.35
CA ASN D 157 19.23 26.47 0.64
C ASN D 157 19.68 25.73 1.89
N VAL D 158 20.69 26.26 2.56
CA VAL D 158 21.31 25.57 3.70
C VAL D 158 21.20 26.33 5.02
N ILE D 159 20.67 25.67 6.03
CA ILE D 159 20.66 26.20 7.38
C ILE D 159 21.43 25.26 8.32
N THR D 160 22.55 25.73 8.85
CA THR D 160 23.36 24.94 9.76
C THR D 160 23.09 25.34 11.21
N ARG D 161 22.93 24.36 12.08
CA ARG D 161 22.62 24.64 13.47
C ARG D 161 23.54 23.89 14.44
N SER D 162 23.98 24.60 15.47
CA SER D 162 24.79 24.00 16.53
C SER D 162 24.65 24.84 17.79
N ALA D 163 25.08 24.29 18.93
CA ALA D 163 24.95 24.98 20.20
C ALA D 163 26.23 24.93 21.01
N ARG D 164 26.50 26.01 21.75
CA ARG D 164 27.67 26.06 22.63
C ARG D 164 27.23 26.25 24.07
N PHE D 165 27.49 25.25 24.90
CA PHE D 165 27.15 25.31 26.32
C PHE D 165 28.31 25.92 27.10
N GLU D 166 28.00 26.62 28.19
CA GLU D 166 29.04 27.22 29.01
C GLU D 166 28.61 27.40 30.47
N ASN D 167 29.42 26.89 31.38
CA ASN D 167 29.15 27.02 32.81
C ASN D 167 29.67 28.35 33.34
N LYS D 168 28.77 29.32 33.47
CA LYS D 168 29.13 30.65 33.95
C LYS D 168 28.67 30.82 35.39
N GLY D 169 28.38 29.71 36.05
CA GLY D 169 27.93 29.71 37.43
C GLY D 169 29.00 29.26 38.39
N GLY D 170 28.61 29.01 39.63
CA GLY D 170 29.55 28.62 40.67
C GLY D 170 29.46 27.16 41.07
N GLU D 171 28.69 26.38 40.33
CA GLU D 171 28.54 24.96 40.60
C GLU D 171 28.95 24.15 39.38
N ARG D 172 29.31 22.89 39.60
CA ARG D 172 29.68 22.01 38.49
C ARG D 172 28.44 21.38 37.86
N LEU D 173 28.40 21.38 36.53
CA LEU D 173 27.25 20.86 35.81
C LEU D 173 27.66 19.75 34.85
N LYS D 174 26.92 18.63 34.88
CA LYS D 174 27.22 17.53 33.98
C LYS D 174 26.13 17.36 32.93
N LEU D 175 26.51 17.48 31.67
CA LEU D 175 25.59 17.33 30.55
C LEU D 175 25.28 15.86 30.28
N LEU D 176 24.01 15.50 30.44
CA LEU D 176 23.56 14.14 30.17
C LEU D 176 23.17 14.01 28.71
N ARG D 177 22.87 15.16 28.09
CA ARG D 177 22.49 15.21 26.69
C ARG D 177 22.82 16.57 26.11
N ALA D 178 23.47 16.57 24.95
CA ALA D 178 23.84 17.82 24.29
C ALA D 178 23.72 17.69 22.77
N LEU D 179 22.48 17.56 22.32
CA LEU D 179 22.20 17.43 20.90
C LEU D 179 22.43 18.75 20.17
N SER D 180 22.70 18.67 18.88
CA SER D 180 23.04 19.85 18.09
C SER D 180 21.81 20.71 17.78
N MET D 181 20.68 20.06 17.56
CA MET D 181 19.47 20.78 17.18
C MET D 181 18.17 20.05 17.55
N SER D 182 17.07 20.78 17.44
CA SER D 182 15.74 20.23 17.64
C SER D 182 14.73 21.17 16.99
N VAL D 183 13.77 20.60 16.27
CA VAL D 183 12.75 21.40 15.60
C VAL D 183 11.39 20.72 15.64
N ASP D 184 10.35 21.46 16.01
CA ASP D 184 9.02 20.91 16.10
C ASP D 184 8.18 21.35 14.91
N PHE D 185 7.84 20.39 14.06
CA PHE D 185 6.99 20.65 12.89
C PHE D 185 5.52 20.68 13.31
N PRO D 186 4.73 21.57 12.70
CA PRO D 186 3.32 21.72 13.07
C PRO D 186 2.49 20.48 12.76
N THR D 187 2.79 19.82 11.65
CA THR D 187 2.09 18.59 11.26
C THR D 187 3.07 17.43 11.14
N ALA D 188 2.53 16.22 10.97
CA ALA D 188 3.37 15.03 10.90
C ALA D 188 2.99 14.16 9.70
N ASP D 189 2.39 14.78 8.68
CA ASP D 189 2.02 14.07 7.47
C ASP D 189 3.22 13.93 6.53
N TYR D 190 4.24 13.22 6.98
CA TYR D 190 5.46 13.04 6.21
C TYR D 190 5.92 11.59 6.20
N ASP D 191 6.77 11.25 5.23
CA ASP D 191 7.55 10.02 5.28
C ASP D 191 8.95 10.40 5.76
N TRP D 192 9.68 9.43 6.31
CA TRP D 192 11.04 9.71 6.76
C TRP D 192 12.05 8.74 6.15
N ILE D 193 13.17 9.29 5.69
CA ILE D 193 14.18 8.50 5.00
C ILE D 193 15.52 8.50 5.75
N HIS D 194 16.05 7.31 6.01
CA HIS D 194 17.36 7.16 6.61
C HIS D 194 18.18 6.17 5.81
N LEU D 195 19.44 5.97 6.20
CA LEU D 195 20.31 5.07 5.45
C LEU D 195 20.89 3.95 6.31
N PRO D 196 20.10 2.90 6.54
CA PRO D 196 20.59 1.73 7.26
C PRO D 196 21.41 0.84 6.33
N GLY D 197 22.09 -0.16 6.89
CA GLY D 197 22.86 -1.08 6.09
C GLY D 197 23.81 -1.92 6.91
N ALA D 198 24.90 -2.36 6.28
CA ALA D 198 25.92 -3.16 6.94
C ALA D 198 27.20 -3.13 6.11
N TRP D 199 28.19 -3.91 6.54
CA TRP D 199 29.43 -4.02 5.79
C TRP D 199 29.17 -4.69 4.44
N GLY D 200 29.61 -4.04 3.36
CA GLY D 200 29.40 -4.56 2.03
C GLY D 200 28.06 -4.15 1.46
N ARG D 201 27.30 -3.41 2.26
CA ARG D 201 26.00 -2.90 1.83
C ARG D 201 25.58 -1.66 2.62
N GLU D 202 26.43 -0.64 2.55
CA GLU D 202 26.23 0.60 3.31
C GLU D 202 25.20 1.50 2.65
N ARG D 203 24.45 2.22 3.48
CA ARG D 203 23.56 3.30 3.03
C ARG D 203 22.52 2.89 2.00
N TRP D 204 21.66 1.94 2.37
CA TRP D 204 20.49 1.63 1.56
C TRP D 204 19.37 2.62 1.88
N ILE D 205 18.70 3.11 0.85
CA ILE D 205 17.62 4.07 1.04
C ILE D 205 16.37 3.40 1.58
N GLU D 206 15.94 3.80 2.77
CA GLU D 206 14.74 3.24 3.38
C GLU D 206 13.72 4.33 3.69
N ARG D 207 12.59 4.28 2.98
CA ARG D 207 11.51 5.23 3.18
C ARG D 207 10.36 4.59 3.96
N ARG D 208 10.01 5.21 5.08
CA ARG D 208 8.95 4.68 5.95
C ARG D 208 8.00 5.79 6.38
N PRO D 209 6.74 5.44 6.62
CA PRO D 209 5.76 6.40 7.16
C PRO D 209 6.03 6.69 8.63
N LEU D 210 5.70 7.89 9.07
CA LEU D 210 5.92 8.28 10.46
C LEU D 210 4.94 7.57 11.38
N VAL D 211 5.45 7.10 12.53
CA VAL D 211 4.59 6.50 13.54
C VAL D 211 4.33 7.46 14.69
N THR D 212 3.19 7.30 15.36
CA THR D 212 2.89 8.13 16.52
C THR D 212 3.68 7.59 17.71
N GLY D 213 4.83 8.19 17.96
CA GLY D 213 5.75 7.69 18.99
C GLY D 213 7.16 8.17 18.74
N VAL D 214 8.13 7.27 18.88
CA VAL D 214 9.52 7.65 18.72
C VAL D 214 10.20 6.81 17.63
N GLN D 215 10.72 7.49 16.61
CA GLN D 215 11.53 6.85 15.59
C GLN D 215 12.96 7.40 15.62
N ALA D 216 13.94 6.52 15.53
CA ALA D 216 15.33 6.97 15.64
C ALA D 216 16.34 6.10 14.91
N ALA D 217 17.34 6.76 14.32
CA ALA D 217 18.50 6.08 13.76
C ALA D 217 19.73 6.53 14.53
N GLU D 218 20.55 5.57 14.95
CA GLU D 218 21.66 5.91 15.82
C GLU D 218 22.85 4.95 15.70
N SER D 219 23.98 5.33 16.32
CA SER D 219 25.18 4.51 16.35
C SER D 219 25.83 4.56 17.73
N ARG D 220 26.11 3.38 18.28
CA ARG D 220 26.72 3.26 19.59
C ARG D 220 28.09 2.62 19.42
N ARG D 221 28.66 2.79 18.23
CA ARG D 221 29.88 2.10 17.86
C ARG D 221 31.10 3.02 17.87
N GLY D 222 30.89 4.26 18.33
CA GLY D 222 31.96 5.23 18.38
C GLY D 222 32.33 5.74 17.00
N ALA D 223 31.56 5.33 16.01
CA ALA D 223 31.77 5.75 14.64
C ALA D 223 30.42 5.95 13.96
N SER D 224 30.43 6.60 12.80
CA SER D 224 29.21 6.78 12.02
C SER D 224 28.64 5.43 11.60
N SER D 225 29.51 4.44 11.45
CA SER D 225 29.12 3.05 11.20
C SER D 225 28.47 2.80 9.85
N HIS D 226 28.46 1.53 9.44
CA HIS D 226 27.80 1.12 8.20
C HIS D 226 26.34 0.87 8.48
N GLN D 227 26.04 0.56 9.74
CA GLN D 227 24.70 0.16 10.15
C GLN D 227 23.68 1.27 10.07
N GLN D 228 24.06 2.47 10.51
CA GLN D 228 23.18 3.64 10.44
C GLN D 228 23.97 4.88 10.07
N ASN D 229 23.74 5.39 8.86
CA ASN D 229 24.43 6.59 8.41
C ASN D 229 23.83 7.84 9.05
N PRO D 230 24.70 8.76 9.52
CA PRO D 230 24.25 9.98 10.19
C PRO D 230 23.49 10.93 9.27
N PHE D 231 22.31 10.51 8.83
CA PHE D 231 21.44 11.37 8.02
C PHE D 231 19.99 10.90 8.03
N ILE D 232 19.08 11.82 8.32
CA ILE D 232 17.65 11.56 8.21
C ILE D 232 16.98 12.70 7.47
N ALA D 233 15.82 12.42 6.88
CA ALA D 233 15.11 13.44 6.12
C ALA D 233 13.60 13.21 6.12
N LEU D 234 12.85 14.27 6.40
CA LEU D 234 11.40 14.22 6.32
C LEU D 234 10.97 14.57 4.90
N VAL D 235 10.15 13.71 4.31
CA VAL D 235 9.70 13.89 2.94
C VAL D 235 8.19 13.91 2.87
N ALA D 236 7.63 14.73 1.97
CA ALA D 236 6.19 14.79 1.77
C ALA D 236 5.67 13.45 1.27
N LYS D 237 4.42 13.15 1.58
CA LYS D 237 3.83 11.86 1.25
C LYS D 237 3.88 11.53 -0.23
N ASN D 238 3.75 12.54 -1.09
CA ASN D 238 3.80 12.31 -2.53
C ASN D 238 5.07 12.83 -3.18
N ALA D 239 6.04 13.25 -2.37
CA ALA D 239 7.32 13.73 -2.89
C ALA D 239 8.20 12.60 -3.39
N ASP D 240 8.77 12.77 -4.58
CA ASP D 240 9.63 11.75 -5.19
C ASP D 240 11.04 12.29 -5.45
N GLU D 241 11.65 11.77 -6.52
CA GLU D 241 13.03 12.12 -6.86
C GLU D 241 13.18 13.45 -7.59
N HIS D 242 12.11 13.91 -8.24
CA HIS D 242 12.21 15.09 -9.09
C HIS D 242 11.35 16.27 -8.62
N GLN D 243 10.38 15.99 -7.76
CA GLN D 243 9.49 17.05 -7.25
C GLN D 243 9.03 16.77 -5.82
N GLY D 244 8.49 17.79 -5.17
CA GLY D 244 7.98 17.63 -3.82
C GLY D 244 8.88 18.27 -2.78
N GLU D 245 8.30 18.63 -1.64
CA GLU D 245 9.06 19.26 -0.56
C GLU D 245 9.84 18.24 0.25
N VAL D 246 11.13 18.50 0.44
CA VAL D 246 12.01 17.59 1.18
C VAL D 246 12.81 18.34 2.25
N TYR D 247 12.82 17.78 3.46
CA TYR D 247 13.54 18.38 4.57
C TYR D 247 14.67 17.48 5.06
N GLY D 248 15.89 17.77 4.64
CA GLY D 248 17.04 16.93 4.98
C GLY D 248 17.78 17.39 6.24
N PHE D 249 18.36 16.43 6.94
CA PHE D 249 19.13 16.72 8.15
C PHE D 249 20.43 15.93 8.17
N SER D 250 21.55 16.61 7.94
CA SER D 250 22.85 15.94 7.88
C SER D 250 23.77 16.33 9.03
N PHE D 251 24.37 15.33 9.66
CA PHE D 251 25.23 15.54 10.82
C PHE D 251 26.70 15.51 10.40
N VAL D 252 27.41 16.60 10.69
CA VAL D 252 28.85 16.66 10.42
C VAL D 252 29.63 16.11 11.61
N TYR D 253 29.65 14.79 11.75
CA TYR D 253 30.31 14.15 12.87
C TYR D 253 30.60 12.69 12.52
N SER D 254 31.69 12.14 13.06
CA SER D 254 32.14 10.81 12.68
C SER D 254 32.05 9.79 13.82
N GLY D 255 31.53 10.21 14.96
CA GLY D 255 31.40 9.32 16.11
C GLY D 255 29.96 8.96 16.41
N ASN D 256 29.65 8.78 17.68
CA ASN D 256 28.30 8.45 18.12
C ASN D 256 27.30 9.56 17.77
N PHE D 257 26.15 9.17 17.25
CA PHE D 257 25.13 10.14 16.88
C PHE D 257 23.73 9.60 17.17
N LEU D 258 22.77 10.52 17.27
CA LEU D 258 21.38 10.14 17.42
C LEU D 258 20.50 10.96 16.48
N ALA D 259 19.83 10.27 15.56
CA ALA D 259 18.91 10.93 14.64
C ALA D 259 17.49 10.47 14.96
N GLN D 260 16.79 11.26 15.78
CA GLN D 260 15.53 10.83 16.37
C GLN D 260 14.37 11.71 15.94
N ILE D 261 13.25 11.07 15.62
CA ILE D 261 12.02 11.78 15.29
C ILE D 261 10.91 11.33 16.25
N GLU D 262 10.20 12.30 16.83
CA GLU D 262 9.12 12.00 17.76
C GLU D 262 7.82 12.67 17.39
N VAL D 263 6.75 11.89 17.29
CA VAL D 263 5.42 12.42 17.05
C VAL D 263 4.60 12.33 18.33
N ASP D 264 4.06 13.48 18.76
CA ASP D 264 3.34 13.54 20.03
C ASP D 264 1.84 13.30 19.86
N GLN D 265 1.10 13.58 20.92
CA GLN D 265 -0.34 13.36 20.94
C GLN D 265 -1.10 14.30 20.00
N PHE D 266 -0.48 15.41 19.64
CA PHE D 266 -1.16 16.44 18.86
C PHE D 266 -0.66 16.55 17.42
N GLY D 267 -0.05 15.47 16.93
CA GLY D 267 0.36 15.39 15.55
C GLY D 267 1.49 16.31 15.15
N THR D 268 2.30 16.72 16.12
CA THR D 268 3.48 17.53 15.82
C THR D 268 4.73 16.65 15.76
N ALA D 269 5.69 17.04 14.94
CA ALA D 269 6.88 16.23 14.73
C ALA D 269 8.15 16.93 15.21
N ARG D 270 8.73 16.43 16.31
CA ARG D 270 9.97 16.98 16.83
C ARG D 270 11.18 16.26 16.26
N VAL D 271 11.89 16.93 15.34
CA VAL D 271 13.06 16.36 14.71
C VAL D 271 14.33 16.78 15.44
N SER D 272 15.05 15.80 15.99
CA SER D 272 16.26 16.09 16.75
C SER D 272 17.46 15.30 16.22
N MET D 273 18.64 15.89 16.32
CA MET D 273 19.87 15.27 15.83
C MET D 273 21.09 15.78 16.59
N GLY D 274 22.01 14.88 16.92
CA GLY D 274 23.21 15.26 17.64
C GLY D 274 23.96 14.07 18.21
N ILE D 275 24.90 14.34 19.12
CA ILE D 275 25.67 13.30 19.78
C ILE D 275 24.78 12.38 20.61
N ASN D 276 24.92 11.07 20.40
CA ASN D 276 24.11 10.08 21.09
C ASN D 276 24.26 10.17 22.61
N PRO D 277 23.17 10.55 23.30
CA PRO D 277 23.15 10.70 24.76
C PRO D 277 23.35 9.38 25.50
N PHE D 278 23.12 8.26 24.82
CA PHE D 278 23.30 6.95 25.42
C PHE D 278 24.77 6.71 25.77
N ASP D 279 25.01 6.27 27.00
CA ASP D 279 26.36 6.03 27.50
C ASP D 279 27.22 7.28 27.40
N PHE D 280 26.59 8.44 27.56
CA PHE D 280 27.27 9.71 27.39
C PHE D 280 26.91 10.73 28.47
N THR D 281 27.94 11.23 29.15
CA THR D 281 27.80 12.35 30.08
C THR D 281 28.99 13.27 29.85
N TRP D 282 28.87 14.53 30.27
CA TRP D 282 29.96 15.48 30.09
C TRP D 282 30.01 16.48 31.24
N LEU D 283 31.11 16.49 31.99
CA LEU D 283 31.26 17.37 33.13
C LEU D 283 31.76 18.76 32.76
N LEU D 284 31.07 19.78 33.24
CA LEU D 284 31.51 21.16 33.08
C LEU D 284 31.82 21.79 34.43
N GLN D 285 33.10 21.81 34.78
CA GLN D 285 33.54 22.51 35.98
C GLN D 285 33.32 24.00 35.74
N PRO D 286 33.06 24.77 36.82
CA PRO D 286 32.80 26.21 36.72
C PRO D 286 33.85 26.91 35.86
N GLY D 287 33.40 27.47 34.74
CA GLY D 287 34.29 28.18 33.84
C GLY D 287 34.48 27.48 32.50
N GLU D 288 34.23 26.18 32.47
CA GLU D 288 34.42 25.38 31.27
C GLU D 288 33.23 25.45 30.32
N SER D 289 33.46 25.08 29.06
CA SER D 289 32.43 25.13 28.04
C SER D 289 32.41 23.85 27.20
N PHE D 290 31.29 23.61 26.52
CA PHE D 290 31.16 22.45 25.65
C PHE D 290 30.54 22.83 24.31
N GLN D 291 31.22 22.48 23.23
CA GLN D 291 30.73 22.80 21.88
C GLN D 291 30.25 21.55 21.14
N THR D 292 29.04 21.63 20.60
CA THR D 292 28.47 20.54 19.82
C THR D 292 28.71 20.75 18.32
N PRO D 293 28.89 19.67 17.57
CA PRO D 293 29.03 19.72 16.11
C PRO D 293 27.77 20.28 15.46
N GLU D 294 27.88 20.74 14.21
CA GLU D 294 26.75 21.35 13.53
C GLU D 294 25.97 20.33 12.71
N VAL D 295 24.71 20.63 12.45
CA VAL D 295 23.86 19.81 11.58
C VAL D 295 23.42 20.60 10.36
N VAL D 296 23.79 20.12 9.18
CA VAL D 296 23.44 20.81 7.94
C VAL D 296 22.05 20.42 7.46
N MET D 297 21.18 21.42 7.34
CA MET D 297 19.80 21.18 6.89
C MET D 297 19.55 21.76 5.52
N VAL D 298 18.94 20.97 4.65
CA VAL D 298 18.64 21.42 3.29
C VAL D 298 17.15 21.26 2.97
N TYR D 299 16.55 22.33 2.45
CA TYR D 299 15.17 22.28 1.98
C TYR D 299 15.15 22.32 0.46
N SER D 300 14.21 21.60 -0.14
CA SER D 300 14.08 21.58 -1.58
C SER D 300 12.67 21.18 -2.01
N ASP D 301 12.16 21.85 -3.04
CA ASP D 301 10.86 21.54 -3.61
C ASP D 301 11.07 20.85 -4.95
N GLN D 302 12.32 20.49 -5.21
CA GLN D 302 12.70 19.86 -6.47
C GLN D 302 12.97 18.37 -6.22
N GLY D 303 12.24 17.81 -5.25
CA GLY D 303 12.35 16.40 -4.93
C GLY D 303 13.63 16.06 -4.20
N LEU D 304 14.00 14.78 -4.25
CA LEU D 304 15.20 14.31 -3.56
C LEU D 304 16.47 14.78 -4.25
N ASN D 305 16.42 14.86 -5.58
CA ASN D 305 17.57 15.33 -6.36
C ASN D 305 17.96 16.76 -6.01
N GLY D 306 16.97 17.65 -5.93
CA GLY D 306 17.21 19.03 -5.59
C GLY D 306 17.88 19.17 -4.24
N MET D 307 17.51 18.29 -3.32
CA MET D 307 18.13 18.25 -2.00
C MET D 307 19.57 17.76 -2.08
N SER D 308 19.78 16.68 -2.82
CA SER D 308 21.10 16.09 -2.97
C SER D 308 22.06 17.02 -3.71
N GLN D 309 21.55 17.66 -4.76
CA GLN D 309 22.36 18.58 -5.56
C GLN D 309 22.80 19.77 -4.71
N THR D 310 21.97 20.17 -3.77
CA THR D 310 22.32 21.22 -2.82
C THR D 310 23.38 20.70 -1.86
N TYR D 311 23.22 19.45 -1.44
CA TYR D 311 24.20 18.78 -0.58
C TYR D 311 25.52 18.56 -1.29
N HIS D 312 25.45 18.17 -2.56
CA HIS D 312 26.64 17.88 -3.36
C HIS D 312 27.56 19.09 -3.51
N GLU D 313 27.02 20.19 -4.01
CA GLU D 313 27.81 21.39 -4.25
C GLU D 313 28.31 22.03 -2.96
N LEU D 314 27.51 21.96 -1.91
CA LEU D 314 27.91 22.51 -0.61
C LEU D 314 29.08 21.72 -0.03
N TYR D 315 28.97 20.40 -0.06
CA TYR D 315 29.98 19.53 0.52
C TYR D 315 31.26 19.49 -0.33
N ARG D 316 31.09 19.58 -1.64
CA ARG D 316 32.24 19.52 -2.55
C ARG D 316 33.06 20.81 -2.54
N THR D 317 32.37 21.94 -2.42
CA THR D 317 33.03 23.25 -2.52
C THR D 317 33.21 23.97 -1.18
N ARG D 318 32.36 23.65 -0.20
CA ARG D 318 32.41 24.34 1.08
C ARG D 318 32.45 23.41 2.29
N LEU D 319 32.96 22.20 2.10
CA LEU D 319 33.21 21.29 3.20
C LEU D 319 34.52 20.55 3.00
N ALA D 320 34.70 20.03 1.78
CA ALA D 320 35.93 19.36 1.41
C ALA D 320 37.08 20.37 1.47
N ARG D 321 38.23 19.92 1.95
CA ARG D 321 39.36 20.80 2.11
C ARG D 321 40.59 20.33 1.39
N GLY D 322 41.71 20.94 1.74
CA GLY D 322 42.95 20.59 1.10
C GLY D 322 43.05 21.33 -0.21
N ALA D 323 43.96 20.87 -1.05
CA ALA D 323 44.26 21.47 -2.35
C ALA D 323 43.49 20.85 -3.51
N PHE D 324 42.82 19.74 -3.22
CA PHE D 324 42.14 18.94 -4.23
C PHE D 324 40.64 19.23 -4.31
N ARG D 325 40.17 20.21 -3.56
CA ARG D 325 38.73 20.43 -3.50
C ARG D 325 38.15 20.84 -4.87
N ASP D 326 38.94 21.54 -5.67
CA ASP D 326 38.48 22.01 -6.97
C ASP D 326 39.32 21.35 -8.07
N ARG D 327 40.12 20.36 -7.66
CA ARG D 327 40.96 19.63 -8.59
C ARG D 327 40.42 18.23 -8.86
N GLU D 328 40.55 17.78 -10.10
CA GLU D 328 40.09 16.46 -10.52
C GLU D 328 40.86 15.32 -9.86
N ARG D 329 40.15 14.27 -9.43
CA ARG D 329 40.78 13.14 -8.75
C ARG D 329 41.45 12.17 -9.73
N PRO D 330 42.67 11.71 -9.38
CA PRO D 330 43.45 10.82 -10.26
C PRO D 330 42.88 9.40 -10.32
N ILE D 331 42.88 8.80 -11.49
CA ILE D 331 42.47 7.41 -11.64
C ILE D 331 43.55 6.48 -11.08
N LEU D 332 43.17 5.72 -10.05
CA LEU D 332 44.13 4.91 -9.28
C LEU D 332 43.96 3.40 -9.42
N ILE D 333 45.02 2.68 -9.08
CA ILE D 333 44.99 1.22 -9.02
C ILE D 333 45.48 0.72 -7.67
N ASN D 334 44.64 -0.09 -7.00
CA ASN D 334 44.99 -0.63 -5.69
C ASN D 334 45.26 -2.13 -5.77
N ASN D 335 46.19 -2.60 -4.94
CA ASN D 335 46.63 -3.99 -4.99
C ASN D 335 46.04 -4.86 -3.89
N TRP D 336 45.05 -4.35 -3.18
CA TRP D 336 44.45 -5.10 -2.07
C TRP D 336 43.84 -6.43 -2.53
N GLU D 337 42.74 -6.36 -3.29
CA GLU D 337 42.05 -7.56 -3.74
C GLU D 337 42.90 -8.42 -4.66
N ALA D 338 43.99 -7.84 -5.17
CA ALA D 338 44.88 -8.55 -6.07
C ALA D 338 45.77 -9.55 -5.36
N THR D 339 46.51 -9.07 -4.36
CA THR D 339 47.54 -9.90 -3.71
C THR D 339 47.38 -10.06 -2.20
N TYR D 340 46.51 -9.24 -1.60
CA TYR D 340 46.35 -9.21 -0.14
C TYR D 340 47.66 -8.89 0.58
N PHE D 341 48.22 -9.89 1.27
CA PHE D 341 49.44 -9.69 2.04
C PHE D 341 50.68 -10.28 1.36
N ASP D 342 50.46 -11.22 0.45
CA ASP D 342 51.57 -11.89 -0.22
C ASP D 342 52.09 -11.09 -1.41
N PHE D 343 53.06 -10.22 -1.16
CA PHE D 343 53.64 -9.40 -2.21
C PHE D 343 55.05 -8.95 -1.84
N ASN D 344 55.78 -8.47 -2.84
CA ASN D 344 57.13 -7.94 -2.63
C ASN D 344 57.46 -6.79 -3.56
N GLU D 345 58.69 -6.31 -3.49
CA GLU D 345 59.12 -5.16 -4.30
C GLU D 345 59.01 -5.41 -5.80
N GLU D 346 59.50 -6.57 -6.24
CA GLU D 346 59.52 -6.91 -7.66
C GLU D 346 58.14 -7.05 -8.30
N LYS D 347 57.19 -7.62 -7.57
CA LYS D 347 55.86 -7.90 -8.13
C LYS D 347 55.04 -6.65 -8.45
N ILE D 348 55.28 -5.55 -7.73
CA ILE D 348 54.53 -4.34 -7.98
C ILE D 348 55.15 -3.47 -9.08
N VAL D 349 56.48 -3.45 -9.13
CA VAL D 349 57.19 -2.58 -10.07
C VAL D 349 57.22 -3.11 -11.51
N ASN D 350 57.32 -4.43 -11.65
CA ASN D 350 57.40 -5.04 -12.98
C ASN D 350 56.10 -4.93 -13.75
N ILE D 351 55.00 -4.84 -13.01
CA ILE D 351 53.68 -4.71 -13.63
C ILE D 351 53.23 -3.26 -13.69
N ALA D 352 53.93 -2.40 -12.95
CA ALA D 352 53.60 -0.98 -12.90
C ALA D 352 53.72 -0.32 -14.27
N ARG D 353 54.60 -0.87 -15.10
CA ARG D 353 54.76 -0.39 -16.47
C ARG D 353 53.50 -0.67 -17.28
N THR D 354 52.92 -1.85 -17.06
CA THR D 354 51.70 -2.25 -17.76
C THR D 354 50.56 -1.30 -17.39
N GLU D 355 50.44 -1.00 -16.11
CA GLU D 355 49.43 -0.05 -15.63
C GLU D 355 49.73 1.35 -16.13
N ALA D 356 51.01 1.64 -16.34
CA ALA D 356 51.43 2.94 -16.86
C ALA D 356 51.04 3.09 -18.33
N GLU D 357 51.13 1.98 -19.07
CA GLU D 357 50.81 1.98 -20.50
C GLU D 357 49.31 2.11 -20.72
N LEU D 358 48.53 1.72 -19.71
CA LEU D 358 47.08 1.75 -19.81
C LEU D 358 46.53 3.16 -19.61
N GLY D 359 47.32 4.01 -18.96
CA GLY D 359 46.94 5.39 -18.74
C GLY D 359 46.60 5.71 -17.29
N ILE D 360 46.79 4.73 -16.42
CA ILE D 360 46.58 4.93 -14.99
C ILE D 360 47.53 6.01 -14.44
N GLU D 361 47.02 6.86 -13.56
CA GLU D 361 47.78 8.00 -13.07
C GLU D 361 48.35 7.81 -11.66
N LEU D 362 47.90 6.77 -10.97
CA LEU D 362 48.29 6.57 -9.57
C LEU D 362 48.31 5.11 -9.14
N VAL D 363 49.39 4.72 -8.47
CA VAL D 363 49.52 3.38 -7.92
C VAL D 363 49.60 3.42 -6.39
N VAL D 364 48.77 2.60 -5.74
CA VAL D 364 48.74 2.55 -4.28
C VAL D 364 49.19 1.23 -3.71
N LEU D 365 50.08 1.27 -2.74
CA LEU D 365 50.50 0.09 -2.00
C LEU D 365 49.61 -0.02 -0.76
N ASP D 366 48.97 -1.18 -0.60
CA ASP D 366 47.99 -1.35 0.47
C ASP D 366 48.61 -1.99 1.72
N ASP D 367 47.76 -2.55 2.58
CA ASP D 367 48.18 -3.16 3.83
C ASP D 367 49.07 -4.38 3.58
N GLY D 368 50.18 -4.45 4.33
CA GLY D 368 51.11 -5.56 4.18
C GLY D 368 52.56 -5.12 4.10
N TRP D 369 52.79 -3.82 4.17
CA TRP D 369 54.13 -3.26 3.97
C TRP D 369 54.92 -3.08 5.27
N PHE D 370 54.24 -3.08 6.41
CA PHE D 370 54.90 -2.76 7.67
C PHE D 370 55.02 -3.96 8.62
N GLY D 371 56.06 -3.93 9.46
CA GLY D 371 56.30 -4.97 10.46
C GLY D 371 56.33 -6.38 9.90
N GLU D 372 55.41 -7.21 10.37
CA GLU D 372 55.29 -8.58 9.89
C GLU D 372 53.86 -8.80 9.40
N ARG D 373 53.36 -7.81 8.64
CA ARG D 373 52.01 -7.80 8.12
C ARG D 373 51.80 -8.90 7.06
N ASP D 374 51.73 -10.15 7.49
CA ASP D 374 51.42 -11.25 6.60
C ASP D 374 50.00 -11.75 6.82
N ASP D 375 49.42 -11.37 7.96
CA ASP D 375 48.03 -11.68 8.27
C ASP D 375 47.37 -10.45 8.87
N ASP D 376 46.12 -10.60 9.32
CA ASP D 376 45.39 -9.47 9.91
C ASP D 376 45.35 -9.57 11.43
N ARG D 377 46.40 -10.13 12.02
CA ARG D 377 46.45 -10.33 13.46
C ARG D 377 47.72 -9.77 14.11
N ARG D 378 48.43 -8.89 13.40
CA ARG D 378 49.75 -8.44 13.86
C ARG D 378 50.19 -7.09 13.30
N SER D 379 51.26 -6.56 13.89
CA SER D 379 52.00 -5.40 13.38
C SER D 379 51.29 -4.04 13.36
N LEU D 380 50.05 -3.99 13.83
CA LEU D 380 49.36 -2.71 13.89
C LEU D 380 49.88 -1.82 15.01
N GLY D 381 50.48 -0.70 14.63
CA GLY D 381 51.09 0.22 15.57
C GLY D 381 52.55 0.42 15.25
N ASP D 382 53.19 -0.64 14.77
CA ASP D 382 54.59 -0.57 14.36
C ASP D 382 54.69 -0.15 12.91
N TRP D 383 54.75 1.16 12.68
CA TRP D 383 54.74 1.70 11.34
C TRP D 383 56.14 1.81 10.74
N ILE D 384 56.83 0.68 10.62
CA ILE D 384 58.14 0.63 9.99
C ILE D 384 58.12 -0.34 8.81
N VAL D 385 58.67 0.10 7.67
CA VAL D 385 58.64 -0.69 6.46
C VAL D 385 59.40 -2.02 6.61
N ASN D 386 58.78 -3.10 6.14
CA ASN D 386 59.41 -4.41 6.18
C ASN D 386 60.39 -4.62 5.03
N ARG D 387 61.68 -4.61 5.36
CA ARG D 387 62.73 -4.77 4.35
C ARG D 387 62.79 -6.19 3.80
N ARG D 388 62.17 -7.13 4.50
CA ARG D 388 62.18 -8.52 4.08
C ARG D 388 61.35 -8.69 2.80
N LYS D 389 60.22 -8.00 2.75
CA LYS D 389 59.36 -8.04 1.57
C LYS D 389 59.63 -6.85 0.65
N LEU D 390 60.05 -5.73 1.23
CA LEU D 390 60.39 -4.54 0.46
C LEU D 390 61.82 -4.07 0.77
N PRO D 391 62.82 -4.65 0.08
CA PRO D 391 64.24 -4.37 0.28
C PRO D 391 64.60 -2.88 0.27
N ASN D 392 64.12 -2.14 -0.72
CA ASN D 392 64.48 -0.73 -0.85
C ASN D 392 63.54 0.20 -0.08
N GLY D 393 62.55 -0.38 0.58
CA GLY D 393 61.64 0.38 1.41
C GLY D 393 60.67 1.26 0.64
N LEU D 394 60.02 2.18 1.36
CA LEU D 394 59.03 3.07 0.76
C LEU D 394 59.67 4.09 -0.18
N ASP D 395 60.81 4.63 0.22
CA ASP D 395 61.51 5.64 -0.56
C ASP D 395 62.02 5.07 -1.87
N GLY D 396 62.55 3.85 -1.80
CA GLY D 396 63.08 3.18 -2.97
C GLY D 396 61.98 2.84 -3.96
N LEU D 397 60.85 2.36 -3.43
CA LEU D 397 59.72 1.95 -4.26
C LEU D 397 59.11 3.14 -4.98
N ALA D 398 58.83 4.20 -4.22
CA ALA D 398 58.19 5.40 -4.76
C ALA D 398 59.01 6.04 -5.87
N LYS D 399 60.33 5.92 -5.79
CA LYS D 399 61.21 6.56 -6.76
C LYS D 399 61.18 5.83 -8.11
N GLN D 400 60.95 4.52 -8.10
CA GLN D 400 60.81 3.78 -9.34
C GLN D 400 59.51 4.15 -10.05
N VAL D 401 58.45 4.33 -9.26
CA VAL D 401 57.14 4.67 -9.82
C VAL D 401 57.05 6.12 -10.29
N ASN D 402 57.75 7.02 -9.59
CA ASN D 402 57.74 8.43 -9.96
C ASN D 402 58.34 8.69 -11.34
N GLU D 403 59.38 7.94 -11.68
CA GLU D 403 60.04 8.07 -12.97
C GLU D 403 59.22 7.40 -14.07
N LEU D 404 58.16 6.70 -13.67
CA LEU D 404 57.29 6.02 -14.61
C LEU D 404 56.08 6.90 -14.95
N GLY D 405 56.02 8.07 -14.34
CA GLY D 405 54.93 9.00 -14.58
C GLY D 405 53.72 8.73 -13.71
N LEU D 406 53.94 7.99 -12.62
CA LEU D 406 52.86 7.61 -11.72
C LEU D 406 53.07 8.17 -10.32
N GLN D 407 51.99 8.56 -9.66
CA GLN D 407 52.05 8.98 -8.28
C GLN D 407 52.09 7.77 -7.36
N PHE D 408 52.47 7.96 -6.11
CA PHE D 408 52.60 6.85 -5.16
C PHE D 408 51.72 7.04 -3.93
N GLY D 409 51.08 5.96 -3.49
CA GLY D 409 50.17 6.02 -2.36
C GLY D 409 50.43 4.99 -1.28
N LEU D 410 49.94 5.27 -0.07
CA LEU D 410 50.14 4.40 1.08
C LEU D 410 48.84 4.12 1.85
N TRP D 411 48.78 2.93 2.44
CA TRP D 411 47.67 2.55 3.29
C TRP D 411 48.09 2.66 4.75
N VAL D 412 47.26 3.32 5.57
CA VAL D 412 47.56 3.48 6.99
C VAL D 412 46.32 3.27 7.86
N GLU D 413 46.55 2.79 9.08
CA GLU D 413 45.49 2.66 10.07
C GLU D 413 46.02 3.11 11.44
N PRO D 414 46.32 4.41 11.58
CA PRO D 414 47.02 4.94 12.75
C PRO D 414 46.21 4.85 14.04
N GLU D 415 44.90 4.68 13.92
CA GLU D 415 44.02 4.64 15.08
C GLU D 415 43.99 3.27 15.74
N MET D 416 44.82 2.36 15.24
CA MET D 416 44.76 0.97 15.67
C MET D 416 46.05 0.48 16.32
N VAL D 417 45.92 -0.48 17.21
CA VAL D 417 47.06 -1.13 17.84
C VAL D 417 46.82 -2.63 17.98
N SER D 418 47.76 -3.43 17.50
CA SER D 418 47.64 -4.88 17.58
C SER D 418 48.33 -5.40 18.83
N PRO D 419 47.75 -6.45 19.45
CA PRO D 419 48.36 -7.13 20.60
C PRO D 419 49.80 -7.53 20.32
N ASN D 420 50.02 -8.11 19.14
CA ASN D 420 51.35 -8.51 18.72
C ASN D 420 52.09 -7.37 18.01
N SER D 421 52.49 -6.37 18.78
CA SER D 421 53.19 -5.21 18.23
C SER D 421 54.20 -4.69 19.25
N GLU D 422 55.26 -4.06 18.76
CA GLU D 422 56.35 -3.61 19.62
C GLU D 422 55.95 -2.46 20.56
N LEU D 423 55.03 -1.60 20.12
CA LEU D 423 54.58 -0.50 20.98
C LEU D 423 53.64 -0.98 22.09
N TYR D 424 52.93 -2.08 21.84
CA TYR D 424 51.97 -2.60 22.79
C TYR D 424 52.66 -3.29 23.97
N ARG D 425 53.78 -3.95 23.69
CA ARG D 425 54.56 -4.57 24.75
C ARG D 425 55.31 -3.47 25.52
N LYS D 426 55.40 -2.30 24.91
CA LYS D 426 56.04 -1.14 25.54
C LYS D 426 54.99 -0.26 26.22
N HIS D 427 53.80 -0.20 25.64
CA HIS D 427 52.71 0.60 26.18
C HIS D 427 51.38 -0.13 26.08
N PRO D 428 51.08 -0.99 27.07
CA PRO D 428 49.84 -1.76 27.08
C PRO D 428 48.63 -0.93 27.49
N ASP D 429 48.88 0.16 28.22
CA ASP D 429 47.81 1.03 28.68
C ASP D 429 47.57 2.22 27.75
N TRP D 430 48.00 2.09 26.50
CA TRP D 430 47.77 3.14 25.50
C TRP D 430 46.46 2.92 24.75
N CYS D 431 45.80 1.80 25.03
CA CYS D 431 44.56 1.47 24.35
C CYS D 431 43.34 1.89 25.15
N LEU D 432 42.18 1.86 24.51
CA LEU D 432 40.92 2.11 25.19
C LEU D 432 40.54 0.89 26.01
N HIS D 433 40.42 1.07 27.31
CA HIS D 433 40.12 -0.03 28.21
C HIS D 433 39.53 0.44 29.53
N VAL D 434 38.97 -0.48 30.29
CA VAL D 434 38.44 -0.18 31.61
C VAL D 434 39.00 -1.19 32.62
N PRO D 435 39.30 -0.73 33.84
CA PRO D 435 39.94 -1.52 34.90
C PRO D 435 39.33 -2.91 35.11
N ASN D 436 40.20 -3.91 35.11
CA ASN D 436 39.83 -5.30 35.42
C ASN D 436 38.85 -5.95 34.46
N ARG D 437 38.71 -5.38 33.26
CA ARG D 437 37.83 -5.96 32.25
C ARG D 437 38.61 -6.50 31.07
N PRO D 438 38.19 -7.67 30.54
CA PRO D 438 38.82 -8.29 29.37
C PRO D 438 38.83 -7.35 28.17
N ARG D 439 39.97 -7.22 27.51
CA ARG D 439 40.11 -6.34 26.37
C ARG D 439 39.77 -7.06 25.07
N SER D 440 38.50 -6.97 24.67
CA SER D 440 38.01 -7.65 23.47
C SER D 440 38.66 -7.13 22.18
N GLU D 441 38.77 -8.01 21.19
CA GLU D 441 39.43 -7.67 19.94
C GLU D 441 38.51 -7.78 18.73
N GLY D 442 38.68 -6.86 17.78
CA GLY D 442 37.98 -6.94 16.51
C GLY D 442 39.01 -6.98 15.39
N ARG D 443 38.97 -8.05 14.60
CA ARG D 443 40.01 -8.32 13.61
C ARG D 443 41.37 -8.45 14.28
N ASN D 444 41.39 -9.00 15.49
CA ASN D 444 42.61 -9.21 16.25
C ASN D 444 43.45 -7.95 16.44
N GLN D 445 42.78 -6.84 16.73
CA GLN D 445 43.46 -5.58 16.98
C GLN D 445 42.72 -4.80 18.06
N LEU D 446 43.36 -3.76 18.56
CA LEU D 446 42.79 -2.98 19.65
C LEU D 446 42.73 -1.51 19.27
N VAL D 447 41.89 -0.75 19.96
CA VAL D 447 41.73 0.67 19.67
C VAL D 447 42.60 1.54 20.56
N LEU D 448 43.35 2.45 19.95
CA LEU D 448 44.21 3.36 20.69
C LEU D 448 43.40 4.44 21.40
N ASP D 449 43.98 5.00 22.45
CA ASP D 449 43.29 6.04 23.22
C ASP D 449 43.60 7.39 22.63
N TYR D 450 42.74 7.85 21.72
CA TYR D 450 42.93 9.15 21.08
C TYR D 450 42.44 10.30 21.95
N SER D 451 41.93 9.98 23.13
CA SER D 451 41.51 11.00 24.08
C SER D 451 42.74 11.51 24.82
N ARG D 452 43.84 10.78 24.69
CA ARG D 452 45.09 11.10 25.35
C ARG D 452 45.95 12.00 24.48
N GLU D 453 46.57 13.00 25.08
CA GLU D 453 47.40 13.95 24.34
C GLU D 453 48.73 13.33 23.90
N ASP D 454 49.26 12.45 24.73
CA ASP D 454 50.54 11.81 24.43
C ASP D 454 50.44 10.89 23.22
N VAL D 455 49.36 10.11 23.17
CA VAL D 455 49.12 9.21 22.05
C VAL D 455 48.87 9.99 20.77
N CYS D 456 48.16 11.11 20.90
CA CYS D 456 47.88 11.98 19.76
C CYS D 456 49.13 12.63 19.20
N ASP D 457 49.93 13.26 20.06
CA ASP D 457 51.16 13.91 19.65
C ASP D 457 52.17 12.93 19.07
N TYR D 458 52.16 11.71 19.60
CA TYR D 458 53.06 10.67 19.10
C TYR D 458 52.65 10.24 17.70
N ILE D 459 51.35 10.01 17.52
CA ILE D 459 50.84 9.51 16.25
C ILE D 459 51.05 10.57 15.15
N ILE D 460 50.81 11.83 15.49
CA ILE D 460 51.02 12.93 14.57
C ILE D 460 52.49 13.00 14.15
N GLU D 461 53.37 12.81 15.11
CA GLU D 461 54.80 12.92 14.86
C GLU D 461 55.32 11.69 14.11
N THR D 462 54.79 10.53 14.47
CA THR D 462 55.23 9.26 13.89
C THR D 462 54.90 9.13 12.40
N ILE D 463 53.63 9.34 12.07
CA ILE D 463 53.16 9.16 10.69
C ILE D 463 53.69 10.25 9.77
N SER D 464 53.93 11.44 10.34
CA SER D 464 54.45 12.55 9.55
C SER D 464 55.84 12.27 9.01
N ASN D 465 56.69 11.65 9.83
CA ASN D 465 58.04 11.30 9.41
C ASN D 465 58.05 10.17 8.38
N VAL D 466 57.16 9.20 8.57
CA VAL D 466 56.99 8.11 7.62
C VAL D 466 56.50 8.63 6.27
N LEU D 467 55.56 9.57 6.31
CA LEU D 467 54.98 10.13 5.10
C LEU D 467 55.95 11.07 4.39
N ALA D 468 56.95 11.55 5.11
CA ALA D 468 57.94 12.46 4.54
C ALA D 468 59.24 11.73 4.20
N SER D 469 59.28 10.44 4.51
CA SER D 469 60.45 9.62 4.22
C SER D 469 60.41 9.07 2.81
N ALA D 470 59.42 9.50 2.03
CA ALA D 470 59.24 9.03 0.66
C ALA D 470 58.39 10.02 -0.12
N PRO D 471 58.59 10.10 -1.45
CA PRO D 471 57.75 10.99 -2.25
C PRO D 471 56.34 10.42 -2.42
N ILE D 472 55.49 10.63 -1.43
CA ILE D 472 54.12 10.14 -1.44
C ILE D 472 53.15 11.24 -1.82
N THR D 473 52.14 10.90 -2.62
CA THR D 473 51.16 11.88 -3.07
C THR D 473 49.73 11.42 -2.77
N TYR D 474 49.62 10.29 -2.07
CA TYR D 474 48.30 9.73 -1.76
C TYR D 474 48.33 8.91 -0.46
N VAL D 475 47.30 9.10 0.36
CA VAL D 475 47.18 8.35 1.62
C VAL D 475 45.75 7.89 1.90
N LYS D 476 45.61 6.63 2.29
CA LYS D 476 44.32 6.04 2.58
C LYS D 476 44.19 5.66 4.08
N TRP D 477 43.46 6.49 4.83
CA TRP D 477 43.30 6.31 6.27
C TRP D 477 42.18 5.32 6.57
N ALA D 478 42.49 4.25 7.29
CA ALA D 478 41.52 3.21 7.59
C ALA D 478 41.09 3.16 9.06
N MET D 479 39.97 2.49 9.30
CA MET D 479 39.42 2.28 10.65
C MET D 479 38.57 1.02 10.65
N ASN D 480 39.12 -0.07 11.17
CA ASN D 480 38.47 -1.38 11.03
C ASN D 480 38.00 -2.03 12.34
N ARG D 481 37.59 -1.23 13.32
CA ARG D 481 37.12 -1.78 14.58
C ARG D 481 36.27 -0.77 15.33
N HIS D 482 35.24 -1.24 16.00
CA HIS D 482 34.39 -0.39 16.84
C HIS D 482 34.72 -0.56 18.32
N MET D 483 34.70 0.54 19.05
CA MET D 483 35.18 0.58 20.43
C MET D 483 34.41 -0.30 21.40
N THR D 484 35.14 -1.00 22.25
CA THR D 484 34.57 -1.82 23.33
C THR D 484 35.34 -1.51 24.61
N GLU D 485 34.68 -1.68 25.75
CA GLU D 485 35.23 -1.29 27.04
C GLU D 485 35.68 0.17 27.03
N ILE D 486 34.76 1.05 26.68
CA ILE D 486 35.07 2.45 26.48
C ILE D 486 35.48 3.11 27.81
N GLY D 487 36.70 3.61 27.86
CA GLY D 487 37.21 4.27 29.06
C GLY D 487 38.62 4.79 28.88
N SER D 488 39.04 5.67 29.77
CA SER D 488 40.37 6.25 29.69
C SER D 488 41.06 6.24 31.06
N SER D 489 42.38 6.04 31.04
CA SER D 489 43.17 6.01 32.26
C SER D 489 43.56 7.43 32.69
N ALA D 490 43.57 8.35 31.72
CA ALA D 490 43.94 9.73 31.98
C ALA D 490 42.73 10.58 32.35
N LEU D 491 41.58 9.93 32.54
CA LEU D 491 40.35 10.63 32.90
C LEU D 491 39.82 10.18 34.25
N PRO D 492 39.36 11.13 35.07
CA PRO D 492 38.80 10.84 36.39
C PRO D 492 37.52 10.01 36.29
N PRO D 493 37.16 9.27 37.35
CA PRO D 493 35.94 8.44 37.40
C PRO D 493 34.67 9.21 37.05
N GLU D 494 34.67 10.53 37.29
CA GLU D 494 33.49 11.35 37.03
C GLU D 494 33.37 11.71 35.54
N ARG D 495 34.50 12.02 34.92
CA ARG D 495 34.53 12.42 33.52
C ARG D 495 34.45 11.20 32.59
N GLN D 496 35.02 10.09 33.06
CA GLN D 496 35.11 8.81 32.33
C GLN D 496 34.23 8.59 31.10
N ARG D 497 32.94 8.87 31.23
CA ARG D 497 32.00 8.71 30.12
C ARG D 497 32.18 9.72 28.99
N GLU D 498 33.12 10.65 29.14
CA GLU D 498 33.38 11.63 28.10
C GLU D 498 34.36 11.03 27.09
N THR D 499 34.72 9.78 27.30
CA THR D 499 35.78 9.12 26.53
C THR D 499 35.42 8.94 25.07
N ALA D 500 34.18 8.55 24.80
CA ALA D 500 33.70 8.36 23.44
C ALA D 500 33.87 9.62 22.59
N HIS D 501 33.56 10.77 23.17
CA HIS D 501 33.66 12.04 22.45
C HIS D 501 35.09 12.57 22.39
N ARG D 502 35.83 12.42 23.48
CA ARG D 502 37.21 12.91 23.55
C ARG D 502 38.12 12.14 22.60
N TYR D 503 37.78 10.89 22.32
CA TYR D 503 38.47 10.12 21.31
C TYR D 503 38.32 10.80 19.95
N MET D 504 37.09 11.22 19.66
CA MET D 504 36.79 11.88 18.39
C MET D 504 37.36 13.30 18.37
N LEU D 505 37.32 13.97 19.52
CA LEU D 505 37.90 15.29 19.65
C LEU D 505 39.41 15.20 19.42
N GLY D 506 40.00 14.13 19.92
CA GLY D 506 41.42 13.88 19.75
C GLY D 506 41.77 13.57 18.30
N LEU D 507 40.99 12.69 17.68
CA LEU D 507 41.23 12.30 16.30
C LEU D 507 41.08 13.48 15.34
N TYR D 508 40.13 14.35 15.62
CA TYR D 508 39.93 15.55 14.82
C TYR D 508 41.15 16.45 14.92
N ARG D 509 41.77 16.47 16.10
CA ARG D 509 42.98 17.24 16.33
C ARG D 509 44.17 16.59 15.64
N VAL D 510 44.25 15.26 15.71
CA VAL D 510 45.32 14.51 15.07
C VAL D 510 45.33 14.69 13.57
N MET D 511 44.16 14.52 12.97
CA MET D 511 44.02 14.64 11.52
C MET D 511 44.23 16.07 11.05
N ASP D 512 43.77 17.05 11.83
CA ASP D 512 43.91 18.45 11.44
C ASP D 512 45.36 18.89 11.36
N GLU D 513 46.19 18.38 12.26
CA GLU D 513 47.61 18.74 12.28
C GLU D 513 48.43 18.05 11.20
N ILE D 514 48.15 16.76 10.98
CA ILE D 514 48.87 16.00 9.97
C ILE D 514 48.50 16.44 8.54
N THR D 515 47.22 16.72 8.32
CA THR D 515 46.76 17.20 7.02
C THR D 515 47.26 18.61 6.72
N SER D 516 47.58 19.35 7.78
CA SER D 516 48.10 20.71 7.63
C SER D 516 49.59 20.69 7.32
N ARG D 517 50.32 19.75 7.91
CA ARG D 517 51.74 19.62 7.67
C ARG D 517 52.03 19.17 6.24
N PHE D 518 51.07 18.48 5.64
CA PHE D 518 51.24 17.96 4.28
C PHE D 518 50.03 18.33 3.43
N PRO D 519 50.07 19.51 2.80
CA PRO D 519 48.99 19.98 1.93
C PRO D 519 49.14 19.50 0.49
N HIS D 520 50.21 18.77 0.20
CA HIS D 520 50.48 18.31 -1.16
C HIS D 520 50.03 16.87 -1.37
N ILE D 521 49.39 16.30 -0.36
CA ILE D 521 49.04 14.88 -0.39
C ILE D 521 47.52 14.63 -0.30
N LEU D 522 47.03 13.75 -1.18
CA LEU D 522 45.62 13.37 -1.19
C LEU D 522 45.24 12.40 -0.08
N PHE D 523 44.29 12.82 0.75
CA PHE D 523 43.79 12.01 1.85
C PHE D 523 42.42 11.39 1.56
N GLU D 524 42.29 10.09 1.77
CA GLU D 524 41.01 9.38 1.60
C GLU D 524 40.60 8.68 2.91
N SER D 525 39.41 9.02 3.39
CA SER D 525 38.91 8.69 4.74
C SER D 525 38.64 7.25 5.19
N CYS D 526 38.44 6.33 4.26
CA CYS D 526 38.11 4.89 4.48
C CYS D 526 37.92 4.28 5.90
N SER D 527 37.04 3.28 5.99
CA SER D 527 36.76 2.60 7.26
C SER D 527 36.05 1.28 7.04
N GLY D 528 36.78 0.29 6.53
CA GLY D 528 36.20 -0.99 6.17
C GLY D 528 35.10 -0.78 5.14
N GLY D 529 35.36 0.14 4.22
CA GLY D 529 34.34 0.63 3.30
C GLY D 529 33.91 2.00 3.76
N GLY D 530 32.61 2.25 3.79
CA GLY D 530 32.09 3.53 4.23
C GLY D 530 31.61 3.50 5.65
N GLY D 531 32.44 2.99 6.56
CA GLY D 531 32.10 2.94 7.97
C GLY D 531 32.12 4.31 8.61
N ARG D 532 32.80 5.24 7.95
CA ARG D 532 32.83 6.63 8.41
C ARG D 532 32.73 7.58 7.23
N PHE D 533 31.86 7.25 6.29
CA PHE D 533 31.55 8.11 5.16
C PHE D 533 30.55 9.16 5.63
N ASP D 534 31.06 10.17 6.35
CA ASP D 534 30.23 11.23 6.91
C ASP D 534 30.89 12.58 6.65
N PRO D 535 30.12 13.68 6.73
CA PRO D 535 30.68 15.01 6.47
C PRO D 535 31.87 15.37 7.37
N GLY D 536 31.96 14.74 8.52
CA GLY D 536 33.08 14.96 9.43
C GLY D 536 34.40 14.54 8.84
N MET D 537 34.44 13.33 8.27
CA MET D 537 35.65 12.81 7.65
C MET D 537 35.93 13.50 6.32
N LEU D 538 34.87 13.95 5.67
CA LEU D 538 34.99 14.62 4.37
C LEU D 538 35.65 15.99 4.51
N TYR D 539 35.51 16.58 5.69
CA TYR D 539 36.09 17.88 5.98
C TYR D 539 37.62 17.84 5.94
N TYR D 540 38.18 16.71 6.36
CA TYR D 540 39.63 16.56 6.40
C TYR D 540 40.15 15.81 5.18
N MET D 541 39.30 14.94 4.63
CA MET D 541 39.70 14.14 3.48
C MET D 541 38.66 14.22 2.36
N PRO D 542 39.05 14.83 1.24
CA PRO D 542 38.16 15.19 0.11
C PRO D 542 37.46 14.01 -0.55
N GLN D 543 37.83 12.78 -0.18
CA GLN D 543 37.15 11.61 -0.71
C GLN D 543 37.19 10.44 0.28
N THR D 544 36.30 9.47 0.08
CA THR D 544 36.17 8.35 0.99
C THR D 544 35.95 7.05 0.21
N TRP D 545 36.56 5.97 0.67
CA TRP D 545 36.33 4.66 0.09
C TRP D 545 34.91 4.21 0.41
N THR D 546 34.08 4.10 -0.62
CA THR D 546 32.65 3.88 -0.44
C THR D 546 32.31 2.55 0.23
N SER D 547 32.75 1.45 -0.36
CA SER D 547 32.38 0.13 0.14
C SER D 547 33.39 -0.93 -0.24
N ASP D 548 33.54 -1.92 0.64
CA ASP D 548 34.41 -3.06 0.36
C ASP D 548 33.80 -3.93 -0.74
N ASN D 549 32.48 -3.84 -0.87
CA ASN D 549 31.75 -4.53 -1.92
C ASN D 549 32.02 -3.86 -3.27
N THR D 550 32.82 -4.52 -4.11
CA THR D 550 33.20 -3.93 -5.39
C THR D 550 32.40 -4.56 -6.54
N ASP D 551 31.33 -5.25 -6.20
CA ASP D 551 30.44 -5.82 -7.21
C ASP D 551 29.58 -4.74 -7.85
N ALA D 552 29.55 -4.73 -9.19
CA ALA D 552 28.84 -3.70 -9.95
C ALA D 552 27.36 -3.62 -9.57
N VAL D 553 26.72 -4.77 -9.43
CA VAL D 553 25.29 -4.83 -9.14
C VAL D 553 24.99 -4.42 -7.71
N SER D 554 25.76 -4.94 -6.75
CA SER D 554 25.55 -4.60 -5.35
C SER D 554 25.85 -3.13 -5.08
N ARG D 555 26.76 -2.56 -5.86
CA ARG D 555 27.13 -1.15 -5.71
C ARG D 555 26.05 -0.22 -6.23
N LEU D 556 25.18 -0.73 -7.09
CA LEU D 556 24.07 0.06 -7.62
C LEU D 556 23.24 0.61 -6.48
N LYS D 557 22.92 -0.25 -5.51
CA LYS D 557 22.20 0.18 -4.32
C LYS D 557 23.08 1.07 -3.44
N ILE D 558 24.36 0.70 -3.32
CA ILE D 558 25.29 1.42 -2.47
C ILE D 558 25.55 2.85 -2.98
N GLN D 559 25.87 2.97 -4.26
CA GLN D 559 26.21 4.28 -4.83
C GLN D 559 25.00 5.19 -4.95
N TYR D 560 23.85 4.60 -5.26
CA TYR D 560 22.60 5.35 -5.38
C TYR D 560 22.23 5.96 -4.04
N GLY D 561 22.42 5.19 -2.97
CA GLY D 561 22.12 5.65 -1.62
C GLY D 561 23.12 6.68 -1.13
N THR D 562 24.39 6.47 -1.49
CA THR D 562 25.46 7.36 -1.04
C THR D 562 25.36 8.74 -1.70
N SER D 563 24.89 8.78 -2.93
CA SER D 563 24.77 10.03 -3.68
C SER D 563 23.69 10.95 -3.13
N LEU D 564 22.85 10.43 -2.25
CA LEU D 564 21.78 11.21 -1.65
C LEU D 564 22.29 12.38 -0.82
N VAL D 565 23.42 12.18 -0.16
CA VAL D 565 23.97 13.19 0.74
C VAL D 565 25.35 13.65 0.31
N TYR D 566 26.18 12.72 -0.11
CA TYR D 566 27.58 13.00 -0.39
C TYR D 566 27.87 13.18 -1.88
N PRO D 567 28.74 14.15 -2.21
CA PRO D 567 29.07 14.47 -3.61
C PRO D 567 29.72 13.30 -4.32
N ILE D 568 29.63 13.29 -5.65
CA ILE D 568 30.18 12.22 -6.46
C ILE D 568 31.71 12.14 -6.35
N SER D 569 32.33 13.31 -6.17
CA SER D 569 33.78 13.41 -6.10
C SER D 569 34.38 12.60 -4.96
N ALA D 570 33.60 12.40 -3.90
CA ALA D 570 34.09 11.70 -2.71
C ALA D 570 33.70 10.23 -2.71
N MET D 571 32.95 9.81 -3.73
CA MET D 571 32.46 8.44 -3.81
C MET D 571 33.47 7.54 -4.54
N GLY D 572 34.32 6.87 -3.77
CA GLY D 572 35.34 5.98 -4.33
C GLY D 572 34.75 4.76 -4.99
N ALA D 573 35.19 4.48 -6.22
CA ALA D 573 34.68 3.35 -6.98
C ALA D 573 35.78 2.67 -7.79
N HIS D 574 36.05 1.40 -7.46
CA HIS D 574 37.09 0.64 -8.14
C HIS D 574 36.53 -0.56 -8.89
N VAL D 575 37.18 -0.92 -10.00
CA VAL D 575 36.83 -2.12 -10.73
C VAL D 575 37.61 -3.31 -10.18
N SER D 576 36.89 -4.38 -9.86
CA SER D 576 37.52 -5.56 -9.28
C SER D 576 37.46 -6.75 -10.24
N ALA D 577 37.92 -7.91 -9.78
CA ALA D 577 37.92 -9.11 -10.61
C ALA D 577 36.65 -9.93 -10.44
N VAL D 578 36.43 -10.86 -11.35
CA VAL D 578 35.28 -11.75 -11.29
C VAL D 578 35.71 -13.22 -11.30
N PRO D 579 35.00 -14.08 -10.54
CA PRO D 579 33.86 -13.79 -9.66
C PRO D 579 34.26 -12.94 -8.46
N ASN D 580 33.40 -11.97 -8.11
CA ASN D 580 33.69 -11.04 -7.02
C ASN D 580 33.96 -11.76 -5.70
N HIS D 581 34.91 -11.22 -4.94
CA HIS D 581 35.33 -11.84 -3.68
C HIS D 581 34.29 -11.72 -2.57
N GLN D 582 33.29 -10.87 -2.79
CA GLN D 582 32.27 -10.63 -1.76
C GLN D 582 30.99 -11.43 -1.99
N VAL D 583 30.49 -11.39 -3.22
CA VAL D 583 29.23 -12.07 -3.54
C VAL D 583 29.44 -13.29 -4.42
N GLY D 584 30.39 -13.20 -5.35
CA GLY D 584 30.66 -14.29 -6.28
C GLY D 584 29.96 -14.06 -7.61
N ARG D 585 29.35 -12.89 -7.75
CA ARG D 585 28.64 -12.54 -8.99
C ARG D 585 29.61 -12.22 -10.12
N VAL D 586 29.30 -12.72 -11.31
CA VAL D 586 30.12 -12.49 -12.49
C VAL D 586 29.52 -11.43 -13.40
N ALA D 587 30.18 -10.28 -13.50
CA ALA D 587 29.71 -9.20 -14.34
C ALA D 587 30.74 -8.82 -15.40
N SER D 588 30.27 -8.33 -16.54
CA SER D 588 31.14 -7.94 -17.64
C SER D 588 31.96 -6.70 -17.27
N LEU D 589 33.11 -6.55 -17.92
CA LEU D 589 34.00 -5.44 -17.67
C LEU D 589 33.38 -4.11 -18.09
N LYS D 590 32.49 -4.16 -19.08
CA LYS D 590 31.76 -2.97 -19.50
C LYS D 590 30.87 -2.50 -18.36
N THR D 591 30.09 -3.41 -17.81
CA THR D 591 29.16 -3.09 -16.73
C THR D 591 29.91 -2.73 -15.46
N ARG D 592 30.92 -3.53 -15.13
CA ARG D 592 31.78 -3.28 -13.97
C ARG D 592 32.50 -1.95 -14.08
N GLY D 593 32.85 -1.57 -15.31
CA GLY D 593 33.50 -0.31 -15.57
C GLY D 593 32.54 0.85 -15.42
N HIS D 594 31.41 0.77 -16.12
CA HIS D 594 30.41 1.83 -16.13
C HIS D 594 29.95 2.23 -14.73
N VAL D 595 29.84 1.25 -13.84
CA VAL D 595 29.44 1.51 -12.47
C VAL D 595 30.51 2.28 -11.72
N ALA D 596 31.76 1.86 -11.89
CA ALA D 596 32.89 2.52 -11.24
C ALA D 596 33.18 3.87 -11.89
N MET D 597 32.83 4.00 -13.15
CA MET D 597 33.01 5.25 -13.89
C MET D 597 32.03 6.31 -13.39
N SER D 598 31.02 5.86 -12.66
CA SER D 598 29.98 6.77 -12.15
C SER D 598 30.42 7.41 -10.83
N GLY D 599 31.66 7.13 -10.43
CA GLY D 599 32.23 7.72 -9.23
C GLY D 599 33.69 8.04 -9.47
N ASN D 600 34.45 8.19 -8.39
CA ASN D 600 35.89 8.38 -8.52
C ASN D 600 36.52 7.09 -9.07
N PHE D 601 36.79 7.10 -10.37
CA PHE D 601 37.18 5.89 -11.09
C PHE D 601 38.52 5.35 -10.66
N GLY D 602 38.62 4.02 -10.61
CA GLY D 602 39.85 3.35 -10.22
C GLY D 602 39.81 1.87 -10.49
N TYR D 603 40.91 1.19 -10.24
CA TYR D 603 41.00 -0.26 -10.44
C TYR D 603 41.53 -0.93 -9.18
N GLU D 604 41.18 -2.20 -9.00
CA GLU D 604 41.64 -2.95 -7.83
C GLU D 604 41.53 -4.44 -8.10
N LEU D 605 42.45 -4.96 -8.91
CA LEU D 605 42.45 -6.36 -9.30
C LEU D 605 43.80 -6.75 -9.91
N ASP D 606 44.07 -8.05 -9.95
CA ASP D 606 45.33 -8.54 -10.51
C ASP D 606 45.29 -8.44 -12.03
N ILE D 607 46.10 -7.52 -12.56
CA ILE D 607 46.14 -7.28 -14.00
C ILE D 607 46.86 -8.42 -14.73
N THR D 608 47.73 -9.12 -14.02
CA THR D 608 48.48 -10.23 -14.59
C THR D 608 47.59 -11.42 -14.95
N LYS D 609 46.40 -11.47 -14.36
CA LYS D 609 45.48 -12.58 -14.59
C LYS D 609 44.45 -12.22 -15.66
N LEU D 610 44.55 -11.00 -16.19
CA LEU D 610 43.63 -10.55 -17.22
C LEU D 610 44.12 -10.95 -18.61
N THR D 611 43.17 -11.30 -19.48
CA THR D 611 43.50 -11.68 -20.85
C THR D 611 43.81 -10.45 -21.69
N GLU D 612 44.42 -10.67 -22.85
CA GLU D 612 44.82 -9.57 -23.74
C GLU D 612 43.65 -8.72 -24.21
N THR D 613 42.48 -9.34 -24.36
CA THR D 613 41.28 -8.63 -24.75
C THR D 613 40.90 -7.59 -23.70
N GLU D 614 40.98 -7.99 -22.43
CA GLU D 614 40.66 -7.11 -21.33
C GLU D 614 41.69 -5.99 -21.15
N LYS D 615 42.94 -6.28 -21.51
CA LYS D 615 44.01 -5.30 -21.38
C LYS D 615 43.81 -4.12 -22.32
N GLN D 616 43.38 -4.40 -23.54
CA GLN D 616 43.16 -3.35 -24.54
C GLN D 616 41.90 -2.54 -24.25
N MET D 617 40.88 -3.20 -23.72
CA MET D 617 39.63 -2.54 -23.36
C MET D 617 39.79 -1.59 -22.18
N MET D 618 40.70 -1.92 -21.27
CA MET D 618 40.99 -1.04 -20.13
C MET D 618 41.53 0.31 -20.58
N LYS D 619 42.37 0.30 -21.61
CA LYS D 619 42.93 1.53 -22.15
C LYS D 619 41.84 2.46 -22.66
N GLN D 620 40.81 1.88 -23.28
CA GLN D 620 39.67 2.65 -23.74
C GLN D 620 38.84 3.15 -22.57
N GLN D 621 38.71 2.33 -21.54
CA GLN D 621 37.95 2.70 -20.34
C GLN D 621 38.61 3.86 -19.62
N VAL D 622 39.93 3.78 -19.47
CA VAL D 622 40.70 4.84 -18.84
C VAL D 622 40.58 6.14 -19.64
N ALA D 623 40.78 6.03 -20.94
CA ALA D 623 40.71 7.18 -21.84
C ALA D 623 39.32 7.81 -21.88
N PHE D 624 38.29 6.97 -21.72
CA PHE D 624 36.91 7.45 -21.73
C PHE D 624 36.60 8.29 -20.50
N TYR D 625 37.14 7.88 -19.36
CA TYR D 625 36.85 8.54 -18.10
C TYR D 625 37.45 9.94 -18.02
N LYS D 626 38.69 10.09 -18.50
CA LYS D 626 39.37 11.38 -18.41
C LYS D 626 38.70 12.47 -19.26
N ASP D 627 37.95 12.05 -20.26
CA ASP D 627 37.18 13.00 -21.07
C ASP D 627 35.96 13.52 -20.31
N VAL D 628 35.41 12.67 -19.44
CA VAL D 628 34.18 13.00 -18.73
C VAL D 628 34.36 13.15 -17.22
N ARG D 629 35.60 13.09 -16.75
CA ARG D 629 35.88 13.19 -15.32
C ARG D 629 35.47 14.55 -14.74
N ARG D 630 35.58 15.59 -15.57
CA ARG D 630 35.11 16.92 -15.19
C ARG D 630 33.61 16.88 -14.93
N LEU D 631 32.90 16.11 -15.75
CA LEU D 631 31.45 16.00 -15.64
C LEU D 631 31.01 15.18 -14.43
N VAL D 632 31.61 14.00 -14.27
CA VAL D 632 31.24 13.08 -13.21
C VAL D 632 31.57 13.61 -11.82
N GLN D 633 32.76 14.19 -11.68
CA GLN D 633 33.26 14.56 -10.36
C GLN D 633 32.81 15.93 -9.88
N PHE D 634 32.41 16.81 -10.80
CA PHE D 634 32.06 18.17 -10.45
C PHE D 634 30.72 18.66 -11.01
N GLY D 635 30.06 17.79 -11.78
CA GLY D 635 28.80 18.17 -12.41
C GLY D 635 27.58 17.98 -11.53
N THR D 636 26.43 18.40 -12.05
CA THR D 636 25.16 18.24 -11.35
C THR D 636 24.64 16.82 -11.54
N PHE D 637 24.25 16.18 -10.44
CA PHE D 637 23.86 14.78 -10.48
C PHE D 637 22.35 14.57 -10.46
N TYR D 638 21.86 13.76 -11.40
CA TYR D 638 20.44 13.43 -11.48
C TYR D 638 20.24 11.92 -11.41
N ARG D 639 19.43 11.48 -10.45
CA ARG D 639 19.06 10.07 -10.34
C ARG D 639 17.84 9.83 -11.21
N LEU D 640 17.86 8.74 -11.99
CA LEU D 640 16.77 8.46 -12.91
C LEU D 640 15.93 7.28 -12.45
N LEU D 641 16.55 6.11 -12.38
CA LEU D 641 15.85 4.89 -11.96
C LEU D 641 16.48 4.32 -10.70
N SER D 642 15.65 3.96 -9.73
CA SER D 642 16.14 3.43 -8.46
C SER D 642 16.18 1.91 -8.46
N PRO D 643 17.32 1.33 -8.05
CA PRO D 643 17.47 -0.12 -7.92
C PRO D 643 16.74 -0.64 -6.68
N PHE D 644 16.26 0.28 -5.85
CA PHE D 644 15.50 -0.07 -4.67
C PHE D 644 14.04 -0.25 -5.02
N GLU D 645 13.66 0.26 -6.19
CA GLU D 645 12.26 0.28 -6.60
C GLU D 645 11.97 -0.68 -7.75
N GLY D 646 13.01 -1.30 -8.30
CA GLY D 646 12.82 -2.20 -9.42
C GLY D 646 14.07 -2.93 -9.90
N ASN D 647 13.98 -3.41 -11.13
CA ASN D 647 15.05 -4.21 -11.73
C ASN D 647 16.06 -3.34 -12.49
N GLU D 648 15.84 -2.04 -12.46
CA GLU D 648 16.68 -1.12 -13.21
C GLU D 648 17.37 -0.08 -12.32
N ALA D 649 18.43 0.52 -12.85
CA ALA D 649 19.14 1.60 -12.18
C ALA D 649 19.75 2.53 -13.21
N ALA D 650 19.51 3.82 -13.05
CA ALA D 650 19.98 4.80 -14.01
C ALA D 650 20.22 6.18 -13.40
N TRP D 651 21.22 6.89 -13.92
CA TRP D 651 21.52 8.24 -13.50
C TRP D 651 22.28 8.97 -14.59
N MET D 652 22.38 10.29 -14.48
CA MET D 652 23.08 11.07 -15.48
C MET D 652 23.85 12.24 -14.88
N PHE D 653 24.84 12.73 -15.62
CA PHE D 653 25.63 13.88 -15.19
C PHE D 653 25.48 15.01 -16.20
N VAL D 654 25.19 16.21 -15.71
CA VAL D 654 25.02 17.36 -16.60
C VAL D 654 25.96 18.49 -16.22
N SER D 655 26.56 19.13 -17.23
CA SER D 655 27.46 20.25 -17.03
C SER D 655 26.71 21.47 -16.46
N ALA D 656 27.47 22.40 -15.90
CA ALA D 656 26.89 23.60 -15.30
C ALA D 656 26.20 24.50 -16.33
N ASP D 657 26.77 24.55 -17.53
CA ASP D 657 26.23 25.38 -18.59
C ASP D 657 25.21 24.61 -19.44
N ARG D 658 24.90 23.39 -19.02
CA ARG D 658 23.90 22.56 -19.67
C ARG D 658 24.25 22.24 -21.13
N SER D 659 25.53 22.24 -21.44
CA SER D 659 26.00 21.96 -22.80
C SER D 659 26.52 20.54 -22.94
N GLU D 660 26.88 19.92 -21.81
CA GLU D 660 27.43 18.57 -21.82
C GLU D 660 26.66 17.65 -20.88
N ALA D 661 26.55 16.38 -21.26
CA ALA D 661 25.82 15.42 -20.45
C ALA D 661 26.32 13.99 -20.66
N LEU D 662 26.24 13.19 -19.60
CA LEU D 662 26.68 11.79 -19.65
C LEU D 662 25.63 10.92 -18.98
N VAL D 663 25.21 9.85 -19.67
CA VAL D 663 24.12 9.03 -19.18
C VAL D 663 24.56 7.60 -18.88
N ALA D 664 24.16 7.10 -17.71
CA ALA D 664 24.47 5.72 -17.34
C ALA D 664 23.19 4.95 -17.03
N TYR D 665 23.07 3.75 -17.60
CA TYR D 665 21.92 2.90 -17.34
C TYR D 665 22.38 1.50 -16.96
N PHE D 666 21.66 0.86 -16.05
CA PHE D 666 22.00 -0.49 -15.62
C PHE D 666 20.75 -1.34 -15.41
N ARG D 667 20.78 -2.57 -15.90
CA ARG D 667 19.72 -3.53 -15.68
C ARG D 667 20.29 -4.84 -15.15
N VAL D 668 19.77 -5.31 -14.02
CA VAL D 668 20.35 -6.46 -13.34
C VAL D 668 19.87 -7.83 -13.86
N LEU D 669 18.56 -8.09 -13.73
CA LEU D 669 18.03 -9.39 -14.12
C LEU D 669 17.41 -9.38 -15.51
N ALA D 670 17.80 -10.37 -16.32
CA ALA D 670 17.32 -10.49 -17.70
C ALA D 670 15.98 -11.19 -17.79
N GLU D 671 15.12 -10.68 -18.65
CA GLU D 671 13.80 -11.27 -18.89
C GLU D 671 13.64 -11.70 -20.34
N ALA D 672 13.12 -12.91 -20.54
CA ALA D 672 12.87 -13.41 -21.89
C ALA D 672 11.66 -12.71 -22.49
N ASN D 673 11.75 -12.34 -23.76
CA ASN D 673 10.66 -11.67 -24.47
C ASN D 673 10.22 -10.39 -23.74
N ALA D 674 11.21 -9.63 -23.26
CA ALA D 674 10.95 -8.45 -22.46
C ALA D 674 10.34 -7.33 -23.29
N PRO D 675 9.46 -6.52 -22.68
CA PRO D 675 8.87 -5.38 -23.39
C PRO D 675 9.92 -4.31 -23.66
N LEU D 676 9.69 -3.49 -24.68
CA LEU D 676 10.62 -2.41 -24.99
C LEU D 676 10.50 -1.29 -23.97
N SER D 677 11.64 -0.92 -23.39
CA SER D 677 11.68 0.14 -22.39
C SER D 677 12.29 1.41 -22.99
N TYR D 678 11.88 2.56 -22.45
CA TYR D 678 12.48 3.81 -22.86
C TYR D 678 12.88 4.63 -21.64
N LEU D 679 13.88 5.48 -21.80
CA LEU D 679 14.43 6.22 -20.67
C LEU D 679 14.24 7.72 -20.83
N ARG D 680 13.55 8.31 -19.86
CA ARG D 680 13.29 9.74 -19.85
C ARG D 680 14.34 10.47 -19.03
N LEU D 681 15.00 11.45 -19.66
CA LEU D 681 16.07 12.20 -19.01
C LEU D 681 15.59 13.46 -18.30
N LYS D 682 16.46 14.02 -17.45
CA LYS D 682 16.15 15.22 -16.70
C LYS D 682 17.38 16.13 -16.58
N GLY D 683 17.13 17.43 -16.41
CA GLY D 683 18.19 18.37 -16.11
C GLY D 683 18.90 18.98 -17.30
N LEU D 684 18.39 18.76 -18.50
CA LEU D 684 19.01 19.31 -19.70
C LEU D 684 18.33 20.61 -20.15
N ASP D 685 19.03 21.37 -20.98
CA ASP D 685 18.49 22.61 -21.53
C ASP D 685 17.58 22.31 -22.70
N SER D 686 16.29 22.59 -22.52
CA SER D 686 15.29 22.31 -23.55
C SER D 686 15.45 23.20 -24.77
N ASN D 687 16.07 24.36 -24.57
CA ASN D 687 16.23 25.33 -25.65
C ASN D 687 17.43 25.02 -26.54
N GLN D 688 18.07 23.89 -26.30
CA GLN D 688 19.21 23.47 -27.10
C GLN D 688 19.01 22.05 -27.62
N ASP D 689 19.65 21.73 -28.74
CA ASP D 689 19.61 20.37 -29.29
C ASP D 689 20.90 19.63 -28.93
N TYR D 690 20.80 18.32 -28.77
CA TYR D 690 21.96 17.53 -28.36
C TYR D 690 22.25 16.39 -29.33
N GLU D 691 23.54 16.14 -29.55
CA GLU D 691 23.99 15.04 -30.40
C GLU D 691 24.49 13.87 -29.56
N ILE D 692 23.72 12.78 -29.55
CA ILE D 692 24.15 11.58 -28.83
C ILE D 692 25.12 10.80 -29.69
N GLU D 693 26.33 10.61 -29.17
CA GLU D 693 27.38 9.90 -29.91
C GLU D 693 26.98 8.47 -30.22
N GLY D 694 26.96 8.13 -31.51
CA GLY D 694 26.65 6.78 -31.94
C GLY D 694 25.19 6.57 -32.30
N LEU D 695 24.35 7.54 -31.97
CA LEU D 695 22.92 7.44 -32.24
C LEU D 695 22.44 8.51 -33.22
N GLY D 696 22.59 9.78 -32.84
CA GLY D 696 22.18 10.87 -33.69
C GLY D 696 21.89 12.15 -32.92
N VAL D 697 21.41 13.17 -33.63
CA VAL D 697 21.10 14.46 -33.01
C VAL D 697 19.62 14.58 -32.66
N TYR D 698 19.29 14.35 -31.40
CA TYR D 698 17.91 14.45 -30.94
C TYR D 698 17.69 15.73 -30.14
N GLY D 699 16.48 16.27 -30.19
CA GLY D 699 16.17 17.51 -29.52
C GLY D 699 16.24 17.44 -28.00
N GLY D 700 16.75 18.51 -27.39
CA GLY D 700 16.88 18.60 -25.95
C GLY D 700 15.55 18.56 -25.22
N ASP D 701 14.56 19.25 -25.78
CA ASP D 701 13.22 19.24 -25.21
C ASP D 701 12.59 17.86 -25.35
N GLU D 702 12.85 17.20 -26.47
CA GLU D 702 12.28 15.89 -26.76
C GLU D 702 12.75 14.81 -25.80
N LEU D 703 14.03 14.82 -25.45
CA LEU D 703 14.61 13.80 -24.59
C LEU D 703 14.06 13.83 -23.16
N MET D 704 13.67 15.01 -22.69
CA MET D 704 13.15 15.16 -21.33
C MET D 704 11.66 14.84 -21.26
N TYR D 705 10.93 15.20 -22.31
CA TYR D 705 9.47 15.05 -22.31
C TYR D 705 9.01 13.74 -22.95
N ALA D 706 9.75 13.24 -23.92
CA ALA D 706 9.40 12.00 -24.59
C ALA D 706 10.29 10.83 -24.15
N GLY D 707 11.59 11.08 -24.10
CA GLY D 707 12.55 10.08 -23.66
C GLY D 707 13.19 9.32 -24.81
N VAL D 708 14.23 8.57 -24.50
CA VAL D 708 14.96 7.78 -25.50
C VAL D 708 14.80 6.28 -25.27
N ALA D 709 14.53 5.54 -26.34
CA ALA D 709 14.37 4.10 -26.25
C ALA D 709 15.71 3.41 -26.03
N LEU D 710 15.70 2.37 -25.19
CA LEU D 710 16.91 1.58 -24.93
C LEU D 710 16.97 0.36 -25.85
N PRO D 711 18.19 0.02 -26.30
CA PRO D 711 18.34 -1.18 -27.13
C PRO D 711 18.03 -2.46 -26.36
N TYR D 712 17.31 -3.37 -27.00
CA TYR D 712 16.96 -4.65 -26.41
C TYR D 712 18.21 -5.51 -26.27
N ARG D 713 18.47 -5.99 -25.07
CA ARG D 713 19.64 -6.83 -24.84
C ARG D 713 19.34 -8.08 -24.01
N SER D 714 20.21 -9.08 -24.14
CA SER D 714 20.09 -10.32 -23.39
C SER D 714 21.13 -10.37 -22.28
N SER D 715 21.27 -11.54 -21.65
CA SER D 715 22.24 -11.77 -20.57
C SER D 715 21.97 -10.93 -19.31
N ASP D 716 22.52 -11.37 -18.18
CA ASP D 716 22.32 -10.65 -16.92
C ASP D 716 23.34 -9.54 -16.74
N PHE D 717 22.96 -8.53 -15.95
CA PHE D 717 23.85 -7.45 -15.55
C PHE D 717 24.48 -6.72 -16.74
N ILE D 718 23.65 -5.98 -17.49
CA ILE D 718 24.12 -5.23 -18.63
C ILE D 718 24.22 -3.74 -18.31
N SER D 719 24.93 -2.99 -19.16
CA SER D 719 25.10 -1.56 -18.97
C SER D 719 25.20 -0.84 -20.30
N MET D 720 24.90 0.46 -20.28
CA MET D 720 24.98 1.27 -21.47
C MET D 720 25.35 2.71 -21.13
N MET D 721 26.10 3.36 -22.01
CA MET D 721 26.57 4.72 -21.78
C MET D 721 26.36 5.63 -22.98
N TRP D 722 25.89 6.85 -22.70
CA TRP D 722 25.69 7.86 -23.76
C TRP D 722 26.38 9.18 -23.44
N ARG D 723 27.07 9.72 -24.45
CA ARG D 723 27.65 11.06 -24.34
C ARG D 723 26.76 12.03 -25.10
N LEU D 724 26.37 13.12 -24.45
CA LEU D 724 25.48 14.10 -25.06
C LEU D 724 26.19 15.44 -25.21
N LYS D 725 26.13 16.00 -26.42
CA LYS D 725 26.79 17.26 -26.72
C LYS D 725 25.92 18.18 -27.57
N ALA D 726 25.93 19.47 -27.23
CA ALA D 726 25.16 20.47 -27.95
C ALA D 726 25.69 20.69 -29.36
N VAL D 727 24.91 21.41 -30.18
CA VAL D 727 25.30 21.68 -31.55
C VAL D 727 25.32 23.19 -31.82
C1 GLA E . -11.66 13.13 35.87
C2 GLA E . -12.26 11.76 35.70
C3 GLA E . -13.67 11.83 35.55
C4 GLA E . -14.32 12.53 36.67
C5 GLA E . -13.67 13.89 36.96
C6 GLA E . -14.18 14.48 38.26
O2 GLA E . -11.68 11.13 34.56
O3 GLA E . -14.16 10.51 35.54
O4 GLA E . -14.29 11.77 37.84
O5 GLA E . -12.28 13.83 37.02
O6 GLA E . -13.36 15.43 38.86
C1 GLA E . -11.66 17.92 32.76
C2 GLA E . -10.39 18.73 32.97
C3 GLA E . -9.64 18.21 34.06
C4 GLA E . -9.41 16.76 33.97
C5 GLA E . -10.62 15.88 33.49
C6 GLA E . -11.44 15.28 34.67
O2 GLA E . -9.58 18.70 31.81
O3 GLA E . -10.36 18.44 35.27
O4 GLA E . -8.94 16.31 35.20
O5 GLA E . -11.41 16.49 32.51
O6 GLA E . -11.70 13.88 34.67
C1 GLC E . -13.82 21.24 29.11
C2 GLC E . -15.30 21.16 28.83
C3 GLC E . -16.10 21.21 30.02
C4 GLC E . -15.69 20.24 31.04
C5 GLC E . -14.17 20.19 31.21
C6 GLC E . -13.72 19.01 32.10
O2 GLC E . -15.74 22.17 27.99
O3 GLC E . -17.46 20.94 29.67
O4 GLC E . -16.32 20.63 32.23
O5 GLC E . -13.46 20.12 30.01
O6 GLC E . -12.46 18.46 31.75
C1 FRU E . -11.93 24.24 28.79
C2 FRU E . -11.97 22.83 29.31
C3 FRU E . -11.07 22.74 30.50
C4 FRU E . -10.02 21.78 30.15
C5 FRU E . -10.04 21.81 28.70
C6 FRU E . -9.35 20.61 28.10
O1 FRU E . -10.96 25.09 29.27
O2 FRU E . -13.33 22.48 29.61
O3 FRU E . -11.68 22.31 31.66
O4 FRU E . -8.81 22.25 30.68
O5 FRU E . -11.45 21.95 28.37
O6 FRU E . -8.93 20.69 26.78
C1 GLA F . 7.88 -25.22 -30.12
C2 GLA F . 8.00 -26.14 -28.92
C3 GLA F . 9.30 -26.69 -28.80
C4 GLA F . 9.76 -27.34 -30.03
C5 GLA F . 9.61 -26.44 -31.26
C6 GLA F . 9.89 -27.20 -32.54
O2 GLA F . 7.70 -25.40 -27.76
O3 GLA F . 9.22 -27.69 -27.81
O4 GLA F . 9.00 -28.48 -30.27
O5 GLA F . 8.35 -25.87 -31.36
O6 GLA F . 9.51 -26.60 -33.74
C1 GLA F . 10.69 -20.48 -31.65
C2 GLA F . 9.79 -19.45 -32.34
C3 GLA F . 8.41 -19.53 -32.01
C4 GLA F . 7.92 -20.83 -31.56
C5 GLA F . 8.83 -21.58 -30.57
C6 GLA F . 8.83 -23.10 -30.91
O2 GLA F . 10.18 -18.16 -31.94
O3 GLA F . 7.64 -19.22 -33.18
O4 GLA F . 7.73 -21.64 -32.66
O5 GLA F . 10.10 -21.02 -30.41
O6 GLA F . 8.54 -24.00 -29.84
C1 GLC F . 15.18 -17.36 -32.13
C2 GLC F . 16.54 -17.95 -31.84
C3 GLC F . 16.72 -19.27 -32.35
C4 GLC F . 15.64 -20.18 -31.98
C5 GLC F . 14.28 -19.59 -32.36
C6 GLC F . 13.11 -20.54 -32.02
O2 GLC F . 17.52 -17.19 -32.45
O3 GLC F . 17.93 -19.83 -31.84
O4 GLC F . 15.90 -21.38 -32.65
O5 GLC F . 14.09 -18.33 -31.82
O6 GLC F . 11.98 -19.96 -31.42
C1 FRU F . 15.02 -14.56 -34.36
C2 FRU F . 14.24 -15.64 -33.64
C3 FRU F . 13.07 -16.04 -34.48
C4 FRU F . 11.96 -16.17 -33.54
C5 FRU F . 12.26 -15.17 -32.53
C6 FRU F . 11.54 -15.50 -31.26
O1 FRU F . 16.11 -14.89 -35.12
O2 FRU F . 15.10 -16.78 -33.44
O3 FRU F . 13.23 -17.24 -35.11
O4 FRU F . 10.78 -15.91 -34.24
O5 FRU F . 13.71 -15.15 -32.45
O6 FRU F . 11.62 -14.62 -30.20
C1 GLA G . -35.97 13.91 -10.74
C2 GLA G . -35.05 15.10 -10.55
C3 GLA G . -35.52 16.01 -9.58
C4 GLA G . -36.90 16.46 -9.82
C5 GLA G . -37.85 15.28 -10.06
C6 GLA G . -39.21 15.77 -10.50
O2 GLA G . -33.77 14.66 -10.15
O3 GLA G . -34.67 17.14 -9.64
O4 GLA G . -36.98 17.32 -10.92
O5 GLA G . -37.36 14.35 -10.99
O6 GLA G . -40.25 14.86 -10.45
C1 GLA G . -37.13 10.25 -6.93
C2 GLA G . -37.49 8.81 -7.26
C3 GLA G . -36.70 8.21 -8.28
C4 GLA G . -36.29 9.11 -9.37
C5 GLA G . -35.78 10.50 -8.93
C6 GLA G . -36.40 11.67 -9.79
O2 GLA G . -37.28 8.05 -6.10
O3 GLA G . -37.42 7.14 -8.89
O4 GLA G . -37.37 9.24 -10.26
O5 GLA G . -35.85 10.68 -7.54
O6 GLA G . -35.81 12.97 -9.69
C1 GLC G . -39.09 8.59 -2.19
C2 GLC G . -39.77 9.52 -1.19
C3 GLC G . -39.88 10.89 -1.58
C4 GLC G . -39.98 11.17 -3.02
C5 GLC G . -39.12 10.26 -3.91
C6 GLC G . -38.28 11.08 -4.94
O2 GLC G . -41.08 9.09 -0.96
O3 GLC G . -38.76 11.62 -1.04
O4 GLC G . -41.35 11.08 -3.33
O5 GLC G . -38.31 9.37 -3.19
O6 GLC G . -37.16 10.47 -5.55
C1 FRU G . -40.52 5.62 -1.62
C2 FRU G . -39.62 6.26 -2.65
C3 FRU G . -39.83 5.58 -3.96
C4 FRU G . -38.51 5.67 -4.58
C5 FRU G . -37.60 5.46 -3.47
C6 FRU G . -36.24 5.99 -3.84
O1 FRU G . -41.54 6.37 -1.07
O2 FRU G . -39.96 7.64 -2.79
O3 FRU G . -40.74 6.22 -4.76
O4 FRU G . -38.35 4.71 -5.58
O5 FRU G . -38.27 6.09 -2.35
O6 FRU G . -35.17 5.12 -4.00
C1 GLA H . 39.95 -1.97 4.60
C2 GLA H . 39.78 -1.20 3.32
C3 GLA H . 40.29 -1.86 2.19
C4 GLA H . 41.68 -2.33 2.36
C5 GLA H . 41.86 -3.12 3.65
C6 GLA H . 43.31 -3.43 3.90
O2 GLA H . 38.38 -0.99 3.15
O3 GLA H . 40.32 -0.93 1.12
O4 GLA H . 42.59 -1.28 2.38
O5 GLA H . 41.36 -2.45 4.75
O6 GLA H . 43.64 -3.88 5.17
C1 GLA H . 37.98 -7.27 5.30
C2 GLA H . 37.67 -7.75 6.71
C3 GLA H . 37.19 -6.74 7.59
C4 GLA H . 37.84 -5.44 7.43
C5 GLA H . 37.80 -4.91 5.97
C6 GLA H . 39.09 -4.05 5.65
O2 GLA H . 36.68 -8.77 6.63
O3 GLA H . 37.43 -7.09 8.96
O4 GLA H . 39.16 -5.58 7.83
O5 GLA H . 37.51 -5.90 5.02
O6 GLA H . 38.95 -2.97 4.73
C1 GLC H . 36.90 -12.45 4.35
C2 GLC H . 37.49 -13.11 3.14
C3 GLC H . 38.88 -12.82 3.06
C4 GLC H . 39.21 -11.38 3.17
C5 GLC H . 38.27 -10.54 4.05
C6 GLC H . 38.33 -9.04 3.64
O2 GLC H . 37.36 -14.48 3.24
O3 GLC H . 39.40 -13.29 1.81
O4 GLC H . 40.52 -11.36 3.68
O5 GLC H . 36.94 -10.98 4.10
O6 GLC H . 37.48 -8.15 4.32
C1 FRU H . 37.39 -14.97 6.56
C2 FRU H . 36.93 -13.54 6.56
C3 FRU H . 37.26 -12.92 7.88
C4 FRU H . 36.26 -11.87 8.02
C5 FRU H . 35.06 -12.49 7.47
C6 FRU H . 34.15 -11.41 6.98
O1 FRU H . 38.64 -15.29 6.05
O2 FRU H . 37.60 -12.81 5.54
O3 FRU H . 38.49 -12.30 7.89
O4 FRU H . 36.13 -11.56 9.37
O5 FRU H . 35.53 -13.44 6.47
O6 FRU H . 32.78 -11.51 7.22
#